data_3GJX
#
_entry.id   3GJX
#
_cell.length_a   72.173
_cell.length_b   225.738
_cell.length_c   163.451
_cell.angle_alpha   90.00
_cell.angle_beta   100.56
_cell.angle_gamma   90.00
#
_symmetry.space_group_name_H-M   'P 1 21 1'
#
loop_
_entity.id
_entity.type
_entity.pdbx_description
1 polymer Snurportin-1
2 polymer 'GTP-binding nuclear protein Ran'
3 polymer Exportin-1
4 non-polymer 'SODIUM ION'
5 non-polymer "GUANOSINE-5'-TRIPHOSPHATE"
6 non-polymer 'MAGNESIUM ION'
7 non-polymer 'CHLORIDE ION'
8 water water
#
loop_
_entity_poly.entity_id
_entity_poly.type
_entity_poly.pdbx_seq_one_letter_code
_entity_poly.pdbx_strand_id
1 'polypeptide(L)'
;GPLGSMEELSQALASSFSVSQDLNSTAAPHPRLSQYKSKYSSLEQSERRRRLLELQKSKRLDYVNHARRLAEDDWTGMES
EEENKKDDEEMDIDTVKKLPKHYANQLMLSEWLIDVPSDLGQEWIVVVCPVGKRALIVASRGSTSAYTKSGYCVNRFSSL
LPGGNRRNSTAKDYTILDCIYNEVNQTYYVLDVMCWRGHPFYDCQTDFRFYWMHSKLPEEEGLGEKTKLNPFKFVGLKNF
PCTPESLCDVLSMDFPFEVDGLLFYHKQTHYSPGSTPLVGWLRPYMVSDVLGVAVPAGPLTTKPDYAGHQLQQIMEHKKS
QKEGMKEKLTHKASENGHYELEHLSTPKLKGSSHSPDHPGCLMEN
;
B,E
2 'polypeptide(L)'
;MAAQGEPQVQFKLVLVGDGGTGKTTFVKRHLTGEFEKKYVATLGVEVHPLVFHTNRGPIKFNVWDTAGLEKFGGLRDGYY
IQAQCAIIMFDVTSRVTYKNVPNWHRDLVRVCENIPIVLCGNKVDIKDRKVKAKSIVFHRKKNLQYYDISAKSNYNFEKP
FLWLARKLIGDPNLEFVAMPALAPPEVVMDPALAAQYEHDLEVAQTTALPDEDDDL
;
C,F
3 'polypeptide(L)'
;GSMPAIMTMLADHAARQLLDFSQKLDINLLDNVVNCLYHGEGAQQRMAQEVLTHLKEHPDAWTRVDTILEFSQNMNTKYY
GLQILENVIKTRWKILPRNQCEGIKKYVVGLIIKTSSDPTCVEKEKVYIGKLNMILVQILKQEWPKHWPTFISDIVGASR
TSESLCQNNMVILKLLSEEVFDFSSGQITQVKAKHLKDSMCNEFSQIFQLCQFVMENSQNAPLVHATLETLLRFLNWIPL
GYIFETKLISTLIYKFLNVPMFRNVSLKCLTEIAGVSVSQYEEQFETLFTLTMMQLKQMLPLNTNIRLAYSNGKDDEQNF
IQNLSLFLCTFLKEHGQLLEKRLNLREALMEALHYMLLVSEVEETEIFKICLEYWNHLAAELYRESPFSTSASPLLSGSQ
HFDIPPRRQLYLTVLSKVRLLMVSRMAKPEEVLVVENDQGEVVREFMKDTDSINLYKNMRETLVYLTHLDYVDTEIIMTK
KLQNQVNGTEWSWKNLNTLCWAIGSISGAMHEEDEKRFLVTVIKDLLGLCEQKRGKDNKAIIASNIMYIVGQYPRFLRAH
WKFLKTVVNKLFEFMHETHDGVQDMACDTFIKIAQKCRRHFVQVQVGEVMPFIDEILNNINTIICDLQPQQVHTFYEAVG
YMIGAQTDQTVQEHLIEKYMLLPNQVWDSIIQQATKNVDILKDPETVKQLGSILKTNVRACKAVGHPFVIQLGRIYLDML
NVYKCLSENISAAIQANGEMVTKQPLIRSMRTVKRETLKLISGWVSRSNDPQMVAENFVPPLLDAVLIDYQRNVPAAREP
EVLSTMAIIVNKLGGHITAEIPQIFDAVFECTLNMINKDFEEYPEHRTNFFLLLQAVNSHCFPAFLAIPPAQFKLVLDSI
IWAFKHTMRNVADTGLQILFTLLQNVAQEEAAAQSFYQTYFCDILQHIFSVVTDTSHTAGLTMHASILAYMFNLVEEGKI
STPLNPGNPVNNQMFIQDYVANLLKSAFPHLQDAQVKLFVTGLFSLNQDIPAFKEHLRDFLVQIKEFAGEDTSDLFLEER
ETALRQAQEEKHKLQMSVPGILNPHEIPEEMCD
;
A,D
#
loop_
_chem_comp.id
_chem_comp.type
_chem_comp.name
_chem_comp.formula
CL non-polymer 'CHLORIDE ION' 'Cl -1'
GTP non-polymer GUANOSINE-5'-TRIPHOSPHATE 'C10 H16 N5 O14 P3'
MG non-polymer 'MAGNESIUM ION' 'Mg 2'
NA non-polymer 'SODIUM ION' 'Na 1'
#
# COMPACT_ATOMS: atom_id res chain seq x y z
N GLY A 4 6.12 36.09 46.80
CA GLY A 4 5.71 35.35 47.98
C GLY A 4 6.15 33.88 48.04
N SER A 5 5.29 33.04 48.59
CA SER A 5 5.63 31.64 48.85
C SER A 5 5.72 30.79 47.57
N MET A 6 5.00 31.20 46.53
CA MET A 6 5.08 30.55 45.25
C MET A 6 6.41 30.89 44.57
N GLU A 7 6.76 32.17 44.55
CA GLU A 7 7.99 32.54 43.87
C GLU A 7 9.22 31.96 44.57
N GLU A 8 9.19 31.95 45.90
CA GLU A 8 10.26 31.33 46.65
C GLU A 8 10.33 29.84 46.35
N LEU A 9 9.18 29.19 46.24
CA LEU A 9 9.11 27.77 45.97
C LEU A 9 9.74 27.50 44.60
N SER A 10 9.27 28.25 43.62
CA SER A 10 9.74 28.14 42.26
C SER A 10 11.26 28.36 42.17
N GLN A 11 11.78 29.34 42.90
CA GLN A 11 13.23 29.57 42.89
C GLN A 11 14.04 28.52 43.67
N ALA A 12 13.40 27.88 44.64
CA ALA A 12 14.02 26.80 45.38
C ALA A 12 14.07 25.53 44.54
N LEU A 13 12.97 25.22 43.86
CA LEU A 13 12.93 24.04 43.00
C LEU A 13 13.95 24.11 41.84
N ALA A 14 14.05 25.26 41.19
CA ALA A 14 15.01 25.47 40.11
C ALA A 14 16.48 25.40 40.57
N SER A 15 16.79 26.09 41.67
CA SER A 15 18.19 26.34 42.03
C SER A 15 18.77 25.51 43.17
N SER A 16 17.97 24.68 43.82
CA SER A 16 18.48 23.88 44.93
C SER A 16 17.82 22.51 44.96
N PHE A 17 17.94 21.81 43.84
CA PHE A 17 17.29 20.54 43.62
C PHE A 17 18.13 19.78 42.59
N SER A 18 18.91 18.81 43.06
CA SER A 18 19.85 18.09 42.20
C SER A 18 20.21 16.77 42.85
N VAL A 19 20.38 15.72 42.05
CA VAL A 19 20.79 14.44 42.62
C VAL A 19 22.30 14.28 42.61
N SER A 20 22.93 14.79 41.57
CA SER A 20 24.36 14.59 41.35
C SER A 20 25.16 15.82 41.78
N GLN A 21 24.49 16.96 41.85
CA GLN A 21 25.06 18.15 42.43
C GLN A 21 26.38 18.57 41.84
N ASP A 22 26.55 18.55 40.53
CA ASP A 22 27.78 19.16 40.04
CA ASP A 22 27.78 19.08 39.93
C ASP A 22 27.58 20.46 39.28
N LEU A 23 28.68 21.20 39.20
CA LEU A 23 28.69 22.58 38.80
C LEU A 23 28.57 22.77 37.30
N ASN A 24 27.77 23.74 36.90
CA ASN A 24 27.69 24.10 35.49
C ASN A 24 27.42 22.88 34.62
N SER A 25 26.49 22.04 35.06
CA SER A 25 26.17 20.79 34.36
C SER A 25 25.53 21.10 33.02
N THR A 26 25.89 20.32 32.01
CA THR A 26 25.32 20.50 30.69
C THR A 26 23.96 19.83 30.67
N ALA A 27 23.61 19.20 31.79
CA ALA A 27 22.28 18.63 31.94
C ALA A 27 21.24 19.77 31.97
N ALA A 28 21.69 20.95 32.38
CA ALA A 28 20.85 22.12 32.42
C ALA A 28 21.38 23.14 31.41
N PRO A 29 20.56 24.13 31.03
CA PRO A 29 21.04 25.17 30.09
C PRO A 29 22.16 26.04 30.65
N HIS A 30 22.86 26.71 29.75
CA HIS A 30 23.99 27.58 30.09
C HIS A 30 23.55 28.55 31.19
N PRO A 31 24.35 28.63 32.27
CA PRO A 31 23.96 29.37 33.46
C PRO A 31 23.71 30.85 33.20
N ARG A 32 24.12 31.33 32.02
CA ARG A 32 23.86 32.72 31.63
C ARG A 32 22.37 32.96 31.45
N LEU A 33 21.64 31.88 31.18
CA LEU A 33 20.20 31.95 30.98
C LEU A 33 19.43 31.46 32.21
N SER A 34 19.87 31.86 33.40
CA SER A 34 19.26 31.41 34.65
C SER A 34 19.55 32.34 35.82
N GLN A 35 19.08 33.58 35.73
CA GLN A 35 19.28 34.53 36.82
C GLN A 35 19.21 33.81 38.17
N LYS A 39 21.42 28.52 40.10
CA LYS A 39 22.26 29.38 40.91
C LYS A 39 23.35 28.62 41.69
N TYR A 40 22.94 27.72 42.57
CA TYR A 40 23.82 27.25 43.65
C TYR A 40 24.73 26.09 43.22
N SER A 41 24.26 25.33 42.24
CA SER A 41 25.07 24.27 41.66
C SER A 41 25.71 24.77 40.36
N SER A 42 25.64 26.07 40.16
CA SER A 42 26.36 26.77 39.09
C SER A 42 27.51 27.61 39.69
N LEU A 43 28.40 28.12 38.84
CA LEU A 43 29.53 28.91 39.31
C LEU A 43 30.28 29.58 38.15
N GLU A 44 30.74 30.81 38.35
CA GLU A 44 31.44 31.54 37.30
C GLU A 44 32.94 31.29 37.33
N GLN A 45 33.37 30.49 38.29
CA GLN A 45 34.80 30.23 38.47
C GLN A 45 35.21 28.82 38.03
N SER A 46 36.28 28.72 37.25
CA SER A 46 36.74 27.45 36.76
C SER A 46 38.26 27.41 36.69
N GLU A 47 38.89 28.56 36.51
CA GLU A 47 40.34 28.59 36.39
C GLU A 47 40.97 27.89 37.60
N ARG A 48 40.53 28.26 38.79
CA ARG A 48 41.11 27.72 40.01
C ARG A 48 40.90 26.23 40.15
N ARG A 49 39.66 25.77 40.09
CA ARG A 49 39.36 24.35 40.22
C ARG A 49 40.13 23.50 39.18
N ARG A 50 40.36 24.06 37.99
CA ARG A 50 41.20 23.41 36.97
C ARG A 50 42.64 23.20 37.43
N ARG A 51 43.27 24.25 37.97
CA ARG A 51 44.66 24.14 38.43
C ARG A 51 44.76 23.07 39.52
N LEU A 52 43.80 23.06 40.42
CA LEU A 52 43.81 22.14 41.53
C LEU A 52 43.77 20.73 40.99
N LEU A 53 42.86 20.49 40.05
CA LEU A 53 42.63 19.14 39.57
C LEU A 53 43.85 18.59 38.83
N GLU A 54 44.50 19.44 38.05
CA GLU A 54 45.77 19.06 37.42
C GLU A 54 46.89 18.83 38.42
N LEU A 55 47.02 19.73 39.39
CA LEU A 55 47.96 19.50 40.50
C LEU A 55 47.63 18.19 41.22
N GLN A 56 46.37 17.76 41.13
CA GLN A 56 45.90 16.54 41.81
C GLN A 56 46.23 15.22 41.10
N LYS A 57 46.58 15.28 39.82
CA LYS A 57 46.80 14.08 39.02
C LYS A 57 48.07 13.30 39.41
N SER A 58 48.21 13.03 40.71
CA SER A 58 49.36 12.32 41.28
C SER A 58 49.28 10.80 41.08
N LYS A 59 48.20 10.34 40.45
CA LYS A 59 48.05 8.93 40.07
C LYS A 59 48.07 7.95 41.24
N ARG A 60 46.95 7.85 41.96
CA ARG A 60 46.89 6.89 43.06
C ARG A 60 45.83 5.80 42.89
N LEU A 61 45.00 5.92 41.85
CA LEU A 61 44.02 4.88 41.52
C LEU A 61 44.61 3.84 40.55
N ASP A 62 44.16 2.60 40.67
CA ASP A 62 44.62 1.51 39.82
C ASP A 62 43.73 1.37 38.57
N TYR A 63 44.05 2.17 37.57
CA TYR A 63 43.29 2.14 36.33
C TYR A 63 43.57 0.85 35.56
N VAL A 64 44.62 0.15 35.97
CA VAL A 64 44.89 -1.18 35.43
C VAL A 64 43.80 -2.14 35.88
N ASN A 65 43.47 -2.11 37.17
CA ASN A 65 42.47 -3.03 37.70
C ASN A 65 41.04 -2.62 37.35
N HIS A 66 40.83 -1.34 37.12
CA HIS A 66 39.51 -0.86 36.76
C HIS A 66 39.16 -1.11 35.29
N ALA A 67 40.13 -0.90 34.40
CA ALA A 67 39.93 -1.21 32.98
C ALA A 67 39.66 -2.70 32.84
N ARG A 68 40.18 -3.48 33.77
CA ARG A 68 40.03 -4.93 33.75
C ARG A 68 38.61 -5.34 34.16
N ARG A 69 38.08 -4.67 35.17
CA ARG A 69 36.73 -4.94 35.66
C ARG A 69 35.66 -4.66 34.60
N LEU A 70 35.79 -3.52 33.94
CA LEU A 70 34.89 -3.19 32.84
C LEU A 70 34.99 -4.30 31.80
N ALA A 71 36.22 -4.70 31.49
CA ALA A 71 36.47 -5.68 30.41
C ALA A 71 35.90 -7.05 30.73
N GLU A 72 35.92 -7.44 32.00
CA GLU A 72 35.47 -8.76 32.41
C GLU A 72 34.21 -8.75 33.26
N ASP A 73 33.51 -7.62 33.32
CA ASP A 73 32.33 -7.47 34.18
C ASP A 73 32.52 -8.08 35.56
N ASP A 74 33.62 -7.76 36.24
CA ASP A 74 33.90 -8.27 37.59
C ASP A 74 33.84 -7.13 38.61
N TRP A 75 32.96 -7.20 39.62
CA TRP A 75 32.80 -5.97 40.39
C TRP A 75 33.14 -5.86 41.88
N THR A 76 33.30 -4.59 42.27
CA THR A 76 33.54 -4.09 43.61
C THR A 76 34.25 -5.05 44.56
N LYS A 97 38.15 10.42 43.89
CA LYS A 97 37.32 9.74 44.89
C LYS A 97 37.41 8.22 44.73
N LYS A 98 36.26 7.57 44.86
CA LYS A 98 36.17 6.13 44.64
C LYS A 98 35.68 5.92 43.20
N LEU A 99 36.18 4.89 42.54
CA LEU A 99 35.81 4.64 41.15
C LEU A 99 34.40 4.09 41.02
N PRO A 100 33.74 4.40 39.89
CA PRO A 100 32.42 3.85 39.56
C PRO A 100 32.46 2.34 39.35
N LYS A 101 31.61 1.62 40.08
CA LYS A 101 31.42 0.20 39.83
C LYS A 101 30.28 0.04 38.83
N HIS A 102 30.46 -0.89 37.88
CA HIS A 102 29.50 -1.13 36.79
C HIS A 102 29.61 -0.13 35.64
N TYR A 103 28.63 -0.15 34.72
CA TYR A 103 28.79 0.53 33.43
C TYR A 103 28.29 1.98 33.38
N ALA A 104 27.63 2.42 34.44
CA ALA A 104 27.24 3.83 34.56
C ALA A 104 28.43 4.69 35.01
N ASN A 105 28.48 5.93 34.55
CA ASN A 105 29.39 6.95 35.06
C ASN A 105 30.85 6.69 34.72
N GLN A 106 31.07 6.24 33.50
CA GLN A 106 32.40 5.81 33.12
C GLN A 106 33.01 6.88 32.27
N LEU A 107 32.14 7.76 31.76
CA LEU A 107 32.58 8.77 30.80
C LEU A 107 32.98 10.04 31.53
N MET A 108 34.01 10.72 31.00
CA MET A 108 34.44 12.00 31.55
C MET A 108 33.60 13.12 30.95
N LEU A 109 32.96 13.90 31.82
CA LEU A 109 31.96 14.87 31.38
C LEU A 109 32.42 16.31 31.50
N SER A 110 32.19 17.06 30.44
CA SER A 110 32.49 18.47 30.40
C SER A 110 31.52 19.27 31.27
N GLU A 111 31.88 20.52 31.49
N GLU A 111 31.85 20.52 31.49
CA GLU A 111 31.01 21.50 32.11
CA GLU A 111 30.91 21.45 32.07
C GLU A 111 30.81 22.53 31.00
C GLU A 111 30.92 22.63 31.12
N TRP A 112 29.91 23.48 31.19
CA TRP A 112 29.75 24.53 30.20
C TRP A 112 31.05 25.33 30.17
N LEU A 113 31.48 25.78 28.99
CA LEU A 113 32.62 26.69 28.92
C LEU A 113 32.21 28.07 29.37
N ILE A 114 32.50 28.39 30.62
CA ILE A 114 32.06 29.67 31.19
C ILE A 114 33.23 30.60 31.38
N ASP A 115 34.14 30.21 32.26
CA ASP A 115 35.35 30.98 32.56
C ASP A 115 36.42 30.58 31.53
N VAL A 116 36.47 31.30 30.41
CA VAL A 116 37.37 30.88 29.34
C VAL A 116 38.83 31.00 29.71
N PRO A 117 39.59 29.94 29.44
CA PRO A 117 41.02 29.87 29.75
C PRO A 117 41.77 31.03 29.10
N SER A 118 42.47 31.79 29.93
CA SER A 118 43.32 32.88 29.46
C SER A 118 44.42 32.34 28.55
N ASP A 119 44.72 31.05 28.70
CA ASP A 119 45.73 30.40 27.87
C ASP A 119 45.10 29.39 26.89
N LEU A 120 43.86 29.66 26.47
CA LEU A 120 43.13 28.73 25.59
C LEU A 120 43.87 28.34 24.30
N GLY A 121 44.31 29.33 23.55
CA GLY A 121 44.88 29.13 22.23
C GLY A 121 46.16 28.31 22.17
N GLN A 122 46.88 28.21 23.28
CA GLN A 122 48.09 27.39 23.30
C GLN A 122 47.93 26.09 24.07
N GLU A 123 47.05 26.07 25.06
CA GLU A 123 46.99 24.96 26.01
C GLU A 123 45.77 24.03 25.87
N TRP A 124 44.88 24.32 24.93
CA TRP A 124 43.68 23.51 24.74
C TRP A 124 43.47 23.10 23.28
N ILE A 125 42.65 22.08 23.07
CA ILE A 125 42.11 21.79 21.74
C ILE A 125 40.56 21.74 21.74
N VAL A 126 39.97 21.87 20.55
CA VAL A 126 38.53 21.76 20.41
C VAL A 126 38.21 20.58 19.49
N VAL A 127 37.21 19.79 19.88
CA VAL A 127 36.78 18.65 19.09
C VAL A 127 35.37 18.94 18.61
N VAL A 128 35.18 19.00 17.30
CA VAL A 128 33.82 19.17 16.79
C VAL A 128 33.05 17.88 17.03
N CYS A 129 31.81 18.04 17.50
CA CYS A 129 31.03 16.91 17.97
C CYS A 129 29.75 16.76 17.17
N PRO A 130 29.37 15.51 16.91
CA PRO A 130 28.19 15.16 16.12
C PRO A 130 26.97 15.04 17.00
N VAL A 131 25.79 15.25 16.43
CA VAL A 131 24.55 14.81 17.05
C VAL A 131 24.53 13.29 17.03
N GLY A 132 24.29 12.68 18.20
CA GLY A 132 24.32 11.24 18.32
C GLY A 132 24.23 10.94 19.80
N LYS A 133 24.40 9.68 20.17
CA LYS A 133 24.38 9.33 21.56
C LYS A 133 25.80 9.14 22.08
N ARG A 134 26.04 9.59 23.32
CA ARG A 134 27.30 9.35 23.99
C ARG A 134 27.28 7.97 24.59
N ALA A 135 28.41 7.29 24.50
CA ALA A 135 28.42 5.92 24.94
C ALA A 135 29.80 5.47 25.40
N LEU A 136 29.81 4.50 26.29
CA LEU A 136 31.01 3.85 26.72
C LEU A 136 31.02 2.61 25.89
N ILE A 137 32.14 2.36 25.20
CA ILE A 137 32.31 1.16 24.39
C ILE A 137 33.30 0.23 25.06
N VAL A 138 32.91 -1.02 25.25
CA VAL A 138 33.79 -2.02 25.81
C VAL A 138 33.88 -3.22 24.89
N ALA A 139 35.05 -3.40 24.28
CA ALA A 139 35.30 -4.57 23.45
C ALA A 139 36.12 -5.55 24.26
N SER A 140 35.53 -6.68 24.56
CA SER A 140 36.17 -7.63 25.44
C SER A 140 35.72 -9.04 25.13
N ARG A 141 36.65 -9.98 25.23
CA ARG A 141 36.32 -11.39 25.24
C ARG A 141 35.49 -11.81 24.05
N GLY A 142 35.77 -11.23 22.89
CA GLY A 142 35.12 -11.67 21.69
C GLY A 142 33.91 -10.90 21.24
N SER A 143 33.62 -9.77 21.90
CA SER A 143 32.51 -8.94 21.47
C SER A 143 32.56 -7.49 21.95
N THR A 144 31.63 -6.68 21.46
CA THR A 144 31.60 -5.26 21.75
C THR A 144 30.29 -4.79 22.36
N SER A 145 30.38 -3.94 23.37
CA SER A 145 29.19 -3.38 23.99
C SER A 145 29.22 -1.86 24.09
N ALA A 146 28.07 -1.25 23.83
CA ALA A 146 27.89 0.18 24.06
C ALA A 146 26.92 0.47 25.20
N TYR A 147 27.29 1.41 26.07
CA TYR A 147 26.49 1.75 27.25
C TYR A 147 26.29 3.24 27.34
N THR A 148 25.09 3.67 27.72
CA THR A 148 24.86 5.10 27.99
C THR A 148 25.62 5.51 29.24
N LYS A 149 25.61 6.81 29.50
CA LYS A 149 26.07 7.35 30.77
C LYS A 149 25.43 6.63 31.96
N SER A 150 24.16 6.28 31.80
CA SER A 150 23.38 5.56 32.82
C SER A 150 23.64 4.07 32.80
N GLY A 151 24.60 3.62 32.00
CA GLY A 151 24.99 2.23 31.97
C GLY A 151 23.95 1.31 31.35
N TYR A 152 23.09 1.86 30.52
CA TYR A 152 22.10 1.07 29.81
C TYR A 152 22.72 0.53 28.52
N CYS A 153 22.73 -0.78 28.37
CA CYS A 153 23.26 -1.37 27.14
C CYS A 153 22.32 -1.11 25.95
N VAL A 154 22.86 -0.41 24.97
CA VAL A 154 22.11 0.05 23.82
C VAL A 154 22.37 -0.89 22.66
N ASN A 155 23.53 -1.53 22.69
CA ASN A 155 23.86 -2.52 21.70
C ASN A 155 25.05 -3.40 22.07
N ARG A 156 24.89 -4.69 21.77
CA ARG A 156 25.97 -5.66 21.82
C ARG A 156 26.16 -6.16 20.40
N PHE A 157 27.40 -6.21 19.93
CA PHE A 157 27.66 -6.54 18.52
C PHE A 157 29.10 -6.96 18.30
N SER A 158 29.41 -7.30 17.05
CA SER A 158 30.77 -7.58 16.61
C SER A 158 31.44 -6.29 16.14
N SER A 159 32.72 -6.16 16.44
CA SER A 159 33.50 -5.01 15.98
C SER A 159 34.94 -5.45 15.74
N LEU A 160 35.68 -4.67 14.98
CA LEU A 160 37.08 -4.95 14.71
C LEU A 160 38.00 -4.28 15.74
N LEU A 161 37.40 -3.80 16.83
CA LEU A 161 38.19 -3.35 17.97
C LEU A 161 38.91 -4.54 18.56
N PRO A 162 40.20 -4.37 18.92
CA PRO A 162 40.90 -5.44 19.62
C PRO A 162 40.12 -5.90 20.85
N GLY A 163 39.72 -7.16 20.86
CA GLY A 163 38.92 -7.71 21.94
C GLY A 163 37.45 -7.81 21.61
N GLY A 164 37.06 -7.20 20.42
CA GLY A 164 35.72 -7.08 19.79
C GLY A 164 35.32 -8.38 19.09
N ASN A 165 36.32 -9.03 18.48
CA ASN A 165 36.19 -10.40 18.00
C ASN A 165 36.81 -10.86 16.68
N ARG A 166 36.84 -12.19 16.68
CA ARG A 166 37.27 -13.17 15.67
C ARG A 166 38.09 -14.30 16.28
N ALA A 171 42.42 -13.16 25.84
CA ALA A 171 41.75 -12.44 26.91
C ALA A 171 42.62 -11.31 27.44
N LYS A 172 43.59 -10.89 26.65
CA LYS A 172 44.55 -9.89 27.08
C LYS A 172 44.45 -8.58 26.31
N ASP A 173 43.54 -8.49 25.34
CA ASP A 173 43.57 -7.37 24.41
C ASP A 173 42.43 -6.35 24.48
N TYR A 174 41.57 -6.45 25.49
CA TYR A 174 40.36 -5.63 25.58
C TYR A 174 40.52 -4.12 25.29
N THR A 175 39.47 -3.52 24.73
CA THR A 175 39.49 -2.12 24.33
C THR A 175 38.32 -1.31 24.94
N ILE A 176 38.60 -0.08 25.38
CA ILE A 176 37.54 0.76 25.95
C ILE A 176 37.55 2.18 25.35
N LEU A 177 36.41 2.60 24.81
CA LEU A 177 36.38 3.86 24.08
C LEU A 177 35.33 4.81 24.65
N ASP A 178 35.46 6.07 24.25
CA ASP A 178 34.47 7.08 24.52
C ASP A 178 33.96 7.55 23.16
N CYS A 179 32.70 7.26 22.86
CA CYS A 179 32.15 7.58 21.54
C CYS A 179 30.86 8.35 21.54
N ILE A 180 30.56 8.91 20.37
CA ILE A 180 29.20 9.35 20.06
C ILE A 180 28.64 8.55 18.86
N TYR A 181 27.62 7.75 19.13
CA TYR A 181 26.96 7.00 18.06
C TYR A 181 26.04 7.90 17.26
N ASN A 182 26.37 8.05 15.98
CA ASN A 182 25.51 8.75 15.05
C ASN A 182 24.63 7.81 14.22
N GLU A 183 23.32 8.03 14.36
CA GLU A 183 22.29 7.15 13.81
C GLU A 183 22.30 7.04 12.28
N VAL A 184 22.29 8.19 11.59
CA VAL A 184 22.24 8.22 10.14
C VAL A 184 23.45 7.54 9.48
N ASN A 185 24.65 7.76 10.02
CA ASN A 185 25.86 7.14 9.45
C ASN A 185 26.20 5.78 10.07
N GLN A 186 25.33 5.28 10.95
CA GLN A 186 25.62 4.06 11.71
C GLN A 186 27.07 3.99 12.17
N THR A 187 27.60 5.16 12.49
CA THR A 187 29.01 5.30 12.84
C THR A 187 29.16 5.71 14.30
N TYR A 188 29.93 4.93 15.07
CA TYR A 188 30.35 5.37 16.39
C TYR A 188 31.55 6.28 16.21
N TYR A 189 31.35 7.58 16.44
CA TYR A 189 32.43 8.52 16.35
C TYR A 189 33.22 8.49 17.63
N VAL A 190 34.46 8.03 17.56
CA VAL A 190 35.25 7.95 18.78
C VAL A 190 35.81 9.31 19.26
N LEU A 191 35.54 9.61 20.53
CA LEU A 191 35.90 10.90 21.09
C LEU A 191 37.17 10.80 21.95
N ASP A 192 37.45 9.60 22.45
CA ASP A 192 38.56 9.41 23.35
C ASP A 192 38.85 7.92 23.54
N VAL A 193 40.05 7.58 23.95
CA VAL A 193 40.36 6.20 24.27
C VAL A 193 40.72 6.13 25.74
N MET A 194 40.34 5.04 26.41
CA MET A 194 40.71 4.85 27.80
C MET A 194 41.51 3.57 27.95
N CYS A 195 41.28 2.64 27.03
CA CYS A 195 42.03 1.39 27.03
C CYS A 195 42.18 0.83 25.60
N TRP A 196 43.43 0.66 25.17
CA TRP A 196 43.70 0.08 23.87
C TRP A 196 44.55 -1.16 24.02
N ARG A 197 44.22 -2.14 23.20
CA ARG A 197 44.89 -3.44 23.21
C ARG A 197 45.35 -3.83 24.62
N GLY A 198 44.43 -3.72 25.56
CA GLY A 198 44.64 -4.21 26.92
C GLY A 198 45.47 -3.30 27.80
N HIS A 199 45.79 -2.11 27.33
CA HIS A 199 46.52 -1.14 28.15
C HIS A 199 45.65 0.10 28.46
N PRO A 200 45.47 0.38 29.76
CA PRO A 200 44.70 1.57 30.18
C PRO A 200 45.42 2.89 29.85
N PHE A 201 44.66 3.90 29.50
CA PHE A 201 45.19 5.18 29.05
C PHE A 201 44.75 6.33 29.94
N TYR A 202 44.05 6.01 31.03
CA TYR A 202 43.54 7.06 31.93
C TYR A 202 44.66 7.99 32.37
N ASP A 203 45.82 7.41 32.72
CA ASP A 203 46.94 8.17 33.24
C ASP A 203 47.66 9.03 32.20
N CYS A 204 47.10 9.18 31.02
CA CYS A 204 47.74 9.99 29.98
C CYS A 204 47.05 11.32 29.69
N GLN A 205 47.86 12.32 29.37
CA GLN A 205 47.37 13.62 28.90
C GLN A 205 46.52 13.44 27.64
N THR A 206 45.57 14.35 27.44
CA THR A 206 44.63 14.20 26.34
C THR A 206 45.25 14.42 24.96
N ASP A 207 46.19 15.35 24.82
CA ASP A 207 46.91 15.43 23.53
C ASP A 207 47.56 14.11 23.13
N PHE A 208 48.14 13.40 24.10
CA PHE A 208 48.65 12.06 23.82
C PHE A 208 47.52 11.10 23.47
N ARG A 209 46.51 11.06 24.31
CA ARG A 209 45.35 10.22 24.06
C ARG A 209 44.82 10.47 22.65
N PHE A 210 44.64 11.75 22.31
CA PHE A 210 44.09 12.12 21.00
C PHE A 210 45.05 11.64 19.91
N TYR A 211 46.36 11.88 20.12
CA TYR A 211 47.39 11.41 19.19
C TYR A 211 47.34 9.89 18.98
N TRP A 212 47.33 9.14 20.08
CA TRP A 212 47.30 7.67 20.01
C TRP A 212 46.11 7.18 19.19
N MET A 213 44.97 7.85 19.38
CA MET A 213 43.71 7.49 18.76
C MET A 213 43.80 7.58 17.24
N HIS A 214 44.37 8.67 16.76
CA HIS A 214 44.35 8.94 15.33
C HIS A 214 45.52 8.28 14.58
N SER A 215 46.34 7.53 15.30
CA SER A 215 47.38 6.74 14.65
C SER A 215 47.03 5.26 14.68
N LYS A 216 46.29 4.85 15.71
CA LYS A 216 45.90 3.46 15.87
C LYS A 216 44.61 3.10 15.11
N LEU A 217 43.61 3.98 15.12
CA LEU A 217 42.35 3.70 14.44
C LEU A 217 42.54 3.51 12.94
N PRO A 218 43.26 4.44 12.29
CA PRO A 218 43.45 4.41 10.82
C PRO A 218 44.05 3.11 10.33
N GLU A 219 44.70 2.31 11.20
CA GLU A 219 45.17 1.03 10.70
C GLU A 219 44.87 -0.18 11.57
N GLU A 220 43.58 -0.36 11.69
CA GLU A 220 42.95 -1.54 12.22
C GLU A 220 42.18 -1.91 10.97
N GLU A 221 42.52 -3.04 10.38
CA GLU A 221 41.90 -3.57 9.16
C GLU A 221 40.87 -2.62 8.54
N GLY A 222 39.61 -2.83 8.89
CA GLY A 222 38.51 -2.05 8.35
C GLY A 222 37.52 -1.57 9.41
N LEU A 223 38.05 -1.05 10.50
CA LEU A 223 37.26 -0.54 11.62
C LEU A 223 36.35 0.58 11.16
N GLY A 224 36.84 1.37 10.20
CA GLY A 224 36.05 2.42 9.61
C GLY A 224 35.16 1.94 8.47
N GLU A 225 34.96 0.62 8.36
CA GLU A 225 34.17 0.04 7.26
C GLU A 225 33.10 -0.96 7.71
N LYS A 226 32.00 -1.01 6.96
CA LYS A 226 30.86 -1.85 7.32
C LYS A 226 30.87 -3.21 6.68
N THR A 227 30.87 -4.23 7.53
CA THR A 227 31.13 -5.60 7.16
C THR A 227 30.33 -6.49 8.12
N LYS A 228 30.23 -7.79 7.85
CA LYS A 228 29.48 -8.64 8.78
C LYS A 228 30.17 -8.73 10.15
N LEU A 229 31.50 -8.80 10.17
CA LEU A 229 32.29 -8.82 11.41
C LEU A 229 32.42 -7.43 12.07
N ASN A 230 32.12 -6.39 11.29
CA ASN A 230 32.21 -5.03 11.78
C ASN A 230 31.05 -4.17 11.27
N PRO A 231 29.84 -4.48 11.71
CA PRO A 231 28.59 -3.82 11.28
C PRO A 231 28.59 -2.32 11.53
N PHE A 232 29.28 -1.90 12.59
CA PHE A 232 29.34 -0.50 12.94
C PHE A 232 30.72 0.06 12.71
N LYS A 233 30.77 1.19 12.02
CA LYS A 233 32.03 1.80 11.67
C LYS A 233 32.48 2.70 12.81
N PHE A 234 33.77 2.65 13.14
CA PHE A 234 34.36 3.55 14.13
C PHE A 234 35.28 4.54 13.45
N VAL A 235 35.02 5.83 13.70
CA VAL A 235 35.83 6.90 13.13
C VAL A 235 36.19 7.91 14.19
N GLY A 236 37.48 8.23 14.29
CA GLY A 236 37.95 9.18 15.27
C GLY A 236 37.59 10.60 14.88
N LEU A 237 37.17 11.41 15.84
CA LEU A 237 36.91 12.79 15.52
C LEU A 237 38.20 13.55 15.51
N LYS A 238 38.25 14.55 14.63
CA LYS A 238 39.38 15.43 14.57
C LYS A 238 39.33 16.44 15.72
N ASN A 239 40.52 16.84 16.16
CA ASN A 239 40.65 17.93 17.08
C ASN A 239 41.42 19.06 16.39
N PHE A 240 41.27 20.28 16.88
CA PHE A 240 41.93 21.43 16.27
C PHE A 240 42.38 22.39 17.36
N PRO A 241 43.38 23.21 17.05
CA PRO A 241 43.91 24.22 17.97
C PRO A 241 42.83 25.22 18.33
N CYS A 242 43.05 25.97 19.41
CA CYS A 242 42.05 26.90 19.89
C CYS A 242 42.48 28.34 19.66
N THR A 243 43.49 28.52 18.83
CA THR A 243 43.92 29.83 18.38
C THR A 243 42.76 30.56 17.71
N PRO A 244 42.75 31.90 17.81
CA PRO A 244 41.66 32.74 17.28
C PRO A 244 41.38 32.49 15.81
N GLU A 245 42.41 32.38 14.98
CA GLU A 245 42.21 32.13 13.56
C GLU A 245 41.66 30.73 13.31
N SER A 246 42.27 29.73 13.94
CA SER A 246 41.79 28.36 13.84
C SER A 246 40.29 28.25 14.15
N LEU A 247 39.86 28.84 15.27
CA LEU A 247 38.46 28.73 15.68
C LEU A 247 37.53 29.21 14.58
N CYS A 248 37.91 30.26 13.87
CA CYS A 248 37.09 30.78 12.79
C CYS A 248 36.97 29.77 11.64
N ASP A 249 38.07 29.07 11.37
CA ASP A 249 38.11 28.11 10.28
C ASP A 249 37.31 26.84 10.55
N VAL A 250 37.47 26.24 11.72
CA VAL A 250 36.73 25.01 12.00
C VAL A 250 35.26 25.37 12.07
N LEU A 251 35.00 26.62 12.40
CA LEU A 251 33.64 27.13 12.46
C LEU A 251 33.09 27.38 11.06
N SER A 252 33.95 27.23 10.04
CA SER A 252 33.55 27.36 8.65
C SER A 252 33.78 26.07 7.86
N MET A 253 34.19 25.01 8.56
CA MET A 253 34.45 23.71 7.94
C MET A 253 33.15 22.99 7.60
N ASP A 254 33.26 21.96 6.75
CA ASP A 254 32.16 21.03 6.53
C ASP A 254 32.43 19.70 7.23
N PHE A 255 31.46 19.21 7.97
CA PHE A 255 31.61 17.98 8.72
C PHE A 255 30.67 16.91 8.21
N PRO A 256 31.13 15.65 8.20
CA PRO A 256 30.40 14.51 7.63
C PRO A 256 29.09 14.25 8.38
N PHE A 257 28.82 15.08 9.38
CA PHE A 257 27.66 14.92 10.25
C PHE A 257 27.00 16.25 10.58
N GLU A 258 25.82 16.19 11.18
CA GLU A 258 25.21 17.36 11.78
C GLU A 258 25.99 17.74 13.05
N VAL A 259 26.37 19.01 13.18
CA VAL A 259 27.15 19.43 14.34
C VAL A 259 26.27 19.70 15.55
N ASP A 260 26.66 19.15 16.71
CA ASP A 260 25.96 19.36 17.97
C ASP A 260 26.62 20.49 18.76
N GLY A 261 27.92 20.36 18.97
CA GLY A 261 28.65 21.37 19.68
C GLY A 261 30.16 21.22 19.59
N LEU A 262 30.85 21.98 20.42
CA LEU A 262 32.28 21.89 20.50
C LEU A 262 32.63 21.59 21.93
N LEU A 263 33.53 20.64 22.12
CA LEU A 263 34.14 20.36 23.40
C LEU A 263 35.54 20.94 23.43
N PHE A 264 35.92 21.55 24.54
CA PHE A 264 37.27 22.06 24.69
C PHE A 264 38.01 21.27 25.76
N TYR A 265 39.08 20.62 25.34
CA TYR A 265 39.90 19.81 26.25
C TYR A 265 41.17 20.55 26.62
N HIS A 266 41.48 20.53 27.90
CA HIS A 266 42.82 20.92 28.32
C HIS A 266 43.79 19.81 27.93
N LYS A 267 44.88 20.18 27.26
CA LYS A 267 45.81 19.19 26.73
C LYS A 267 46.39 18.25 27.79
N GLN A 268 46.46 18.71 29.04
CA GLN A 268 47.18 17.97 30.07
C GLN A 268 46.33 17.08 30.97
N THR A 269 45.02 17.08 30.77
CA THR A 269 44.11 16.38 31.66
C THR A 269 44.12 14.88 31.47
N HIS A 270 44.21 14.12 32.56
CA HIS A 270 43.96 12.70 32.53
C HIS A 270 42.51 12.38 32.19
N TYR A 271 42.24 11.10 31.97
CA TYR A 271 40.88 10.68 31.73
C TYR A 271 40.23 10.29 33.05
N SER A 272 39.29 11.09 33.50
CA SER A 272 38.68 10.86 34.79
C SER A 272 37.17 10.87 34.65
N PRO A 273 36.52 9.72 34.92
CA PRO A 273 35.07 9.65 34.74
C PRO A 273 34.41 10.69 35.64
N GLY A 274 33.24 11.17 35.25
CA GLY A 274 32.60 12.23 36.01
C GLY A 274 32.79 13.56 35.32
N SER A 275 32.10 14.58 35.81
CA SER A 275 32.18 15.90 35.22
C SER A 275 33.46 16.58 35.67
N THR A 276 33.96 17.48 34.84
CA THR A 276 35.16 18.21 35.15
C THR A 276 35.18 19.55 34.41
N PRO A 277 35.83 20.55 34.99
CA PRO A 277 36.04 21.84 34.30
C PRO A 277 37.19 21.75 33.29
N LEU A 278 37.95 20.65 33.32
CA LEU A 278 39.06 20.51 32.38
C LEU A 278 38.62 20.25 30.94
N VAL A 279 37.32 20.00 30.75
CA VAL A 279 36.76 20.13 29.42
C VAL A 279 35.47 20.96 29.45
N GLY A 280 35.28 21.79 28.44
CA GLY A 280 34.16 22.70 28.39
C GLY A 280 33.29 22.45 27.17
N TRP A 281 32.01 22.81 27.29
CA TRP A 281 31.05 22.58 26.23
C TRP A 281 30.47 23.92 25.75
N LEU A 282 30.45 24.10 24.43
CA LEU A 282 29.75 25.25 23.81
C LEU A 282 28.85 24.79 22.64
N ARG A 283 27.71 25.46 22.48
CA ARG A 283 26.93 25.26 21.26
C ARG A 283 27.54 26.12 20.18
N PRO A 284 27.33 25.76 18.92
CA PRO A 284 28.05 26.57 17.91
C PRO A 284 27.73 28.06 17.97
N TYR A 285 26.47 28.43 18.14
CA TYR A 285 26.08 29.83 18.14
C TYR A 285 26.70 30.62 19.31
N MET A 286 27.24 29.90 20.30
CA MET A 286 27.83 30.54 21.47
C MET A 286 29.28 31.03 21.28
N VAL A 287 30.00 30.39 20.37
CA VAL A 287 31.40 30.71 20.09
C VAL A 287 31.62 32.15 19.63
N SER A 288 30.86 32.57 18.63
CA SER A 288 30.99 33.92 18.07
C SER A 288 30.80 35.00 19.12
N ASP A 289 30.11 34.66 20.21
CA ASP A 289 29.90 35.58 21.32
C ASP A 289 31.15 35.65 22.18
N VAL A 290 31.66 34.50 22.58
CA VAL A 290 32.89 34.45 23.35
C VAL A 290 34.14 34.42 22.48
N LEU A 291 34.40 35.54 21.81
CA LEU A 291 35.74 35.92 21.31
C LEU A 291 36.03 35.83 19.80
N GLY A 292 35.02 35.51 18.99
CA GLY A 292 35.28 35.26 17.57
C GLY A 292 34.53 36.15 16.60
N HIS A 354 -7.96 15.71 -6.68
CA HIS A 354 -6.50 15.73 -6.54
C HIS A 354 -6.09 15.58 -5.08
N SER A 355 -5.93 14.30 -4.65
CA SER A 355 -5.65 13.97 -3.26
C SER A 355 -4.29 13.29 -2.95
N PRO A 356 -3.73 13.77 -1.78
CA PRO A 356 -2.49 13.40 -1.04
C PRO A 356 -1.27 12.77 -1.72
N ASP A 357 -0.61 11.92 -0.94
CA ASP A 357 0.69 11.24 -1.08
C ASP A 357 1.23 10.43 -2.29
N HIS A 358 2.61 10.45 -2.42
CA HIS A 358 3.32 9.65 -3.45
C HIS A 358 4.68 9.08 -2.99
N PRO A 359 4.95 7.84 -3.44
CA PRO A 359 6.06 6.95 -3.07
C PRO A 359 7.45 7.40 -3.46
N GLY A 360 8.40 7.13 -2.56
CA GLY A 360 9.82 7.29 -2.82
C GLY A 360 10.39 5.96 -3.25
N CYS A 361 9.74 4.87 -2.81
CA CYS A 361 9.96 3.54 -3.36
C CYS A 361 8.79 3.25 -4.27
N LEU A 362 9.02 3.04 -5.56
CA LEU A 362 7.89 2.78 -6.46
C LEU A 362 7.71 1.30 -6.85
N MET A 363 7.85 0.42 -5.87
CA MET A 363 7.59 -1.00 -6.10
C MET A 363 6.10 -1.23 -6.41
N GLU A 364 5.70 -2.48 -6.62
CA GLU A 364 4.33 -2.79 -6.98
C GLU A 364 3.32 -2.29 -5.93
N ASN A 365 2.57 -1.25 -6.28
CA ASN A 365 1.62 -0.60 -5.37
C ASN A 365 1.81 -0.94 -3.89
N VAL B 9 14.06 -33.47 50.65
CA VAL B 9 12.99 -32.50 50.81
C VAL B 9 12.12 -32.40 49.54
N GLN B 10 11.43 -33.48 49.21
CA GLN B 10 10.51 -33.50 48.08
C GLN B 10 9.08 -33.29 48.54
N PHE B 11 8.28 -32.59 47.74
CA PHE B 11 6.88 -32.40 48.10
C PHE B 11 5.90 -32.63 46.94
N LYS B 12 4.86 -33.41 47.20
CA LYS B 12 3.81 -33.62 46.22
C LYS B 12 2.81 -32.46 46.22
N LEU B 13 2.65 -31.83 45.06
CA LEU B 13 1.83 -30.64 44.90
C LEU B 13 0.84 -30.80 43.75
N VAL B 14 -0.44 -30.99 44.08
CA VAL B 14 -1.44 -31.18 43.05
C VAL B 14 -1.91 -29.82 42.55
N LEU B 15 -2.10 -29.70 41.23
CA LEU B 15 -2.56 -28.47 40.61
C LEU B 15 -3.92 -28.71 39.98
N VAL B 16 -4.97 -28.13 40.58
CA VAL B 16 -6.32 -28.30 40.07
C VAL B 16 -6.93 -26.96 39.63
N GLY B 17 -8.07 -27.04 38.94
CA GLY B 17 -8.72 -25.88 38.39
C GLY B 17 -9.48 -26.25 37.14
N ASP B 18 -10.33 -25.33 36.68
CA ASP B 18 -11.12 -25.59 35.48
C ASP B 18 -10.25 -25.77 34.26
N GLY B 19 -10.87 -26.17 33.17
CA GLY B 19 -10.15 -26.36 31.92
C GLY B 19 -9.70 -25.03 31.38
N GLY B 20 -8.53 -25.00 30.74
CA GLY B 20 -8.03 -23.83 30.06
C GLY B 20 -7.67 -22.69 30.98
N THR B 21 -7.49 -23.02 32.25
CA THR B 21 -7.25 -22.04 33.29
C THR B 21 -5.78 -21.56 33.21
N GLY B 22 -4.95 -22.37 32.57
CA GLY B 22 -3.55 -22.05 32.35
C GLY B 22 -2.61 -22.82 33.27
N LYS B 23 -3.08 -23.95 33.77
CA LYS B 23 -2.32 -24.74 34.72
C LYS B 23 -1.07 -25.32 34.06
N THR B 24 -1.28 -25.94 32.91
CA THR B 24 -0.20 -26.58 32.18
C THR B 24 0.75 -25.50 31.64
N THR B 25 0.18 -24.39 31.18
CA THR B 25 0.96 -23.27 30.67
C THR B 25 1.85 -22.71 31.78
N PHE B 26 1.27 -22.61 32.97
CA PHE B 26 1.98 -22.15 34.16
C PHE B 26 3.19 -23.05 34.43
N VAL B 27 2.93 -24.34 34.62
CA VAL B 27 3.99 -25.29 34.96
C VAL B 27 5.08 -25.27 33.91
N LYS B 28 4.69 -25.14 32.64
CA LYS B 28 5.63 -25.21 31.53
C LYS B 28 6.62 -24.07 31.61
N ARG B 29 6.12 -22.88 31.91
CA ARG B 29 6.98 -21.70 32.08
C ARG B 29 8.02 -21.86 33.20
N HIS B 30 7.65 -22.57 34.27
CA HIS B 30 8.56 -22.76 35.39
C HIS B 30 9.67 -23.74 35.03
N LEU B 31 9.37 -24.69 34.16
CA LEU B 31 10.37 -25.66 33.81
C LEU B 31 11.26 -25.21 32.63
N THR B 32 10.64 -24.83 31.52
CA THR B 32 11.38 -24.46 30.31
C THR B 32 11.61 -22.96 30.18
N GLY B 33 10.70 -22.18 30.74
CA GLY B 33 10.72 -20.75 30.56
C GLY B 33 9.99 -20.28 29.31
N GLU B 34 9.43 -21.22 28.56
CA GLU B 34 8.74 -20.88 27.33
C GLU B 34 7.27 -20.61 27.60
N PHE B 35 6.66 -19.77 26.78
CA PHE B 35 5.23 -19.54 26.94
C PHE B 35 4.42 -20.22 25.84
N GLU B 36 3.73 -21.30 26.21
CA GLU B 36 2.85 -21.99 25.29
C GLU B 36 1.59 -21.17 25.03
N LYS B 37 1.31 -20.88 23.77
CA LYS B 37 0.13 -20.07 23.42
C LYS B 37 -1.12 -20.91 23.16
N LYS B 38 -0.92 -22.17 22.80
CA LYS B 38 -2.02 -23.06 22.43
C LYS B 38 -2.62 -23.69 23.66
N TYR B 39 -3.87 -24.12 23.52
CA TYR B 39 -4.52 -24.82 24.61
C TYR B 39 -4.73 -26.26 24.21
N VAL B 40 -3.80 -27.13 24.60
CA VAL B 40 -3.96 -28.56 24.41
C VAL B 40 -4.33 -29.24 25.74
N ALA B 41 -5.59 -29.64 25.86
CA ALA B 41 -6.12 -30.12 27.14
C ALA B 41 -5.31 -31.27 27.74
N THR B 42 -5.09 -31.16 29.05
CA THR B 42 -4.33 -32.17 29.77
C THR B 42 -5.21 -33.41 29.97
N LEU B 43 -4.60 -34.58 29.90
CA LEU B 43 -5.32 -35.84 29.93
C LEU B 43 -5.05 -36.57 31.24
N GLY B 44 -6.02 -36.55 32.15
CA GLY B 44 -5.82 -37.10 33.48
C GLY B 44 -4.86 -36.24 34.28
N VAL B 45 -3.60 -36.68 34.34
CA VAL B 45 -2.58 -35.96 35.08
C VAL B 45 -1.22 -36.13 34.41
N GLU B 46 -0.31 -35.20 34.66
CA GLU B 46 1.08 -35.33 34.24
C GLU B 46 2.02 -34.73 35.29
N VAL B 47 2.90 -35.57 35.85
CA VAL B 47 3.78 -35.21 36.96
C VAL B 47 5.03 -34.45 36.50
N HIS B 48 5.23 -33.23 37.00
CA HIS B 48 6.39 -32.43 36.63
C HIS B 48 7.16 -31.98 37.86
N PRO B 49 8.36 -32.53 38.07
CA PRO B 49 9.29 -32.06 39.10
C PRO B 49 9.72 -30.61 38.85
N LEU B 50 9.59 -29.76 39.85
CA LEU B 50 10.08 -28.39 39.76
C LEU B 50 11.04 -28.15 40.91
N VAL B 51 12.20 -27.59 40.60
CA VAL B 51 13.21 -27.32 41.62
C VAL B 51 13.45 -25.84 41.82
N PHE B 52 13.55 -25.46 43.08
CA PHE B 52 13.86 -24.10 43.45
C PHE B 52 15.02 -24.15 44.44
N HIS B 53 15.94 -23.20 44.33
N HIS B 53 15.95 -23.21 44.32
CA HIS B 53 17.06 -23.14 45.26
CA HIS B 53 17.05 -23.14 45.26
C HIS B 53 16.80 -22.05 46.27
C HIS B 53 16.78 -22.05 46.27
N THR B 54 16.87 -22.41 47.55
CA THR B 54 16.52 -21.47 48.61
C THR B 54 17.68 -21.22 49.55
N ASN B 55 17.58 -20.19 50.37
CA ASN B 55 18.61 -19.88 51.33
C ASN B 55 19.13 -21.13 52.04
N ARG B 56 18.23 -22.07 52.33
CA ARG B 56 18.59 -23.23 53.13
C ARG B 56 18.92 -24.48 52.31
N GLY B 57 18.70 -24.42 51.01
CA GLY B 57 18.98 -25.56 50.14
C GLY B 57 17.93 -25.71 49.06
N PRO B 58 18.08 -26.74 48.22
CA PRO B 58 17.16 -26.98 47.10
C PRO B 58 15.82 -27.55 47.57
N ILE B 59 14.76 -27.16 46.87
CA ILE B 59 13.43 -27.65 47.19
C ILE B 59 12.79 -28.20 45.91
N LYS B 60 12.22 -29.39 46.00
CA LYS B 60 11.65 -30.03 44.82
C LYS B 60 10.16 -30.29 44.94
N PHE B 61 9.39 -29.66 44.06
CA PHE B 61 7.95 -29.86 43.99
C PHE B 61 7.62 -30.82 42.84
N ASN B 62 7.03 -31.97 43.17
CA ASN B 62 6.50 -32.83 42.13
C ASN B 62 5.08 -32.41 41.81
N VAL B 63 4.97 -31.59 40.76
CA VAL B 63 3.71 -30.97 40.38
C VAL B 63 2.83 -31.93 39.57
N TRP B 64 1.77 -32.42 40.20
CA TRP B 64 0.76 -33.21 39.51
C TRP B 64 -0.22 -32.30 38.80
N ASP B 65 0.14 -31.88 37.60
CA ASP B 65 -0.73 -31.04 36.79
C ASP B 65 -1.93 -31.84 36.27
N THR B 66 -3.08 -31.69 36.93
CA THR B 66 -4.25 -32.51 36.63
C THR B 66 -5.21 -31.83 35.64
N ALA B 67 -6.08 -32.63 35.03
CA ALA B 67 -6.98 -32.13 33.99
C ALA B 67 -8.22 -31.45 34.57
N GLY B 68 -8.57 -30.29 34.01
CA GLY B 68 -9.72 -29.54 34.49
C GLY B 68 -11.00 -29.82 33.73
N LEU B 69 -10.87 -30.38 32.52
CA LEU B 69 -12.02 -30.79 31.73
C LEU B 69 -12.65 -32.06 32.27
N GLU B 70 -13.98 -32.07 32.35
CA GLU B 70 -14.69 -33.22 32.86
C GLU B 70 -14.37 -34.52 32.10
N LYS B 71 -14.45 -34.50 30.78
CA LYS B 71 -14.22 -35.72 30.00
C LYS B 71 -12.84 -36.35 30.22
N PHE B 72 -11.85 -35.55 30.62
CA PHE B 72 -10.49 -36.04 30.77
C PHE B 72 -10.02 -36.06 32.23
N GLY B 73 -10.95 -35.99 33.16
CA GLY B 73 -10.60 -36.02 34.57
C GLY B 73 -9.66 -37.15 34.94
N GLY B 74 -9.89 -38.33 34.40
CA GLY B 74 -9.09 -39.49 34.74
C GLY B 74 -9.42 -40.00 36.14
N LEU B 75 -8.39 -40.25 36.93
CA LEU B 75 -8.56 -40.83 38.26
C LEU B 75 -9.04 -39.80 39.25
N ARG B 76 -9.23 -38.57 38.77
CA ARG B 76 -9.76 -37.47 39.56
C ARG B 76 -9.14 -37.39 40.94
N ASP B 77 -10.00 -37.29 41.95
CA ASP B 77 -9.60 -37.20 43.36
C ASP B 77 -8.56 -38.25 43.74
N GLY B 78 -8.54 -39.37 43.02
CA GLY B 78 -7.52 -40.39 43.24
C GLY B 78 -6.10 -39.82 43.17
N TYR B 79 -5.91 -38.79 42.35
CA TYR B 79 -4.59 -38.21 42.23
C TYR B 79 -4.19 -37.44 43.49
N TYR B 80 -5.19 -36.92 44.20
CA TYR B 80 -4.92 -36.09 45.39
C TYR B 80 -4.28 -36.87 46.54
N ILE B 81 -4.68 -38.13 46.70
CA ILE B 81 -4.17 -38.96 47.76
C ILE B 81 -2.70 -38.65 48.05
N GLN B 82 -2.40 -38.37 49.33
CA GLN B 82 -1.02 -38.19 49.77
C GLN B 82 -0.38 -36.87 49.35
N ALA B 83 -1.17 -35.98 48.77
CA ALA B 83 -0.67 -34.64 48.43
C ALA B 83 -0.24 -33.93 49.69
N GLN B 84 0.70 -33.01 49.55
CA GLN B 84 1.23 -32.29 50.70
C GLN B 84 0.94 -30.80 50.63
N CYS B 85 0.38 -30.39 49.49
CA CYS B 85 0.00 -29.01 49.26
C CYS B 85 -0.65 -28.91 47.90
N ALA B 86 -1.25 -27.76 47.60
CA ALA B 86 -1.91 -27.59 46.32
C ALA B 86 -2.10 -26.14 45.90
N ILE B 87 -2.33 -25.97 44.61
CA ILE B 87 -2.63 -24.69 44.01
C ILE B 87 -3.96 -24.83 43.29
N ILE B 88 -4.99 -24.15 43.77
CA ILE B 88 -6.26 -24.09 43.06
C ILE B 88 -6.20 -22.91 42.10
N MET B 89 -6.46 -23.16 40.82
CA MET B 89 -6.29 -22.13 39.81
C MET B 89 -7.61 -21.75 39.14
N PHE B 90 -7.74 -20.49 38.80
CA PHE B 90 -8.86 -20.02 37.97
C PHE B 90 -8.35 -18.94 37.01
N ASP B 91 -9.22 -18.52 36.11
CA ASP B 91 -8.83 -17.55 35.09
C ASP B 91 -9.66 -16.28 35.29
N VAL B 92 -9.00 -15.16 35.60
CA VAL B 92 -9.75 -13.93 35.89
C VAL B 92 -10.49 -13.39 34.68
N THR B 93 -10.23 -13.95 33.50
CA THR B 93 -11.02 -13.58 32.32
C THR B 93 -12.32 -14.37 32.23
N SER B 94 -12.45 -15.41 33.05
CA SER B 94 -13.64 -16.27 32.99
C SER B 94 -14.33 -16.46 34.35
N ARG B 95 -15.44 -15.76 34.57
CA ARG B 95 -16.18 -15.85 35.84
C ARG B 95 -16.56 -17.27 36.25
N VAL B 96 -16.90 -18.10 35.26
CA VAL B 96 -17.27 -19.49 35.54
C VAL B 96 -16.20 -20.24 36.31
N THR B 97 -14.95 -19.96 36.03
CA THR B 97 -13.87 -20.77 36.59
C THR B 97 -13.70 -20.51 38.08
N TYR B 98 -13.79 -19.24 38.47
CA TYR B 98 -13.80 -18.88 39.89
C TYR B 98 -14.94 -19.57 40.66
N LYS B 99 -16.17 -19.42 40.18
CA LYS B 99 -17.34 -20.09 40.79
C LYS B 99 -17.17 -21.59 41.01
N ASN B 100 -16.33 -22.25 40.21
CA ASN B 100 -16.14 -23.69 40.37
C ASN B 100 -15.10 -24.04 41.45
N VAL B 101 -14.32 -23.04 41.84
CA VAL B 101 -13.30 -23.20 42.88
C VAL B 101 -13.76 -24.01 44.08
N PRO B 102 -14.93 -23.65 44.65
CA PRO B 102 -15.39 -24.39 45.83
C PRO B 102 -15.50 -25.89 45.55
N ASN B 103 -15.86 -26.25 44.33
CA ASN B 103 -15.90 -27.65 43.95
C ASN B 103 -14.50 -28.26 43.99
N TRP B 104 -13.52 -27.57 43.40
CA TRP B 104 -12.14 -28.05 43.41
C TRP B 104 -11.60 -28.13 44.83
N HIS B 105 -11.93 -27.14 45.67
CA HIS B 105 -11.51 -27.13 47.07
C HIS B 105 -12.14 -28.28 47.85
N ARG B 106 -13.42 -28.52 47.61
CA ARG B 106 -14.14 -29.63 48.22
C ARG B 106 -13.45 -30.97 47.96
N ASP B 107 -13.30 -31.31 46.69
CA ASP B 107 -12.69 -32.57 46.30
C ASP B 107 -11.34 -32.73 46.97
N LEU B 108 -10.52 -31.69 46.93
CA LEU B 108 -9.16 -31.76 47.42
C LEU B 108 -9.05 -32.03 48.92
N VAL B 109 -9.86 -31.33 49.74
CA VAL B 109 -9.71 -31.42 51.19
C VAL B 109 -10.40 -32.65 51.76
N ARG B 110 -11.45 -33.11 51.09
CA ARG B 110 -12.10 -34.37 51.45
C ARG B 110 -11.07 -35.49 51.33
N VAL B 111 -10.01 -35.23 50.57
CA VAL B 111 -8.90 -36.16 50.44
C VAL B 111 -7.73 -35.69 51.29
N CYS B 112 -7.52 -34.38 51.35
CA CYS B 112 -6.40 -33.79 52.08
C CYS B 112 -6.88 -32.91 53.24
N GLU B 113 -6.78 -33.43 54.46
CA GLU B 113 -7.28 -32.74 55.65
C GLU B 113 -6.65 -31.37 55.86
N ASN B 114 -5.38 -31.36 56.25
CA ASN B 114 -4.67 -30.10 56.45
C ASN B 114 -3.40 -30.00 55.62
N ILE B 115 -3.49 -29.34 54.48
CA ILE B 115 -2.31 -29.05 53.68
C ILE B 115 -2.36 -27.59 53.25
N PRO B 116 -1.19 -27.01 52.99
CA PRO B 116 -1.17 -25.61 52.52
C PRO B 116 -1.76 -25.54 51.12
N ILE B 117 -2.68 -24.62 50.91
CA ILE B 117 -3.32 -24.47 49.62
C ILE B 117 -3.29 -23.01 49.21
N VAL B 118 -2.75 -22.76 48.02
CA VAL B 118 -2.78 -21.42 47.45
C VAL B 118 -3.88 -21.37 46.38
N LEU B 119 -4.57 -20.25 46.32
CA LEU B 119 -5.56 -19.97 45.29
C LEU B 119 -4.92 -18.95 44.33
N CYS B 120 -4.98 -19.20 43.02
CA CYS B 120 -4.35 -18.31 42.06
C CYS B 120 -5.30 -17.89 40.95
N GLY B 121 -5.46 -16.58 40.78
CA GLY B 121 -6.16 -16.03 39.63
C GLY B 121 -5.14 -15.75 38.53
N ASN B 122 -5.22 -16.53 37.46
CA ASN B 122 -4.24 -16.46 36.38
C ASN B 122 -4.73 -15.47 35.31
N LYS B 123 -3.81 -14.96 34.50
CA LYS B 123 -4.16 -14.12 33.34
C LYS B 123 -4.50 -12.68 33.65
N VAL B 124 -3.84 -12.12 34.65
CA VAL B 124 -4.16 -10.77 35.07
C VAL B 124 -3.58 -9.76 34.10
N ASP B 125 -2.83 -10.27 33.12
CA ASP B 125 -2.21 -9.45 32.05
C ASP B 125 -3.22 -9.08 30.99
N ILE B 126 -4.29 -9.84 30.88
CA ILE B 126 -5.31 -9.55 29.88
C ILE B 126 -6.10 -8.34 30.36
N LYS B 127 -6.11 -7.29 29.54
CA LYS B 127 -6.70 -6.01 29.94
C LYS B 127 -8.19 -6.11 30.28
N ASP B 128 -8.86 -7.11 29.72
CA ASP B 128 -10.30 -7.24 29.92
C ASP B 128 -10.66 -8.15 31.10
N ARG B 129 -10.34 -7.70 32.32
CA ARG B 129 -10.56 -8.49 33.51
C ARG B 129 -12.05 -8.60 33.86
N LYS B 130 -12.55 -9.84 33.94
CA LYS B 130 -13.96 -10.09 34.22
C LYS B 130 -14.23 -10.46 35.68
N VAL B 131 -13.28 -11.18 36.28
CA VAL B 131 -13.37 -11.48 37.70
C VAL B 131 -12.61 -10.40 38.46
N LYS B 132 -13.33 -9.36 38.89
CA LYS B 132 -12.73 -8.24 39.64
C LYS B 132 -12.14 -8.71 40.96
N ALA B 133 -10.98 -8.15 41.30
CA ALA B 133 -10.32 -8.43 42.57
C ALA B 133 -11.28 -8.31 43.75
N LYS B 134 -12.28 -7.43 43.64
CA LYS B 134 -13.20 -7.23 44.75
C LYS B 134 -14.02 -8.50 45.05
N SER B 135 -14.21 -9.34 44.04
CA SER B 135 -15.10 -10.51 44.16
C SER B 135 -14.37 -11.73 44.67
N ILE B 136 -13.05 -11.64 44.70
CA ILE B 136 -12.24 -12.77 45.06
C ILE B 136 -12.12 -12.85 46.56
N VAL B 137 -12.95 -13.69 47.18
CA VAL B 137 -13.02 -13.74 48.63
C VAL B 137 -13.13 -15.15 49.23
N PHE B 138 -13.41 -16.14 48.38
CA PHE B 138 -13.58 -17.53 48.82
C PHE B 138 -12.48 -18.03 49.76
N HIS B 139 -11.26 -17.60 49.53
CA HIS B 139 -10.11 -18.05 50.31
C HIS B 139 -10.14 -17.60 51.78
N ARG B 140 -10.89 -16.54 52.07
CA ARG B 140 -10.91 -15.99 53.42
C ARG B 140 -11.23 -17.04 54.50
N LYS B 141 -12.33 -17.76 54.28
CA LYS B 141 -12.93 -18.61 55.29
C LYS B 141 -12.35 -20.02 55.28
N LYS B 142 -11.67 -20.33 54.20
CA LYS B 142 -11.00 -21.63 54.04
C LYS B 142 -9.56 -21.50 54.49
N ASN B 143 -9.19 -20.32 54.96
CA ASN B 143 -7.83 -20.02 55.38
C ASN B 143 -6.80 -20.36 54.31
N LEU B 144 -7.09 -19.95 53.07
CA LEU B 144 -6.18 -20.17 51.94
C LEU B 144 -5.46 -18.87 51.57
N GLN B 145 -4.35 -19.01 50.86
CA GLN B 145 -3.57 -17.87 50.39
C GLN B 145 -4.01 -17.54 48.98
N TYR B 146 -4.02 -16.25 48.63
CA TYR B 146 -4.38 -15.87 47.27
C TYR B 146 -3.29 -15.07 46.59
N TYR B 147 -3.10 -15.31 45.29
CA TYR B 147 -2.24 -14.48 44.47
C TYR B 147 -2.78 -14.29 43.07
N ASP B 148 -2.70 -13.05 42.58
CA ASP B 148 -2.81 -12.76 41.16
C ASP B 148 -1.53 -13.23 40.48
N ILE B 149 -1.68 -14.02 39.43
CA ILE B 149 -0.51 -14.43 38.65
C ILE B 149 -0.76 -14.29 37.16
N SER B 150 0.34 -14.21 36.40
CA SER B 150 0.27 -14.36 34.96
C SER B 150 1.42 -15.23 34.50
N ALA B 151 1.09 -16.30 33.79
CA ALA B 151 2.11 -17.16 33.23
C ALA B 151 2.73 -16.45 32.04
N LYS B 152 1.95 -15.59 31.40
CA LYS B 152 2.42 -14.90 30.19
C LYS B 152 3.46 -13.85 30.55
N SER B 153 3.09 -12.91 31.41
CA SER B 153 3.98 -11.83 31.79
C SER B 153 4.85 -12.12 33.03
N ASN B 154 4.76 -13.33 33.56
CA ASN B 154 5.56 -13.70 34.72
C ASN B 154 5.26 -12.88 35.98
N TYR B 155 4.06 -12.32 36.06
CA TYR B 155 3.67 -11.53 37.21
C TYR B 155 3.38 -12.45 38.40
N ASN B 156 4.06 -12.23 39.51
CA ASN B 156 3.90 -13.05 40.72
C ASN B 156 4.08 -14.55 40.47
N PHE B 157 4.96 -14.85 39.53
CA PHE B 157 5.23 -16.19 39.03
C PHE B 157 5.59 -17.22 40.11
N GLU B 158 6.39 -16.80 41.08
CA GLU B 158 6.90 -17.73 42.08
C GLU B 158 6.15 -17.69 43.40
N LYS B 159 5.28 -16.68 43.55
CA LYS B 159 4.60 -16.45 44.82
C LYS B 159 3.94 -17.71 45.40
N PRO B 160 3.14 -18.43 44.59
CA PRO B 160 2.55 -19.69 45.07
C PRO B 160 3.59 -20.64 45.66
N PHE B 161 4.72 -20.79 44.97
CA PHE B 161 5.72 -21.75 45.40
C PHE B 161 6.46 -21.26 46.65
N LEU B 162 6.93 -20.03 46.65
CA LEU B 162 7.58 -19.46 47.83
C LEU B 162 6.72 -19.64 49.09
N TRP B 163 5.47 -19.19 49.04
CA TRP B 163 4.53 -19.38 50.14
C TRP B 163 4.40 -20.84 50.59
N LEU B 164 4.13 -21.74 49.64
CA LEU B 164 4.03 -23.17 49.92
C LEU B 164 5.32 -23.70 50.56
N ALA B 165 6.46 -23.24 50.05
CA ALA B 165 7.76 -23.66 50.59
C ALA B 165 7.95 -23.17 52.03
N ARG B 166 7.51 -21.95 52.29
CA ARG B 166 7.63 -21.37 53.62
C ARG B 166 6.73 -22.11 54.62
N LYS B 167 5.61 -22.64 54.13
CA LYS B 167 4.64 -23.33 54.97
C LYS B 167 5.01 -24.78 55.22
N LEU B 168 5.53 -25.43 54.17
CA LEU B 168 5.88 -26.85 54.25
C LEU B 168 7.09 -27.07 55.15
N ILE B 169 8.12 -26.25 54.98
CA ILE B 169 9.18 -26.19 55.96
C ILE B 169 8.56 -25.51 57.18
N GLY B 170 9.35 -24.71 57.90
CA GLY B 170 8.83 -23.93 58.99
C GLY B 170 9.52 -22.59 59.05
N ASP B 171 9.80 -22.03 57.88
CA ASP B 171 10.66 -20.86 57.81
C ASP B 171 10.04 -19.70 57.04
N PRO B 172 9.47 -18.73 57.77
CA PRO B 172 8.89 -17.51 57.19
C PRO B 172 9.94 -16.67 56.48
N ASN B 173 11.20 -16.82 56.87
CA ASN B 173 12.29 -16.03 56.33
C ASN B 173 12.91 -16.69 55.11
N LEU B 174 12.50 -17.93 54.85
CA LEU B 174 12.96 -18.67 53.69
C LEU B 174 12.76 -17.88 52.40
N GLU B 175 13.72 -17.97 51.48
CA GLU B 175 13.69 -17.18 50.24
C GLU B 175 14.32 -17.92 49.04
N PHE B 176 13.75 -17.73 47.86
CA PHE B 176 14.33 -18.33 46.65
C PHE B 176 15.56 -17.53 46.22
N VAL B 177 16.66 -18.22 45.93
CA VAL B 177 17.92 -17.54 45.63
C VAL B 177 18.47 -17.84 44.23
N ALA B 178 18.05 -18.96 43.66
CA ALA B 178 18.21 -19.20 42.23
C ALA B 178 19.48 -19.92 41.76
N MET B 179 20.17 -20.64 42.64
CA MET B 179 21.31 -21.46 42.19
C MET B 179 22.10 -22.13 43.32
N ALA C 14 6.28 -56.96 30.27
CA ALA C 14 5.07 -57.10 29.45
C ALA C 14 3.89 -56.37 30.07
N ALA C 15 3.65 -55.14 29.62
CA ALA C 15 2.52 -54.36 30.13
C ALA C 15 1.46 -54.13 29.04
N ARG C 16 1.27 -55.14 28.19
CA ARG C 16 0.20 -55.11 27.20
C ARG C 16 -1.07 -55.64 27.83
N GLN C 17 -0.97 -55.99 29.11
CA GLN C 17 -2.06 -56.64 29.83
C GLN C 17 -3.17 -55.67 30.20
N LEU C 18 -4.38 -55.98 29.72
CA LEU C 18 -5.56 -55.17 29.99
C LEU C 18 -6.55 -56.03 30.76
N LEU C 19 -7.46 -55.41 31.49
CA LEU C 19 -8.40 -56.16 32.32
C LEU C 19 -9.72 -56.49 31.61
N ASP C 20 -10.00 -57.78 31.46
CA ASP C 20 -11.22 -58.27 30.81
C ASP C 20 -11.88 -59.36 31.65
N PHE C 21 -11.72 -60.61 31.25
CA PHE C 21 -12.10 -61.72 32.11
C PHE C 21 -11.08 -62.85 32.06
N SER C 22 -9.82 -62.49 32.28
CA SER C 22 -8.79 -63.48 32.45
C SER C 22 -8.90 -64.05 33.86
N GLN C 23 -10.04 -63.81 34.51
CA GLN C 23 -10.27 -64.23 35.88
C GLN C 23 -9.07 -63.79 36.71
N LYS C 24 -8.74 -62.51 36.61
CA LYS C 24 -7.45 -62.01 37.09
C LYS C 24 -7.34 -61.77 38.59
N LEU C 25 -6.10 -61.48 39.00
CA LEU C 25 -5.73 -61.33 40.39
C LEU C 25 -5.89 -59.90 40.86
N ASP C 26 -5.46 -59.64 42.09
CA ASP C 26 -5.58 -58.32 42.70
C ASP C 26 -4.21 -57.80 43.11
N ILE C 27 -3.23 -58.70 43.15
CA ILE C 27 -1.85 -58.33 43.44
C ILE C 27 -1.26 -57.51 42.29
N ASN C 28 -1.62 -57.86 41.06
CA ASN C 28 -1.19 -57.11 39.89
C ASN C 28 -1.70 -55.68 39.94
N LEU C 29 -3.02 -55.53 40.02
CA LEU C 29 -3.66 -54.24 40.19
C LEU C 29 -2.98 -53.48 41.31
N LEU C 30 -2.76 -54.17 42.42
CA LEU C 30 -2.13 -53.61 43.60
C LEU C 30 -0.75 -53.08 43.24
N ASP C 31 -0.15 -53.64 42.19
CA ASP C 31 1.20 -53.27 41.81
C ASP C 31 1.25 -52.01 40.96
N ASN C 32 0.37 -51.94 39.96
CA ASN C 32 0.27 -50.77 39.09
C ASN C 32 -0.09 -49.55 39.92
N VAL C 33 -1.02 -49.75 40.85
CA VAL C 33 -1.48 -48.68 41.72
C VAL C 33 -0.32 -48.09 42.51
N VAL C 34 0.67 -48.92 42.84
CA VAL C 34 1.84 -48.44 43.56
C VAL C 34 2.74 -47.64 42.63
N ASN C 35 2.79 -48.01 41.36
CA ASN C 35 3.62 -47.27 40.42
C ASN C 35 2.98 -45.93 40.10
N CYS C 36 1.66 -45.93 39.99
CA CYS C 36 0.92 -44.70 39.70
C CYS C 36 1.26 -43.61 40.70
N LEU C 37 1.80 -43.99 41.85
CA LEU C 37 2.08 -43.03 42.90
C LEU C 37 3.57 -42.88 43.23
N TYR C 38 4.46 -43.49 42.44
CA TYR C 38 5.89 -43.43 42.77
C TYR C 38 6.92 -43.34 41.63
N HIS C 39 6.63 -43.91 40.47
CA HIS C 39 7.62 -43.92 39.38
C HIS C 39 7.44 -42.80 38.35
N GLY C 40 8.19 -42.87 37.25
CA GLY C 40 8.27 -41.77 36.29
C GLY C 40 7.45 -41.90 35.02
N GLU C 41 8.06 -42.43 33.96
CA GLU C 41 7.36 -42.64 32.70
C GLU C 41 6.41 -43.84 32.79
N GLY C 42 6.93 -44.98 33.26
CA GLY C 42 6.11 -46.15 33.47
C GLY C 42 4.95 -45.88 34.40
N ALA C 43 5.05 -44.77 35.15
CA ALA C 43 3.98 -44.37 36.08
C ALA C 43 2.84 -43.69 35.34
N GLN C 44 3.13 -43.23 34.13
CA GLN C 44 2.12 -42.66 33.24
C GLN C 44 1.33 -43.79 32.60
N GLN C 45 1.97 -44.96 32.53
CA GLN C 45 1.33 -46.15 31.98
C GLN C 45 0.38 -46.76 32.99
N ARG C 46 0.72 -46.62 34.27
CA ARG C 46 -0.13 -47.09 35.34
C ARG C 46 -1.45 -46.36 35.29
N MET C 47 -1.38 -45.03 35.38
CA MET C 47 -2.55 -44.19 35.21
C MET C 47 -3.28 -44.65 33.97
N ALA C 48 -2.57 -44.61 32.85
CA ALA C 48 -3.12 -45.03 31.57
C ALA C 48 -3.88 -46.32 31.76
N GLN C 49 -3.26 -47.25 32.48
CA GLN C 49 -3.85 -48.56 32.69
C GLN C 49 -5.12 -48.52 33.55
N GLU C 50 -5.08 -47.74 34.62
CA GLU C 50 -6.19 -47.73 35.58
C GLU C 50 -7.39 -46.91 35.11
N VAL C 51 -7.13 -45.83 34.40
CA VAL C 51 -8.19 -45.04 33.79
C VAL C 51 -8.72 -45.76 32.55
N LEU C 52 -7.84 -46.49 31.86
CA LEU C 52 -8.20 -47.21 30.65
C LEU C 52 -9.10 -48.39 31.00
N THR C 53 -8.86 -48.98 32.16
CA THR C 53 -9.58 -50.18 32.60
C THR C 53 -11.06 -49.94 32.81
N HIS C 54 -11.44 -48.71 33.14
CA HIS C 54 -12.79 -48.43 33.56
C HIS C 54 -13.85 -48.58 32.45
N LEU C 55 -13.47 -49.14 31.31
CA LEU C 55 -14.42 -49.27 30.20
C LEU C 55 -15.56 -50.25 30.47
N LYS C 56 -15.29 -51.55 30.36
CA LYS C 56 -16.35 -52.55 30.48
C LYS C 56 -17.28 -52.26 31.65
N GLU C 57 -16.86 -52.65 32.85
CA GLU C 57 -17.67 -52.43 34.05
C GLU C 57 -16.92 -52.87 35.31
N HIS C 58 -17.66 -53.21 36.36
CA HIS C 58 -17.05 -53.61 37.63
C HIS C 58 -17.60 -54.94 38.15
N PRO C 59 -16.95 -56.04 37.82
CA PRO C 59 -17.21 -57.29 38.52
C PRO C 59 -16.09 -57.54 39.53
N ASP C 60 -15.36 -56.49 39.85
CA ASP C 60 -14.15 -56.61 40.66
C ASP C 60 -14.24 -55.81 41.96
N ALA C 61 -15.15 -54.86 42.00
CA ALA C 61 -15.26 -53.98 43.16
C ALA C 61 -15.12 -54.78 44.46
N TRP C 62 -16.02 -55.74 44.65
CA TRP C 62 -15.98 -56.58 45.84
C TRP C 62 -14.61 -57.22 45.96
N THR C 63 -14.19 -57.89 44.89
CA THR C 63 -12.91 -58.57 44.87
C THR C 63 -11.80 -57.76 45.53
N ARG C 64 -11.58 -56.55 45.02
CA ARG C 64 -10.50 -55.72 45.58
C ARG C 64 -10.75 -55.29 47.02
N VAL C 65 -11.75 -54.44 47.27
CA VAL C 65 -12.00 -53.98 48.62
C VAL C 65 -11.97 -55.15 49.63
N ASP C 66 -12.48 -56.31 49.21
CA ASP C 66 -12.51 -57.48 50.08
C ASP C 66 -11.13 -58.12 50.29
N THR C 67 -10.12 -57.58 49.62
CA THR C 67 -8.75 -58.08 49.74
C THR C 67 -7.73 -56.93 49.63
N ILE C 68 -6.96 -56.73 50.69
CA ILE C 68 -5.95 -55.67 50.70
C ILE C 68 -4.93 -55.85 49.59
N SER C 72 1.35 -50.82 52.90
CA SER C 72 1.12 -49.64 52.06
C SER C 72 0.60 -50.01 50.67
N GLN C 73 -0.30 -49.19 50.15
CA GLN C 73 -0.90 -49.37 48.82
C GLN C 73 -1.97 -50.46 48.78
N ASN C 74 -2.66 -50.62 49.91
CA ASN C 74 -3.89 -51.39 49.94
C ASN C 74 -5.05 -50.40 49.93
N MET C 75 -5.05 -49.48 50.89
CA MET C 75 -6.07 -48.44 50.94
C MET C 75 -6.15 -47.73 49.61
N ASN C 76 -4.98 -47.43 49.05
CA ASN C 76 -4.89 -46.77 47.76
C ASN C 76 -5.67 -47.55 46.71
N THR C 77 -5.69 -48.87 46.87
CA THR C 77 -6.34 -49.74 45.92
C THR C 77 -7.81 -49.89 46.24
N LYS C 78 -8.12 -50.00 47.52
CA LYS C 78 -9.51 -50.04 47.96
C LYS C 78 -10.18 -48.73 47.61
N TYR C 79 -9.47 -47.63 47.82
CA TYR C 79 -9.93 -46.31 47.38
C TYR C 79 -10.32 -46.34 45.90
N TYR C 80 -9.38 -46.79 45.07
CA TYR C 80 -9.66 -46.97 43.64
C TYR C 80 -10.93 -47.80 43.42
N GLY C 81 -11.05 -48.91 44.15
CA GLY C 81 -12.21 -49.76 44.05
C GLY C 81 -13.47 -49.00 44.46
N LEU C 82 -13.34 -48.18 45.50
CA LEU C 82 -14.46 -47.36 45.95
C LEU C 82 -14.85 -46.39 44.83
N GLN C 83 -13.84 -45.94 44.10
CA GLN C 83 -14.06 -45.05 42.97
C GLN C 83 -14.90 -45.73 41.91
N ILE C 84 -14.54 -46.96 41.56
CA ILE C 84 -15.29 -47.70 40.55
C ILE C 84 -16.75 -47.79 40.96
N LEU C 85 -16.97 -48.07 42.24
CA LEU C 85 -18.31 -48.24 42.79
C LEU C 85 -19.14 -46.96 42.76
N GLU C 86 -18.49 -45.82 42.96
CA GLU C 86 -19.21 -44.56 43.03
C GLU C 86 -19.82 -44.22 41.68
N ASN C 87 -19.06 -44.47 40.62
CA ASN C 87 -19.57 -44.30 39.27
C ASN C 87 -20.87 -45.09 39.10
N VAL C 88 -20.85 -46.34 39.56
CA VAL C 88 -22.01 -47.22 39.46
C VAL C 88 -23.24 -46.61 40.11
N ILE C 89 -23.12 -46.28 41.38
CA ILE C 89 -24.23 -45.73 42.16
C ILE C 89 -24.79 -44.45 41.57
N LYS C 90 -23.93 -43.60 41.02
CA LYS C 90 -24.37 -42.30 40.52
C LYS C 90 -24.92 -42.35 39.10
N THR C 91 -24.72 -43.46 38.40
CA THR C 91 -25.16 -43.55 37.00
C THR C 91 -26.12 -44.71 36.72
N ARG C 92 -25.93 -45.84 37.42
CA ARG C 92 -26.69 -47.06 37.13
C ARG C 92 -27.73 -47.38 38.20
N TRP C 93 -27.65 -46.67 39.33
CA TRP C 93 -28.43 -47.03 40.50
C TRP C 93 -29.89 -47.40 40.20
N LYS C 94 -30.56 -46.56 39.41
CA LYS C 94 -31.99 -46.73 39.17
C LYS C 94 -32.33 -47.97 38.35
N ILE C 95 -31.43 -48.36 37.46
CA ILE C 95 -31.65 -49.55 36.63
C ILE C 95 -30.95 -50.78 37.19
N LEU C 96 -30.36 -50.66 38.38
CA LEU C 96 -29.78 -51.80 39.05
C LEU C 96 -30.89 -52.58 39.76
N PRO C 97 -30.83 -53.91 39.69
CA PRO C 97 -31.79 -54.78 40.37
C PRO C 97 -31.93 -54.44 41.84
N ARG C 98 -33.16 -54.39 42.34
CA ARG C 98 -33.46 -54.00 43.72
C ARG C 98 -32.62 -54.74 44.77
N ASN C 99 -32.50 -56.05 44.60
CA ASN C 99 -31.66 -56.89 45.46
C ASN C 99 -30.17 -56.55 45.41
N GLN C 100 -29.72 -55.92 44.31
CA GLN C 100 -28.33 -55.49 44.18
C GLN C 100 -28.13 -54.17 44.91
N CYS C 101 -29.13 -53.29 44.82
CA CYS C 101 -29.12 -52.04 45.55
C CYS C 101 -29.02 -52.29 47.05
N GLU C 102 -30.02 -52.98 47.60
CA GLU C 102 -30.00 -53.39 48.99
C GLU C 102 -28.65 -53.98 49.39
N GLY C 103 -28.18 -54.96 48.63
CA GLY C 103 -26.91 -55.61 48.89
C GLY C 103 -25.75 -54.64 49.02
N ILE C 104 -25.61 -53.76 48.03
CA ILE C 104 -24.59 -52.71 48.07
C ILE C 104 -24.88 -51.79 49.25
N LYS C 105 -26.16 -51.47 49.43
CA LYS C 105 -26.59 -50.58 50.51
C LYS C 105 -26.13 -51.09 51.86
N LYS C 106 -26.28 -52.40 52.06
CA LYS C 106 -25.92 -53.02 53.33
C LYS C 106 -24.42 -53.31 53.39
N TYR C 107 -23.84 -53.57 52.23
CA TYR C 107 -22.40 -53.80 52.12
C TYR C 107 -21.62 -52.55 52.52
N VAL C 108 -22.09 -51.39 52.08
CA VAL C 108 -21.46 -50.13 52.41
C VAL C 108 -21.56 -49.80 53.90
N VAL C 109 -22.76 -49.92 54.47
CA VAL C 109 -22.93 -49.65 55.90
C VAL C 109 -22.06 -50.59 56.74
N GLY C 110 -22.01 -51.86 56.36
CA GLY C 110 -21.12 -52.80 57.03
C GLY C 110 -19.67 -52.36 56.95
N LEU C 111 -19.20 -52.04 55.75
CA LEU C 111 -17.83 -51.58 55.56
C LEU C 111 -17.48 -50.42 56.50
N ILE C 112 -18.41 -49.48 56.66
CA ILE C 112 -18.21 -48.33 57.54
C ILE C 112 -18.06 -48.77 58.98
N ILE C 113 -19.05 -49.53 59.44
CA ILE C 113 -19.06 -50.04 60.81
C ILE C 113 -17.69 -50.54 61.25
N LYS C 114 -17.19 -51.58 60.60
CA LYS C 114 -15.94 -52.22 61.03
C LYS C 114 -14.72 -51.33 60.88
N THR C 115 -14.66 -50.56 59.80
CA THR C 115 -13.50 -49.72 59.51
C THR C 115 -13.31 -48.63 60.55
N SER C 116 -14.41 -48.01 60.94
CA SER C 116 -14.36 -46.96 61.96
C SER C 116 -14.21 -47.55 63.36
N SER C 117 -14.73 -48.76 63.56
CA SER C 117 -14.67 -49.44 64.86
C SER C 117 -13.26 -49.97 65.12
N ASP C 118 -12.27 -49.32 64.53
CA ASP C 118 -10.89 -49.73 64.75
C ASP C 118 -10.03 -48.55 65.16
N PRO C 119 -9.42 -48.65 66.36
CA PRO C 119 -8.57 -47.58 66.88
C PRO C 119 -7.39 -47.26 65.96
N THR C 120 -7.02 -48.19 65.08
CA THR C 120 -5.94 -47.95 64.13
C THR C 120 -6.47 -47.36 62.82
N CYS C 121 -7.76 -46.98 62.84
CA CYS C 121 -8.39 -46.29 61.72
C CYS C 121 -7.82 -44.89 61.56
N VAL C 122 -7.09 -44.44 62.58
CA VAL C 122 -6.49 -43.10 62.57
C VAL C 122 -5.38 -43.00 61.54
N GLU C 123 -4.73 -44.12 61.23
CA GLU C 123 -3.73 -44.11 60.16
C GLU C 123 -4.23 -44.71 58.85
N LYS C 124 -5.23 -45.60 58.92
CA LYS C 124 -5.94 -46.03 57.72
C LYS C 124 -6.71 -44.84 57.19
N GLU C 125 -5.95 -43.91 56.62
CA GLU C 125 -6.38 -42.54 56.37
C GLU C 125 -7.89 -42.32 56.29
N LYS C 126 -8.31 -41.18 56.82
CA LYS C 126 -9.68 -40.73 56.66
C LYS C 126 -10.01 -40.80 55.18
N VAL C 127 -8.97 -40.73 54.35
CA VAL C 127 -9.11 -40.86 52.91
C VAL C 127 -10.05 -42.00 52.58
N TYR C 128 -9.80 -43.16 53.18
CA TYR C 128 -10.62 -44.33 52.92
C TYR C 128 -12.01 -44.19 53.55
N ILE C 129 -12.01 -43.79 54.82
CA ILE C 129 -13.24 -43.63 55.59
C ILE C 129 -14.15 -42.57 55.00
N GLY C 130 -13.56 -41.42 54.69
CA GLY C 130 -14.30 -40.31 54.11
C GLY C 130 -14.90 -40.71 52.78
N LYS C 131 -14.08 -41.32 51.94
CA LYS C 131 -14.56 -41.80 50.65
C LYS C 131 -15.71 -42.77 50.84
N LEU C 132 -15.53 -43.71 51.75
CA LEU C 132 -16.59 -44.63 52.12
C LEU C 132 -17.85 -43.85 52.45
N ASN C 133 -17.71 -42.84 53.31
CA ASN C 133 -18.85 -42.02 53.71
C ASN C 133 -19.52 -41.35 52.52
N MET C 134 -18.71 -40.74 51.65
CA MET C 134 -19.23 -40.10 50.45
C MET C 134 -20.02 -41.08 49.59
N ILE C 135 -19.63 -42.34 49.64
CA ILE C 135 -20.33 -43.38 48.89
C ILE C 135 -21.73 -43.59 49.46
N LEU C 136 -21.83 -43.66 50.79
CA LEU C 136 -23.14 -43.78 51.43
C LEU C 136 -23.99 -42.56 51.08
N VAL C 137 -23.37 -41.38 51.11
CA VAL C 137 -24.06 -40.15 50.75
C VAL C 137 -24.58 -40.24 49.30
N GLN C 138 -23.77 -40.80 48.42
CA GLN C 138 -24.21 -41.07 47.05
C GLN C 138 -25.46 -41.94 47.02
N ILE C 139 -25.44 -43.04 47.77
CA ILE C 139 -26.60 -43.90 47.86
C ILE C 139 -27.78 -43.12 48.45
N LEU C 140 -27.56 -42.49 49.60
CA LEU C 140 -28.58 -41.65 50.23
C LEU C 140 -29.19 -40.69 49.21
N LYS C 141 -28.35 -40.12 48.35
CA LYS C 141 -28.81 -39.14 47.38
C LYS C 141 -29.79 -39.75 46.39
N GLN C 142 -29.60 -41.03 46.10
CA GLN C 142 -30.43 -41.71 45.11
C GLN C 142 -31.68 -42.35 45.72
N GLU C 143 -31.74 -42.49 47.04
CA GLU C 143 -32.93 -43.10 47.64
C GLU C 143 -33.20 -42.80 49.12
N TRP C 144 -32.71 -41.67 49.62
CA TRP C 144 -32.77 -41.39 51.06
C TRP C 144 -34.16 -41.46 51.68
N PRO C 145 -35.11 -40.67 51.15
CA PRO C 145 -36.44 -40.75 51.77
C PRO C 145 -37.22 -41.99 51.34
N LYS C 146 -37.42 -42.15 50.04
CA LYS C 146 -38.29 -43.19 49.50
C LYS C 146 -38.03 -44.62 50.00
N HIS C 147 -36.79 -45.08 49.87
CA HIS C 147 -36.46 -46.47 50.20
C HIS C 147 -35.50 -46.57 51.37
N TRP C 148 -35.45 -45.53 52.18
CA TRP C 148 -34.51 -45.49 53.29
C TRP C 148 -35.17 -44.69 54.43
N PRO C 149 -36.45 -44.99 54.72
CA PRO C 149 -37.28 -44.13 55.58
C PRO C 149 -36.76 -43.99 57.00
N THR C 150 -36.16 -45.05 57.52
CA THR C 150 -35.71 -45.07 58.90
C THR C 150 -34.32 -44.47 59.09
N PHE C 151 -33.60 -44.26 57.98
CA PHE C 151 -32.19 -43.88 58.05
C PHE C 151 -31.90 -42.87 59.16
N ILE C 152 -32.55 -41.72 59.09
CA ILE C 152 -32.22 -40.61 59.96
C ILE C 152 -32.51 -40.90 61.44
N SER C 153 -33.64 -41.54 61.71
CA SER C 153 -33.93 -42.01 63.06
C SER C 153 -32.81 -42.93 63.52
N ASP C 154 -32.51 -43.93 62.70
CA ASP C 154 -31.50 -44.95 62.99
C ASP C 154 -30.15 -44.37 63.44
N ILE C 155 -29.58 -43.48 62.64
CA ILE C 155 -28.23 -43.01 62.91
C ILE C 155 -28.16 -42.23 64.21
N VAL C 156 -29.13 -41.34 64.44
CA VAL C 156 -29.20 -40.63 65.71
C VAL C 156 -29.20 -41.62 66.85
N GLY C 157 -29.95 -42.71 66.68
CA GLY C 157 -29.99 -43.78 67.66
C GLY C 157 -28.60 -44.37 67.83
N ALA C 158 -28.01 -44.80 66.73
CA ALA C 158 -26.67 -45.40 66.77
C ALA C 158 -25.67 -44.46 67.44
N SER C 159 -25.79 -43.17 67.15
CA SER C 159 -24.89 -42.17 67.72
C SER C 159 -24.99 -42.14 69.25
N ARG C 160 -26.17 -42.47 69.78
CA ARG C 160 -26.36 -42.43 71.22
C ARG C 160 -25.86 -43.68 71.93
N THR C 161 -25.51 -44.70 71.13
CA THR C 161 -25.01 -45.95 71.68
C THR C 161 -23.48 -45.97 71.67
N SER C 162 -22.90 -45.75 70.49
CA SER C 162 -21.45 -45.77 70.33
C SER C 162 -20.89 -44.41 69.97
N GLU C 163 -19.93 -43.96 70.77
CA GLU C 163 -19.28 -42.69 70.56
C GLU C 163 -18.62 -42.70 69.21
N SER C 164 -18.00 -43.84 68.89
CA SER C 164 -17.30 -44.01 67.62
C SER C 164 -18.27 -43.88 66.46
N LEU C 165 -19.45 -44.48 66.61
CA LEU C 165 -20.48 -44.41 65.58
C LEU C 165 -21.05 -43.01 65.51
N CYS C 166 -21.12 -42.33 66.65
CA CYS C 166 -21.59 -40.96 66.69
C CYS C 166 -20.62 -40.05 65.96
N GLN C 167 -19.33 -40.26 66.20
CA GLN C 167 -18.26 -39.51 65.57
C GLN C 167 -18.43 -39.49 64.04
N ASN C 168 -18.40 -40.67 63.44
CA ASN C 168 -18.50 -40.79 61.99
C ASN C 168 -19.82 -40.29 61.42
N ASN C 169 -20.91 -40.47 62.16
CA ASN C 169 -22.22 -39.98 61.72
C ASN C 169 -22.27 -38.46 61.58
N MET C 170 -21.69 -37.76 62.54
CA MET C 170 -21.62 -36.31 62.48
C MET C 170 -20.89 -35.90 61.19
N VAL C 171 -19.97 -36.75 60.79
CA VAL C 171 -19.24 -36.55 59.55
C VAL C 171 -20.16 -36.79 58.34
N ILE C 172 -20.93 -37.86 58.37
CA ILE C 172 -21.88 -38.17 57.30
C ILE C 172 -22.95 -37.10 57.12
N LEU C 173 -23.52 -36.63 58.24
CA LEU C 173 -24.54 -35.59 58.19
C LEU C 173 -24.02 -34.29 57.62
N LYS C 174 -22.72 -34.06 57.75
CA LYS C 174 -22.10 -32.85 57.22
C LYS C 174 -21.92 -32.96 55.71
N LEU C 175 -21.57 -34.16 55.26
CA LEU C 175 -21.44 -34.44 53.83
C LEU C 175 -22.81 -34.33 53.17
N LEU C 176 -23.82 -34.96 53.77
CA LEU C 176 -25.18 -34.82 53.25
C LEU C 176 -25.58 -33.36 53.08
N SER C 177 -25.37 -32.56 54.13
CA SER C 177 -25.71 -31.13 54.09
C SER C 177 -25.03 -30.40 52.94
N GLU C 178 -23.78 -30.77 52.66
CA GLU C 178 -23.01 -30.17 51.56
C GLU C 178 -23.53 -30.55 50.18
N GLU C 179 -23.88 -31.81 49.99
CA GLU C 179 -24.33 -32.31 48.69
C GLU C 179 -25.73 -31.82 48.40
N VAL C 180 -26.50 -31.62 49.46
CA VAL C 180 -27.90 -31.24 49.32
C VAL C 180 -28.10 -29.72 49.30
N PHE C 181 -27.25 -28.99 49.99
CA PHE C 181 -27.36 -27.53 49.96
C PHE C 181 -26.19 -26.87 49.24
N ASP C 182 -25.00 -26.96 49.81
CA ASP C 182 -23.83 -26.29 49.26
C ASP C 182 -23.50 -26.64 47.81
N PHE C 183 -23.62 -27.91 47.43
CA PHE C 183 -23.18 -28.35 46.09
C PHE C 183 -24.25 -28.98 45.20
N SER C 184 -25.49 -28.99 45.65
CA SER C 184 -26.57 -29.57 44.85
C SER C 184 -26.64 -29.00 43.43
N SER C 185 -26.48 -27.69 43.30
CA SER C 185 -26.54 -27.03 42.00
C SER C 185 -25.46 -27.55 41.06
N GLY C 186 -25.89 -28.15 39.95
CA GLY C 186 -24.95 -28.72 39.00
C GLY C 186 -24.97 -30.24 39.02
N GLN C 187 -24.97 -30.81 40.22
CA GLN C 187 -24.93 -32.25 40.35
C GLN C 187 -26.33 -32.86 40.53
N ILE C 188 -27.32 -32.01 40.78
CA ILE C 188 -28.67 -32.45 41.08
C ILE C 188 -29.70 -31.63 40.32
N THR C 189 -30.75 -32.28 39.84
CA THR C 189 -31.83 -31.57 39.17
C THR C 189 -32.59 -30.71 40.18
N GLN C 190 -33.15 -29.60 39.71
CA GLN C 190 -33.77 -28.63 40.60
C GLN C 190 -34.82 -29.26 41.53
N VAL C 191 -35.62 -30.14 40.96
CA VAL C 191 -36.72 -30.76 41.70
C VAL C 191 -36.25 -31.83 42.67
N LYS C 192 -35.15 -32.50 42.36
CA LYS C 192 -34.58 -33.51 43.24
C LYS C 192 -34.01 -32.83 44.47
N ALA C 193 -33.25 -31.75 44.23
CA ALA C 193 -32.71 -30.96 45.32
C ALA C 193 -33.82 -30.45 46.22
N LYS C 194 -34.82 -29.79 45.62
CA LYS C 194 -35.93 -29.24 46.41
C LYS C 194 -36.47 -30.30 47.36
N HIS C 195 -36.60 -31.52 46.86
CA HIS C 195 -37.14 -32.63 47.66
C HIS C 195 -36.19 -33.11 48.76
N LEU C 196 -34.90 -33.22 48.43
CA LEU C 196 -33.88 -33.56 49.42
C LEU C 196 -33.72 -32.41 50.41
N LYS C 197 -33.89 -31.20 49.91
CA LYS C 197 -33.77 -29.99 50.72
C LYS C 197 -34.79 -30.07 51.85
N ASP C 198 -36.06 -30.00 51.50
CA ASP C 198 -37.11 -29.97 52.51
C ASP C 198 -37.36 -31.32 53.15
N SER C 199 -36.63 -32.34 52.71
CA SER C 199 -36.66 -33.63 53.36
C SER C 199 -35.78 -33.56 54.61
N MET C 200 -34.57 -33.04 54.43
CA MET C 200 -33.62 -32.97 55.53
C MET C 200 -34.06 -31.92 56.54
N CYS C 201 -34.85 -30.96 56.08
CA CYS C 201 -35.42 -29.94 56.96
C CYS C 201 -36.52 -30.58 57.81
N ASN C 202 -37.27 -31.49 57.22
CA ASN C 202 -38.45 -32.09 57.84
C ASN C 202 -38.12 -32.92 59.08
N GLU C 203 -36.89 -33.39 59.18
CA GLU C 203 -36.46 -34.19 60.33
C GLU C 203 -35.12 -33.76 60.89
N PHE C 204 -34.81 -32.46 60.80
CA PHE C 204 -33.55 -31.95 61.30
C PHE C 204 -33.55 -31.80 62.82
N SER C 205 -34.68 -31.41 63.38
CA SER C 205 -34.84 -31.29 64.83
C SER C 205 -34.16 -32.47 65.54
N GLN C 206 -34.44 -33.67 65.05
CA GLN C 206 -33.88 -34.90 65.61
C GLN C 206 -32.37 -34.83 65.78
N ILE C 207 -31.68 -34.23 64.81
CA ILE C 207 -30.23 -34.23 64.83
C ILE C 207 -29.64 -33.01 65.54
N PHE C 208 -30.42 -31.94 65.60
CA PHE C 208 -30.03 -30.76 66.36
C PHE C 208 -29.96 -31.13 67.83
N GLN C 209 -30.82 -32.07 68.22
CA GLN C 209 -30.83 -32.57 69.60
C GLN C 209 -29.59 -33.42 69.86
N LEU C 210 -29.26 -34.29 68.92
CA LEU C 210 -28.05 -35.10 69.00
C LEU C 210 -26.84 -34.16 69.17
N CYS C 211 -26.78 -33.12 68.34
CA CYS C 211 -25.74 -32.13 68.44
C CYS C 211 -25.73 -31.48 69.82
N GLN C 212 -26.88 -30.95 70.23
CA GLN C 212 -26.98 -30.30 71.52
C GLN C 212 -26.55 -31.24 72.63
N PHE C 213 -27.08 -32.45 72.62
CA PHE C 213 -26.72 -33.47 73.60
C PHE C 213 -25.21 -33.69 73.61
N VAL C 214 -24.62 -33.84 72.44
CA VAL C 214 -23.18 -34.01 72.37
C VAL C 214 -22.52 -32.79 72.97
N MET C 215 -22.85 -31.61 72.44
CA MET C 215 -22.24 -30.37 72.88
C MET C 215 -22.22 -30.22 74.40
N GLU C 216 -23.34 -30.49 75.05
CA GLU C 216 -23.46 -30.26 76.50
C GLU C 216 -22.82 -31.35 77.36
N ASN C 217 -23.15 -32.61 77.08
CA ASN C 217 -22.62 -33.72 77.86
C ASN C 217 -21.25 -34.19 77.36
N SER C 218 -20.77 -33.53 76.31
CA SER C 218 -19.50 -33.84 75.67
C SER C 218 -18.35 -34.20 76.59
N GLN C 219 -17.38 -34.92 76.04
CA GLN C 219 -16.13 -35.22 76.73
C GLN C 219 -15.11 -35.78 75.72
N ASN C 220 -15.64 -36.31 74.62
CA ASN C 220 -14.81 -36.78 73.52
C ASN C 220 -14.40 -35.59 72.65
N ALA C 221 -13.20 -35.07 72.85
CA ALA C 221 -12.76 -33.87 72.13
C ALA C 221 -12.84 -34.01 70.62
N PRO C 222 -12.35 -35.13 70.08
CA PRO C 222 -12.52 -35.40 68.65
C PRO C 222 -13.98 -35.34 68.20
N LEU C 223 -14.86 -36.06 68.89
CA LEU C 223 -16.28 -36.04 68.58
C LEU C 223 -16.88 -34.63 68.69
N VAL C 224 -16.47 -33.88 69.70
CA VAL C 224 -17.00 -32.53 69.91
C VAL C 224 -16.65 -31.61 68.76
N HIS C 225 -15.40 -31.69 68.31
CA HIS C 225 -14.94 -30.85 67.22
C HIS C 225 -15.65 -31.21 65.93
N ALA C 226 -15.92 -32.50 65.74
CA ALA C 226 -16.64 -32.96 64.56
C ALA C 226 -18.08 -32.43 64.56
N THR C 227 -18.78 -32.64 65.67
CA THR C 227 -20.13 -32.10 65.85
C THR C 227 -20.09 -30.60 65.61
N LEU C 228 -19.01 -29.99 66.08
CA LEU C 228 -18.79 -28.57 65.90
C LEU C 228 -18.62 -28.26 64.41
N GLU C 229 -17.89 -29.13 63.71
CA GLU C 229 -17.60 -28.92 62.30
C GLU C 229 -18.78 -29.30 61.44
N THR C 230 -19.64 -30.16 61.95
CA THR C 230 -20.87 -30.50 61.25
C THR C 230 -21.87 -29.36 61.46
N LEU C 231 -21.72 -28.66 62.57
CA LEU C 231 -22.58 -27.53 62.91
C LEU C 231 -22.31 -26.35 61.98
N LEU C 232 -21.04 -26.16 61.62
CA LEU C 232 -20.66 -25.07 60.73
C LEU C 232 -21.34 -25.18 59.36
N ARG C 233 -21.66 -26.40 58.95
CA ARG C 233 -22.29 -26.61 57.65
C ARG C 233 -23.82 -26.52 57.73
N PHE C 234 -24.36 -26.80 58.92
CA PHE C 234 -25.80 -26.67 59.10
C PHE C 234 -26.20 -25.21 59.13
N LEU C 235 -25.40 -24.38 59.79
CA LEU C 235 -25.65 -22.95 59.88
C LEU C 235 -25.93 -22.31 58.51
N ASN C 236 -25.54 -22.99 57.44
CA ASN C 236 -25.78 -22.50 56.08
C ASN C 236 -27.25 -22.46 55.68
N TRP C 237 -28.10 -23.25 56.35
CA TRP C 237 -29.48 -23.42 55.91
C TRP C 237 -30.54 -23.69 56.99
N ILE C 238 -30.15 -24.28 58.13
CA ILE C 238 -31.14 -24.69 59.13
C ILE C 238 -31.98 -23.53 59.65
N PRO C 239 -33.31 -23.73 59.72
CA PRO C 239 -34.20 -22.65 60.15
C PRO C 239 -33.62 -21.88 61.32
N LEU C 240 -33.79 -20.57 61.32
CA LEU C 240 -33.16 -19.68 62.29
C LEU C 240 -33.71 -19.79 63.72
N GLY C 241 -34.80 -20.53 63.86
CA GLY C 241 -35.30 -20.86 65.19
C GLY C 241 -34.28 -21.70 65.93
N TYR C 242 -33.67 -22.66 65.24
CA TYR C 242 -32.65 -23.49 65.84
C TYR C 242 -31.45 -22.66 66.32
N ILE C 243 -31.28 -21.50 65.73
CA ILE C 243 -30.09 -20.68 65.96
C ILE C 243 -30.29 -19.65 67.06
N PHE C 244 -31.37 -18.88 66.95
CA PHE C 244 -31.62 -17.78 67.91
C PHE C 244 -32.64 -18.12 68.99
N GLU C 245 -33.09 -19.37 69.04
CA GLU C 245 -34.12 -19.75 69.99
C GLU C 245 -33.69 -20.93 70.83
N THR C 246 -32.38 -21.16 70.89
CA THR C 246 -31.83 -22.31 71.60
C THR C 246 -30.65 -21.86 72.45
N LYS C 247 -30.01 -22.80 73.13
CA LYS C 247 -28.86 -22.48 73.96
C LYS C 247 -27.60 -22.45 73.13
N LEU C 248 -27.78 -22.49 71.81
CA LEU C 248 -26.67 -22.64 70.85
C LEU C 248 -25.65 -21.51 70.93
N ILE C 249 -26.10 -20.28 70.75
CA ILE C 249 -25.21 -19.13 70.79
C ILE C 249 -24.46 -19.08 72.13
N SER C 250 -25.14 -19.50 73.20
CA SER C 250 -24.57 -19.52 74.54
C SER C 250 -23.53 -20.63 74.68
N THR C 251 -23.92 -21.85 74.34
CA THR C 251 -23.03 -23.00 74.39
C THR C 251 -21.72 -22.71 73.66
N LEU C 252 -21.84 -22.07 72.50
CA LEU C 252 -20.68 -21.70 71.72
C LEU C 252 -19.77 -20.78 72.51
N ILE C 253 -20.27 -19.60 72.86
CA ILE C 253 -19.46 -18.57 73.52
C ILE C 253 -18.90 -19.01 74.88
N TYR C 254 -19.71 -19.72 75.66
CA TYR C 254 -19.30 -20.15 77.01
C TYR C 254 -18.50 -21.45 77.03
N LYS C 255 -18.92 -22.42 76.23
CA LYS C 255 -18.35 -23.76 76.30
C LYS C 255 -17.07 -23.93 75.48
N PHE C 256 -17.09 -23.47 74.22
CA PHE C 256 -16.04 -23.84 73.28
C PHE C 256 -15.14 -22.70 72.78
N LEU C 257 -15.58 -21.46 72.93
CA LEU C 257 -14.81 -20.32 72.44
C LEU C 257 -13.54 -20.04 73.26
N ASN C 258 -13.60 -20.31 74.56
CA ASN C 258 -12.48 -20.01 75.44
C ASN C 258 -11.43 -21.12 75.50
N VAL C 259 -11.76 -22.28 74.94
CA VAL C 259 -10.79 -23.37 74.89
C VAL C 259 -10.06 -23.35 73.55
N PRO C 260 -8.72 -23.47 73.60
CA PRO C 260 -7.85 -23.48 72.43
C PRO C 260 -8.32 -24.38 71.28
N MET C 261 -8.49 -25.67 71.54
CA MET C 261 -8.77 -26.62 70.46
C MET C 261 -10.16 -26.51 69.83
N PHE C 262 -11.01 -25.62 70.35
CA PHE C 262 -12.31 -25.37 69.76
C PHE C 262 -12.46 -23.88 69.38
N ARG C 263 -11.46 -23.10 69.78
CA ARG C 263 -11.42 -21.66 69.55
C ARG C 263 -11.78 -21.26 68.11
N ASN C 264 -11.27 -21.99 67.13
CA ASN C 264 -11.44 -21.61 65.74
C ASN C 264 -12.80 -21.97 65.13
N VAL C 265 -13.17 -23.24 65.19
CA VAL C 265 -14.46 -23.67 64.68
C VAL C 265 -15.55 -22.82 65.32
N SER C 266 -15.38 -22.54 66.61
CA SER C 266 -16.35 -21.81 67.40
C SER C 266 -16.60 -20.43 66.80
N LEU C 267 -15.55 -19.64 66.70
CA LEU C 267 -15.63 -18.30 66.13
C LEU C 267 -16.25 -18.33 64.73
N LYS C 268 -15.82 -19.27 63.89
CA LYS C 268 -16.34 -19.38 62.54
C LYS C 268 -17.86 -19.53 62.52
N CYS C 269 -18.38 -20.28 63.48
CA CYS C 269 -19.83 -20.41 63.66
C CYS C 269 -20.44 -19.06 64.01
N LEU C 270 -19.88 -18.43 65.04
CA LEU C 270 -20.36 -17.13 65.46
C LEU C 270 -20.37 -16.19 64.27
N THR C 271 -19.40 -16.33 63.38
CA THR C 271 -19.33 -15.47 62.20
C THR C 271 -20.48 -15.74 61.24
N GLU C 272 -20.87 -17.00 61.09
CA GLU C 272 -21.98 -17.35 60.20
C GLU C 272 -23.29 -16.82 60.77
N ILE C 273 -23.50 -17.05 62.05
CA ILE C 273 -24.66 -16.48 62.74
C ILE C 273 -24.62 -14.96 62.65
N ALA C 274 -23.43 -14.39 62.78
CA ALA C 274 -23.26 -12.94 62.74
C ALA C 274 -23.63 -12.37 61.37
N GLY C 275 -23.50 -13.20 60.34
CA GLY C 275 -23.77 -12.77 58.98
C GLY C 275 -25.24 -12.61 58.67
N VAL C 276 -26.11 -13.23 59.47
CA VAL C 276 -27.55 -13.13 59.26
C VAL C 276 -28.04 -11.69 59.46
N SER C 277 -29.26 -11.40 59.03
CA SER C 277 -29.84 -10.06 59.14
C SER C 277 -30.62 -9.85 60.45
N VAL C 278 -30.25 -8.81 61.18
CA VAL C 278 -30.72 -8.57 62.56
C VAL C 278 -32.24 -8.48 62.77
N SER C 279 -32.97 -8.27 61.69
CA SER C 279 -34.42 -7.99 61.77
C SER C 279 -35.14 -8.60 62.97
N GLN C 280 -35.35 -9.91 62.93
CA GLN C 280 -36.21 -10.58 63.91
C GLN C 280 -35.51 -10.94 65.22
N TYR C 281 -34.21 -10.72 65.31
CA TYR C 281 -33.47 -11.19 66.49
C TYR C 281 -32.52 -10.14 67.08
N GLU C 282 -33.00 -8.90 67.16
CA GLU C 282 -32.22 -7.83 67.77
C GLU C 282 -31.62 -8.32 69.08
N GLU C 283 -32.46 -8.89 69.93
CA GLU C 283 -32.05 -9.40 71.23
C GLU C 283 -30.78 -10.22 71.07
N GLN C 284 -30.94 -11.42 70.52
CA GLN C 284 -29.86 -12.39 70.38
C GLN C 284 -28.57 -11.77 69.88
N PHE C 285 -28.65 -11.09 68.73
CA PHE C 285 -27.46 -10.49 68.14
C PHE C 285 -26.71 -9.64 69.15
N GLU C 286 -27.46 -8.76 69.83
CA GLU C 286 -26.86 -7.90 70.85
C GLU C 286 -26.17 -8.74 71.91
N THR C 287 -26.85 -9.80 72.33
CA THR C 287 -26.33 -10.74 73.32
C THR C 287 -25.10 -11.46 72.78
N LEU C 288 -25.23 -12.01 71.58
CA LEU C 288 -24.11 -12.62 70.89
C LEU C 288 -22.89 -11.71 70.98
N PHE C 289 -23.09 -10.45 70.60
CA PHE C 289 -22.03 -9.45 70.63
C PHE C 289 -21.48 -9.19 72.03
N THR C 290 -22.39 -9.03 73.00
CA THR C 290 -21.97 -8.77 74.37
C THR C 290 -21.07 -9.88 74.90
N LEU C 291 -21.57 -11.12 74.84
CA LEU C 291 -20.82 -12.26 75.34
C LEU C 291 -19.50 -12.44 74.62
N THR C 292 -19.51 -12.32 73.31
CA THR C 292 -18.31 -12.56 72.53
C THR C 292 -17.21 -11.64 72.99
N MET C 293 -17.53 -10.36 73.13
CA MET C 293 -16.54 -9.38 73.55
C MET C 293 -15.89 -9.74 74.89
N MET C 294 -16.71 -10.09 75.88
CA MET C 294 -16.18 -10.46 77.18
C MET C 294 -15.22 -11.64 77.08
N GLN C 295 -15.69 -12.74 76.48
CA GLN C 295 -14.88 -13.93 76.29
C GLN C 295 -13.61 -13.59 75.50
N LEU C 296 -13.74 -12.61 74.62
CA LEU C 296 -12.62 -12.19 73.77
C LEU C 296 -11.60 -11.41 74.59
N LYS C 297 -12.09 -10.44 75.37
CA LYS C 297 -11.21 -9.63 76.20
C LYS C 297 -10.32 -10.46 77.12
N GLN C 298 -10.72 -11.71 77.36
CA GLN C 298 -9.95 -12.62 78.19
C GLN C 298 -8.97 -13.41 77.35
N MET C 299 -9.38 -13.75 76.13
CA MET C 299 -8.53 -14.50 75.22
C MET C 299 -7.38 -13.65 74.69
N LEU C 300 -7.70 -12.40 74.32
CA LEU C 300 -6.71 -11.46 73.83
C LEU C 300 -6.74 -10.18 74.62
N PRO C 301 -5.74 -9.97 75.50
CA PRO C 301 -5.63 -8.70 76.22
C PRO C 301 -5.60 -7.53 75.25
N LEU C 302 -6.38 -6.49 75.53
CA LEU C 302 -6.50 -5.35 74.61
C LEU C 302 -5.19 -4.55 74.49
N ASN C 303 -4.13 -5.06 75.11
CA ASN C 303 -2.82 -4.43 74.99
C ASN C 303 -1.84 -5.28 74.17
N THR C 304 -2.21 -6.54 73.94
CA THR C 304 -1.35 -7.45 73.20
C THR C 304 -1.10 -6.93 71.79
N ASN C 305 0.16 -7.01 71.38
CA ASN C 305 0.55 -6.64 70.02
C ASN C 305 0.21 -7.78 69.08
N ILE C 306 -0.96 -7.70 68.44
CA ILE C 306 -1.41 -8.74 67.52
C ILE C 306 -0.41 -8.94 66.37
N ARG C 307 0.03 -7.84 65.76
CA ARG C 307 1.02 -7.91 64.70
C ARG C 307 2.17 -8.83 65.11
N LEU C 308 2.62 -8.70 66.35
CA LEU C 308 3.70 -9.53 66.85
C LEU C 308 3.20 -10.95 67.08
N ALA C 309 2.09 -11.08 67.78
CA ALA C 309 1.51 -12.38 68.05
C ALA C 309 1.39 -13.14 66.75
N TYR C 310 0.86 -12.48 65.72
CA TYR C 310 0.72 -13.09 64.41
C TYR C 310 2.08 -13.44 63.83
N SER C 311 2.97 -12.46 63.81
CA SER C 311 4.28 -12.61 63.21
C SER C 311 5.03 -13.81 63.78
N ASN C 312 4.99 -13.97 65.09
CA ASN C 312 5.66 -15.08 65.76
C ASN C 312 4.68 -16.18 66.12
N GLY C 313 3.47 -16.09 65.58
CA GLY C 313 2.44 -17.07 65.88
C GLY C 313 2.66 -18.35 65.11
N LYS C 314 1.79 -19.32 65.34
CA LYS C 314 1.88 -20.60 64.64
C LYS C 314 0.70 -20.75 63.70
N ASP C 315 0.42 -21.96 63.26
CA ASP C 315 -0.61 -22.19 62.26
C ASP C 315 -2.03 -22.12 62.85
N ASP C 316 -2.13 -22.01 64.17
CA ASP C 316 -3.43 -22.07 64.85
C ASP C 316 -3.87 -20.72 65.40
N GLU C 317 -2.91 -19.91 65.85
CA GLU C 317 -3.23 -18.59 66.35
C GLU C 317 -3.28 -17.58 65.21
N GLN C 318 -2.66 -17.93 64.10
CA GLN C 318 -2.73 -17.09 62.90
C GLN C 318 -4.11 -17.21 62.29
N ASN C 319 -4.64 -18.43 62.23
CA ASN C 319 -5.98 -18.62 61.72
C ASN C 319 -7.03 -18.05 62.67
N PHE C 320 -6.71 -18.00 63.94
CA PHE C 320 -7.63 -17.41 64.90
C PHE C 320 -7.72 -15.91 64.68
N ILE C 321 -6.55 -15.27 64.56
CA ILE C 321 -6.49 -13.84 64.32
C ILE C 321 -7.30 -13.46 63.09
N GLN C 322 -6.99 -14.12 61.97
CA GLN C 322 -7.72 -13.86 60.72
C GLN C 322 -9.21 -14.03 60.94
N ASN C 323 -9.61 -15.17 61.49
CA ASN C 323 -11.00 -15.46 61.79
C ASN C 323 -11.62 -14.38 62.68
N LEU C 324 -10.83 -13.89 63.61
CA LEU C 324 -11.29 -12.82 64.49
C LEU C 324 -11.61 -11.61 63.65
N SER C 325 -10.77 -11.36 62.66
CA SER C 325 -10.92 -10.21 61.79
C SER C 325 -12.15 -10.36 60.93
N LEU C 326 -12.52 -11.62 60.66
CA LEU C 326 -13.69 -11.92 59.84
C LEU C 326 -14.96 -11.82 60.66
N PHE C 327 -14.89 -12.22 61.92
CA PHE C 327 -16.04 -12.08 62.82
C PHE C 327 -16.35 -10.59 63.04
N LEU C 328 -15.34 -9.85 63.51
CA LEU C 328 -15.52 -8.43 63.78
C LEU C 328 -16.07 -7.65 62.58
N CYS C 329 -15.44 -7.80 61.42
CA CYS C 329 -15.86 -7.06 60.22
C CYS C 329 -17.30 -7.40 59.80
N THR C 330 -17.63 -8.69 59.77
CA THR C 330 -18.95 -9.12 59.35
C THR C 330 -20.03 -8.59 60.27
N PHE C 331 -19.75 -8.55 61.57
CA PHE C 331 -20.74 -8.16 62.54
C PHE C 331 -20.93 -6.66 62.54
N LEU C 332 -19.83 -5.93 62.53
CA LEU C 332 -19.92 -4.48 62.49
C LEU C 332 -20.57 -4.06 61.19
N LYS C 333 -20.40 -4.87 60.14
CA LYS C 333 -21.01 -4.56 58.86
C LYS C 333 -22.52 -4.73 58.95
N GLU C 334 -22.96 -5.90 59.40
CA GLU C 334 -24.38 -6.21 59.34
C GLU C 334 -25.19 -5.58 60.47
N HIS C 335 -24.64 -5.56 61.68
CA HIS C 335 -25.38 -5.09 62.86
C HIS C 335 -24.80 -3.81 63.44
N GLY C 336 -24.00 -3.11 62.65
CA GLY C 336 -23.29 -1.93 63.12
C GLY C 336 -24.15 -0.89 63.81
N GLN C 337 -25.17 -0.40 63.11
CA GLN C 337 -26.02 0.67 63.62
C GLN C 337 -26.83 0.21 64.84
N LEU C 338 -26.95 -1.11 65.01
CA LEU C 338 -27.61 -1.68 66.17
C LEU C 338 -26.75 -1.53 67.43
N LEU C 339 -25.44 -1.49 67.24
CA LEU C 339 -24.53 -1.26 68.36
C LEU C 339 -24.47 0.24 68.66
N GLU C 340 -24.74 1.05 67.65
CA GLU C 340 -24.74 2.52 67.79
C GLU C 340 -25.96 3.01 68.55
N LYS C 341 -27.13 2.57 68.10
CA LYS C 341 -28.39 3.10 68.61
C LYS C 341 -28.65 2.75 70.07
N ARG C 342 -28.03 1.68 70.56
CA ARG C 342 -28.13 1.34 71.97
C ARG C 342 -26.95 1.89 72.77
N LEU C 343 -27.22 2.53 73.90
CA LEU C 343 -26.18 3.22 74.67
C LEU C 343 -25.41 2.26 75.57
N ASN C 344 -26.08 1.17 75.95
CA ASN C 344 -25.49 0.19 76.87
C ASN C 344 -24.49 -0.73 76.18
N LEU C 345 -24.34 -0.55 74.87
CA LEU C 345 -23.50 -1.42 74.05
C LEU C 345 -22.33 -0.66 73.43
N ARG C 346 -22.28 0.65 73.68
CA ARG C 346 -21.27 1.48 73.03
C ARG C 346 -19.86 1.23 73.55
N GLU C 347 -19.73 0.65 74.74
CA GLU C 347 -18.41 0.35 75.27
C GLU C 347 -17.79 -0.80 74.48
N ALA C 348 -18.53 -1.89 74.36
CA ALA C 348 -18.08 -3.05 73.63
C ALA C 348 -17.84 -2.73 72.16
N LEU C 349 -18.50 -1.69 71.66
CA LEU C 349 -18.30 -1.24 70.28
C LEU C 349 -16.93 -0.61 70.13
N MET C 350 -16.56 0.18 71.12
CA MET C 350 -15.24 0.81 71.15
C MET C 350 -14.13 -0.23 71.36
N GLU C 351 -14.42 -1.29 72.10
CA GLU C 351 -13.47 -2.39 72.29
C GLU C 351 -13.25 -3.15 70.98
N ALA C 352 -14.34 -3.40 70.27
CA ALA C 352 -14.30 -4.12 69.01
C ALA C 352 -13.56 -3.35 67.95
N LEU C 353 -13.79 -2.03 67.93
CA LEU C 353 -13.13 -1.13 67.00
C LEU C 353 -11.64 -1.05 67.30
N HIS C 354 -11.30 -1.21 68.58
CA HIS C 354 -9.92 -1.26 69.02
C HIS C 354 -9.24 -2.53 68.51
N TYR C 355 -9.93 -3.66 68.62
CA TYR C 355 -9.40 -4.90 68.08
C TYR C 355 -9.16 -4.73 66.57
N MET C 356 -10.15 -4.18 65.87
CA MET C 356 -9.99 -3.88 64.44
C MET C 356 -8.68 -3.14 64.17
N LEU C 357 -8.35 -2.22 65.05
CA LEU C 357 -7.16 -1.39 64.91
C LEU C 357 -5.85 -2.15 65.18
N LEU C 358 -5.85 -3.00 66.18
CA LEU C 358 -4.70 -3.84 66.43
C LEU C 358 -4.52 -4.82 65.27
N VAL C 359 -5.57 -5.58 64.98
CA VAL C 359 -5.51 -6.58 63.93
C VAL C 359 -5.16 -5.96 62.57
N SER C 360 -5.43 -4.67 62.43
CA SER C 360 -5.13 -3.93 61.20
C SER C 360 -3.65 -3.63 61.07
N GLU C 361 -2.89 -3.91 62.11
CA GLU C 361 -1.46 -3.69 62.05
C GLU C 361 -0.70 -4.98 61.71
N VAL C 362 -1.42 -6.09 61.68
CA VAL C 362 -0.85 -7.35 61.20
C VAL C 362 -0.27 -7.13 59.80
N GLU C 363 0.97 -7.56 59.61
CA GLU C 363 1.62 -7.38 58.32
C GLU C 363 1.35 -8.58 57.41
N GLU C 364 0.06 -8.83 57.16
CA GLU C 364 -0.37 -9.93 56.30
C GLU C 364 -1.50 -9.45 55.41
N THR C 365 -1.26 -9.45 54.10
CA THR C 365 -2.16 -8.78 53.15
C THR C 365 -3.63 -9.19 53.22
N GLU C 366 -3.91 -10.49 53.35
CA GLU C 366 -5.30 -10.93 53.32
C GLU C 366 -6.06 -10.53 54.57
N ILE C 367 -5.36 -10.38 55.69
CA ILE C 367 -6.00 -9.93 56.93
C ILE C 367 -6.29 -8.45 56.82
N PHE C 368 -5.35 -7.73 56.24
CA PHE C 368 -5.49 -6.29 56.08
C PHE C 368 -6.64 -5.94 55.14
N LYS C 369 -6.82 -6.72 54.08
CA LYS C 369 -7.91 -6.47 53.13
C LYS C 369 -9.27 -6.67 53.81
N ILE C 370 -9.32 -7.57 54.78
CA ILE C 370 -10.56 -7.79 55.51
C ILE C 370 -10.90 -6.57 56.37
N CYS C 371 -9.93 -6.09 57.15
CA CYS C 371 -10.12 -4.89 57.98
C CYS C 371 -10.42 -3.68 57.10
N LEU C 372 -9.65 -3.55 56.02
CA LEU C 372 -9.82 -2.46 55.06
C LEU C 372 -11.24 -2.43 54.50
N GLU C 373 -11.83 -3.60 54.30
CA GLU C 373 -13.20 -3.66 53.83
C GLU C 373 -14.17 -2.97 54.79
N TYR C 374 -13.98 -3.17 56.10
CA TYR C 374 -14.80 -2.49 57.08
C TYR C 374 -14.53 -0.99 57.15
N TRP C 375 -13.26 -0.61 57.24
CA TRP C 375 -12.94 0.81 57.37
C TRP C 375 -13.52 1.60 56.21
N ASN C 376 -13.43 1.04 55.00
CA ASN C 376 -13.99 1.66 53.81
C ASN C 376 -15.49 1.78 53.96
N HIS C 377 -16.06 0.76 54.58
CA HIS C 377 -17.49 0.73 54.83
C HIS C 377 -17.94 1.82 55.82
N LEU C 378 -17.29 1.88 56.98
CA LEU C 378 -17.59 2.90 57.98
C LEU C 378 -17.47 4.30 57.38
N ALA C 379 -16.33 4.57 56.77
CA ALA C 379 -16.07 5.86 56.16
C ALA C 379 -17.12 6.22 55.10
N ALA C 380 -17.42 5.28 54.21
CA ALA C 380 -18.45 5.50 53.19
C ALA C 380 -19.80 5.81 53.83
N GLU C 381 -20.10 5.12 54.94
CA GLU C 381 -21.36 5.30 55.66
C GLU C 381 -21.45 6.66 56.32
N LEU C 382 -20.34 7.10 56.91
CA LEU C 382 -20.30 8.39 57.59
C LEU C 382 -20.22 9.53 56.59
N TYR C 383 -19.68 9.24 55.41
CA TYR C 383 -19.64 10.21 54.33
C TYR C 383 -21.02 10.37 53.71
N ARG C 384 -21.79 9.29 53.64
CA ARG C 384 -23.17 9.39 53.16
C ARG C 384 -24.07 10.15 54.14
N GLU C 385 -23.75 10.03 55.43
CA GLU C 385 -24.45 10.77 56.48
C GLU C 385 -24.17 12.25 56.32
N SER C 386 -22.92 12.57 56.05
CA SER C 386 -22.51 13.95 55.80
C SER C 386 -21.09 13.98 55.25
N PRO C 387 -20.91 14.58 54.06
CA PRO C 387 -19.60 14.66 53.42
C PRO C 387 -18.85 15.98 53.69
N PHE C 388 -19.17 16.66 54.76
CA PHE C 388 -18.53 17.95 55.04
C PHE C 388 -17.74 17.98 56.34
N SER C 389 -16.83 18.95 56.45
CA SER C 389 -16.06 19.14 57.66
C SER C 389 -16.88 19.97 58.64
N THR C 390 -16.69 19.72 59.94
CA THR C 390 -17.41 20.45 60.98
C THR C 390 -16.90 21.90 61.05
N SER C 391 -17.57 22.75 61.84
CA SER C 391 -17.19 24.16 61.97
C SER C 391 -15.75 24.40 62.43
N ALA C 392 -15.31 25.66 62.31
CA ALA C 392 -14.00 26.10 62.81
C ALA C 392 -13.68 25.60 64.22
N SER C 393 -12.50 25.98 64.72
CA SER C 393 -11.98 25.44 65.98
C SER C 393 -12.78 25.78 67.26
N PRO C 394 -13.26 27.04 67.39
CA PRO C 394 -14.09 27.39 68.56
C PRO C 394 -15.56 27.39 68.18
N LEU C 395 -16.41 27.02 69.13
CA LEU C 395 -17.84 26.93 68.88
C LEU C 395 -18.51 28.26 69.20
N LEU C 396 -18.66 29.10 68.17
CA LEU C 396 -19.13 30.47 68.37
C LEU C 396 -20.35 30.58 69.28
N SER C 397 -20.40 31.68 70.03
CA SER C 397 -21.47 32.00 70.99
C SER C 397 -21.45 31.15 72.27
N GLY C 398 -20.32 30.49 72.53
CA GLY C 398 -20.15 29.71 73.74
C GLY C 398 -20.56 28.24 73.63
N SER C 399 -21.82 28.01 73.28
CA SER C 399 -22.36 26.64 73.22
C SER C 399 -21.63 25.75 72.22
N GLN C 400 -21.39 24.49 72.60
CA GLN C 400 -20.72 23.52 71.74
C GLN C 400 -21.54 23.21 70.49
N HIS C 401 -21.00 23.56 69.32
CA HIS C 401 -21.80 23.57 68.10
C HIS C 401 -22.40 22.25 67.67
N PHE C 402 -23.49 22.35 66.92
CA PHE C 402 -24.40 21.28 66.57
C PHE C 402 -24.03 20.68 65.23
N ASP C 403 -22.90 21.11 64.70
CA ASP C 403 -22.45 20.68 63.38
C ASP C 403 -22.32 19.16 63.26
N ILE C 404 -21.87 18.51 64.32
CA ILE C 404 -21.47 17.11 64.26
C ILE C 404 -22.62 16.11 64.06
N PRO C 405 -22.68 15.47 62.88
CA PRO C 405 -23.69 14.44 62.63
C PRO C 405 -23.64 13.37 63.72
N PRO C 406 -24.81 12.84 64.10
CA PRO C 406 -25.00 11.98 65.28
C PRO C 406 -24.12 10.72 65.28
N ARG C 407 -24.01 10.06 64.15
CA ARG C 407 -23.28 8.80 64.07
C ARG C 407 -21.78 9.04 64.11
N ARG C 408 -21.36 10.09 63.42
CA ARG C 408 -19.97 10.45 63.29
C ARG C 408 -19.35 10.81 64.65
N GLN C 409 -20.19 11.34 65.54
CA GLN C 409 -19.71 11.77 66.84
C GLN C 409 -19.05 10.60 67.56
N LEU C 410 -19.71 9.45 67.53
CA LEU C 410 -19.26 8.24 68.20
C LEU C 410 -17.93 7.71 67.69
N TYR C 411 -17.53 8.14 66.49
CA TYR C 411 -16.32 7.61 65.87
C TYR C 411 -15.15 8.61 65.78
N LEU C 412 -15.40 9.85 66.15
CA LEU C 412 -14.39 10.91 66.05
C LEU C 412 -12.94 10.41 66.18
N THR C 413 -12.63 9.74 67.27
CA THR C 413 -11.25 9.43 67.62
C THR C 413 -10.75 8.18 66.92
N VAL C 414 -11.66 7.27 66.59
CA VAL C 414 -11.31 6.10 65.79
C VAL C 414 -11.05 6.51 64.33
N LEU C 415 -11.86 7.42 63.82
CA LEU C 415 -11.64 7.92 62.46
C LEU C 415 -10.21 8.44 62.33
N SER C 416 -9.73 9.09 63.38
CA SER C 416 -8.41 9.67 63.40
C SER C 416 -7.32 8.61 63.35
N LYS C 417 -7.54 7.50 64.06
CA LYS C 417 -6.59 6.40 64.07
C LYS C 417 -6.61 5.64 62.74
N VAL C 418 -7.80 5.58 62.11
CA VAL C 418 -7.92 5.01 60.77
C VAL C 418 -7.17 5.84 59.73
N ARG C 419 -7.33 7.17 59.77
CA ARG C 419 -6.53 8.05 58.92
C ARG C 419 -5.06 7.74 59.08
N LEU C 420 -4.62 7.61 60.33
CA LEU C 420 -3.23 7.34 60.63
C LEU C 420 -2.84 6.00 60.03
N LEU C 421 -3.81 5.08 59.94
CA LEU C 421 -3.57 3.78 59.37
C LEU C 421 -3.40 3.87 57.86
N MET C 422 -4.27 4.65 57.22
CA MET C 422 -4.24 4.81 55.77
C MET C 422 -2.95 5.47 55.29
N VAL C 423 -2.49 6.44 56.06
CA VAL C 423 -1.26 7.17 55.76
C VAL C 423 -0.05 6.27 55.98
N SER C 424 -0.09 5.54 57.09
CA SER C 424 1.04 4.72 57.55
C SER C 424 1.32 3.48 56.69
N ARG C 425 0.29 2.93 56.07
CA ARG C 425 0.44 1.71 55.31
C ARG C 425 0.02 1.86 53.86
N MET C 426 -0.10 3.09 53.40
CA MET C 426 -0.65 3.31 52.06
C MET C 426 0.02 2.38 51.06
N ALA C 427 -0.80 1.78 50.20
CA ALA C 427 -0.27 0.87 49.20
C ALA C 427 0.39 1.61 48.04
N LYS C 428 1.18 0.85 47.28
CA LYS C 428 1.80 1.34 46.06
C LYS C 428 0.74 1.64 45.02
N PRO C 429 0.69 2.89 44.55
CA PRO C 429 -0.30 3.36 43.58
C PRO C 429 -0.10 2.79 42.17
N GLU C 430 1.07 2.21 41.90
CA GLU C 430 1.38 1.79 40.54
C GLU C 430 2.09 0.44 40.54
N GLU C 431 1.68 -0.41 39.61
CA GLU C 431 2.22 -1.76 39.47
C GLU C 431 3.01 -1.87 38.17
N VAL C 432 4.30 -1.57 38.24
CA VAL C 432 5.14 -1.64 37.05
C VAL C 432 5.91 -2.95 37.12
N LEU C 433 6.13 -3.56 35.96
CA LEU C 433 6.76 -4.88 35.89
C LEU C 433 7.66 -4.92 34.66
N VAL C 434 8.87 -5.44 34.81
CA VAL C 434 9.71 -5.60 33.63
C VAL C 434 9.33 -6.88 32.89
N VAL C 435 8.98 -6.76 31.61
CA VAL C 435 8.44 -7.87 30.83
C VAL C 435 9.09 -8.05 29.46
N GLU C 436 9.62 -9.23 29.19
CA GLU C 436 10.13 -9.54 27.86
C GLU C 436 8.99 -10.10 26.99
N ASN C 437 8.71 -9.43 25.87
CA ASN C 437 7.58 -9.80 25.02
C ASN C 437 7.83 -11.02 24.13
N ASP C 438 7.03 -11.16 23.07
CA ASP C 438 7.16 -12.28 22.14
C ASP C 438 8.47 -12.20 21.35
N GLN C 439 9.33 -11.29 21.79
CA GLN C 439 10.62 -11.08 21.14
C GLN C 439 11.64 -10.69 22.20
N GLY C 440 12.90 -10.56 21.80
CA GLY C 440 13.96 -10.19 22.73
C GLY C 440 13.78 -8.81 23.34
N GLU C 441 12.60 -8.22 23.17
CA GLU C 441 12.33 -6.88 23.70
C GLU C 441 11.86 -6.91 25.15
N VAL C 442 12.52 -6.10 25.97
CA VAL C 442 12.25 -6.04 27.41
C VAL C 442 11.81 -4.64 27.84
N VAL C 443 10.53 -4.34 27.67
CA VAL C 443 9.99 -3.05 28.07
C VAL C 443 9.48 -3.06 29.52
N ARG C 444 8.77 -2.01 29.89
CA ARG C 444 8.12 -1.93 31.19
C ARG C 444 6.61 -2.04 30.99
N GLU C 445 5.98 -2.98 31.68
CA GLU C 445 4.55 -3.18 31.56
C GLU C 445 3.85 -2.71 32.82
N PHE C 446 2.84 -1.85 32.63
CA PHE C 446 2.03 -1.31 33.69
C PHE C 446 0.80 -2.17 33.85
N MET C 447 0.60 -2.78 35.03
CA MET C 447 -0.62 -3.56 35.21
C MET C 447 -1.77 -2.57 35.37
N LYS C 448 -2.99 -3.06 35.27
CA LYS C 448 -4.16 -2.20 35.27
C LYS C 448 -5.08 -2.49 36.46
N ASP C 449 -5.43 -3.76 36.63
CA ASP C 449 -6.35 -4.15 37.70
C ASP C 449 -5.80 -5.34 38.47
N THR C 450 -4.71 -5.17 39.20
CA THR C 450 -4.21 -6.27 40.01
C THR C 450 -4.77 -6.16 41.41
N ASP C 451 -4.77 -7.27 42.15
CA ASP C 451 -5.21 -7.24 43.54
C ASP C 451 -4.45 -6.13 44.27
N SER C 452 -3.18 -5.99 43.95
CA SER C 452 -2.34 -4.95 44.56
C SER C 452 -2.85 -3.54 44.26
N ILE C 453 -3.21 -3.28 43.01
CA ILE C 453 -3.70 -1.97 42.62
C ILE C 453 -5.04 -1.69 43.29
N ASN C 454 -5.82 -2.75 43.46
CA ASN C 454 -7.11 -2.66 44.11
C ASN C 454 -7.00 -2.31 45.59
N LEU C 455 -5.99 -2.86 46.24
CA LEU C 455 -5.71 -2.52 47.62
C LEU C 455 -5.48 -1.03 47.68
N TYR C 456 -4.69 -0.53 46.73
CA TYR C 456 -4.37 0.89 46.69
C TYR C 456 -5.61 1.79 46.50
N LYS C 457 -6.45 1.46 45.53
CA LYS C 457 -7.65 2.22 45.26
C LYS C 457 -8.50 2.31 46.52
N ASN C 458 -8.61 1.18 47.21
CA ASN C 458 -9.47 1.03 48.37
C ASN C 458 -8.95 1.78 49.58
N MET C 459 -7.63 1.87 49.70
CA MET C 459 -7.03 2.60 50.79
C MET C 459 -7.22 4.08 50.48
N ARG C 460 -6.92 4.46 49.24
CA ARG C 460 -7.14 5.81 48.79
C ARG C 460 -8.56 6.25 49.10
N GLU C 461 -9.53 5.44 48.68
CA GLU C 461 -10.92 5.80 48.81
C GLU C 461 -11.27 5.98 50.29
N THR C 462 -10.79 5.06 51.12
CA THR C 462 -11.01 5.20 52.56
C THR C 462 -10.47 6.54 53.04
N LEU C 463 -9.20 6.82 52.71
CA LEU C 463 -8.53 8.03 53.15
C LEU C 463 -9.23 9.26 52.58
N VAL C 464 -9.75 9.12 51.37
CA VAL C 464 -10.38 10.23 50.68
C VAL C 464 -11.70 10.60 51.34
N TYR C 465 -12.51 9.60 51.70
CA TYR C 465 -13.71 9.88 52.50
C TYR C 465 -13.34 10.64 53.77
N LEU C 466 -12.38 10.10 54.52
CA LEU C 466 -12.05 10.62 55.83
C LEU C 466 -11.47 12.03 55.76
N THR C 467 -11.06 12.44 54.58
CA THR C 467 -10.42 13.72 54.40
C THR C 467 -11.51 14.77 54.13
N HIS C 468 -12.63 14.27 53.62
CA HIS C 468 -13.80 15.10 53.42
C HIS C 468 -14.46 15.39 54.76
N LEU C 469 -14.41 14.43 55.67
CA LEU C 469 -15.01 14.56 57.01
C LEU C 469 -14.15 15.32 58.00
N ASP C 470 -12.83 15.36 57.76
CA ASP C 470 -11.90 16.15 58.54
C ASP C 470 -10.54 16.24 57.85
N TYR C 471 -10.43 17.13 56.87
CA TYR C 471 -9.20 17.29 56.15
C TYR C 471 -8.09 17.88 57.04
N VAL C 472 -8.46 18.67 58.03
CA VAL C 472 -7.47 19.25 58.93
C VAL C 472 -6.70 18.18 59.70
N ASP C 473 -7.39 17.10 60.06
CA ASP C 473 -6.78 15.97 60.76
C ASP C 473 -5.87 15.19 59.81
N THR C 474 -6.24 15.17 58.54
CA THR C 474 -5.48 14.46 57.53
C THR C 474 -4.19 15.20 57.26
N GLU C 475 -4.27 16.52 57.31
CA GLU C 475 -3.13 17.36 57.01
C GLU C 475 -2.20 17.45 58.20
N ILE C 476 -2.73 17.26 59.39
CA ILE C 476 -1.92 17.29 60.59
C ILE C 476 -1.19 15.98 60.77
N ILE C 477 -1.89 14.90 60.46
CA ILE C 477 -1.25 13.59 60.45
C ILE C 477 -0.15 13.54 59.38
N MET C 478 -0.44 14.05 58.19
CA MET C 478 0.53 14.00 57.11
C MET C 478 1.73 14.91 57.35
N THR C 479 1.48 16.00 58.06
CA THR C 479 2.51 16.98 58.37
C THR C 479 3.46 16.46 59.43
N LYS C 480 2.90 15.87 60.48
CA LYS C 480 3.70 15.24 61.53
C LYS C 480 4.61 14.18 60.93
N LYS C 481 4.04 13.33 60.09
CA LYS C 481 4.83 12.26 59.51
C LYS C 481 5.95 12.80 58.63
N LEU C 482 5.66 13.90 57.92
CA LEU C 482 6.68 14.56 57.14
C LEU C 482 7.83 15.02 58.02
N GLN C 483 7.51 15.66 59.14
CA GLN C 483 8.53 16.18 60.05
C GLN C 483 9.39 15.08 60.65
N ASN C 484 8.75 13.95 60.94
CA ASN C 484 9.43 12.77 61.44
C ASN C 484 10.40 12.20 60.41
N GLN C 485 10.26 12.67 59.17
CA GLN C 485 11.21 12.33 58.11
C GLN C 485 12.33 13.33 58.12
N VAL C 486 11.98 14.61 58.13
CA VAL C 486 12.94 15.70 58.06
C VAL C 486 13.90 15.76 59.25
N ASN C 487 13.37 15.52 60.45
CA ASN C 487 14.20 15.60 61.65
C ASN C 487 13.90 14.45 62.60
N GLY C 488 12.61 14.26 62.88
CA GLY C 488 12.16 13.23 63.80
C GLY C 488 12.68 11.83 63.46
N THR C 489 13.59 11.78 62.48
CA THR C 489 14.17 10.53 62.03
C THR C 489 13.29 9.34 62.33
N GLU C 490 12.14 9.35 61.68
CA GLU C 490 11.36 8.14 61.42
C GLU C 490 11.79 7.80 59.99
N TRP C 491 12.96 8.33 59.62
CA TRP C 491 13.45 8.31 58.24
C TRP C 491 13.68 6.91 57.68
N SER C 492 13.50 6.81 56.37
CA SER C 492 13.74 5.59 55.61
C SER C 492 13.05 5.78 54.27
N TRP C 493 13.43 4.99 53.27
CA TRP C 493 12.83 5.14 51.95
C TRP C 493 11.44 4.52 51.92
N LYS C 494 11.30 3.38 52.59
CA LYS C 494 10.01 2.70 52.65
C LYS C 494 8.97 3.62 53.26
N ASN C 495 9.36 4.35 54.29
CA ASN C 495 8.43 5.22 55.00
C ASN C 495 8.15 6.52 54.28
N LEU C 496 9.17 7.06 53.62
CA LEU C 496 8.99 8.30 52.88
C LEU C 496 8.15 8.04 51.64
N ASN C 497 8.35 6.87 51.04
CA ASN C 497 7.54 6.46 49.90
C ASN C 497 6.08 6.37 50.30
N THR C 498 5.83 5.70 51.42
CA THR C 498 4.48 5.49 51.91
C THR C 498 3.80 6.81 52.24
N LEU C 499 4.55 7.75 52.81
CA LEU C 499 4.02 9.08 53.13
C LEU C 499 3.58 9.84 51.88
N CYS C 500 4.40 9.73 50.83
CA CYS C 500 4.17 10.48 49.62
C CYS C 500 3.10 9.83 48.76
N TRP C 501 2.94 8.52 48.89
CA TRP C 501 1.85 7.83 48.18
C TRP C 501 0.53 8.29 48.79
N ALA C 502 0.47 8.31 50.11
CA ALA C 502 -0.71 8.84 50.82
C ALA C 502 -0.97 10.29 50.44
N ILE C 503 0.09 11.10 50.48
CA ILE C 503 -0.04 12.51 50.16
C ILE C 503 -0.61 12.70 48.76
N GLY C 504 -0.24 11.78 47.85
CA GLY C 504 -0.65 11.87 46.47
C GLY C 504 -2.04 11.30 46.23
N SER C 505 -2.46 10.43 47.15
CA SER C 505 -3.73 9.72 47.01
C SER C 505 -4.93 10.63 47.20
N ILE C 506 -4.77 11.70 47.95
CA ILE C 506 -5.92 12.51 48.33
C ILE C 506 -6.11 13.73 47.44
N SER C 507 -5.37 13.78 46.33
CA SER C 507 -5.51 14.83 45.33
C SER C 507 -6.98 15.05 44.92
N GLY C 508 -7.48 16.26 45.15
CA GLY C 508 -8.86 16.58 44.82
C GLY C 508 -9.83 16.38 45.98
N ALA C 509 -9.34 15.97 47.15
CA ALA C 509 -10.21 15.82 48.31
C ALA C 509 -10.22 17.08 49.20
N MET C 510 -9.35 18.04 48.88
CA MET C 510 -9.33 19.34 49.55
C MET C 510 -9.74 20.48 48.61
N HIS C 511 -10.15 21.59 49.20
N HIS C 511 -10.13 21.61 49.20
CA HIS C 511 -10.45 22.77 48.40
CA HIS C 511 -10.46 22.82 48.46
C HIS C 511 -9.15 23.31 47.83
C HIS C 511 -9.17 23.41 47.88
N GLU C 512 -9.20 23.81 46.60
CA GLU C 512 -8.02 24.25 45.88
C GLU C 512 -7.10 25.15 46.72
N GLU C 513 -7.72 25.97 47.56
CA GLU C 513 -7.00 26.94 48.38
C GLU C 513 -6.25 26.29 49.53
N ASP C 514 -6.90 25.32 50.18
CA ASP C 514 -6.21 24.50 51.17
C ASP C 514 -5.12 23.67 50.53
N GLU C 515 -5.42 23.14 49.35
CA GLU C 515 -4.48 22.38 48.57
C GLU C 515 -3.18 23.15 48.35
N LYS C 516 -3.29 24.39 47.93
CA LYS C 516 -2.13 25.24 47.69
C LYS C 516 -1.22 25.32 48.91
N ARG C 517 -1.81 25.78 50.03
CA ARG C 517 -1.07 25.96 51.29
C ARG C 517 -0.40 24.69 51.74
N PHE C 518 -1.08 23.58 51.47
CA PHE C 518 -0.63 22.29 51.95
C PHE C 518 0.55 21.79 51.12
N LEU C 519 0.40 21.90 49.80
CA LEU C 519 1.45 21.52 48.88
C LEU C 519 2.67 22.41 48.97
N VAL C 520 2.49 23.68 49.30
CA VAL C 520 3.66 24.53 49.43
C VAL C 520 4.47 24.09 50.64
N THR C 521 3.78 23.63 51.68
CA THR C 521 4.43 23.14 52.88
C THR C 521 5.10 21.75 52.68
N VAL C 522 4.46 20.92 51.87
CA VAL C 522 4.93 19.55 51.70
C VAL C 522 6.21 19.50 50.89
N ILE C 523 6.27 20.31 49.83
CA ILE C 523 7.40 20.28 48.92
C ILE C 523 8.54 21.22 49.26
N LYS C 524 8.24 22.32 49.96
CA LYS C 524 9.28 23.24 50.46
C LYS C 524 10.19 22.46 51.41
N ASP C 525 9.59 21.54 52.16
CA ASP C 525 10.37 20.78 53.13
C ASP C 525 10.95 19.45 52.60
N LEU C 526 10.38 18.90 51.53
CA LEU C 526 11.00 17.77 50.82
C LEU C 526 12.23 18.27 50.08
N LEU C 527 12.10 19.40 49.39
CA LEU C 527 13.23 20.09 48.83
C LEU C 527 14.32 20.33 49.89
N GLY C 528 13.90 20.79 51.06
CA GLY C 528 14.84 21.08 52.12
C GLY C 528 15.50 19.81 52.62
N LEU C 529 14.71 18.74 52.74
CA LEU C 529 15.22 17.43 53.12
C LEU C 529 16.20 16.89 52.06
N CYS C 530 15.92 17.17 50.80
CA CYS C 530 16.71 16.63 49.71
C CYS C 530 18.14 17.14 49.79
N GLU C 531 18.26 18.45 49.97
CA GLU C 531 19.56 19.08 50.18
C GLU C 531 20.24 18.58 51.47
N GLN C 532 19.45 18.18 52.46
CA GLN C 532 19.97 17.73 53.75
C GLN C 532 20.63 16.36 53.69
N LYS C 533 19.90 15.38 53.18
CA LYS C 533 20.40 14.01 53.12
C LYS C 533 21.53 13.89 52.10
N ARG C 534 22.56 13.14 52.48
CA ARG C 534 23.68 12.92 51.59
C ARG C 534 23.52 11.60 50.85
N GLY C 535 24.24 11.46 49.74
CA GLY C 535 24.19 10.25 48.95
C GLY C 535 23.09 10.23 47.92
N LYS C 536 23.49 10.11 46.66
CA LYS C 536 22.55 10.03 45.54
C LYS C 536 21.40 9.02 45.78
N ASP C 537 21.68 7.91 46.45
CA ASP C 537 20.62 6.99 46.81
C ASP C 537 19.47 7.72 47.52
N ASN C 538 19.80 8.50 48.56
CA ASN C 538 18.80 9.29 49.29
C ASN C 538 18.17 10.39 48.43
N LYS C 539 19.02 11.10 47.70
CA LYS C 539 18.53 12.25 46.94
C LYS C 539 17.63 11.78 45.81
N ALA C 540 17.93 10.60 45.27
CA ALA C 540 17.14 10.00 44.21
C ALA C 540 15.75 9.60 44.70
N ILE C 541 15.70 8.95 45.85
CA ILE C 541 14.42 8.64 46.49
C ILE C 541 13.62 9.93 46.78
N ILE C 542 14.24 10.86 47.49
CA ILE C 542 13.54 12.10 47.83
C ILE C 542 13.05 12.81 46.57
N ALA C 543 13.94 12.93 45.59
CA ALA C 543 13.62 13.57 44.32
C ALA C 543 12.46 12.91 43.58
N SER C 544 12.45 11.59 43.53
CA SER C 544 11.38 10.88 42.83
C SER C 544 10.02 11.21 43.44
N ASN C 545 10.00 11.31 44.77
CA ASN C 545 8.79 11.52 45.54
C ASN C 545 8.16 12.92 45.35
N ILE C 546 8.98 13.93 45.42
CA ILE C 546 8.55 15.26 45.05
C ILE C 546 7.93 15.21 43.63
N MET C 547 8.61 14.53 42.72
CA MET C 547 8.08 14.41 41.37
C MET C 547 6.74 13.66 41.31
N TYR C 548 6.65 12.56 42.05
CA TYR C 548 5.39 11.85 42.10
C TYR C 548 4.28 12.78 42.59
N ILE C 549 4.54 13.48 43.69
CA ILE C 549 3.59 14.42 44.29
C ILE C 549 3.13 15.50 43.30
N VAL C 550 4.06 16.29 42.80
CA VAL C 550 3.71 17.28 41.79
C VAL C 550 2.84 16.66 40.68
N GLY C 551 3.21 15.47 40.21
CA GLY C 551 2.50 14.83 39.12
C GLY C 551 1.03 14.61 39.44
N GLN C 552 0.73 14.47 40.72
CA GLN C 552 -0.61 14.15 41.18
C GLN C 552 -1.47 15.39 41.38
N TYR C 553 -0.84 16.56 41.31
CA TYR C 553 -1.55 17.80 41.54
C TYR C 553 -1.53 18.77 40.35
N PRO C 554 -2.06 18.32 39.19
CA PRO C 554 -2.11 19.22 38.02
C PRO C 554 -2.84 20.53 38.30
N ARG C 555 -3.93 20.49 39.07
CA ARG C 555 -4.75 21.68 39.27
C ARG C 555 -3.89 22.80 39.85
N PHE C 556 -3.11 22.47 40.86
CA PHE C 556 -2.03 23.31 41.38
C PHE C 556 -1.13 23.85 40.26
N LEU C 557 -0.50 22.94 39.52
CA LEU C 557 0.40 23.31 38.42
C LEU C 557 -0.28 24.24 37.47
N ARG C 558 -1.49 23.85 37.06
CA ARG C 558 -2.29 24.61 36.11
C ARG C 558 -2.49 26.08 36.49
N ALA C 559 -2.63 26.33 37.80
CA ALA C 559 -2.89 27.70 38.26
C ALA C 559 -1.59 28.48 38.46
N HIS C 560 -0.45 27.81 38.45
CA HIS C 560 0.84 28.49 38.69
C HIS C 560 1.91 28.22 37.61
N TRP C 561 1.81 28.89 36.47
CA TRP C 561 2.72 28.66 35.33
C TRP C 561 4.23 28.70 35.65
N LYS C 562 4.66 29.73 36.36
CA LYS C 562 6.07 29.87 36.74
C LYS C 562 6.56 28.63 37.49
N PHE C 563 5.71 28.05 38.33
CA PHE C 563 6.11 26.82 39.00
C PHE C 563 6.06 25.61 38.05
N LEU C 564 5.00 25.50 37.26
CA LEU C 564 4.88 24.47 36.25
C LEU C 564 6.13 24.43 35.37
N LYS C 565 6.43 25.56 34.73
CA LYS C 565 7.63 25.66 33.87
C LYS C 565 8.92 25.19 34.56
N THR C 566 9.05 25.50 35.85
CA THR C 566 10.25 25.21 36.62
C THR C 566 10.35 23.71 36.88
N VAL C 567 9.21 23.10 37.17
CA VAL C 567 9.14 21.66 37.30
C VAL C 567 9.49 20.92 36.00
N VAL C 568 9.00 21.44 34.87
CA VAL C 568 9.23 20.76 33.59
C VAL C 568 10.69 20.87 33.17
N ASN C 569 11.21 22.08 33.18
CA ASN C 569 12.64 22.29 33.00
C ASN C 569 13.47 21.40 33.95
N LYS C 570 13.00 21.22 35.17
CA LYS C 570 13.73 20.41 36.14
C LYS C 570 13.62 18.94 35.77
N LEU C 571 12.49 18.57 35.19
CA LEU C 571 12.26 17.22 34.73
C LEU C 571 13.21 16.94 33.54
N PHE C 572 13.43 17.96 32.71
CA PHE C 572 14.34 17.82 31.58
C PHE C 572 15.75 17.60 32.06
N GLU C 573 16.12 18.31 33.13
CA GLU C 573 17.44 18.11 33.72
C GLU C 573 17.63 16.65 34.13
N PHE C 574 16.70 16.11 34.92
CA PHE C 574 16.81 14.76 35.42
C PHE C 574 16.80 13.68 34.31
N MET C 575 16.51 14.05 33.07
CA MET C 575 16.51 13.09 31.98
C MET C 575 17.94 12.79 31.57
N HIS C 576 18.86 13.53 32.18
CA HIS C 576 20.28 13.28 32.02
C HIS C 576 20.90 12.71 33.27
N GLU C 577 20.08 12.52 34.31
CA GLU C 577 20.53 11.93 35.56
C GLU C 577 20.85 10.47 35.36
N THR C 578 22.03 10.05 35.82
CA THR C 578 22.45 8.68 35.61
C THR C 578 21.97 7.73 36.72
N HIS C 579 21.65 8.27 37.89
CA HIS C 579 21.28 7.43 39.02
C HIS C 579 20.06 6.56 38.73
N ASP C 580 20.20 5.26 38.97
CA ASP C 580 19.20 4.26 38.59
C ASP C 580 17.76 4.68 38.95
N GLY C 581 16.88 4.66 37.95
CA GLY C 581 15.47 4.93 38.15
C GLY C 581 15.01 6.35 37.87
N VAL C 582 15.86 7.32 38.17
CA VAL C 582 15.51 8.73 38.04
C VAL C 582 14.98 9.09 36.66
N GLN C 583 15.67 8.63 35.62
CA GLN C 583 15.26 8.92 34.25
C GLN C 583 13.85 8.39 33.94
N ASP C 584 13.56 7.19 34.39
CA ASP C 584 12.21 6.66 34.32
C ASP C 584 11.21 7.52 35.09
N MET C 585 11.59 7.97 36.28
CA MET C 585 10.74 8.88 37.05
C MET C 585 10.50 10.16 36.26
N ALA C 586 11.58 10.75 35.77
CA ALA C 586 11.49 12.03 35.05
C ALA C 586 10.53 11.94 33.86
N CYS C 587 10.61 10.85 33.11
CA CYS C 587 9.78 10.73 31.93
C CYS C 587 8.34 10.43 32.28
N ASP C 588 8.13 9.56 33.27
CA ASP C 588 6.80 9.18 33.72
C ASP C 588 6.00 10.38 34.22
N THR C 589 6.64 11.21 35.04
CA THR C 589 6.05 12.44 35.52
C THR C 589 5.76 13.38 34.37
N PHE C 590 6.68 13.45 33.43
CA PHE C 590 6.53 14.36 32.30
C PHE C 590 5.30 14.02 31.48
N ILE C 591 4.93 12.75 31.42
CA ILE C 591 3.82 12.44 30.57
C ILE C 591 2.51 12.76 31.27
N LYS C 592 2.48 12.54 32.59
CA LYS C 592 1.32 12.91 33.39
C LYS C 592 1.07 14.40 33.20
N ILE C 593 2.11 15.19 33.37
CA ILE C 593 2.05 16.65 33.29
C ILE C 593 1.63 17.15 31.90
N ALA C 594 2.21 16.56 30.85
CA ALA C 594 1.84 16.95 29.50
C ALA C 594 0.39 16.62 29.18
N GLN C 595 -0.11 15.48 29.65
CA GLN C 595 -1.54 15.20 29.47
C GLN C 595 -2.38 16.26 30.21
N LYS C 596 -2.34 16.20 31.53
CA LYS C 596 -3.13 17.06 32.40
C LYS C 596 -2.94 18.58 32.19
N CYS C 597 -1.81 19.03 31.65
CA CYS C 597 -1.59 20.47 31.46
C CYS C 597 -1.34 20.88 30.03
N ARG C 598 -1.84 20.08 29.10
CA ARG C 598 -1.55 20.23 27.68
C ARG C 598 -1.71 21.65 27.11
N ARG C 599 -2.74 22.39 27.56
CA ARG C 599 -3.01 23.71 26.98
C ARG C 599 -1.96 24.75 27.34
N HIS C 600 -1.40 24.60 28.54
CA HIS C 600 -0.47 25.58 29.09
C HIS C 600 0.86 25.59 28.35
N PHE C 601 1.00 24.68 27.40
CA PHE C 601 2.25 24.53 26.67
C PHE C 601 2.11 25.09 25.26
N VAL C 602 0.86 25.27 24.85
CA VAL C 602 0.52 25.72 23.51
C VAL C 602 0.07 27.19 23.51
N GLN C 603 -0.43 27.65 24.64
CA GLN C 603 -0.81 29.06 24.73
C GLN C 603 0.25 29.87 25.47
N VAL C 604 0.51 31.08 24.97
CA VAL C 604 1.48 31.98 25.58
C VAL C 604 1.03 32.29 26.98
N GLN C 605 1.89 31.99 27.96
CA GLN C 605 1.57 32.20 29.37
C GLN C 605 2.06 33.56 29.82
N VAL C 606 1.62 34.02 31.00
CA VAL C 606 1.96 35.37 31.44
C VAL C 606 3.43 35.51 31.85
N GLY C 607 4.09 36.51 31.28
CA GLY C 607 5.51 36.69 31.50
C GLY C 607 6.34 36.01 30.44
N GLU C 608 5.65 35.57 29.39
N GLU C 608 5.69 35.48 29.41
CA GLU C 608 6.25 34.82 28.30
CA GLU C 608 6.45 34.89 28.32
C GLU C 608 5.90 35.43 26.96
C GLU C 608 5.93 35.39 26.98
N VAL C 609 6.79 35.30 25.98
CA VAL C 609 6.51 35.83 24.65
C VAL C 609 6.13 34.74 23.66
N MET C 610 6.55 33.50 23.93
CA MET C 610 6.35 32.41 22.99
C MET C 610 5.88 31.13 23.66
N PRO C 611 4.99 30.39 22.99
CA PRO C 611 4.49 29.14 23.55
C PRO C 611 5.63 28.19 23.96
N PHE C 612 5.55 27.65 25.17
CA PHE C 612 6.64 26.83 25.73
C PHE C 612 6.98 25.63 24.83
N ILE C 613 5.97 25.10 24.13
CA ILE C 613 6.17 23.98 23.21
C ILE C 613 7.35 24.27 22.25
N ASP C 614 7.36 25.50 21.72
CA ASP C 614 8.41 25.97 20.84
C ASP C 614 9.81 25.73 21.39
N GLU C 615 10.04 26.15 22.62
CA GLU C 615 11.36 25.96 23.23
C GLU C 615 11.67 24.48 23.32
N ILE C 616 10.65 23.67 23.59
CA ILE C 616 10.84 22.23 23.65
C ILE C 616 11.27 21.64 22.29
N LEU C 617 10.58 22.03 21.22
N LEU C 617 10.55 22.02 21.24
CA LEU C 617 10.81 21.47 19.89
CA LEU C 617 10.79 21.51 19.88
C LEU C 617 12.13 21.92 19.28
C LEU C 617 12.16 21.88 19.35
N ASN C 618 12.68 23.03 19.78
CA ASN C 618 13.99 23.49 19.32
C ASN C 618 15.18 22.84 20.03
N ASN C 619 14.89 21.90 20.92
CA ASN C 619 15.89 21.27 21.77
C ASN C 619 15.63 19.80 22.00
N ILE C 620 14.77 19.20 21.19
CA ILE C 620 14.43 17.80 21.43
C ILE C 620 15.70 16.99 21.66
N ASN C 621 16.68 17.20 20.79
CA ASN C 621 17.90 16.42 20.88
C ASN C 621 18.68 16.63 22.18
N THR C 622 18.93 17.89 22.51
CA THR C 622 19.67 18.15 23.75
C THR C 622 18.96 17.53 24.93
N ILE C 623 17.63 17.46 24.90
CA ILE C 623 16.87 16.90 26.02
C ILE C 623 16.84 15.37 26.09
N ILE C 624 16.66 14.69 24.95
CA ILE C 624 16.58 13.23 24.99
C ILE C 624 17.93 12.50 24.89
N CYS C 625 18.98 13.26 24.65
CA CYS C 625 20.37 12.74 24.51
C CYS C 625 20.63 11.39 25.11
N ASP C 626 20.38 11.30 26.41
CA ASP C 626 20.87 10.23 27.24
C ASP C 626 19.81 9.19 27.46
N LEU C 627 18.58 9.48 27.01
CA LEU C 627 17.44 8.61 27.28
C LEU C 627 17.51 7.30 26.49
N GLN C 628 17.02 6.21 27.06
CA GLN C 628 16.93 4.92 26.36
C GLN C 628 15.75 4.98 25.40
N PRO C 629 15.72 4.07 24.41
CA PRO C 629 14.64 4.06 23.43
C PRO C 629 13.22 4.17 23.97
N GLN C 630 12.94 3.42 25.04
CA GLN C 630 11.60 3.38 25.57
C GLN C 630 11.22 4.75 26.14
N GLN C 631 12.15 5.35 26.87
CA GLN C 631 11.94 6.66 27.46
C GLN C 631 11.75 7.71 26.38
N VAL C 632 12.50 7.60 25.29
CA VAL C 632 12.33 8.51 24.16
C VAL C 632 10.90 8.46 23.61
N HIS C 633 10.32 7.26 23.59
CA HIS C 633 8.98 7.11 23.05
C HIS C 633 7.94 7.79 23.93
N THR C 634 8.01 7.48 25.22
CA THR C 634 7.23 8.19 26.24
C THR C 634 7.37 9.71 26.09
N PHE C 635 8.60 10.18 25.86
CA PHE C 635 8.82 11.62 25.72
C PHE C 635 8.07 12.15 24.51
N TYR C 636 8.10 11.40 23.42
CA TYR C 636 7.43 11.86 22.20
C TYR C 636 5.93 11.88 22.35
N GLU C 637 5.41 10.92 23.11
CA GLU C 637 3.98 10.82 23.37
C GLU C 637 3.55 12.03 24.20
N ALA C 638 4.35 12.34 25.22
CA ALA C 638 4.17 13.47 26.09
C ALA C 638 3.99 14.75 25.28
N VAL C 639 4.94 15.03 24.38
CA VAL C 639 4.88 16.25 23.61
C VAL C 639 3.67 16.30 22.69
N GLY C 640 3.20 15.12 22.29
CA GLY C 640 2.02 14.98 21.46
C GLY C 640 0.73 15.42 22.14
N TYR C 641 0.57 15.11 23.43
CA TYR C 641 -0.59 15.64 24.15
C TYR C 641 -0.62 17.16 24.08
N MET C 642 0.55 17.79 24.09
CA MET C 642 0.64 19.23 23.93
C MET C 642 0.16 19.66 22.56
N ILE C 643 0.80 19.12 21.53
CA ILE C 643 0.56 19.48 20.14
C ILE C 643 -0.88 19.27 19.71
N GLY C 644 -1.56 18.30 20.32
CA GLY C 644 -2.96 18.05 20.02
C GLY C 644 -3.94 19.02 20.68
N ALA C 645 -3.41 19.95 21.48
CA ALA C 645 -4.21 20.98 22.14
C ALA C 645 -4.19 22.29 21.36
N GLN C 646 -3.38 22.32 20.32
CA GLN C 646 -3.27 23.52 19.50
C GLN C 646 -4.26 23.29 18.37
N THR C 647 -5.39 23.97 18.49
CA THR C 647 -6.57 23.68 17.68
C THR C 647 -6.60 24.48 16.38
N ASP C 648 -5.71 25.46 16.28
CA ASP C 648 -5.54 26.22 15.05
C ASP C 648 -4.77 25.36 14.08
N GLN C 649 -5.44 24.87 13.03
CA GLN C 649 -4.86 23.86 12.14
C GLN C 649 -3.56 24.26 11.46
N THR C 650 -3.44 25.53 11.08
CA THR C 650 -2.20 25.98 10.47
C THR C 650 -1.02 25.82 11.43
N VAL C 651 -1.09 26.44 12.60
CA VAL C 651 -0.07 26.32 13.64
C VAL C 651 0.21 24.88 14.07
N GLN C 652 -0.84 24.07 14.17
CA GLN C 652 -0.71 22.68 14.58
C GLN C 652 0.09 21.89 13.55
N GLU C 653 -0.21 22.12 12.28
CA GLU C 653 0.48 21.39 11.24
C GLU C 653 1.98 21.70 11.22
N HIS C 654 2.34 22.99 11.33
CA HIS C 654 3.75 23.35 11.45
C HIS C 654 4.37 22.68 12.69
N LEU C 655 3.63 22.67 13.80
CA LEU C 655 4.09 21.99 15.02
C LEU C 655 4.42 20.53 14.74
N ILE C 656 3.56 19.86 14.00
CA ILE C 656 3.68 18.43 13.76
C ILE C 656 4.85 18.11 12.83
N GLU C 657 5.14 19.00 11.88
CA GLU C 657 6.28 18.86 11.02
C GLU C 657 7.61 18.91 11.79
N LYS C 658 7.73 19.89 12.70
CA LYS C 658 8.94 20.04 13.52
C LYS C 658 9.12 18.85 14.45
N TYR C 659 7.99 18.45 15.02
CA TYR C 659 7.88 17.39 16.02
C TYR C 659 8.39 16.03 15.51
N MET C 660 8.20 15.79 14.21
CA MET C 660 8.51 14.50 13.59
C MET C 660 9.75 14.62 12.69
N LEU C 661 10.49 15.71 12.88
CA LEU C 661 11.58 16.05 12.01
C LEU C 661 12.77 15.11 12.23
N LEU C 662 13.02 14.73 13.47
CA LEU C 662 14.09 13.79 13.77
C LEU C 662 13.78 12.40 13.22
N PRO C 663 12.68 11.79 13.65
CA PRO C 663 12.36 10.47 13.09
C PRO C 663 12.31 10.50 11.56
N ASN C 664 11.63 11.50 11.01
CA ASN C 664 11.53 11.62 9.56
C ASN C 664 12.89 11.62 8.87
N GLN C 665 13.87 12.25 9.49
CA GLN C 665 15.20 12.39 8.93
C GLN C 665 15.85 11.03 8.69
N VAL C 666 15.88 10.22 9.75
CA VAL C 666 16.34 8.84 9.62
C VAL C 666 15.51 8.10 8.56
N TRP C 667 14.18 8.08 8.74
CA TRP C 667 13.25 7.39 7.84
C TRP C 667 13.47 7.78 6.39
N ASP C 668 13.66 9.07 6.12
CA ASP C 668 13.95 9.50 4.75
C ASP C 668 15.29 8.93 4.27
N SER C 669 16.28 8.94 5.16
CA SER C 669 17.60 8.48 4.79
C SER C 669 17.51 7.00 4.42
N ILE C 670 16.81 6.23 5.23
CA ILE C 670 16.64 4.82 4.94
C ILE C 670 15.86 4.57 3.66
N ILE C 671 14.81 5.36 3.41
CA ILE C 671 13.99 5.24 2.20
C ILE C 671 14.81 5.53 0.94
N GLN C 672 15.72 6.50 1.01
CA GLN C 672 16.56 6.80 -0.15
C GLN C 672 17.42 5.59 -0.51
N GLN C 673 18.05 5.02 0.52
CA GLN C 673 18.93 3.87 0.32
C GLN C 673 18.17 2.66 -0.20
N ALA C 674 16.90 2.53 0.18
CA ALA C 674 16.12 1.37 -0.23
C ALA C 674 15.63 1.54 -1.66
N THR C 675 15.64 2.78 -2.13
CA THR C 675 15.28 3.09 -3.50
C THR C 675 16.33 2.53 -4.44
N LYS C 676 17.59 2.57 -4.01
CA LYS C 676 18.72 2.10 -4.83
C LYS C 676 19.08 0.64 -4.58
N ASN C 677 18.51 0.03 -3.55
CA ASN C 677 18.99 -1.26 -3.09
C ASN C 677 18.13 -1.85 -1.97
N VAL C 678 17.17 -2.69 -2.33
CA VAL C 678 16.23 -3.21 -1.34
C VAL C 678 16.91 -4.09 -0.29
N ASP C 679 18.21 -4.33 -0.43
CA ASP C 679 18.93 -5.15 0.54
C ASP C 679 19.11 -4.51 1.92
N ILE C 680 19.23 -3.18 2.00
CA ILE C 680 19.37 -2.56 3.31
C ILE C 680 18.16 -2.85 4.19
N LEU C 681 17.02 -3.08 3.56
CA LEU C 681 15.80 -3.44 4.28
C LEU C 681 15.97 -4.82 4.87
N LYS C 682 17.21 -5.27 4.87
CA LYS C 682 17.55 -6.61 5.32
C LYS C 682 18.71 -6.46 6.28
N ASP C 683 19.24 -5.24 6.31
CA ASP C 683 20.29 -4.86 7.25
C ASP C 683 19.71 -4.81 8.66
N PRO C 684 20.28 -5.58 9.58
CA PRO C 684 19.81 -5.65 10.98
C PRO C 684 19.67 -4.28 11.63
N GLU C 685 20.68 -3.44 11.47
CA GLU C 685 20.67 -2.13 12.15
C GLU C 685 19.56 -1.26 11.61
N THR C 686 19.39 -1.25 10.30
CA THR C 686 18.37 -0.40 9.73
C THR C 686 16.99 -0.88 10.10
N VAL C 687 16.75 -2.20 10.12
CA VAL C 687 15.38 -2.63 10.51
C VAL C 687 15.16 -2.36 12.00
N LYS C 688 16.24 -2.49 12.77
CA LYS C 688 16.21 -2.07 14.17
C LYS C 688 15.75 -0.61 14.24
N GLN C 689 16.34 0.24 13.40
CA GLN C 689 15.95 1.65 13.37
C GLN C 689 14.52 1.85 12.92
N LEU C 690 14.15 1.19 11.84
CA LEU C 690 12.83 1.29 11.30
C LEU C 690 11.75 1.00 12.37
N GLY C 691 12.01 0.09 13.28
CA GLY C 691 11.05 -0.27 14.28
C GLY C 691 10.90 0.84 15.31
N SER C 692 12.02 1.45 15.69
CA SER C 692 12.03 2.55 16.66
C SER C 692 11.43 3.82 16.07
N ILE C 693 11.65 4.03 14.78
CA ILE C 693 10.97 5.13 14.12
C ILE C 693 9.48 4.89 14.17
N LEU C 694 9.07 3.66 13.89
CA LEU C 694 7.63 3.39 13.86
C LEU C 694 6.99 3.41 15.26
N LYS C 695 7.76 3.01 16.27
CA LYS C 695 7.29 3.07 17.64
C LYS C 695 7.08 4.51 18.07
N THR C 696 7.96 5.40 17.62
CA THR C 696 7.79 6.83 17.82
C THR C 696 6.49 7.34 17.18
N ASN C 697 6.20 6.90 15.95
CA ASN C 697 5.03 7.36 15.21
C ASN C 697 3.74 6.90 15.89
N VAL C 698 3.72 5.68 16.38
CA VAL C 698 2.58 5.15 17.12
C VAL C 698 2.23 5.99 18.36
N ARG C 699 3.25 6.33 19.14
CA ARG C 699 3.10 7.20 20.32
C ARG C 699 2.56 8.55 19.93
N ALA C 700 3.21 9.15 18.94
CA ALA C 700 2.82 10.46 18.46
C ALA C 700 1.36 10.38 18.06
N CYS C 701 1.02 9.29 17.39
CA CYS C 701 -0.28 9.15 16.82
C CYS C 701 -1.32 9.03 17.92
N LYS C 702 -1.00 8.20 18.91
CA LYS C 702 -1.91 7.96 20.00
C LYS C 702 -2.21 9.29 20.74
N ALA C 703 -1.21 10.18 20.76
CA ALA C 703 -1.32 11.42 21.51
C ALA C 703 -2.03 12.54 20.75
N VAL C 704 -1.70 12.69 19.47
CA VAL C 704 -2.20 13.78 18.64
C VAL C 704 -3.65 13.57 18.13
N GLY C 705 -3.99 12.33 17.75
CA GLY C 705 -5.29 12.05 17.17
C GLY C 705 -5.36 12.31 15.68
N HIS C 706 -6.57 12.40 15.13
CA HIS C 706 -6.80 12.59 13.69
C HIS C 706 -5.78 13.50 12.95
N PRO C 707 -5.43 14.66 13.53
CA PRO C 707 -4.49 15.60 12.89
C PRO C 707 -3.14 14.97 12.52
N PHE C 708 -2.87 13.81 13.08
CA PHE C 708 -1.65 13.12 12.74
C PHE C 708 -1.63 12.73 11.26
N VAL C 709 -2.80 12.68 10.65
CA VAL C 709 -2.96 12.34 9.23
C VAL C 709 -1.90 13.03 8.37
N ILE C 710 -1.48 14.21 8.82
CA ILE C 710 -0.48 15.03 8.15
C ILE C 710 0.83 14.25 7.97
N GLN C 711 1.28 13.65 9.06
CA GLN C 711 2.49 12.86 9.07
C GLN C 711 2.35 11.44 8.45
N LEU C 712 1.35 10.67 8.86
CA LEU C 712 1.18 9.33 8.31
C LEU C 712 0.93 9.36 6.80
N GLY C 713 0.16 10.33 6.33
CA GLY C 713 -0.08 10.45 4.90
C GLY C 713 1.21 10.72 4.12
N ARG C 714 2.23 11.17 4.85
CA ARG C 714 3.53 11.48 4.30
C ARG C 714 4.37 10.20 4.12
N ILE C 715 4.19 9.24 5.01
CA ILE C 715 4.99 8.03 4.98
C ILE C 715 4.16 6.83 4.60
N TYR C 716 2.85 7.01 4.48
CA TYR C 716 1.95 5.87 4.29
C TYR C 716 2.43 4.86 3.22
N LEU C 717 2.53 5.30 1.98
CA LEU C 717 2.82 4.39 0.86
C LEU C 717 4.20 3.72 0.98
N ASP C 718 5.23 4.49 1.34
CA ASP C 718 6.57 3.94 1.53
C ASP C 718 6.62 2.95 2.69
N MET C 719 5.99 3.30 3.80
CA MET C 719 5.86 2.39 4.93
C MET C 719 5.28 1.02 4.51
N LEU C 720 4.23 1.05 3.68
CA LEU C 720 3.64 -0.19 3.17
C LEU C 720 4.57 -0.95 2.19
N ASN C 721 5.30 -0.22 1.37
CA ASN C 721 6.29 -0.82 0.52
C ASN C 721 7.30 -1.61 1.32
N VAL C 722 7.76 -1.01 2.42
CA VAL C 722 8.73 -1.68 3.30
C VAL C 722 8.10 -2.81 4.09
N TYR C 723 6.88 -2.59 4.55
CA TYR C 723 6.07 -3.64 5.17
C TYR C 723 6.05 -4.92 4.34
N LYS C 724 5.77 -4.76 3.05
CA LYS C 724 5.66 -5.90 2.17
C LYS C 724 7.02 -6.47 1.78
N CYS C 725 8.05 -5.63 1.72
CA CYS C 725 9.41 -6.12 1.56
C CYS C 725 9.76 -7.01 2.74
N LEU C 726 9.55 -6.52 3.94
CA LEU C 726 9.85 -7.30 5.14
C LEU C 726 9.04 -8.59 5.24
N SER C 727 7.77 -8.52 4.85
CA SER C 727 6.88 -9.67 4.92
C SER C 727 7.33 -10.80 3.97
N GLU C 728 7.83 -10.42 2.80
CA GLU C 728 8.31 -11.40 1.84
C GLU C 728 9.60 -12.03 2.32
N ASN C 729 10.46 -11.21 2.92
CA ASN C 729 11.68 -11.73 3.57
C ASN C 729 11.38 -12.84 4.56
N ILE C 730 10.54 -12.51 5.54
CA ILE C 730 10.17 -13.44 6.60
C ILE C 730 9.65 -14.73 6.02
N SER C 731 8.67 -14.65 5.12
CA SER C 731 8.09 -15.82 4.47
C SER C 731 9.11 -16.66 3.68
N ALA C 732 9.89 -16.00 2.85
CA ALA C 732 10.91 -16.74 2.10
C ALA C 732 11.82 -17.48 3.07
N ALA C 733 12.18 -16.81 4.17
CA ALA C 733 13.07 -17.38 5.17
C ALA C 733 12.44 -18.60 5.82
N ILE C 734 11.14 -18.52 6.09
CA ILE C 734 10.42 -19.62 6.72
C ILE C 734 10.25 -20.80 5.76
N GLN C 735 9.91 -20.48 4.53
CA GLN C 735 9.78 -21.46 3.47
C GLN C 735 11.10 -22.19 3.26
N ALA C 736 12.21 -21.46 3.35
CA ALA C 736 13.52 -22.08 3.17
C ALA C 736 13.88 -23.04 4.28
N ASN C 737 13.63 -22.63 5.53
CA ASN C 737 14.15 -23.36 6.69
C ASN C 737 13.18 -23.62 7.85
N GLY C 738 11.88 -23.49 7.60
CA GLY C 738 10.89 -23.83 8.61
C GLY C 738 10.77 -22.81 9.73
N GLU C 739 9.68 -22.90 10.47
CA GLU C 739 9.36 -21.90 11.48
C GLU C 739 10.57 -21.50 12.35
N MET C 740 11.43 -22.45 12.65
CA MET C 740 12.60 -22.21 13.49
C MET C 740 13.33 -20.90 13.19
N VAL C 741 13.33 -20.50 11.93
CA VAL C 741 14.05 -19.29 11.53
C VAL C 741 13.50 -18.10 12.31
N THR C 742 12.39 -18.34 12.97
CA THR C 742 11.65 -17.30 13.67
C THR C 742 12.28 -16.96 15.02
N LYS C 743 12.92 -17.94 15.64
CA LYS C 743 13.62 -17.70 16.87
C LYS C 743 15.01 -17.22 16.58
N GLN C 744 15.12 -15.97 16.16
CA GLN C 744 16.41 -15.33 15.94
C GLN C 744 16.24 -13.88 15.55
N PRO C 745 17.17 -13.03 16.01
CA PRO C 745 17.17 -11.56 15.95
C PRO C 745 16.50 -10.94 14.72
N LEU C 746 17.18 -10.96 13.58
CA LEU C 746 16.73 -10.28 12.37
C LEU C 746 15.24 -10.49 12.01
N ILE C 747 14.81 -11.74 12.02
N ILE C 747 14.79 -11.73 12.01
CA ILE C 747 13.43 -12.06 11.72
CA ILE C 747 13.39 -11.99 11.71
C ILE C 747 12.52 -11.45 12.79
C ILE C 747 12.49 -11.44 12.81
N ARG C 748 12.86 -11.67 14.05
CA ARG C 748 12.10 -11.15 15.18
C ARG C 748 11.98 -9.65 15.03
N SER C 749 13.08 -9.01 14.67
CA SER C 749 13.08 -7.57 14.44
C SER C 749 12.26 -7.15 13.21
N MET C 750 12.19 -8.03 12.22
CA MET C 750 11.31 -7.78 11.08
C MET C 750 9.83 -7.92 11.47
N ARG C 751 9.50 -8.94 12.26
CA ARG C 751 8.15 -9.04 12.82
C ARG C 751 7.71 -7.72 13.48
N THR C 752 8.65 -7.06 14.14
CA THR C 752 8.41 -5.84 14.90
C THR C 752 8.00 -4.63 14.04
N VAL C 753 8.73 -4.42 12.94
CA VAL C 753 8.38 -3.39 11.97
C VAL C 753 6.98 -3.64 11.43
N LYS C 754 6.67 -4.91 11.21
CA LYS C 754 5.37 -5.28 10.69
C LYS C 754 4.29 -5.00 11.73
N ARG C 755 4.50 -5.52 12.92
CA ARG C 755 3.60 -5.30 14.04
C ARG C 755 3.36 -3.83 14.35
N GLU C 756 4.39 -3.00 14.20
CA GLU C 756 4.30 -1.58 14.54
C GLU C 756 3.65 -0.80 13.41
N THR C 757 3.83 -1.29 12.18
CA THR C 757 3.13 -0.72 11.04
C THR C 757 1.62 -0.88 11.16
N LEU C 758 1.19 -2.06 11.62
CA LEU C 758 -0.23 -2.37 11.72
C LEU C 758 -0.86 -1.60 12.90
N LYS C 759 -0.10 -1.45 13.99
CA LYS C 759 -0.52 -0.66 15.16
C LYS C 759 -0.65 0.83 14.83
N LEU C 760 0.23 1.33 13.97
CA LEU C 760 0.17 2.73 13.58
C LEU C 760 -1.09 2.94 12.77
N ILE C 761 -1.30 2.07 11.79
CA ILE C 761 -2.50 2.02 10.96
C ILE C 761 -3.81 1.96 11.77
N SER C 762 -4.03 0.86 12.49
CA SER C 762 -5.27 0.74 13.25
C SER C 762 -5.35 1.83 14.30
N GLY C 763 -4.18 2.19 14.84
CA GLY C 763 -4.08 3.22 15.84
C GLY C 763 -4.63 4.57 15.37
N TRP C 764 -4.37 4.92 14.12
CA TRP C 764 -4.84 6.19 13.60
C TRP C 764 -6.30 6.14 13.17
N VAL C 765 -6.68 5.13 12.41
CA VAL C 765 -8.06 4.98 11.96
C VAL C 765 -9.00 4.99 13.17
N SER C 766 -8.70 4.15 14.16
CA SER C 766 -9.36 4.16 15.47
C SER C 766 -9.78 5.56 15.93
N ARG C 767 -8.91 6.54 15.68
CA ARG C 767 -9.08 7.88 16.21
C ARG C 767 -9.42 8.92 15.12
N SER C 768 -9.56 8.48 13.87
CA SER C 768 -9.86 9.41 12.79
C SER C 768 -11.29 9.90 12.90
N ASN C 769 -11.65 10.93 12.15
N ASN C 769 -11.62 10.95 12.16
CA ASN C 769 -13.03 11.41 12.15
CA ASN C 769 -12.98 11.50 12.15
C ASN C 769 -13.54 11.81 10.78
C ASN C 769 -13.53 11.84 10.77
N ASP C 770 -13.06 11.14 9.75
CA ASP C 770 -13.52 11.39 8.39
C ASP C 770 -13.54 10.07 7.63
N PRO C 771 -14.61 9.29 7.84
CA PRO C 771 -14.69 7.90 7.38
C PRO C 771 -14.54 7.81 5.87
N GLN C 772 -15.31 8.60 5.14
CA GLN C 772 -15.23 8.57 3.69
C GLN C 772 -13.82 8.86 3.22
N MET C 773 -13.11 9.68 3.98
CA MET C 773 -11.76 10.05 3.61
C MET C 773 -10.83 8.85 3.86
N VAL C 774 -11.11 8.11 4.92
CA VAL C 774 -10.29 6.98 5.31
C VAL C 774 -10.52 5.81 4.35
N ALA C 775 -11.78 5.65 3.94
CA ALA C 775 -12.15 4.60 3.00
C ALA C 775 -11.61 4.83 1.60
N GLU C 776 -11.40 6.09 1.23
CA GLU C 776 -11.02 6.39 -0.14
C GLU C 776 -9.50 6.52 -0.31
N ASN C 777 -8.81 6.81 0.80
CA ASN C 777 -7.39 7.13 0.75
C ASN C 777 -6.50 6.11 1.46
N PHE C 778 -6.92 5.65 2.63
CA PHE C 778 -6.08 4.81 3.46
C PHE C 778 -6.38 3.33 3.43
N VAL C 779 -7.61 2.98 3.05
CA VAL C 779 -8.02 1.58 2.97
C VAL C 779 -7.55 0.82 1.72
N PRO C 780 -7.74 1.41 0.52
CA PRO C 780 -7.33 0.66 -0.68
C PRO C 780 -5.87 0.19 -0.68
N PRO C 781 -4.93 1.10 -0.35
CA PRO C 781 -3.54 0.63 -0.34
C PRO C 781 -3.30 -0.58 0.59
N LEU C 782 -4.10 -0.73 1.64
CA LEU C 782 -3.98 -1.88 2.53
C LEU C 782 -4.14 -3.20 1.80
N LEU C 783 -5.13 -3.27 0.92
CA LEU C 783 -5.46 -4.47 0.15
C LEU C 783 -4.22 -5.14 -0.44
N ASP C 784 -3.50 -4.41 -1.29
CA ASP C 784 -2.30 -4.95 -1.89
C ASP C 784 -1.19 -5.26 -0.89
N ALA C 785 -0.71 -4.21 -0.22
CA ALA C 785 0.43 -4.33 0.69
C ALA C 785 0.22 -5.22 1.91
N VAL C 786 -1.01 -5.35 2.40
CA VAL C 786 -1.20 -6.04 3.67
C VAL C 786 -2.06 -7.31 3.63
N LEU C 787 -3.23 -7.23 3.01
CA LEU C 787 -4.13 -8.38 2.93
C LEU C 787 -3.69 -9.44 1.89
N ILE C 788 -3.24 -8.99 0.72
CA ILE C 788 -2.77 -9.91 -0.32
C ILE C 788 -1.40 -10.49 0.04
N ASP C 789 -0.60 -9.70 0.76
CA ASP C 789 0.63 -10.20 1.37
C ASP C 789 0.34 -11.31 2.40
N TYR C 790 -0.59 -11.08 3.32
CA TYR C 790 -1.02 -12.14 4.22
C TYR C 790 -1.42 -13.43 3.47
N GLN C 791 -2.20 -13.28 2.40
CA GLN C 791 -2.68 -14.42 1.62
C GLN C 791 -1.50 -15.13 0.98
N ARG C 792 -0.50 -14.37 0.58
CA ARG C 792 0.62 -14.93 -0.13
C ARG C 792 1.74 -15.47 0.75
N ASN C 793 1.79 -15.03 2.00
CA ASN C 793 2.76 -15.62 2.92
C ASN C 793 2.41 -17.08 3.09
N VAL C 794 3.42 -17.90 3.32
CA VAL C 794 3.21 -19.25 3.79
C VAL C 794 2.56 -19.19 5.18
N PRO C 795 1.71 -20.17 5.52
CA PRO C 795 0.95 -20.12 6.79
C PRO C 795 1.76 -19.67 8.02
N ALA C 796 2.86 -20.35 8.31
CA ALA C 796 3.70 -20.02 9.48
C ALA C 796 4.26 -18.60 9.47
N ALA C 797 3.89 -17.82 8.46
CA ALA C 797 4.46 -16.48 8.30
C ALA C 797 3.37 -15.41 8.36
N ARG C 798 2.13 -15.83 8.28
CA ARG C 798 1.03 -14.90 8.29
C ARG C 798 0.85 -14.23 9.65
N GLU C 799 0.94 -12.91 9.65
CA GLU C 799 0.82 -12.12 10.86
C GLU C 799 -0.65 -12.07 11.34
N PRO C 800 -0.95 -12.68 12.51
CA PRO C 800 -2.32 -12.75 13.02
C PRO C 800 -2.85 -11.36 13.30
N GLU C 801 -1.94 -10.44 13.63
CA GLU C 801 -2.29 -9.05 13.91
C GLU C 801 -2.85 -8.33 12.70
N VAL C 802 -2.87 -8.99 11.56
CA VAL C 802 -3.42 -8.38 10.36
C VAL C 802 -4.92 -8.44 10.48
N LEU C 803 -5.39 -9.55 11.02
CA LEU C 803 -6.83 -9.77 11.16
C LEU C 803 -7.45 -8.82 12.19
N SER C 804 -6.79 -8.67 13.33
CA SER C 804 -7.25 -7.76 14.37
C SER C 804 -7.14 -6.30 13.93
N THR C 805 -6.12 -5.99 13.14
CA THR C 805 -6.04 -4.65 12.55
C THR C 805 -7.28 -4.37 11.69
N MET C 806 -7.71 -5.35 10.90
CA MET C 806 -8.81 -5.14 10.00
C MET C 806 -10.09 -5.06 10.78
N ALA C 807 -10.18 -5.88 11.83
CA ALA C 807 -11.31 -5.90 12.73
C ALA C 807 -11.54 -4.51 13.29
N ILE C 808 -10.46 -3.91 13.75
CA ILE C 808 -10.51 -2.57 14.33
C ILE C 808 -10.99 -1.56 13.30
N ILE C 809 -10.45 -1.63 12.09
CA ILE C 809 -10.85 -0.64 11.09
C ILE C 809 -12.32 -0.81 10.66
N VAL C 810 -12.80 -2.05 10.66
CA VAL C 810 -14.22 -2.31 10.40
C VAL C 810 -15.14 -1.85 11.55
N ASN C 811 -14.74 -2.04 12.80
CA ASN C 811 -15.54 -1.54 13.92
C ASN C 811 -15.70 -0.02 13.87
N LYS C 812 -14.79 0.62 13.14
CA LYS C 812 -14.70 2.06 13.12
C LYS C 812 -15.34 2.70 11.87
N LEU C 813 -15.21 2.04 10.71
CA LEU C 813 -15.69 2.62 9.46
C LEU C 813 -17.07 2.12 9.03
N GLY C 814 -17.49 1.01 9.61
CA GLY C 814 -18.81 0.44 9.33
C GLY C 814 -19.21 0.47 7.85
N GLY C 815 -20.36 1.09 7.59
CA GLY C 815 -20.92 1.13 6.25
C GLY C 815 -19.95 1.63 5.20
N HIS C 816 -18.95 2.38 5.65
CA HIS C 816 -18.00 2.98 4.74
C HIS C 816 -17.01 1.96 4.16
N ILE C 817 -16.95 0.76 4.74
CA ILE C 817 -16.05 -0.26 4.24
C ILE C 817 -16.79 -1.54 3.80
N THR C 818 -18.11 -1.54 3.99
CA THR C 818 -18.99 -2.62 3.54
C THR C 818 -18.76 -3.06 2.10
N ALA C 819 -18.57 -2.11 1.19
CA ALA C 819 -18.30 -2.41 -0.21
C ALA C 819 -16.99 -3.18 -0.41
N GLU C 820 -16.00 -2.97 0.46
CA GLU C 820 -14.73 -3.67 0.27
C GLU C 820 -14.63 -4.99 1.03
N ILE C 821 -15.65 -5.33 1.83
CA ILE C 821 -15.62 -6.59 2.57
C ILE C 821 -15.36 -7.83 1.70
N PRO C 822 -15.97 -7.89 0.50
CA PRO C 822 -15.71 -8.98 -0.44
C PRO C 822 -14.24 -9.11 -0.85
N GLN C 823 -13.61 -8.02 -1.26
CA GLN C 823 -12.21 -8.10 -1.67
C GLN C 823 -11.34 -8.60 -0.51
N ILE C 824 -11.63 -8.09 0.68
CA ILE C 824 -10.92 -8.44 1.91
C ILE C 824 -11.05 -9.91 2.29
N PHE C 825 -12.29 -10.36 2.36
CA PHE C 825 -12.62 -11.75 2.63
C PHE C 825 -11.99 -12.67 1.61
N ASP C 826 -11.82 -12.16 0.40
CA ASP C 826 -11.17 -12.93 -0.64
C ASP C 826 -9.69 -13.11 -0.32
N ALA C 827 -9.10 -12.13 0.35
CA ALA C 827 -7.67 -12.24 0.64
C ALA C 827 -7.45 -13.25 1.73
N VAL C 828 -8.12 -13.08 2.85
CA VAL C 828 -7.75 -13.78 4.08
C VAL C 828 -8.75 -14.82 4.59
N PHE C 829 -9.95 -14.88 4.03
CA PHE C 829 -10.97 -15.74 4.64
C PHE C 829 -10.63 -17.21 4.55
N GLU C 830 -10.76 -17.75 3.34
CA GLU C 830 -10.52 -19.17 3.13
C GLU C 830 -9.10 -19.61 3.55
N CYS C 831 -8.09 -18.80 3.26
CA CYS C 831 -6.74 -19.19 3.64
C CYS C 831 -6.59 -19.30 5.16
N THR C 832 -7.13 -18.32 5.89
CA THR C 832 -7.08 -18.35 7.35
C THR C 832 -7.87 -19.55 7.83
N LEU C 833 -9.08 -19.70 7.30
CA LEU C 833 -9.95 -20.81 7.70
C LEU C 833 -9.22 -22.17 7.55
N ASN C 834 -8.46 -22.32 6.47
CA ASN C 834 -7.73 -23.58 6.26
C ASN C 834 -6.62 -23.82 7.26
N MET C 835 -6.12 -22.76 7.88
CA MET C 835 -5.11 -22.91 8.91
C MET C 835 -5.73 -23.38 10.22
N ILE C 836 -7.03 -23.18 10.38
CA ILE C 836 -7.62 -23.45 11.69
C ILE C 836 -8.74 -24.48 11.71
N ASN C 837 -8.92 -25.21 10.62
CA ASN C 837 -10.06 -26.14 10.54
C ASN C 837 -9.76 -27.63 10.64
N LYS C 838 -8.51 -28.01 10.94
CA LYS C 838 -8.17 -29.45 11.02
C LYS C 838 -8.12 -29.93 12.47
N ASP C 839 -8.35 -29.02 13.41
CA ASP C 839 -8.22 -29.28 14.83
C ASP C 839 -8.49 -27.97 15.58
N PHE C 840 -8.60 -28.04 16.91
CA PHE C 840 -8.95 -26.87 17.72
C PHE C 840 -7.76 -26.21 18.39
N GLU C 841 -6.55 -26.67 18.09
CA GLU C 841 -5.36 -26.32 18.85
C GLU C 841 -4.39 -25.37 18.15
N GLU C 842 -4.14 -25.61 16.86
CA GLU C 842 -3.11 -24.89 16.13
C GLU C 842 -3.49 -23.47 15.74
N TYR C 843 -2.49 -22.61 15.64
CA TYR C 843 -2.64 -21.21 15.23
C TYR C 843 -3.63 -20.44 16.09
N PRO C 844 -3.39 -20.42 17.40
CA PRO C 844 -4.30 -19.85 18.40
C PRO C 844 -4.65 -18.40 18.07
N GLU C 845 -3.65 -17.57 17.80
CA GLU C 845 -3.89 -16.15 17.59
C GLU C 845 -4.71 -15.90 16.33
N HIS C 846 -4.60 -16.78 15.35
CA HIS C 846 -5.43 -16.63 14.15
C HIS C 846 -6.86 -16.98 14.45
N ARG C 847 -7.07 -17.92 15.35
CA ARG C 847 -8.42 -18.36 15.69
C ARG C 847 -9.17 -17.23 16.41
N THR C 848 -8.59 -16.76 17.50
CA THR C 848 -9.08 -15.58 18.20
C THR C 848 -9.35 -14.42 17.25
N ASN C 849 -8.31 -13.98 16.55
CA ASN C 849 -8.37 -12.82 15.67
C ASN C 849 -9.30 -12.96 14.45
N PHE C 850 -9.31 -14.14 13.82
CA PHE C 850 -10.15 -14.36 12.66
C PHE C 850 -11.60 -14.14 13.06
N PHE C 851 -11.96 -14.56 14.28
CA PHE C 851 -13.32 -14.44 14.75
C PHE C 851 -13.68 -13.06 15.30
N LEU C 852 -12.66 -12.27 15.65
CA LEU C 852 -12.91 -10.90 16.08
C LEU C 852 -13.32 -10.12 14.84
N LEU C 853 -12.64 -10.40 13.74
CA LEU C 853 -12.94 -9.76 12.47
C LEU C 853 -14.34 -10.15 11.96
N LEU C 854 -14.67 -11.44 12.04
CA LEU C 854 -15.99 -11.90 11.60
C LEU C 854 -17.10 -11.26 12.44
N GLN C 855 -16.80 -11.00 13.71
CA GLN C 855 -17.73 -10.31 14.57
C GLN C 855 -17.91 -8.89 14.10
N ALA C 856 -16.82 -8.24 13.71
CA ALA C 856 -16.88 -6.84 13.31
C ALA C 856 -17.63 -6.71 11.99
N VAL C 857 -17.39 -7.65 11.08
CA VAL C 857 -18.12 -7.73 9.82
C VAL C 857 -19.61 -7.94 10.08
N ASN C 858 -19.93 -9.06 10.73
CA ASN C 858 -21.30 -9.32 11.15
C ASN C 858 -21.97 -8.13 11.84
N SER C 859 -21.24 -7.47 12.74
CA SER C 859 -21.78 -6.37 13.52
C SER C 859 -22.09 -5.12 12.70
N HIS C 860 -21.07 -4.63 12.00
CA HIS C 860 -21.14 -3.31 11.38
C HIS C 860 -21.23 -3.32 9.86
N CYS C 861 -21.16 -4.52 9.27
CA CYS C 861 -21.18 -4.64 7.80
C CYS C 861 -22.05 -5.78 7.28
N PHE C 862 -23.14 -6.07 7.99
CA PHE C 862 -24.00 -7.20 7.67
C PHE C 862 -24.52 -7.32 6.21
N PRO C 863 -24.77 -6.19 5.54
CA PRO C 863 -25.25 -6.32 4.15
C PRO C 863 -24.26 -7.01 3.24
N ALA C 864 -23.01 -7.17 3.68
CA ALA C 864 -22.01 -7.86 2.86
C ALA C 864 -22.43 -9.29 2.69
N PHE C 865 -22.92 -9.89 3.77
CA PHE C 865 -23.37 -11.29 3.74
C PHE C 865 -24.58 -11.51 2.84
N LEU C 866 -25.39 -10.48 2.68
CA LEU C 866 -26.54 -10.54 1.79
C LEU C 866 -26.07 -10.24 0.36
N ALA C 867 -24.77 -10.10 0.18
CA ALA C 867 -24.21 -9.74 -1.11
C ALA C 867 -23.46 -10.89 -1.75
N ILE C 868 -22.93 -11.79 -0.94
CA ILE C 868 -22.07 -12.87 -1.44
C ILE C 868 -22.87 -14.14 -1.69
N PRO C 869 -22.36 -15.03 -2.56
CA PRO C 869 -23.06 -16.25 -2.96
C PRO C 869 -23.45 -17.12 -1.76
N PRO C 870 -24.61 -17.79 -1.84
CA PRO C 870 -25.14 -18.66 -0.80
C PRO C 870 -24.10 -19.66 -0.32
N ALA C 871 -23.25 -20.12 -1.23
CA ALA C 871 -22.19 -21.06 -0.86
C ALA C 871 -21.15 -20.35 0.00
N GLN C 872 -20.85 -19.09 -0.35
CA GLN C 872 -19.96 -18.28 0.47
C GLN C 872 -20.59 -18.06 1.84
N PHE C 873 -21.85 -17.64 1.86
CA PHE C 873 -22.51 -17.37 3.14
C PHE C 873 -22.47 -18.62 4.01
N LYS C 874 -22.73 -19.77 3.40
CA LYS C 874 -22.73 -21.03 4.11
C LYS C 874 -21.39 -21.25 4.81
N LEU C 875 -20.30 -20.90 4.12
CA LEU C 875 -18.98 -21.12 4.68
C LEU C 875 -18.82 -20.22 5.89
N VAL C 876 -19.37 -19.01 5.81
CA VAL C 876 -19.39 -18.12 6.96
C VAL C 876 -20.09 -18.73 8.17
N LEU C 877 -21.30 -19.26 7.98
CA LEU C 877 -22.07 -19.80 9.08
C LEU C 877 -21.36 -21.00 9.72
N ASP C 878 -20.73 -21.81 8.88
CA ASP C 878 -19.96 -22.96 9.33
C ASP C 878 -18.74 -22.56 10.16
N SER C 879 -18.09 -21.47 9.80
CA SER C 879 -17.01 -20.99 10.66
C SER C 879 -17.56 -20.59 12.03
N ILE C 880 -18.76 -19.99 12.05
CA ILE C 880 -19.38 -19.57 13.29
C ILE C 880 -19.64 -20.78 14.18
N ILE C 881 -20.22 -21.81 13.59
CA ILE C 881 -20.43 -23.07 14.31
C ILE C 881 -19.10 -23.62 14.81
N TRP C 882 -18.10 -23.56 13.94
CA TRP C 882 -16.77 -24.05 14.27
C TRP C 882 -16.23 -23.31 15.49
N ALA C 883 -16.31 -21.99 15.48
CA ALA C 883 -15.90 -21.20 16.65
C ALA C 883 -16.58 -21.66 17.93
N PHE C 884 -17.91 -21.71 17.94
CA PHE C 884 -18.59 -22.02 19.21
C PHE C 884 -18.45 -23.47 19.67
N LYS C 885 -17.81 -24.29 18.85
CA LYS C 885 -17.47 -25.66 19.25
C LYS C 885 -16.08 -25.72 19.88
N HIS C 886 -15.36 -24.60 19.83
CA HIS C 886 -13.99 -24.51 20.37
C HIS C 886 -13.85 -24.73 21.87
N THR C 887 -12.69 -25.23 22.27
CA THR C 887 -12.36 -25.47 23.68
C THR C 887 -11.84 -24.20 24.38
N MET C 888 -11.07 -23.37 23.67
CA MET C 888 -10.58 -22.11 24.24
C MET C 888 -11.77 -21.20 24.49
N ARG C 889 -12.04 -20.94 25.76
CA ARG C 889 -13.25 -20.20 26.15
C ARG C 889 -13.50 -18.93 25.33
N ASN C 890 -12.44 -18.21 24.98
CA ASN C 890 -12.58 -16.95 24.26
C ASN C 890 -13.23 -17.09 22.88
N VAL C 891 -12.71 -18.03 22.08
CA VAL C 891 -13.21 -18.26 20.73
C VAL C 891 -14.70 -18.65 20.76
N ALA C 892 -15.02 -19.65 21.56
CA ALA C 892 -16.37 -20.17 21.61
C ALA C 892 -17.41 -19.10 21.89
N ASP C 893 -17.14 -18.23 22.86
CA ASP C 893 -18.15 -17.24 23.22
C ASP C 893 -18.17 -16.12 22.19
N THR C 894 -17.06 -15.92 21.52
CA THR C 894 -17.03 -14.99 20.39
C THR C 894 -17.93 -15.56 19.29
N GLY C 895 -17.92 -16.89 19.15
CA GLY C 895 -18.75 -17.59 18.20
C GLY C 895 -20.22 -17.55 18.57
N LEU C 896 -20.52 -17.51 19.86
CA LEU C 896 -21.90 -17.46 20.33
C LEU C 896 -22.52 -16.07 20.15
N GLN C 897 -21.72 -15.04 20.37
CA GLN C 897 -22.15 -13.67 20.10
C GLN C 897 -22.42 -13.48 18.61
N ILE C 898 -21.41 -13.69 17.76
CA ILE C 898 -21.64 -13.61 16.32
C ILE C 898 -22.96 -14.27 15.92
N LEU C 899 -23.18 -15.51 16.33
CA LEU C 899 -24.44 -16.21 16.02
C LEU C 899 -25.66 -15.48 16.58
N PHE C 900 -25.51 -14.90 17.77
CA PHE C 900 -26.62 -14.17 18.34
C PHE C 900 -26.92 -12.90 17.52
N THR C 901 -25.89 -12.10 17.28
CA THR C 901 -25.98 -10.92 16.44
C THR C 901 -26.44 -11.24 15.01
N LEU C 902 -26.02 -12.38 14.48
CA LEU C 902 -26.39 -12.70 13.11
C LEU C 902 -27.88 -13.04 13.00
N LEU C 903 -28.36 -13.85 13.94
CA LEU C 903 -29.79 -14.17 14.01
C LEU C 903 -30.62 -12.91 14.14
N GLN C 904 -30.21 -12.03 15.04
CA GLN C 904 -30.89 -10.73 15.19
C GLN C 904 -30.84 -9.93 13.89
N ASN C 905 -29.69 -9.95 13.22
CA ASN C 905 -29.53 -9.27 11.94
C ASN C 905 -30.45 -9.84 10.89
N VAL C 906 -30.58 -11.16 10.88
CA VAL C 906 -31.43 -11.79 9.88
C VAL C 906 -32.87 -11.31 10.05
N ALA C 907 -33.31 -11.19 11.30
CA ALA C 907 -34.70 -10.84 11.59
C ALA C 907 -35.04 -9.49 11.02
N GLN C 908 -34.02 -8.73 10.63
CA GLN C 908 -34.26 -7.41 10.05
C GLN C 908 -34.47 -7.50 8.55
N GLU C 909 -33.99 -8.59 7.95
CA GLU C 909 -34.16 -8.83 6.53
C GLU C 909 -35.31 -9.80 6.27
N GLU C 910 -36.54 -9.27 6.23
CA GLU C 910 -37.72 -10.09 6.03
C GLU C 910 -37.61 -11.01 4.81
N ALA C 911 -37.14 -10.47 3.70
CA ALA C 911 -37.00 -11.23 2.47
C ALA C 911 -36.20 -12.50 2.71
N ALA C 912 -34.91 -12.32 2.96
CA ALA C 912 -34.00 -13.44 3.20
C ALA C 912 -34.28 -14.22 4.49
N ALA C 913 -34.88 -13.58 5.47
CA ALA C 913 -35.14 -14.26 6.74
C ALA C 913 -35.80 -15.63 6.53
N GLN C 914 -36.89 -15.65 5.79
CA GLN C 914 -37.62 -16.91 5.61
C GLN C 914 -36.78 -17.95 4.89
N SER C 915 -35.93 -17.51 3.96
CA SER C 915 -35.06 -18.44 3.26
C SER C 915 -33.97 -18.93 4.20
N PHE C 916 -33.59 -18.08 5.15
CA PHE C 916 -32.56 -18.43 6.11
C PHE C 916 -33.11 -19.43 7.12
N TYR C 917 -34.37 -19.28 7.50
CA TYR C 917 -35.00 -20.20 8.45
C TYR C 917 -35.27 -21.54 7.80
N GLN C 918 -35.68 -21.51 6.53
CA GLN C 918 -35.94 -22.75 5.82
C GLN C 918 -34.64 -23.54 5.74
N THR C 919 -33.58 -22.87 5.31
CA THR C 919 -32.31 -23.55 5.06
C THR C 919 -31.54 -23.92 6.32
N TYR C 920 -31.57 -23.09 7.35
CA TYR C 920 -30.60 -23.22 8.43
C TYR C 920 -31.15 -23.48 9.84
N PHE C 921 -32.40 -23.14 10.09
CA PHE C 921 -32.90 -23.10 11.47
C PHE C 921 -32.62 -24.38 12.24
N CYS C 922 -33.22 -25.47 11.79
CA CYS C 922 -33.03 -26.76 12.44
C CYS C 922 -31.57 -27.12 12.55
N ASP C 923 -30.82 -26.92 11.47
CA ASP C 923 -29.40 -27.22 11.48
C ASP C 923 -28.70 -26.53 12.65
N ILE C 924 -28.82 -25.22 12.73
CA ILE C 924 -28.30 -24.42 13.83
C ILE C 924 -28.67 -25.03 15.20
N LEU C 925 -29.90 -25.53 15.30
CA LEU C 925 -30.37 -26.20 16.52
C LEU C 925 -29.53 -27.43 16.87
N GLN C 926 -29.38 -28.33 15.91
CA GLN C 926 -28.53 -29.51 16.13
C GLN C 926 -27.16 -29.10 16.64
N HIS C 927 -26.56 -28.10 15.99
CA HIS C 927 -25.21 -27.69 16.35
C HIS C 927 -25.13 -27.15 17.75
N ILE C 928 -26.16 -26.43 18.18
CA ILE C 928 -26.18 -25.88 19.53
C ILE C 928 -26.38 -26.96 20.57
N PHE C 929 -27.31 -27.89 20.31
CA PHE C 929 -27.54 -28.97 21.26
C PHE C 929 -26.27 -29.81 21.44
N SER C 930 -25.57 -30.06 20.35
CA SER C 930 -24.34 -30.86 20.39
C SER C 930 -23.34 -30.24 21.36
N VAL C 931 -23.47 -28.95 21.56
CA VAL C 931 -22.59 -28.21 22.46
C VAL C 931 -23.19 -28.10 23.88
N VAL C 932 -24.51 -27.98 23.97
CA VAL C 932 -25.16 -27.85 25.26
C VAL C 932 -24.83 -29.07 26.10
N THR C 933 -25.15 -30.23 25.54
CA THR C 933 -25.01 -31.50 26.22
C THR C 933 -23.55 -31.93 26.33
N ASP C 934 -22.64 -31.05 25.93
CA ASP C 934 -21.22 -31.36 25.98
C ASP C 934 -20.59 -30.69 27.20
N THR C 935 -20.16 -31.52 28.15
CA THR C 935 -19.66 -31.03 29.44
C THR C 935 -18.35 -30.24 29.33
N SER C 936 -17.91 -29.97 28.11
CA SER C 936 -16.72 -29.17 27.87
C SER C 936 -17.11 -27.77 27.45
N HIS C 937 -18.37 -27.42 27.64
CA HIS C 937 -18.85 -26.12 27.19
C HIS C 937 -19.77 -25.40 28.18
N THR C 938 -19.82 -25.87 29.43
CA THR C 938 -20.69 -25.26 30.44
C THR C 938 -20.41 -23.77 30.63
N ALA C 939 -19.28 -23.30 30.11
CA ALA C 939 -18.90 -21.90 30.24
C ALA C 939 -19.65 -21.05 29.22
N GLY C 940 -20.45 -21.70 28.38
CA GLY C 940 -21.23 -21.01 27.37
C GLY C 940 -22.72 -21.16 27.61
N LEU C 941 -23.08 -21.67 28.79
CA LEU C 941 -24.47 -21.91 29.16
C LEU C 941 -25.36 -20.68 29.03
N THR C 942 -24.93 -19.56 29.60
CA THR C 942 -25.67 -18.32 29.50
C THR C 942 -26.05 -17.97 28.06
N MET C 943 -25.10 -18.14 27.15
CA MET C 943 -25.38 -17.83 25.74
C MET C 943 -26.17 -18.94 25.03
N HIS C 944 -25.92 -20.20 25.40
CA HIS C 944 -26.65 -21.31 24.81
C HIS C 944 -28.14 -21.11 25.02
N ALA C 945 -28.53 -20.89 26.27
CA ALA C 945 -29.94 -20.74 26.63
C ALA C 945 -30.48 -19.43 26.07
N SER C 946 -29.63 -18.42 26.06
CA SER C 946 -29.95 -17.12 25.48
C SER C 946 -30.27 -17.21 23.99
N ILE C 947 -29.55 -18.07 23.28
CA ILE C 947 -29.76 -18.26 21.84
C ILE C 947 -30.94 -19.18 21.58
N LEU C 948 -31.06 -20.26 22.34
CA LEU C 948 -32.20 -21.14 22.24
C LEU C 948 -33.51 -20.45 22.66
N ALA C 949 -33.50 -19.80 23.82
CA ALA C 949 -34.67 -19.06 24.27
C ALA C 949 -35.21 -18.25 23.10
N TYR C 950 -34.33 -17.47 22.49
CA TYR C 950 -34.73 -16.57 21.42
C TYR C 950 -35.31 -17.33 20.23
N MET C 951 -34.63 -18.38 19.79
CA MET C 951 -35.08 -19.12 18.62
C MET C 951 -36.42 -19.81 18.83
N PHE C 952 -36.71 -20.22 20.07
CA PHE C 952 -37.96 -20.89 20.38
C PHE C 952 -39.08 -19.87 20.48
N ASN C 953 -38.81 -18.77 21.18
CA ASN C 953 -39.67 -17.60 21.16
C ASN C 953 -39.97 -17.16 19.74
N LEU C 954 -39.03 -17.41 18.84
CA LEU C 954 -39.18 -17.02 17.45
C LEU C 954 -40.17 -17.96 16.74
N VAL C 955 -40.30 -19.17 17.26
CA VAL C 955 -41.18 -20.16 16.67
C VAL C 955 -42.65 -19.74 16.81
N GLU C 956 -42.93 -18.90 17.79
CA GLU C 956 -44.29 -18.50 18.12
C GLU C 956 -45.00 -17.75 17.01
N GLU C 957 -44.24 -17.10 16.13
CA GLU C 957 -44.84 -16.22 15.11
C GLU C 957 -43.88 -15.90 13.95
N GLY C 958 -42.58 -15.97 14.22
CA GLY C 958 -41.55 -15.51 13.30
C GLY C 958 -41.49 -16.21 11.94
N LYS C 959 -41.53 -17.53 11.95
CA LYS C 959 -41.41 -18.29 10.71
C LYS C 959 -42.76 -18.38 9.97
N ILE C 960 -42.88 -17.67 8.86
CA ILE C 960 -44.16 -17.55 8.17
C ILE C 960 -44.55 -18.78 7.36
N SER C 961 -43.62 -19.70 7.17
CA SER C 961 -43.81 -20.78 6.21
C SER C 961 -43.79 -22.17 6.81
N THR C 962 -43.88 -23.17 5.93
CA THR C 962 -43.92 -24.57 6.32
C THR C 962 -42.53 -25.19 6.21
N PRO C 963 -42.11 -25.93 7.25
CA PRO C 963 -40.80 -26.56 7.33
C PRO C 963 -40.84 -28.05 7.03
N LEU C 964 -41.93 -28.71 7.38
CA LEU C 964 -42.02 -30.16 7.21
C LEU C 964 -42.62 -30.57 5.87
N ASN C 965 -43.28 -29.62 5.22
CA ASN C 965 -43.92 -29.84 3.91
C ASN C 965 -45.42 -30.14 3.91
N PRO C 966 -45.99 -30.51 5.08
CA PRO C 966 -47.45 -30.48 5.28
C PRO C 966 -47.82 -29.42 6.32
N GLY C 967 -48.37 -28.30 5.88
CA GLY C 967 -48.68 -27.19 6.77
C GLY C 967 -49.47 -27.54 8.03
N ASN C 968 -50.73 -27.91 7.84
CA ASN C 968 -51.66 -28.10 8.96
C ASN C 968 -51.14 -28.95 10.13
N PRO C 969 -50.96 -30.25 9.92
CA PRO C 969 -50.65 -31.15 11.04
C PRO C 969 -49.38 -30.71 11.76
N VAL C 970 -48.37 -30.34 10.99
CA VAL C 970 -47.07 -30.02 11.54
C VAL C 970 -46.89 -28.50 11.66
N ASN C 971 -47.78 -27.86 12.40
CA ASN C 971 -47.64 -26.45 12.77
C ASN C 971 -46.22 -26.20 13.28
N ASN C 972 -45.54 -25.21 12.72
CA ASN C 972 -44.14 -24.92 13.07
C ASN C 972 -43.72 -25.32 14.49
N GLN C 973 -44.53 -24.92 15.48
CA GLN C 973 -44.25 -25.25 16.88
C GLN C 973 -44.21 -26.75 17.10
N MET C 974 -45.27 -27.44 16.68
CA MET C 974 -45.30 -28.89 16.74
C MET C 974 -44.08 -29.50 16.05
N PHE C 975 -43.78 -29.01 14.84
CA PHE C 975 -42.66 -29.52 14.06
C PHE C 975 -41.36 -29.52 14.85
N ILE C 976 -40.99 -28.35 15.37
CA ILE C 976 -39.76 -28.24 16.14
C ILE C 976 -39.85 -29.06 17.41
N GLN C 977 -40.97 -28.97 18.11
CA GLN C 977 -41.18 -29.71 19.35
C GLN C 977 -40.90 -31.18 19.10
N ASP C 978 -41.30 -31.66 17.92
CA ASP C 978 -41.08 -33.07 17.57
C ASP C 978 -39.67 -33.27 17.05
N TYR C 979 -39.24 -32.41 16.14
CA TYR C 979 -37.88 -32.47 15.62
C TYR C 979 -36.82 -32.50 16.71
N VAL C 980 -37.05 -31.75 17.79
CA VAL C 980 -36.08 -31.64 18.88
C VAL C 980 -36.11 -32.85 19.81
N ALA C 981 -37.30 -33.28 20.19
CA ALA C 981 -37.47 -34.49 20.99
C ALA C 981 -36.78 -35.66 20.30
N ASN C 982 -37.17 -35.92 19.07
CA ASN C 982 -36.52 -36.94 18.24
C ASN C 982 -35.00 -36.74 18.16
N LEU C 983 -34.57 -35.49 18.18
CA LEU C 983 -33.14 -35.18 18.18
C LEU C 983 -32.51 -35.73 19.44
N LEU C 984 -33.06 -35.35 20.59
CA LEU C 984 -32.53 -35.79 21.86
C LEU C 984 -32.70 -37.29 22.01
N LYS C 985 -33.68 -37.82 21.30
CA LYS C 985 -34.02 -39.23 21.42
C LYS C 985 -32.87 -40.12 20.93
N SER C 986 -32.60 -40.06 19.63
CA SER C 986 -31.59 -40.91 19.04
C SER C 986 -30.21 -40.61 19.59
N ALA C 987 -30.04 -39.40 20.12
CA ALA C 987 -28.75 -39.00 20.68
C ALA C 987 -28.58 -39.55 22.09
N PHE C 988 -29.66 -39.55 22.85
CA PHE C 988 -29.63 -40.06 24.22
C PHE C 988 -30.79 -41.03 24.46
N PRO C 989 -30.65 -42.26 23.93
CA PRO C 989 -31.67 -43.31 23.98
C PRO C 989 -32.08 -43.68 25.41
N HIS C 990 -31.14 -43.57 26.34
CA HIS C 990 -31.37 -43.94 27.74
C HIS C 990 -32.42 -43.07 28.46
N LEU C 991 -32.74 -41.90 27.89
CA LEU C 991 -33.78 -41.05 28.45
C LEU C 991 -35.15 -41.63 28.14
N GLN C 992 -36.02 -41.71 29.14
CA GLN C 992 -37.39 -42.12 28.85
C GLN C 992 -38.15 -40.98 28.16
N ASP C 993 -39.13 -41.33 27.34
CA ASP C 993 -39.87 -40.35 26.55
C ASP C 993 -40.37 -39.17 27.39
N ALA C 994 -40.80 -39.46 28.61
CA ALA C 994 -41.33 -38.43 29.50
C ALA C 994 -40.30 -37.36 29.84
N GLN C 995 -39.07 -37.79 30.14
CA GLN C 995 -38.00 -36.84 30.42
C GLN C 995 -37.86 -35.88 29.25
N VAL C 996 -37.68 -36.46 28.06
CA VAL C 996 -37.51 -35.71 26.82
C VAL C 996 -38.68 -34.77 26.56
N LYS C 997 -39.88 -35.35 26.56
CA LYS C 997 -41.09 -34.59 26.28
C LYS C 997 -41.28 -33.45 27.28
N LEU C 998 -40.86 -33.67 28.52
CA LEU C 998 -40.96 -32.64 29.54
C LEU C 998 -39.94 -31.54 29.25
N PHE C 999 -38.77 -31.94 28.80
CA PHE C 999 -37.69 -30.99 28.54
C PHE C 999 -37.96 -30.13 27.31
N VAL C 1000 -38.37 -30.77 26.22
CA VAL C 1000 -38.61 -30.06 24.98
C VAL C 1000 -39.80 -29.13 25.13
N THR C 1001 -40.78 -29.55 25.93
CA THR C 1001 -41.94 -28.72 26.16
C THR C 1001 -41.54 -27.46 26.92
N GLY C 1002 -40.66 -27.61 27.91
CA GLY C 1002 -40.20 -26.49 28.69
C GLY C 1002 -39.36 -25.49 27.92
N LEU C 1003 -38.71 -25.96 26.85
CA LEU C 1003 -37.98 -25.05 25.98
C LEU C 1003 -38.89 -23.95 25.49
N PHE C 1004 -40.16 -24.29 25.25
CA PHE C 1004 -41.12 -23.32 24.78
C PHE C 1004 -41.68 -22.44 25.91
N SER C 1005 -41.95 -23.05 27.06
CA SER C 1005 -42.58 -22.35 28.17
C SER C 1005 -41.64 -21.34 28.82
N LEU C 1006 -40.37 -21.72 28.97
CA LEU C 1006 -39.39 -20.88 29.65
C LEU C 1006 -38.65 -19.98 28.68
N ASN C 1007 -39.03 -20.07 27.40
CA ASN C 1007 -38.32 -19.34 26.34
C ASN C 1007 -38.31 -17.83 26.57
N GLN C 1008 -38.98 -17.38 27.61
CA GLN C 1008 -39.02 -15.95 27.91
C GLN C 1008 -38.40 -15.62 29.28
N ASP C 1009 -38.00 -16.64 30.02
CA ASP C 1009 -37.34 -16.47 31.32
C ASP C 1009 -35.94 -17.11 31.27
N ILE C 1010 -34.95 -16.38 30.77
CA ILE C 1010 -33.65 -16.98 30.53
C ILE C 1010 -33.01 -17.64 31.76
N PRO C 1011 -32.92 -16.93 32.89
CA PRO C 1011 -32.33 -17.58 34.07
C PRO C 1011 -32.99 -18.93 34.38
N ALA C 1012 -34.29 -19.04 34.10
CA ALA C 1012 -34.98 -20.31 34.21
C ALA C 1012 -34.51 -21.25 33.12
N PHE C 1013 -34.43 -20.73 31.89
CA PHE C 1013 -33.99 -21.52 30.75
C PHE C 1013 -32.66 -22.21 31.12
N LYS C 1014 -31.75 -21.42 31.68
CA LYS C 1014 -30.45 -21.91 32.17
C LYS C 1014 -30.60 -23.13 33.05
N GLU C 1015 -31.28 -22.95 34.18
CA GLU C 1015 -31.45 -24.04 35.13
C GLU C 1015 -32.07 -25.26 34.44
N HIS C 1016 -32.98 -25.02 33.52
CA HIS C 1016 -33.64 -26.09 32.78
C HIS C 1016 -32.67 -26.87 31.89
N LEU C 1017 -31.75 -26.15 31.25
CA LEU C 1017 -30.67 -26.80 30.51
C LEU C 1017 -29.80 -27.59 31.50
N ARG C 1018 -29.51 -26.99 32.64
CA ARG C 1018 -28.67 -27.65 33.62
C ARG C 1018 -29.31 -28.96 34.05
N ASP C 1019 -30.62 -28.93 34.24
CA ASP C 1019 -31.38 -30.12 34.64
C ASP C 1019 -31.15 -31.26 33.66
N PHE C 1020 -31.18 -30.91 32.38
CA PHE C 1020 -31.01 -31.91 31.33
C PHE C 1020 -29.63 -32.56 31.38
N LEU C 1021 -28.58 -31.78 31.64
CA LEU C 1021 -27.21 -32.29 31.67
C LEU C 1021 -26.98 -33.26 32.83
N VAL C 1022 -27.73 -33.09 33.91
CA VAL C 1022 -27.69 -34.03 35.03
C VAL C 1022 -28.33 -35.36 34.65
N GLN C 1023 -29.51 -35.26 34.03
CA GLN C 1023 -30.29 -36.43 33.65
C GLN C 1023 -29.57 -37.33 32.65
N ILE C 1024 -28.91 -36.73 31.66
CA ILE C 1024 -28.26 -37.51 30.61
C ILE C 1024 -27.03 -38.26 31.10
N LYS C 1025 -26.46 -37.82 32.21
CA LYS C 1025 -25.37 -38.57 32.86
C LYS C 1025 -25.92 -39.79 33.60
N GLU C 1026 -27.24 -39.82 33.79
CA GLU C 1026 -27.85 -40.81 34.67
C GLU C 1026 -28.91 -41.65 33.95
N PHE C 1027 -28.69 -42.96 33.85
CA PHE C 1027 -29.66 -43.84 33.20
C PHE C 1027 -30.80 -44.15 34.13
N ALA C 1028 -31.90 -43.41 33.97
CA ALA C 1028 -33.04 -43.52 34.87
C ALA C 1028 -33.69 -44.89 34.76
N GLY C 1029 -33.85 -45.35 33.53
CA GLY C 1029 -34.56 -46.57 33.25
C GLY C 1029 -35.97 -46.25 32.84
N GLU C 1030 -36.76 -47.28 32.56
CA GLU C 1030 -38.14 -47.08 32.19
C GLU C 1030 -39.01 -47.26 33.42
N ASP C 1031 -38.42 -47.85 34.46
CA ASP C 1031 -39.14 -48.11 35.70
C ASP C 1031 -39.25 -46.85 36.57
N THR C 1032 -38.10 -46.29 36.93
CA THR C 1032 -38.07 -45.13 37.81
C THR C 1032 -38.97 -44.01 37.28
N SER C 1033 -39.71 -43.36 38.19
CA SER C 1033 -40.57 -42.26 37.81
C SER C 1033 -40.51 -41.11 38.83
N ASP C 1034 -39.33 -40.87 39.39
CA ASP C 1034 -39.14 -39.81 40.38
C ASP C 1034 -38.66 -38.52 39.72
N LEU C 1035 -39.22 -38.24 38.55
CA LEU C 1035 -38.86 -37.03 37.81
C LEU C 1035 -39.85 -35.90 38.10
N PHE C 1036 -40.85 -36.19 38.92
CA PHE C 1036 -41.85 -35.19 39.29
C PHE C 1036 -42.44 -34.54 38.06
N LEU C 1037 -42.78 -35.34 37.07
CA LEU C 1037 -43.20 -34.82 35.76
C LEU C 1037 -44.57 -34.16 35.80
N GLU C 1038 -45.00 -33.79 37.01
CA GLU C 1038 -46.27 -33.09 37.20
C GLU C 1038 -46.03 -31.80 37.96
N GLU C 1039 -45.08 -31.85 38.89
CA GLU C 1039 -44.72 -30.69 39.70
C GLU C 1039 -43.94 -29.69 38.86
N ARG C 1040 -43.10 -30.21 37.97
CA ARG C 1040 -42.38 -29.34 37.05
C ARG C 1040 -43.31 -28.76 35.99
N GLU C 1041 -44.27 -29.57 35.59
CA GLU C 1041 -45.22 -29.19 34.55
C GLU C 1041 -46.09 -28.00 34.97
N THR C 1042 -46.25 -27.80 36.27
CA THR C 1042 -47.01 -26.66 36.74
C THR C 1042 -46.13 -25.41 36.74
N ALA C 1043 -44.86 -25.59 37.10
CA ALA C 1043 -43.90 -24.49 37.09
C ALA C 1043 -43.66 -24.00 35.67
N LEU C 1044 -43.74 -24.92 34.71
CA LEU C 1044 -43.59 -24.57 33.31
C LEU C 1044 -44.77 -23.74 32.81
N ARG C 1045 -45.98 -24.16 33.18
CA ARG C 1045 -47.17 -23.42 32.80
C ARG C 1045 -47.32 -22.14 33.60
N GLN C 1046 -46.78 -22.13 34.81
CA GLN C 1046 -46.77 -20.92 35.60
C GLN C 1046 -45.84 -19.90 34.95
N ALA C 1047 -44.78 -20.39 34.33
CA ALA C 1047 -43.86 -19.54 33.58
C ALA C 1047 -44.48 -19.18 32.25
N GLN C 1048 -45.41 -20.01 31.80
CA GLN C 1048 -46.11 -19.77 30.55
C GLN C 1048 -47.19 -18.70 30.72
N GLU C 1049 -47.83 -18.68 31.89
CA GLU C 1049 -48.86 -17.68 32.17
C GLU C 1049 -48.24 -16.29 32.20
N GLU C 1050 -47.09 -16.20 32.86
CA GLU C 1050 -46.36 -14.94 32.95
C GLU C 1050 -46.01 -14.41 31.56
N LYS C 1051 -45.91 -15.32 30.59
CA LYS C 1051 -45.51 -14.99 29.22
C LYS C 1051 -46.24 -13.76 28.68
N HIS C 1052 -47.53 -13.93 28.42
CA HIS C 1052 -48.35 -12.81 27.98
C HIS C 1052 -48.22 -11.65 28.96
N LYS C 1053 -48.16 -11.98 30.25
CA LYS C 1053 -47.99 -10.95 31.29
C LYS C 1053 -46.62 -10.28 31.21
N LEU C 1054 -45.68 -10.92 30.54
CA LEU C 1054 -44.36 -10.35 30.30
C LEU C 1054 -44.39 -9.42 29.08
N GLN C 1055 -44.96 -9.91 27.99
CA GLN C 1055 -44.94 -9.17 26.72
C GLN C 1055 -46.30 -9.10 26.03
N MET C 1056 -47.24 -8.38 26.65
CA MET C 1056 -48.49 -8.03 25.99
C MET C 1056 -48.59 -6.52 25.94
N SER C 1057 -49.68 -6.00 25.38
CA SER C 1057 -49.84 -4.56 25.25
C SER C 1057 -51.24 -4.19 24.76
N LEU D 3 -36.48 -9.07 -11.82
CA LEU D 3 -36.69 -9.28 -13.23
C LEU D 3 -37.21 -8.02 -13.91
N GLY D 4 -36.54 -6.92 -13.63
CA GLY D 4 -36.87 -5.62 -14.20
C GLY D 4 -36.14 -5.28 -15.49
N SER D 5 -35.70 -4.02 -15.61
CA SER D 5 -35.13 -3.51 -16.84
C SER D 5 -33.73 -4.06 -17.14
N MET D 6 -33.02 -4.50 -16.10
CA MET D 6 -31.72 -5.14 -16.28
C MET D 6 -31.87 -6.57 -16.80
N GLU D 7 -32.76 -7.34 -16.18
CA GLU D 7 -32.96 -8.70 -16.62
C GLU D 7 -33.51 -8.71 -18.04
N GLU D 8 -34.43 -7.80 -18.33
N GLU D 8 -34.41 -7.76 -18.31
CA GLU D 8 -34.98 -7.70 -19.67
CA GLU D 8 -35.01 -7.58 -19.62
C GLU D 8 -33.90 -7.28 -20.67
C GLU D 8 -34.01 -7.11 -20.68
N LEU D 9 -32.97 -6.42 -20.24
CA LEU D 9 -31.89 -5.99 -21.10
C LEU D 9 -30.98 -7.20 -21.42
N SER D 10 -30.58 -7.89 -20.35
N SER D 10 -30.58 -7.91 -20.37
CA SER D 10 -29.76 -9.09 -20.46
CA SER D 10 -29.71 -9.06 -20.54
C SER D 10 -30.35 -10.07 -21.47
C SER D 10 -30.33 -10.11 -21.46
N GLN D 11 -31.63 -10.37 -21.28
CA GLN D 11 -32.32 -11.35 -22.11
C GLN D 11 -32.49 -10.89 -23.57
N ALA D 12 -32.53 -9.59 -23.80
CA ALA D 12 -32.53 -9.05 -25.15
C ALA D 12 -31.15 -9.15 -25.79
N LEU D 13 -30.12 -8.77 -25.03
CA LEU D 13 -28.77 -8.81 -25.58
C LEU D 13 -28.36 -10.25 -25.96
N ALA D 14 -28.68 -11.21 -25.10
CA ALA D 14 -28.37 -12.62 -25.38
C ALA D 14 -29.14 -13.20 -26.56
N SER D 15 -30.45 -12.94 -26.61
CA SER D 15 -31.34 -13.67 -27.51
C SER D 15 -31.80 -12.94 -28.78
N SER D 16 -31.46 -11.67 -28.95
CA SER D 16 -31.95 -10.90 -30.10
C SER D 16 -30.90 -9.90 -30.52
N PHE D 17 -29.73 -10.43 -30.80
CA PHE D 17 -28.55 -9.64 -31.13
C PHE D 17 -27.67 -10.58 -31.97
N SER D 18 -27.67 -10.33 -33.28
CA SER D 18 -26.93 -11.19 -34.21
C SER D 18 -26.69 -10.44 -35.52
N VAL D 19 -25.53 -10.63 -36.13
CA VAL D 19 -25.27 -10.00 -37.41
C VAL D 19 -25.72 -10.91 -38.56
N SER D 20 -25.49 -12.21 -38.41
N SER D 20 -25.52 -12.21 -38.41
CA SER D 20 -25.72 -13.15 -39.50
CA SER D 20 -25.74 -13.14 -39.50
C SER D 20 -27.05 -13.87 -39.35
C SER D 20 -27.08 -13.84 -39.35
N GLN D 21 -27.60 -13.85 -38.13
CA GLN D 21 -28.95 -14.32 -37.91
C GLN D 21 -29.21 -15.72 -38.43
N ASP D 22 -28.31 -16.66 -38.21
CA ASP D 22 -28.61 -18.03 -38.61
C ASP D 22 -28.98 -18.92 -37.41
N LEU D 23 -29.74 -19.98 -37.69
CA LEU D 23 -30.35 -20.78 -36.65
C LEU D 23 -29.39 -21.81 -36.07
N ASN D 24 -29.43 -21.97 -34.75
CA ASN D 24 -28.65 -23.02 -34.12
C ASN D 24 -27.18 -22.93 -34.54
N SER D 25 -26.65 -21.70 -34.54
CA SER D 25 -25.26 -21.46 -34.94
C SER D 25 -24.28 -22.10 -33.97
N THR D 26 -23.21 -22.68 -34.50
CA THR D 26 -22.21 -23.29 -33.66
C THR D 26 -21.31 -22.20 -33.15
N ALA D 27 -21.56 -20.98 -33.60
CA ALA D 27 -20.87 -19.81 -33.07
C ALA D 27 -21.22 -19.62 -31.58
N ALA D 28 -22.41 -20.10 -31.21
CA ALA D 28 -22.89 -20.03 -29.84
C ALA D 28 -22.99 -21.45 -29.30
N PRO D 29 -23.05 -21.60 -27.97
CA PRO D 29 -23.20 -22.94 -27.39
C PRO D 29 -24.53 -23.62 -27.74
N HIS D 30 -24.56 -24.94 -27.54
CA HIS D 30 -25.73 -25.76 -27.85
C HIS D 30 -26.97 -25.14 -27.19
N PRO D 31 -28.05 -24.94 -27.96
CA PRO D 31 -29.23 -24.22 -27.47
C PRO D 31 -29.87 -24.87 -26.24
N ARG D 32 -29.51 -26.11 -25.92
CA ARG D 32 -30.04 -26.71 -24.69
C ARG D 32 -29.50 -26.02 -23.44
N LEU D 33 -28.38 -25.32 -23.58
CA LEU D 33 -27.78 -24.60 -22.47
C LEU D 33 -28.05 -23.10 -22.56
N SER D 34 -29.29 -22.74 -22.88
CA SER D 34 -29.61 -21.33 -23.02
C SER D 34 -31.05 -21.01 -22.65
N SER D 38 -35.10 -18.82 -24.49
CA SER D 38 -35.39 -19.20 -25.87
C SER D 38 -34.81 -18.20 -26.86
N LYS D 39 -33.56 -18.44 -27.26
CA LYS D 39 -32.95 -17.67 -28.33
C LYS D 39 -33.86 -17.79 -29.56
N TYR D 40 -34.14 -16.65 -30.17
CA TYR D 40 -35.05 -16.61 -31.30
C TYR D 40 -34.31 -16.86 -32.61
N SER D 41 -32.99 -16.88 -32.56
CA SER D 41 -32.23 -17.35 -33.70
C SER D 41 -31.80 -18.81 -33.47
N SER D 42 -32.45 -19.45 -32.50
CA SER D 42 -32.37 -20.88 -32.26
C SER D 42 -33.70 -21.54 -32.64
N LEU D 43 -33.74 -22.88 -32.70
CA LEU D 43 -34.95 -23.59 -33.09
C LEU D 43 -34.82 -25.10 -32.91
N GLU D 44 -35.91 -25.73 -32.49
CA GLU D 44 -35.92 -27.16 -32.20
C GLU D 44 -36.24 -27.99 -33.44
N GLN D 45 -36.54 -27.30 -34.54
CA GLN D 45 -37.00 -27.96 -35.75
C GLN D 45 -35.94 -27.91 -36.86
N SER D 46 -35.71 -29.04 -37.51
CA SER D 46 -34.71 -29.17 -38.56
C SER D 46 -35.14 -30.12 -39.65
N GLU D 47 -35.97 -31.09 -39.27
CA GLU D 47 -36.41 -32.08 -40.24
C GLU D 47 -37.05 -31.39 -41.44
N ARG D 48 -38.00 -30.51 -41.19
CA ARG D 48 -38.70 -29.81 -42.25
C ARG D 48 -37.79 -28.97 -43.14
N ARG D 49 -37.04 -28.05 -42.55
CA ARG D 49 -36.12 -27.20 -43.32
C ARG D 49 -35.13 -28.03 -44.17
N ARG D 50 -34.76 -29.21 -43.69
CA ARG D 50 -33.91 -30.13 -44.44
C ARG D 50 -34.59 -30.63 -45.71
N ARG D 51 -35.83 -31.08 -45.56
CA ARG D 51 -36.62 -31.55 -46.69
C ARG D 51 -36.72 -30.49 -47.77
N LEU D 52 -37.05 -29.27 -47.35
CA LEU D 52 -37.25 -28.18 -48.29
C LEU D 52 -35.95 -27.95 -49.05
N LEU D 53 -34.84 -27.91 -48.32
CA LEU D 53 -33.58 -27.53 -48.93
C LEU D 53 -33.13 -28.55 -49.99
N GLU D 54 -33.35 -29.82 -49.71
CA GLU D 54 -33.08 -30.87 -50.67
C GLU D 54 -34.03 -30.80 -51.87
N LEU D 55 -35.33 -30.62 -51.61
CA LEU D 55 -36.30 -30.34 -52.67
C LEU D 55 -35.88 -29.13 -53.50
N GLN D 56 -35.12 -28.22 -52.88
CA GLN D 56 -34.69 -26.99 -53.53
C GLN D 56 -33.46 -27.13 -54.45
N LYS D 57 -32.77 -28.26 -54.36
N LYS D 57 -32.76 -28.26 -54.36
CA LYS D 57 -31.51 -28.42 -55.07
CA LYS D 57 -31.49 -28.42 -55.05
C LYS D 57 -31.62 -28.54 -56.58
C LYS D 57 -31.59 -28.52 -56.58
N SER D 58 -32.40 -27.66 -57.19
CA SER D 58 -32.42 -27.53 -58.63
C SER D 58 -31.34 -26.53 -59.02
N LYS D 59 -30.50 -26.92 -59.99
CA LYS D 59 -29.38 -26.10 -60.44
C LYS D 59 -29.86 -24.82 -61.12
N ARG D 60 -29.62 -23.70 -60.44
CA ARG D 60 -29.98 -22.39 -60.92
C ARG D 60 -28.73 -21.52 -60.83
N LEU D 61 -27.77 -22.01 -60.05
CA LEU D 61 -26.51 -21.31 -59.83
C LEU D 61 -25.41 -21.85 -60.77
N ASP D 62 -24.56 -20.95 -61.27
CA ASP D 62 -23.46 -21.35 -62.14
C ASP D 62 -22.19 -21.56 -61.33
N TYR D 63 -22.07 -22.76 -60.76
CA TYR D 63 -20.95 -23.11 -59.94
C TYR D 63 -19.69 -23.27 -60.80
N VAL D 64 -19.89 -23.33 -62.11
CA VAL D 64 -18.79 -23.34 -63.04
C VAL D 64 -18.12 -21.97 -63.02
N ASN D 65 -18.92 -20.93 -63.08
CA ASN D 65 -18.40 -19.56 -63.13
C ASN D 65 -17.92 -19.08 -61.77
N HIS D 66 -18.48 -19.63 -60.71
CA HIS D 66 -18.08 -19.23 -59.37
C HIS D 66 -16.75 -19.88 -58.96
N ALA D 67 -16.57 -21.16 -59.30
CA ALA D 67 -15.33 -21.88 -59.00
C ALA D 67 -14.21 -21.19 -59.73
N ARG D 68 -14.55 -20.57 -60.84
CA ARG D 68 -13.59 -19.92 -61.71
C ARG D 68 -13.11 -18.62 -61.09
N ARG D 69 -14.06 -17.88 -60.53
CA ARG D 69 -13.75 -16.60 -59.91
C ARG D 69 -12.87 -16.76 -58.68
N LEU D 70 -13.16 -17.76 -57.85
CA LEU D 70 -12.27 -18.04 -56.73
C LEU D 70 -10.88 -18.36 -57.27
N ALA D 71 -10.83 -19.15 -58.33
CA ALA D 71 -9.57 -19.62 -58.88
C ALA D 71 -8.74 -18.48 -59.45
N GLU D 72 -9.39 -17.49 -60.03
CA GLU D 72 -8.68 -16.41 -60.71
C GLU D 72 -8.83 -15.06 -60.02
N ASP D 73 -9.34 -15.06 -58.79
CA ASP D 73 -9.63 -13.82 -58.07
C ASP D 73 -10.31 -12.76 -58.96
N ASP D 74 -11.39 -13.15 -59.65
CA ASP D 74 -12.11 -12.20 -60.51
C ASP D 74 -13.54 -11.97 -60.02
N TRP D 75 -13.84 -10.71 -59.69
CA TRP D 75 -15.06 -10.36 -58.98
C TRP D 75 -15.83 -9.24 -59.66
N THR D 76 -15.65 -9.10 -60.96
CA THR D 76 -16.32 -8.06 -61.72
C THR D 76 -17.39 -8.67 -62.62
N GLY D 77 -18.54 -7.99 -62.70
CA GLY D 77 -19.71 -8.55 -63.34
C GLY D 77 -20.80 -8.70 -62.29
N MET D 78 -21.16 -9.94 -61.99
CA MET D 78 -22.14 -10.23 -60.94
C MET D 78 -21.85 -9.38 -59.71
N LYS D 98 -27.05 -14.01 -54.62
CA LYS D 98 -26.98 -15.24 -53.84
C LYS D 98 -25.80 -16.12 -54.28
N LEU D 99 -24.62 -15.78 -53.78
CA LEU D 99 -23.36 -16.49 -54.02
C LEU D 99 -22.21 -15.54 -53.71
N PRO D 100 -21.54 -15.77 -52.57
CA PRO D 100 -20.51 -14.93 -51.93
C PRO D 100 -19.44 -14.44 -52.89
N LYS D 101 -19.13 -13.14 -52.79
CA LYS D 101 -18.33 -12.40 -53.77
C LYS D 101 -16.80 -12.49 -53.68
N HIS D 102 -16.27 -12.96 -52.56
N HIS D 102 -16.27 -13.01 -52.58
CA HIS D 102 -14.83 -13.25 -52.49
CA HIS D 102 -14.81 -13.06 -52.39
C HIS D 102 -14.51 -14.31 -51.43
C HIS D 102 -14.33 -14.34 -51.70
N TYR D 103 -13.35 -14.24 -50.80
CA TYR D 103 -12.86 -15.40 -50.06
C TYR D 103 -13.58 -15.73 -48.72
N ALA D 104 -14.37 -14.78 -48.23
CA ALA D 104 -15.20 -15.04 -47.05
C ALA D 104 -16.48 -15.80 -47.42
N ASN D 105 -16.94 -16.68 -46.53
CA ASN D 105 -18.26 -17.32 -46.62
C ASN D 105 -18.39 -18.35 -47.71
N GLN D 106 -17.33 -19.10 -47.91
CA GLN D 106 -17.24 -20.00 -49.03
C GLN D 106 -17.48 -21.43 -48.57
N LEU D 107 -17.31 -21.62 -47.26
CA LEU D 107 -17.47 -22.93 -46.62
C LEU D 107 -18.91 -23.21 -46.23
N MET D 108 -19.31 -24.48 -46.35
CA MET D 108 -20.65 -24.88 -45.95
C MET D 108 -20.66 -25.21 -44.46
N LEU D 109 -21.52 -24.54 -43.71
CA LEU D 109 -21.49 -24.60 -42.25
C LEU D 109 -22.62 -25.40 -41.63
N SER D 110 -22.24 -26.27 -40.71
CA SER D 110 -23.19 -27.08 -39.99
C SER D 110 -24.02 -26.23 -38.99
N GLU D 111 -25.11 -26.80 -38.53
CA GLU D 111 -25.84 -26.31 -37.37
C GLU D 111 -25.61 -27.34 -36.29
N TRP D 112 -26.00 -27.04 -35.05
CA TRP D 112 -25.88 -28.03 -33.97
C TRP D 112 -26.83 -29.16 -34.33
N LEU D 113 -26.43 -30.40 -34.07
CA LEU D 113 -27.33 -31.53 -34.26
C LEU D 113 -28.35 -31.54 -33.13
N ILE D 114 -29.54 -31.01 -33.42
CA ILE D 114 -30.58 -30.89 -32.41
C ILE D 114 -31.73 -31.86 -32.67
N ASP D 115 -32.38 -31.70 -33.82
CA ASP D 115 -33.48 -32.55 -34.22
C ASP D 115 -32.90 -33.76 -34.99
N VAL D 116 -32.61 -34.83 -34.26
CA VAL D 116 -31.96 -36.02 -34.82
C VAL D 116 -32.76 -36.64 -35.95
N PRO D 117 -32.12 -36.84 -37.11
CA PRO D 117 -32.79 -37.49 -38.24
C PRO D 117 -33.32 -38.88 -37.84
N SER D 118 -34.62 -39.07 -38.04
CA SER D 118 -35.27 -40.35 -37.79
C SER D 118 -34.68 -41.42 -38.69
N ASP D 119 -34.04 -40.98 -39.79
CA ASP D 119 -33.41 -41.88 -40.75
C ASP D 119 -31.90 -41.73 -40.75
N LEU D 120 -31.33 -41.38 -39.60
CA LEU D 120 -29.89 -41.11 -39.49
C LEU D 120 -28.99 -42.26 -39.94
N GLY D 121 -29.23 -43.45 -39.40
CA GLY D 121 -28.36 -44.60 -39.63
C GLY D 121 -28.28 -45.11 -41.06
N GLN D 122 -29.25 -44.76 -41.88
CA GLN D 122 -29.21 -45.16 -43.28
C GLN D 122 -28.85 -44.01 -44.24
N GLU D 123 -29.23 -42.80 -43.88
CA GLU D 123 -29.17 -41.68 -44.81
C GLU D 123 -28.08 -40.63 -44.55
N TRP D 124 -27.31 -40.81 -43.47
CA TRP D 124 -26.24 -39.86 -43.13
C TRP D 124 -24.89 -40.54 -42.90
N ILE D 125 -23.81 -39.77 -42.97
CA ILE D 125 -22.51 -40.20 -42.44
C ILE D 125 -21.94 -39.23 -41.39
N VAL D 126 -20.97 -39.70 -40.61
CA VAL D 126 -20.32 -38.86 -39.62
C VAL D 126 -18.82 -38.79 -39.93
N VAL D 127 -18.27 -37.59 -39.85
CA VAL D 127 -16.85 -37.36 -40.12
C VAL D 127 -16.20 -36.94 -38.82
N VAL D 128 -15.24 -37.72 -38.34
CA VAL D 128 -14.53 -37.30 -37.14
C VAL D 128 -13.65 -36.12 -37.51
N CYS D 129 -13.62 -35.14 -36.62
CA CYS D 129 -12.99 -33.87 -36.94
C CYS D 129 -11.89 -33.54 -35.96
N PRO D 130 -10.80 -32.98 -36.47
CA PRO D 130 -9.63 -32.62 -35.68
C PRO D 130 -9.74 -31.22 -35.09
N VAL D 131 -9.08 -30.97 -33.97
CA VAL D 131 -8.84 -29.59 -33.61
C VAL D 131 -7.83 -28.95 -34.55
N GLY D 132 -8.19 -27.78 -35.05
CA GLY D 132 -7.44 -27.14 -36.11
C GLY D 132 -8.22 -25.95 -36.63
N LYS D 133 -7.72 -25.37 -37.70
CA LYS D 133 -8.39 -24.23 -38.31
C LYS D 133 -9.20 -24.70 -39.49
N ARG D 134 -10.40 -24.14 -39.64
CA ARG D 134 -11.22 -24.43 -40.81
C ARG D 134 -10.80 -23.45 -41.89
N ALA D 135 -10.72 -23.93 -43.12
CA ALA D 135 -10.16 -23.09 -44.17
C ALA D 135 -10.67 -23.45 -45.54
N LEU D 136 -10.73 -22.44 -46.39
CA LEU D 136 -11.02 -22.62 -47.79
C LEU D 136 -9.66 -22.68 -48.42
N ILE D 137 -9.41 -23.73 -49.18
CA ILE D 137 -8.15 -23.86 -49.89
C ILE D 137 -8.40 -23.65 -51.38
N VAL D 138 -7.62 -22.78 -51.99
CA VAL D 138 -7.70 -22.55 -53.42
C VAL D 138 -6.33 -22.73 -54.07
N ALA D 139 -6.20 -23.80 -54.86
CA ALA D 139 -4.98 -24.03 -55.63
C ALA D 139 -5.22 -23.59 -57.07
N SER D 140 -4.48 -22.58 -57.50
CA SER D 140 -4.76 -21.98 -58.77
C SER D 140 -3.52 -21.32 -59.30
N ARG D 141 -3.30 -21.47 -60.61
CA ARG D 141 -2.34 -20.67 -61.34
C ARG D 141 -0.94 -20.77 -60.73
N GLY D 142 -0.60 -21.95 -60.25
CA GLY D 142 0.76 -22.19 -59.80
C GLY D 142 1.03 -22.04 -58.31
N SER D 143 -0.03 -21.86 -57.53
CA SER D 143 0.12 -21.81 -56.08
C SER D 143 -1.13 -22.13 -55.26
N THR D 144 -0.95 -22.24 -53.95
CA THR D 144 -2.06 -22.60 -53.06
C THR D 144 -2.31 -21.56 -51.97
N SER D 145 -3.57 -21.28 -51.70
CA SER D 145 -3.93 -20.36 -50.64
C SER D 145 -4.96 -20.94 -49.69
N ALA D 146 -4.79 -20.66 -48.39
CA ALA D 146 -5.81 -20.98 -47.39
C ALA D 146 -6.43 -19.71 -46.81
N TYR D 147 -7.75 -19.74 -46.61
CA TYR D 147 -8.52 -18.60 -46.12
C TYR D 147 -9.43 -19.05 -45.00
N THR D 148 -9.56 -18.23 -43.97
CA THR D 148 -10.58 -18.49 -42.94
C THR D 148 -11.96 -18.24 -43.48
N LYS D 149 -12.96 -18.64 -42.71
CA LYS D 149 -14.34 -18.31 -43.01
C LYS D 149 -14.49 -16.81 -43.31
N SER D 150 -13.75 -15.98 -42.59
CA SER D 150 -13.76 -14.52 -42.75
C SER D 150 -12.92 -14.05 -43.93
N GLY D 151 -12.39 -14.99 -44.70
CA GLY D 151 -11.64 -14.69 -45.91
C GLY D 151 -10.27 -14.11 -45.65
N TYR D 152 -9.74 -14.36 -44.46
N TYR D 152 -9.71 -14.37 -44.48
CA TYR D 152 -8.39 -13.92 -44.11
CA TYR D 152 -8.39 -13.84 -44.17
C TYR D 152 -7.33 -14.94 -44.52
C TYR D 152 -7.28 -14.86 -44.44
N CYS D 153 -6.44 -14.52 -45.42
CA CYS D 153 -5.39 -15.43 -45.89
C CYS D 153 -4.43 -15.76 -44.76
N VAL D 154 -4.38 -17.02 -44.39
CA VAL D 154 -3.50 -17.43 -43.32
C VAL D 154 -2.23 -18.07 -43.83
N ASN D 155 -2.26 -18.48 -45.10
CA ASN D 155 -1.05 -18.95 -45.76
C ASN D 155 -1.18 -19.07 -47.27
N ARG D 156 -0.13 -18.62 -47.96
CA ARG D 156 0.09 -18.87 -49.38
C ARG D 156 1.35 -19.73 -49.51
N PHE D 157 1.29 -20.78 -50.31
CA PHE D 157 2.38 -21.76 -50.35
C PHE D 157 2.31 -22.63 -51.61
N SER D 158 3.29 -23.52 -51.72
CA SER D 158 3.29 -24.54 -52.75
C SER D 158 2.56 -25.77 -52.23
N SER D 159 1.81 -26.41 -53.12
CA SER D 159 1.17 -27.68 -52.81
C SER D 159 1.10 -28.56 -54.06
N LEU D 160 0.91 -29.86 -53.86
CA LEU D 160 0.80 -30.80 -54.97
C LEU D 160 -0.65 -30.95 -55.44
N LEU D 161 -1.51 -30.04 -55.00
CA LEU D 161 -2.87 -29.96 -55.52
C LEU D 161 -2.79 -29.53 -56.97
N PRO D 162 -3.61 -30.15 -57.83
CA PRO D 162 -3.65 -29.70 -59.23
C PRO D 162 -3.95 -28.21 -59.27
N GLY D 163 -3.02 -27.44 -59.83
CA GLY D 163 -3.15 -25.99 -59.93
C GLY D 163 -2.31 -25.23 -58.91
N GLY D 164 -1.58 -25.94 -58.06
CA GLY D 164 -0.86 -25.28 -56.99
C GLY D 164 0.65 -25.39 -56.88
N ASN D 165 1.34 -25.75 -57.96
CA ASN D 165 2.81 -25.70 -57.91
C ASN D 165 3.52 -24.99 -59.04
N ARG D 166 4.82 -24.81 -58.82
CA ARG D 166 5.70 -24.18 -59.80
C ARG D 166 5.09 -22.87 -60.27
N ALA D 171 -2.50 -23.80 -67.71
CA ALA D 171 -3.46 -24.90 -67.65
C ALA D 171 -4.45 -24.69 -66.51
N LYS D 172 -5.73 -24.57 -66.85
CA LYS D 172 -6.74 -24.28 -65.84
C LYS D 172 -7.32 -25.53 -65.17
N ASP D 173 -6.49 -26.20 -64.40
CA ASP D 173 -6.91 -27.35 -63.60
C ASP D 173 -7.03 -27.03 -62.11
N TYR D 174 -7.36 -25.78 -61.80
CA TYR D 174 -7.53 -25.29 -60.41
C TYR D 174 -8.31 -26.20 -59.44
N THR D 175 -7.97 -26.15 -58.16
CA THR D 175 -8.54 -27.03 -57.14
C THR D 175 -9.07 -26.23 -55.93
N ILE D 176 -10.26 -26.59 -55.44
CA ILE D 176 -10.83 -25.93 -54.27
C ILE D 176 -11.28 -26.92 -53.18
N LEU D 177 -10.77 -26.75 -51.97
CA LEU D 177 -11.02 -27.73 -50.91
C LEU D 177 -11.64 -27.10 -49.68
N ASP D 178 -12.18 -27.95 -48.82
CA ASP D 178 -12.67 -27.58 -47.53
C ASP D 178 -11.81 -28.36 -46.53
N CYS D 179 -11.02 -27.65 -45.72
CA CYS D 179 -10.08 -28.33 -44.83
C CYS D 179 -10.12 -27.83 -43.41
N ILE D 180 -9.56 -28.65 -42.53
CA ILE D 180 -9.14 -28.20 -41.20
C ILE D 180 -7.62 -28.34 -41.08
N TYR D 181 -6.95 -27.20 -40.97
CA TYR D 181 -5.50 -27.19 -40.70
C TYR D 181 -5.16 -27.51 -39.25
N ASN D 182 -4.50 -28.65 -39.06
CA ASN D 182 -3.98 -29.03 -37.76
C ASN D 182 -2.49 -28.66 -37.58
N GLU D 183 -2.25 -27.84 -36.58
CA GLU D 183 -0.98 -27.20 -36.30
C GLU D 183 0.17 -28.18 -36.00
N VAL D 184 -0.05 -29.06 -35.02
CA VAL D 184 0.95 -30.05 -34.64
C VAL D 184 1.41 -30.95 -35.79
N ASN D 185 0.48 -31.43 -36.61
CA ASN D 185 0.82 -32.30 -37.74
C ASN D 185 1.13 -31.55 -39.03
N GLN D 186 1.13 -30.22 -38.95
CA GLN D 186 1.29 -29.41 -40.16
C GLN D 186 0.58 -30.09 -41.33
N THR D 187 -0.63 -30.57 -41.06
CA THR D 187 -1.47 -31.25 -42.02
C THR D 187 -2.82 -30.53 -42.18
N TYR D 188 -3.15 -30.18 -43.42
CA TYR D 188 -4.49 -29.74 -43.77
C TYR D 188 -5.34 -31.00 -43.96
N TYR D 189 -6.23 -31.25 -43.01
CA TYR D 189 -7.15 -32.35 -43.12
C TYR D 189 -8.32 -31.96 -44.02
N VAL D 190 -8.40 -32.61 -45.16
CA VAL D 190 -9.42 -32.31 -46.16
C VAL D 190 -10.80 -32.82 -45.71
N LEU D 191 -11.79 -31.92 -45.61
CA LEU D 191 -13.12 -32.29 -45.14
C LEU D 191 -14.09 -32.47 -46.30
N ASP D 192 -13.80 -31.84 -47.44
CA ASP D 192 -14.70 -31.85 -48.57
C ASP D 192 -13.99 -31.26 -49.78
N VAL D 193 -14.54 -31.48 -50.97
N VAL D 193 -14.52 -31.51 -50.97
CA VAL D 193 -13.97 -30.94 -52.20
CA VAL D 193 -13.95 -30.93 -52.18
C VAL D 193 -15.03 -30.26 -53.04
C VAL D 193 -15.05 -30.24 -52.97
N MET D 194 -14.78 -29.03 -53.45
CA MET D 194 -15.77 -28.30 -54.23
C MET D 194 -15.32 -28.21 -55.69
N CYS D 195 -14.02 -28.31 -55.92
CA CYS D 195 -13.51 -28.24 -57.26
C CYS D 195 -12.23 -29.06 -57.39
N TRP D 196 -12.26 -30.05 -58.27
CA TRP D 196 -11.06 -30.85 -58.53
C TRP D 196 -10.69 -30.75 -60.00
N ARG D 197 -9.39 -30.71 -60.23
CA ARG D 197 -8.81 -30.60 -61.56
C ARG D 197 -9.71 -29.80 -62.48
N GLY D 198 -10.11 -28.61 -62.00
CA GLY D 198 -10.83 -27.66 -62.81
C GLY D 198 -12.30 -27.92 -63.02
N HIS D 199 -12.84 -28.92 -62.33
N HIS D 199 -12.85 -28.89 -62.29
CA HIS D 199 -14.27 -29.24 -62.43
CA HIS D 199 -14.25 -29.21 -62.41
C HIS D 199 -15.01 -29.06 -61.08
C HIS D 199 -15.01 -29.06 -61.08
N PRO D 200 -15.97 -28.13 -61.03
CA PRO D 200 -16.73 -27.87 -59.80
C PRO D 200 -17.58 -29.05 -59.36
N PHE D 201 -17.71 -29.22 -58.04
CA PHE D 201 -18.36 -30.38 -57.45
C PHE D 201 -19.54 -29.99 -56.58
N TYR D 202 -19.87 -28.71 -56.56
CA TYR D 202 -21.00 -28.23 -55.74
C TYR D 202 -22.29 -29.00 -56.04
N ASP D 203 -22.55 -29.26 -57.31
CA ASP D 203 -23.79 -29.91 -57.73
C ASP D 203 -23.84 -31.41 -57.40
N CYS D 204 -22.90 -31.91 -56.61
CA CYS D 204 -22.88 -33.32 -56.29
C CYS D 204 -23.27 -33.66 -54.84
N GLN D 205 -23.95 -34.79 -54.69
CA GLN D 205 -24.24 -35.35 -53.38
C GLN D 205 -22.97 -35.58 -52.57
N THR D 206 -23.07 -35.45 -51.26
CA THR D 206 -21.96 -35.62 -50.34
C THR D 206 -21.29 -36.98 -50.38
N ASP D 207 -22.08 -38.05 -50.41
CA ASP D 207 -21.46 -39.38 -50.50
C ASP D 207 -20.58 -39.52 -51.76
N PHE D 208 -21.02 -38.92 -52.86
CA PHE D 208 -20.18 -38.88 -54.04
C PHE D 208 -18.95 -38.03 -53.79
N ARG D 209 -19.16 -36.81 -53.31
CA ARG D 209 -18.05 -35.91 -52.97
C ARG D 209 -17.03 -36.62 -52.09
N PHE D 210 -17.50 -37.27 -51.04
CA PHE D 210 -16.64 -37.98 -50.11
C PHE D 210 -15.93 -39.11 -50.84
N TYR D 211 -16.68 -39.86 -51.64
CA TYR D 211 -16.09 -40.93 -52.46
C TYR D 211 -14.98 -40.43 -53.38
N TRP D 212 -15.26 -39.36 -54.13
CA TRP D 212 -14.30 -38.79 -55.07
C TRP D 212 -13.00 -38.39 -54.35
N MET D 213 -13.15 -37.83 -53.17
CA MET D 213 -12.04 -37.32 -52.38
C MET D 213 -11.08 -38.43 -52.01
N HIS D 214 -11.63 -39.56 -51.58
CA HIS D 214 -10.85 -40.64 -51.02
C HIS D 214 -10.25 -41.55 -52.10
N SER D 215 -10.58 -41.29 -53.36
CA SER D 215 -9.98 -42.04 -54.44
C SER D 215 -8.97 -41.19 -55.19
N LYS D 216 -9.18 -39.87 -55.20
CA LYS D 216 -8.27 -38.95 -55.89
C LYS D 216 -7.08 -38.50 -55.02
N LEU D 217 -7.30 -38.24 -53.73
CA LEU D 217 -6.21 -37.80 -52.88
C LEU D 217 -5.10 -38.84 -52.78
N PRO D 218 -5.46 -40.10 -52.48
CA PRO D 218 -4.44 -41.12 -52.27
C PRO D 218 -3.57 -41.30 -53.49
N GLU D 219 -3.95 -40.66 -54.59
CA GLU D 219 -3.36 -40.85 -55.93
C GLU D 219 -2.34 -39.80 -56.32
N GLU D 220 -2.48 -38.58 -55.83
CA GLU D 220 -1.56 -37.52 -56.24
C GLU D 220 -0.23 -37.81 -55.56
N GLU D 221 0.81 -38.04 -56.37
CA GLU D 221 2.03 -38.68 -55.88
C GLU D 221 2.34 -38.47 -54.40
N GLY D 222 2.65 -37.25 -53.97
CA GLY D 222 3.03 -37.08 -52.56
C GLY D 222 2.30 -36.00 -51.77
N LEU D 223 1.02 -35.81 -52.08
CA LEU D 223 0.17 -34.80 -51.44
C LEU D 223 0.14 -35.02 -49.95
N GLY D 224 0.18 -36.28 -49.53
CA GLY D 224 0.18 -36.59 -48.12
C GLY D 224 1.57 -36.59 -47.52
N GLU D 225 2.52 -35.97 -48.21
CA GLU D 225 3.94 -36.04 -47.80
C GLU D 225 4.64 -34.67 -47.84
N LYS D 226 5.55 -34.46 -46.89
CA LYS D 226 6.20 -33.15 -46.73
C LYS D 226 7.52 -33.03 -47.49
N THR D 227 7.54 -32.14 -48.47
CA THR D 227 8.71 -31.89 -49.33
C THR D 227 8.77 -30.40 -49.62
N LYS D 228 9.76 -29.97 -50.39
CA LYS D 228 9.88 -28.54 -50.65
C LYS D 228 8.74 -28.02 -51.54
N LEU D 229 8.31 -28.82 -52.52
CA LEU D 229 7.18 -28.45 -53.37
C LEU D 229 5.81 -28.64 -52.68
N ASN D 230 5.79 -29.39 -51.59
CA ASN D 230 4.58 -29.70 -50.88
C ASN D 230 4.84 -29.69 -49.38
N PRO D 231 5.14 -28.51 -48.83
CA PRO D 231 5.45 -28.28 -47.41
C PRO D 231 4.33 -28.73 -46.46
N PHE D 232 3.10 -28.62 -46.94
CA PHE D 232 1.93 -29.01 -46.14
C PHE D 232 1.28 -30.24 -46.69
N LYS D 233 1.06 -31.22 -45.80
CA LYS D 233 0.47 -32.48 -46.18
C LYS D 233 -1.04 -32.35 -46.20
N PHE D 234 -1.68 -32.92 -47.21
CA PHE D 234 -3.14 -33.01 -47.28
C PHE D 234 -3.61 -34.44 -47.11
N VAL D 235 -4.50 -34.65 -46.16
CA VAL D 235 -5.03 -35.96 -45.85
C VAL D 235 -6.55 -35.89 -45.66
N GLY D 236 -7.27 -36.77 -46.35
CA GLY D 236 -8.71 -36.76 -46.31
C GLY D 236 -9.18 -37.40 -45.04
N LEU D 237 -10.20 -36.82 -44.41
CA LEU D 237 -10.78 -37.45 -43.24
C LEU D 237 -11.69 -38.58 -43.65
N LYS D 238 -11.70 -39.60 -42.81
CA LYS D 238 -12.59 -40.71 -43.03
C LYS D 238 -13.99 -40.34 -42.60
N ASN D 239 -14.96 -40.93 -43.29
CA ASN D 239 -16.34 -40.84 -42.87
C ASN D 239 -16.82 -42.24 -42.47
N PHE D 240 -17.85 -42.29 -41.64
CA PHE D 240 -18.38 -43.57 -41.20
C PHE D 240 -19.91 -43.53 -41.18
N PRO D 241 -20.55 -44.71 -41.28
CA PRO D 241 -22.00 -44.83 -41.19
C PRO D 241 -22.51 -44.34 -39.84
N CYS D 242 -23.80 -44.05 -39.77
CA CYS D 242 -24.39 -43.50 -38.55
C CYS D 242 -25.28 -44.51 -37.83
N THR D 243 -25.14 -45.77 -38.23
CA THR D 243 -25.79 -46.88 -37.54
C THR D 243 -25.37 -46.90 -36.07
N PRO D 244 -26.26 -47.37 -35.19
CA PRO D 244 -26.04 -47.39 -33.74
C PRO D 244 -24.75 -48.11 -33.34
N GLU D 245 -24.45 -49.25 -33.95
CA GLU D 245 -23.22 -49.99 -33.65
C GLU D 245 -22.01 -49.22 -34.10
N SER D 246 -22.04 -48.75 -35.35
CA SER D 246 -20.95 -47.97 -35.91
C SER D 246 -20.57 -46.80 -35.00
N LEU D 247 -21.57 -46.02 -34.59
CA LEU D 247 -21.33 -44.85 -33.76
C LEU D 247 -20.52 -45.19 -32.50
N CYS D 248 -20.82 -46.34 -31.90
CA CYS D 248 -20.11 -46.79 -30.73
C CYS D 248 -18.64 -47.04 -31.03
N ASP D 249 -18.38 -47.62 -32.20
CA ASP D 249 -17.01 -47.97 -32.61
C ASP D 249 -16.13 -46.76 -32.95
N VAL D 250 -16.63 -45.86 -33.79
CA VAL D 250 -15.81 -44.70 -34.14
C VAL D 250 -15.57 -43.89 -32.87
N LEU D 251 -16.50 -44.02 -31.93
CA LEU D 251 -16.41 -43.35 -30.65
C LEU D 251 -15.38 -44.06 -29.75
N SER D 252 -14.87 -45.19 -30.21
CA SER D 252 -13.85 -45.94 -29.50
C SER D 252 -12.56 -46.07 -30.33
N MET D 253 -12.54 -45.43 -31.49
CA MET D 253 -11.37 -45.47 -32.39
C MET D 253 -10.24 -44.59 -31.88
N ASP D 254 -9.05 -44.80 -32.44
CA ASP D 254 -7.94 -43.88 -32.21
C ASP D 254 -7.68 -43.05 -33.47
N PHE D 255 -7.58 -41.74 -33.28
CA PHE D 255 -7.39 -40.84 -34.40
C PHE D 255 -6.03 -40.14 -34.30
N PRO D 256 -5.39 -39.93 -35.46
CA PRO D 256 -4.03 -39.38 -35.58
C PRO D 256 -3.93 -37.97 -35.03
N PHE D 257 -5.05 -37.45 -34.52
CA PHE D 257 -5.15 -36.09 -34.03
C PHE D 257 -5.98 -36.02 -32.75
N GLU D 258 -6.00 -34.85 -32.12
CA GLU D 258 -6.94 -34.58 -31.04
C GLU D 258 -8.32 -34.37 -31.67
N VAL D 259 -9.33 -35.03 -31.11
CA VAL D 259 -10.69 -34.90 -31.63
C VAL D 259 -11.41 -33.64 -31.13
N ASP D 260 -11.99 -32.89 -32.06
CA ASP D 260 -12.79 -31.70 -31.74
C ASP D 260 -14.26 -32.05 -31.65
N GLY D 261 -14.75 -32.70 -32.69
CA GLY D 261 -16.15 -33.07 -32.75
C GLY D 261 -16.52 -34.00 -33.88
N LEU D 262 -17.81 -34.20 -34.06
CA LEU D 262 -18.32 -34.99 -35.15
C LEU D 262 -19.27 -34.13 -35.93
N LEU D 263 -19.10 -34.17 -37.25
CA LEU D 263 -20.04 -33.57 -38.18
C LEU D 263 -20.89 -34.67 -38.79
N PHE D 264 -22.19 -34.42 -38.90
CA PHE D 264 -23.09 -35.35 -39.55
C PHE D 264 -23.59 -34.76 -40.87
N TYR D 265 -23.26 -35.43 -41.97
CA TYR D 265 -23.69 -35.00 -43.29
C TYR D 265 -24.85 -35.84 -43.78
N HIS D 266 -25.85 -35.18 -44.35
CA HIS D 266 -26.84 -35.89 -45.12
C HIS D 266 -26.19 -36.30 -46.44
N LYS D 267 -26.30 -37.57 -46.80
CA LYS D 267 -25.63 -38.09 -48.00
C LYS D 267 -26.02 -37.35 -49.27
N GLN D 268 -27.22 -36.76 -49.31
CA GLN D 268 -27.74 -36.21 -50.57
C GLN D 268 -27.54 -34.71 -50.78
N THR D 269 -26.97 -34.01 -49.80
CA THR D 269 -26.86 -32.56 -49.89
C THR D 269 -25.74 -32.05 -50.78
N HIS D 270 -26.05 -31.09 -51.63
CA HIS D 270 -25.06 -30.40 -52.44
C HIS D 270 -24.14 -29.60 -51.57
N TYR D 271 -23.09 -29.07 -52.16
CA TYR D 271 -22.19 -28.20 -51.41
C TYR D 271 -22.64 -26.78 -51.55
N SER D 272 -23.14 -26.22 -50.46
CA SER D 272 -23.68 -24.86 -50.49
C SER D 272 -23.04 -24.05 -49.39
N PRO D 273 -22.31 -22.98 -49.76
CA PRO D 273 -21.63 -22.17 -48.74
C PRO D 273 -22.70 -21.61 -47.80
N GLY D 274 -22.33 -21.32 -46.57
CA GLY D 274 -23.29 -20.86 -45.60
C GLY D 274 -23.71 -21.98 -44.67
N SER D 275 -24.43 -21.62 -43.60
CA SER D 275 -24.91 -22.62 -42.65
C SER D 275 -26.10 -23.38 -43.21
N THR D 276 -26.26 -24.61 -42.75
CA THR D 276 -27.33 -25.45 -43.22
C THR D 276 -27.64 -26.51 -42.17
N PRO D 277 -28.89 -26.97 -42.12
CA PRO D 277 -29.28 -28.07 -41.22
C PRO D 277 -28.87 -29.42 -41.81
N LEU D 278 -28.53 -29.42 -43.09
CA LEU D 278 -28.15 -30.68 -43.75
C LEU D 278 -26.84 -31.27 -43.26
N VAL D 279 -26.14 -30.51 -42.43
CA VAL D 279 -25.00 -31.03 -41.68
C VAL D 279 -25.10 -30.57 -40.21
N GLY D 280 -24.87 -31.49 -39.28
CA GLY D 280 -25.01 -31.21 -37.87
C GLY D 280 -23.73 -31.38 -37.09
N TRP D 281 -23.60 -30.65 -35.99
CA TRP D 281 -22.37 -30.65 -35.20
C TRP D 281 -22.65 -31.17 -33.79
N LEU D 282 -21.86 -32.16 -33.35
CA LEU D 282 -21.87 -32.59 -31.94
C LEU D 282 -20.45 -32.62 -31.34
N ARG D 283 -20.35 -32.29 -30.05
CA ARG D 283 -19.09 -32.52 -29.32
C ARG D 283 -19.10 -33.99 -28.93
N PRO D 284 -17.93 -34.58 -28.71
CA PRO D 284 -17.96 -36.02 -28.42
C PRO D 284 -18.82 -36.38 -27.20
N TYR D 285 -18.71 -35.64 -26.11
CA TYR D 285 -19.47 -35.96 -24.90
C TYR D 285 -20.99 -35.87 -25.08
N MET D 286 -21.42 -35.28 -26.19
CA MET D 286 -22.84 -35.13 -26.48
C MET D 286 -23.50 -36.36 -27.11
N VAL D 287 -22.71 -37.15 -27.83
CA VAL D 287 -23.29 -38.30 -28.54
C VAL D 287 -23.87 -39.39 -27.63
N SER D 288 -23.15 -39.73 -26.57
CA SER D 288 -23.63 -40.73 -25.62
C SER D 288 -24.99 -40.36 -25.01
N ASP D 289 -25.34 -39.08 -25.04
CA ASP D 289 -26.62 -38.61 -24.52
C ASP D 289 -27.73 -38.70 -25.55
N VAL D 290 -27.55 -37.95 -26.64
CA VAL D 290 -28.60 -37.71 -27.63
C VAL D 290 -29.13 -38.98 -28.32
N LEU D 291 -28.34 -39.51 -29.24
CA LEU D 291 -28.78 -40.63 -30.07
C LEU D 291 -28.76 -41.93 -29.26
N GLY D 292 -28.02 -42.93 -29.75
CA GLY D 292 -27.82 -44.16 -29.01
C GLY D 292 -26.84 -43.92 -27.88
N VAL D 293 -26.78 -44.84 -26.93
CA VAL D 293 -25.94 -44.64 -25.74
C VAL D 293 -24.96 -45.80 -25.56
N ALA D 294 -23.67 -45.49 -25.45
CA ALA D 294 -22.65 -46.50 -25.25
C ALA D 294 -21.34 -45.90 -24.78
N VAL D 295 -20.40 -46.77 -24.39
CA VAL D 295 -19.05 -46.37 -23.98
C VAL D 295 -18.28 -47.54 -23.38
N HIS D 354 8.58 -23.84 -6.18
CA HIS D 354 9.62 -24.36 -7.05
C HIS D 354 10.39 -23.25 -7.77
N SER D 355 11.30 -23.65 -8.65
CA SER D 355 12.21 -22.71 -9.30
C SER D 355 12.57 -23.22 -10.69
N PRO D 356 13.12 -22.33 -11.55
CA PRO D 356 13.44 -22.54 -12.97
C PRO D 356 13.02 -23.88 -13.60
N ASP D 357 13.91 -24.49 -14.39
CA ASP D 357 13.65 -25.79 -15.04
C ASP D 357 14.83 -26.29 -15.89
N HIS D 358 14.71 -27.47 -16.48
CA HIS D 358 15.82 -28.10 -17.20
C HIS D 358 15.59 -28.23 -18.71
N PRO D 359 16.63 -27.93 -19.51
CA PRO D 359 16.54 -27.83 -20.97
C PRO D 359 16.12 -29.13 -21.63
N GLY D 360 15.05 -29.08 -22.42
CA GLY D 360 14.64 -30.22 -23.22
C GLY D 360 15.81 -30.69 -24.06
N CYS D 361 16.35 -29.81 -24.89
CA CYS D 361 17.44 -30.19 -25.78
C CYS D 361 18.83 -29.60 -25.46
N LEU D 362 19.70 -29.62 -26.46
CA LEU D 362 21.16 -29.64 -26.26
C LEU D 362 21.96 -28.33 -26.29
N MET D 363 22.95 -28.31 -25.40
CA MET D 363 24.10 -27.38 -25.35
C MET D 363 23.95 -25.90 -25.75
N GLU D 364 24.97 -25.44 -26.48
CA GLU D 364 25.11 -24.07 -26.99
C GLU D 364 26.33 -23.34 -26.39
N ASN D 365 27.05 -24.00 -25.49
CA ASN D 365 28.24 -23.38 -24.87
C ASN D 365 29.39 -23.17 -25.84
N VAL E 9 2.34 18.71 -67.34
CA VAL E 9 1.53 19.09 -66.19
C VAL E 9 2.24 18.79 -64.86
N GLN E 10 3.09 19.72 -64.42
CA GLN E 10 3.92 19.50 -63.23
C GLN E 10 3.86 20.65 -62.22
N PHE E 11 4.62 20.53 -61.13
CA PHE E 11 4.71 21.59 -60.13
C PHE E 11 6.00 21.52 -59.31
N LYS E 12 6.65 22.68 -59.13
CA LYS E 12 7.85 22.76 -58.31
C LYS E 12 7.47 22.89 -56.84
N LEU E 13 7.95 21.96 -56.02
CA LEU E 13 7.62 21.90 -54.60
C LEU E 13 8.87 21.79 -53.74
N VAL E 14 9.20 22.87 -53.06
CA VAL E 14 10.38 22.89 -52.22
C VAL E 14 10.06 22.30 -50.85
N LEU E 15 10.97 21.49 -50.34
CA LEU E 15 10.80 20.84 -49.04
C LEU E 15 11.87 21.37 -48.10
N VAL E 16 11.44 22.16 -47.10
CA VAL E 16 12.38 22.73 -46.14
C VAL E 16 12.07 22.27 -44.71
N GLY E 17 12.99 22.56 -43.79
CA GLY E 17 12.87 22.13 -42.41
C GLY E 17 14.25 21.90 -41.82
N ASP E 18 14.30 21.78 -40.50
CA ASP E 18 15.57 21.54 -39.84
C ASP E 18 16.26 20.26 -40.30
N GLY E 19 17.52 20.11 -39.89
CA GLY E 19 18.24 18.89 -40.18
C GLY E 19 17.63 17.68 -39.48
N GLY E 20 17.66 16.53 -40.14
CA GLY E 20 17.22 15.29 -39.54
C GLY E 20 15.73 15.22 -39.24
N THR E 21 14.96 16.11 -39.86
CA THR E 21 13.52 16.13 -39.62
C THR E 21 12.83 14.99 -40.34
N GLY E 22 13.52 14.40 -41.31
CA GLY E 22 12.97 13.28 -42.05
C GLY E 22 12.50 13.64 -43.45
N LYS E 23 13.01 14.74 -43.98
CA LYS E 23 12.57 15.22 -45.29
C LYS E 23 12.96 14.26 -46.39
N THR E 24 14.23 13.87 -46.41
CA THR E 24 14.74 12.97 -47.41
C THR E 24 14.13 11.58 -47.23
N THR E 25 13.99 11.16 -45.98
CA THR E 25 13.37 9.88 -45.65
C THR E 25 11.95 9.84 -46.18
N PHE E 26 11.24 10.96 -46.01
CA PHE E 26 9.87 11.11 -46.48
C PHE E 26 9.82 10.91 -47.98
N VAL E 27 10.57 11.73 -48.72
CA VAL E 27 10.55 11.68 -50.17
C VAL E 27 10.93 10.29 -50.69
N LYS E 28 11.89 9.66 -50.02
CA LYS E 28 12.40 8.37 -50.42
C LYS E 28 11.27 7.33 -50.41
N ARG E 29 10.49 7.33 -49.34
CA ARG E 29 9.34 6.44 -49.20
C ARG E 29 8.29 6.59 -50.31
N HIS E 30 8.09 7.82 -50.77
CA HIS E 30 7.12 8.08 -51.82
C HIS E 30 7.60 7.57 -53.17
N LEU E 31 8.92 7.54 -53.34
CA LEU E 31 9.53 7.13 -54.58
C LEU E 31 9.67 5.61 -54.66
N THR E 32 10.41 5.07 -53.71
CA THR E 32 10.79 3.66 -53.72
C THR E 32 9.89 2.81 -52.84
N GLY E 33 9.32 3.44 -51.81
CA GLY E 33 8.54 2.71 -50.82
C GLY E 33 9.39 2.12 -49.70
N GLU E 34 10.69 2.37 -49.75
CA GLU E 34 11.60 1.84 -48.75
C GLU E 34 11.70 2.81 -47.59
N PHE E 35 11.99 2.30 -46.40
CA PHE E 35 12.22 3.20 -45.28
C PHE E 35 13.69 3.25 -44.87
N GLU E 36 14.34 4.36 -45.20
CA GLU E 36 15.73 4.57 -44.83
C GLU E 36 15.82 4.84 -43.33
N LYS E 37 16.66 4.08 -42.63
CA LYS E 37 16.80 4.23 -41.17
C LYS E 37 17.95 5.16 -40.78
N LYS E 38 18.90 5.33 -41.70
CA LYS E 38 20.08 6.14 -41.44
C LYS E 38 19.79 7.60 -41.71
N TYR E 39 20.56 8.47 -41.08
CA TYR E 39 20.47 9.89 -41.36
C TYR E 39 21.73 10.36 -42.07
N VAL E 40 21.68 10.39 -43.40
CA VAL E 40 22.76 10.94 -44.24
C VAL E 40 22.38 12.33 -44.72
N ALA E 41 22.97 13.37 -44.12
CA ALA E 41 22.55 14.74 -44.37
C ALA E 41 22.58 15.16 -45.85
N THR E 42 21.52 15.84 -46.26
CA THR E 42 21.37 16.25 -47.64
C THR E 42 22.28 17.45 -47.88
N LEU E 43 22.85 17.50 -49.08
CA LEU E 43 23.87 18.50 -49.40
C LEU E 43 23.33 19.50 -50.42
N GLY E 44 23.01 20.70 -49.95
CA GLY E 44 22.32 21.67 -50.79
C GLY E 44 20.89 21.25 -51.07
N VAL E 45 20.67 20.69 -52.26
CA VAL E 45 19.35 20.25 -52.68
C VAL E 45 19.48 19.03 -53.59
N GLU E 46 18.44 18.20 -53.62
CA GLU E 46 18.29 17.20 -54.68
C GLU E 46 16.86 17.05 -55.17
N VAL E 47 16.68 17.22 -56.48
CA VAL E 47 15.35 17.25 -57.09
C VAL E 47 14.80 15.86 -57.39
N HIS E 48 13.63 15.57 -56.84
CA HIS E 48 12.98 14.27 -57.03
C HIS E 48 11.57 14.43 -57.58
N PRO E 49 11.38 14.06 -58.84
CA PRO E 49 10.04 13.98 -59.42
C PRO E 49 9.18 12.94 -58.69
N LEU E 50 7.98 13.33 -58.27
CA LEU E 50 7.02 12.40 -57.70
C LEU E 50 5.73 12.47 -58.50
N VAL E 51 5.20 11.31 -58.88
CA VAL E 51 3.95 11.25 -59.64
C VAL E 51 2.81 10.64 -58.87
N PHE E 52 1.65 11.26 -59.00
CA PHE E 52 0.43 10.75 -58.40
C PHE E 52 -0.63 10.69 -59.50
N HIS E 53 -1.43 9.63 -59.49
CA HIS E 53 -2.52 9.50 -60.44
C HIS E 53 -3.84 9.88 -59.79
N THR E 54 -4.51 10.87 -60.38
CA THR E 54 -5.71 11.43 -59.77
C THR E 54 -6.96 11.27 -60.60
N ASN E 55 -8.07 11.50 -59.91
CA ASN E 55 -9.40 11.71 -60.47
C ASN E 55 -9.37 12.18 -61.93
N ARG E 56 -8.52 13.16 -62.22
CA ARG E 56 -8.54 13.89 -63.48
C ARG E 56 -7.31 13.65 -64.35
N GLY E 57 -6.35 12.89 -63.84
CA GLY E 57 -5.13 12.62 -64.60
C GLY E 57 -3.92 12.60 -63.69
N PRO E 58 -2.73 12.39 -64.29
CA PRO E 58 -1.47 12.31 -63.53
C PRO E 58 -0.99 13.69 -63.08
N ILE E 59 -0.37 13.73 -61.91
CA ILE E 59 0.17 14.97 -61.37
C ILE E 59 1.63 14.74 -60.97
N LYS E 60 2.51 15.66 -61.38
CA LYS E 60 3.92 15.49 -61.15
C LYS E 60 4.50 16.59 -60.28
N PHE E 61 5.00 16.21 -59.10
CA PHE E 61 5.68 17.14 -58.20
C PHE E 61 7.18 16.99 -58.34
N ASN E 62 7.86 18.05 -58.76
CA ASN E 62 9.31 18.04 -58.70
C ASN E 62 9.79 18.53 -57.35
N VAL E 63 10.02 17.57 -56.45
CA VAL E 63 10.35 17.84 -55.06
C VAL E 63 11.82 18.24 -54.88
N TRP E 64 12.04 19.52 -54.61
CA TRP E 64 13.38 20.01 -54.27
C TRP E 64 13.66 19.76 -52.81
N ASP E 65 14.12 18.56 -52.49
CA ASP E 65 14.47 18.21 -51.13
C ASP E 65 15.74 18.93 -50.68
N THR E 66 15.58 20.03 -49.95
CA THR E 66 16.70 20.89 -49.58
C THR E 66 17.31 20.55 -48.22
N ALA E 67 18.53 21.02 -47.99
CA ALA E 67 19.26 20.69 -46.76
C ALA E 67 18.86 21.58 -45.57
N GLY E 68 18.64 20.95 -44.42
CA GLY E 68 18.25 21.66 -43.22
C GLY E 68 19.40 22.08 -42.33
N LEU E 69 20.54 21.41 -42.51
CA LEU E 69 21.78 21.72 -41.80
C LEU E 69 22.40 23.00 -42.34
N GLU E 70 22.87 23.87 -41.44
CA GLU E 70 23.43 25.15 -41.83
C GLU E 70 24.67 25.03 -42.71
N LYS E 71 25.56 24.12 -42.34
CA LYS E 71 26.80 23.92 -43.08
C LYS E 71 26.54 23.56 -44.53
N PHE E 72 25.43 22.89 -44.78
CA PHE E 72 25.15 22.33 -46.11
C PHE E 72 23.98 23.02 -46.82
N GLY E 73 23.58 24.18 -46.31
CA GLY E 73 22.50 24.93 -46.93
C GLY E 73 22.62 25.05 -48.45
N GLY E 74 23.83 25.33 -48.93
CA GLY E 74 24.03 25.55 -50.35
C GLY E 74 23.48 26.89 -50.81
N LEU E 75 22.73 26.87 -51.90
CA LEU E 75 22.19 28.09 -52.49
C LEU E 75 21.01 28.64 -51.69
N ARG E 76 20.65 27.95 -50.62
CA ARG E 76 19.64 28.43 -49.69
C ARG E 76 18.36 28.82 -50.39
N ASP E 77 17.86 30.00 -49.98
CA ASP E 77 16.66 30.57 -50.55
C ASP E 77 16.70 30.66 -52.07
N GLY E 78 17.90 30.65 -52.66
CA GLY E 78 18.05 30.61 -54.11
C GLY E 78 17.29 29.45 -54.72
N TYR E 79 17.15 28.35 -53.98
CA TYR E 79 16.40 27.21 -54.47
C TYR E 79 14.90 27.48 -54.55
N TYR E 80 14.40 28.36 -53.67
CA TYR E 80 12.97 28.63 -53.61
C TYR E 80 12.43 29.31 -54.85
N ILE E 81 13.24 30.19 -55.45
CA ILE E 81 12.84 30.93 -56.64
C ILE E 81 11.93 30.10 -57.54
N GLN E 82 10.76 30.63 -57.86
CA GLN E 82 9.85 30.01 -58.82
C GLN E 82 9.09 28.80 -58.30
N ALA E 83 9.24 28.50 -57.01
CA ALA E 83 8.48 27.42 -56.37
C ALA E 83 6.99 27.70 -56.50
N GLN E 84 6.19 26.64 -56.51
CA GLN E 84 4.75 26.80 -56.69
C GLN E 84 3.98 26.30 -55.48
N CYS E 85 4.71 25.74 -54.53
CA CYS E 85 4.14 25.24 -53.29
C CYS E 85 5.27 24.68 -52.45
N ALA E 86 5.00 24.39 -51.19
CA ALA E 86 6.02 23.86 -50.31
C ALA E 86 5.47 23.12 -49.09
N ILE E 87 6.36 22.33 -48.50
CA ILE E 87 6.09 21.58 -47.29
C ILE E 87 7.15 21.96 -46.26
N ILE E 88 6.74 22.64 -45.20
CA ILE E 88 7.65 22.96 -44.10
C ILE E 88 7.58 21.79 -43.13
N MET E 89 8.72 21.22 -42.81
CA MET E 89 8.74 20.01 -42.01
C MET E 89 9.41 20.21 -40.66
N PHE E 90 8.88 19.55 -39.63
CA PHE E 90 9.57 19.49 -38.34
C PHE E 90 9.42 18.10 -37.73
N ASP E 91 10.09 17.86 -36.62
CA ASP E 91 10.06 16.54 -35.99
C ASP E 91 9.40 16.65 -34.62
N VAL E 92 8.27 15.97 -34.42
CA VAL E 92 7.57 16.12 -33.15
C VAL E 92 8.35 15.55 -31.97
N THR E 93 9.43 14.82 -32.24
CA THR E 93 10.33 14.39 -31.16
C THR E 93 11.40 15.44 -30.83
N SER E 94 11.40 16.57 -31.54
CA SER E 94 12.39 17.60 -31.25
C SER E 94 11.80 19.02 -31.23
N ARG E 95 11.64 19.58 -30.03
CA ARG E 95 11.04 20.90 -29.85
C ARG E 95 11.75 22.02 -30.64
N VAL E 96 13.08 21.98 -30.66
CA VAL E 96 13.85 22.93 -31.42
C VAL E 96 13.37 23.08 -32.88
N THR E 97 13.05 21.96 -33.53
CA THR E 97 12.78 21.99 -34.96
C THR E 97 11.52 22.79 -35.28
N TYR E 98 10.47 22.58 -34.48
CA TYR E 98 9.23 23.37 -34.55
C TYR E 98 9.50 24.88 -34.38
N LYS E 99 10.20 25.26 -33.31
CA LYS E 99 10.52 26.68 -33.10
C LYS E 99 11.29 27.35 -34.28
N ASN E 100 11.96 26.55 -35.09
CA ASN E 100 12.68 27.12 -36.23
C ASN E 100 11.79 27.34 -37.46
N VAL E 101 10.61 26.72 -37.43
CA VAL E 101 9.63 26.82 -38.51
C VAL E 101 9.45 28.25 -39.01
N PRO E 102 9.22 29.19 -38.09
CA PRO E 102 9.00 30.58 -38.55
C PRO E 102 10.16 31.08 -39.39
N ASN E 103 11.37 30.61 -39.09
CA ASN E 103 12.52 30.98 -39.89
C ASN E 103 12.42 30.41 -41.30
N TRP E 104 12.06 29.13 -41.38
CA TRP E 104 11.86 28.46 -42.68
C TRP E 104 10.70 29.11 -43.46
N HIS E 105 9.62 29.44 -42.77
CA HIS E 105 8.49 30.13 -43.41
C HIS E 105 8.90 31.52 -43.92
N ARG E 106 9.67 32.25 -43.11
CA ARG E 106 10.15 33.57 -43.48
C ARG E 106 10.92 33.52 -44.80
N ASP E 107 11.96 32.71 -44.83
CA ASP E 107 12.80 32.58 -46.00
C ASP E 107 11.97 32.27 -47.23
N LEU E 108 11.06 31.31 -47.09
CA LEU E 108 10.30 30.82 -48.23
C LEU E 108 9.38 31.88 -48.85
N VAL E 109 8.65 32.62 -48.01
CA VAL E 109 7.64 33.55 -48.52
C VAL E 109 8.23 34.87 -49.00
N ARG E 110 9.34 35.27 -48.39
CA ARG E 110 10.08 36.42 -48.87
C ARG E 110 10.53 36.17 -50.31
N VAL E 111 10.52 34.90 -50.71
CA VAL E 111 10.82 34.51 -52.08
C VAL E 111 9.52 34.15 -52.81
N CYS E 112 8.60 33.52 -52.08
CA CYS E 112 7.34 33.07 -52.65
C CYS E 112 6.13 33.77 -52.01
N GLU E 113 5.56 34.75 -52.72
CA GLU E 113 4.47 35.56 -52.19
C GLU E 113 3.25 34.73 -51.78
N ASN E 114 2.54 34.20 -52.76
CA ASN E 114 1.38 33.37 -52.48
C ASN E 114 1.46 31.99 -53.10
N ILE E 115 1.90 31.02 -52.32
CA ILE E 115 1.87 29.63 -52.75
C ILE E 115 1.27 28.77 -51.64
N PRO E 116 0.68 27.63 -52.02
CA PRO E 116 0.15 26.73 -51.00
C PRO E 116 1.30 26.13 -50.20
N ILE E 117 1.20 26.19 -48.88
CA ILE E 117 2.23 25.65 -48.02
C ILE E 117 1.62 24.76 -46.96
N VAL E 118 2.11 23.53 -46.88
CA VAL E 118 1.68 22.61 -45.85
C VAL E 118 2.79 22.55 -44.80
N LEU E 119 2.38 22.49 -43.53
CA LEU E 119 3.28 22.28 -42.39
C LEU E 119 3.12 20.83 -41.95
N CYS E 120 4.20 20.11 -41.73
CA CYS E 120 4.09 18.70 -41.34
C CYS E 120 4.95 18.37 -40.15
N GLY E 121 4.31 17.82 -39.12
CA GLY E 121 5.02 17.26 -37.99
C GLY E 121 5.27 15.79 -38.26
N ASN E 122 6.53 15.45 -38.48
CA ASN E 122 6.92 14.08 -38.83
C ASN E 122 7.25 13.26 -37.57
N LYS E 123 7.17 11.94 -37.68
CA LYS E 123 7.59 11.04 -36.60
C LYS E 123 6.58 10.85 -35.47
N VAL E 124 5.30 10.87 -35.81
CA VAL E 124 4.27 10.80 -34.78
C VAL E 124 4.15 9.37 -34.28
N ASP E 125 4.89 8.47 -34.91
CA ASP E 125 4.92 7.05 -34.55
C ASP E 125 5.78 6.79 -33.32
N ILE E 126 6.71 7.70 -33.06
CA ILE E 126 7.59 7.55 -31.90
C ILE E 126 6.77 7.87 -30.65
N LYS E 127 6.70 6.90 -29.74
CA LYS E 127 5.80 7.02 -28.59
C LYS E 127 6.15 8.17 -27.65
N ASP E 128 7.39 8.66 -27.73
CA ASP E 128 7.82 9.73 -26.85
C ASP E 128 7.69 11.11 -27.51
N ARG E 129 6.46 11.54 -27.70
CA ARG E 129 6.18 12.80 -28.37
C ARG E 129 6.53 14.00 -27.49
N LYS E 130 7.40 14.88 -27.98
CA LYS E 130 7.86 16.05 -27.22
C LYS E 130 7.13 17.32 -27.62
N VAL E 131 6.83 17.46 -28.90
CA VAL E 131 6.02 18.58 -29.38
C VAL E 131 4.56 18.15 -29.39
N LYS E 132 3.85 18.49 -28.32
CA LYS E 132 2.44 18.14 -28.17
C LYS E 132 1.58 18.82 -29.21
N ALA E 133 0.62 18.08 -29.75
CA ALA E 133 -0.34 18.66 -30.69
C ALA E 133 -0.92 20.00 -30.21
N LYS E 134 -1.03 20.17 -28.91
CA LYS E 134 -1.57 21.38 -28.31
C LYS E 134 -0.75 22.61 -28.72
N SER E 135 0.55 22.40 -28.89
CA SER E 135 1.48 23.52 -29.08
C SER E 135 1.63 23.93 -30.53
N ILE E 136 1.10 23.09 -31.41
CA ILE E 136 1.26 23.31 -32.84
C ILE E 136 0.19 24.27 -33.33
N VAL E 137 0.56 25.54 -33.46
CA VAL E 137 -0.42 26.57 -33.81
C VAL E 137 0.11 27.62 -34.81
N PHE E 138 1.41 27.62 -35.06
CA PHE E 138 2.03 28.61 -35.96
C PHE E 138 1.29 28.78 -37.29
N HIS E 139 0.75 27.67 -37.81
CA HIS E 139 0.10 27.67 -39.12
C HIS E 139 -1.18 28.49 -39.16
N ARG E 140 -1.80 28.72 -38.00
CA ARG E 140 -3.10 29.39 -37.96
C ARG E 140 -3.09 30.74 -38.66
N LYS E 141 -2.14 31.58 -38.29
CA LYS E 141 -2.15 32.96 -38.73
C LYS E 141 -1.41 33.18 -40.06
N LYS E 142 -0.68 32.15 -40.49
CA LYS E 142 -0.01 32.16 -41.77
C LYS E 142 -0.91 31.53 -42.82
N ASN E 143 -2.10 31.13 -42.39
CA ASN E 143 -3.05 30.46 -43.28
C ASN E 143 -2.42 29.24 -43.97
N LEU E 144 -1.71 28.42 -43.19
CA LEU E 144 -1.09 27.20 -43.71
C LEU E 144 -1.87 25.97 -43.25
N GLN E 145 -1.70 24.87 -43.97
CA GLN E 145 -2.33 23.60 -43.64
C GLN E 145 -1.40 22.78 -42.77
N TYR E 146 -1.94 22.02 -41.83
CA TYR E 146 -1.09 21.18 -40.98
C TYR E 146 -1.47 19.71 -41.03
N TYR E 147 -0.46 18.85 -41.04
CA TYR E 147 -0.70 17.42 -40.88
C TYR E 147 0.37 16.75 -40.03
N ASP E 148 -0.10 15.86 -39.15
CA ASP E 148 0.75 14.87 -38.53
C ASP E 148 1.07 13.81 -39.57
N ILE E 149 2.35 13.51 -39.76
CA ILE E 149 2.76 12.44 -40.64
C ILE E 149 3.80 11.53 -40.01
N SER E 150 3.92 10.32 -40.54
CA SER E 150 5.06 9.46 -40.25
C SER E 150 5.55 8.78 -41.54
N ALA E 151 6.82 8.98 -41.86
CA ALA E 151 7.40 8.33 -43.02
C ALA E 151 7.60 6.86 -42.69
N LYS E 152 7.80 6.57 -41.41
CA LYS E 152 8.03 5.19 -40.99
C LYS E 152 6.76 4.35 -41.11
N SER E 153 5.69 4.77 -40.44
CA SER E 153 4.43 4.01 -40.44
C SER E 153 3.45 4.42 -41.53
N ASN E 154 3.85 5.34 -42.39
CA ASN E 154 2.98 5.75 -43.49
C ASN E 154 1.72 6.46 -43.05
N TYR E 155 1.72 7.02 -41.84
CA TYR E 155 0.55 7.71 -41.35
C TYR E 155 0.42 9.04 -42.06
N ASN E 156 -0.77 9.28 -42.64
CA ASN E 156 -1.06 10.52 -43.35
C ASN E 156 -0.01 10.86 -44.40
N PHE E 157 0.55 9.82 -45.00
CA PHE E 157 1.64 9.89 -45.96
C PHE E 157 1.38 10.79 -47.17
N GLU E 158 0.16 10.76 -47.70
CA GLU E 158 -0.14 11.49 -48.92
C GLU E 158 -0.83 12.82 -48.67
N LYS E 159 -1.28 13.05 -47.43
CA LYS E 159 -2.07 14.23 -47.10
C LYS E 159 -1.47 15.55 -47.63
N PRO E 160 -0.18 15.78 -47.37
CA PRO E 160 0.47 17.00 -47.89
C PRO E 160 0.29 17.15 -49.39
N PHE E 161 0.48 16.06 -50.12
CA PHE E 161 0.42 16.11 -51.57
C PHE E 161 -1.01 16.30 -52.08
N LEU E 162 -1.95 15.49 -51.58
CA LEU E 162 -3.35 15.64 -51.95
C LEU E 162 -3.83 17.08 -51.75
N TRP E 163 -3.60 17.64 -50.57
CA TRP E 163 -3.98 19.02 -50.30
C TRP E 163 -3.34 20.01 -51.28
N LEU E 164 -2.03 19.91 -51.47
CA LEU E 164 -1.32 20.77 -52.42
C LEU E 164 -1.88 20.60 -53.83
N ALA E 165 -2.19 19.36 -54.20
CA ALA E 165 -2.76 19.08 -55.51
C ALA E 165 -4.14 19.72 -55.67
N ARG E 166 -4.94 19.68 -54.60
CA ARG E 166 -6.27 20.25 -54.64
C ARG E 166 -6.21 21.78 -54.74
N LYS E 167 -5.15 22.36 -54.19
CA LYS E 167 -5.00 23.82 -54.18
C LYS E 167 -4.40 24.35 -55.48
N LEU E 168 -3.45 23.60 -56.05
CA LEU E 168 -2.78 24.02 -57.28
C LEU E 168 -3.70 23.86 -58.48
N ILE E 169 -4.62 22.91 -58.38
CA ILE E 169 -5.58 22.65 -59.46
C ILE E 169 -6.84 23.50 -59.34
N GLY E 170 -7.45 23.51 -58.15
CA GLY E 170 -8.70 24.23 -57.94
C GLY E 170 -9.87 23.29 -57.71
N ASP E 171 -9.57 22.00 -57.59
CA ASP E 171 -10.58 20.96 -57.44
C ASP E 171 -10.57 20.33 -56.05
N PRO E 172 -11.48 20.77 -55.18
CA PRO E 172 -11.62 20.24 -53.82
C PRO E 172 -12.01 18.77 -53.82
N ASN E 173 -12.61 18.31 -54.92
CA ASN E 173 -13.09 16.94 -55.02
C ASN E 173 -12.05 16.03 -55.63
N LEU E 174 -10.97 16.62 -56.11
CA LEU E 174 -9.85 15.87 -56.65
C LEU E 174 -9.39 14.84 -55.62
N GLU E 175 -9.21 13.60 -56.07
CA GLU E 175 -8.68 12.60 -55.17
C GLU E 175 -7.81 11.64 -55.96
N PHE E 176 -6.52 11.65 -55.67
CA PHE E 176 -5.66 10.68 -56.32
C PHE E 176 -5.64 9.35 -55.59
N VAL E 177 -6.51 8.46 -56.04
CA VAL E 177 -6.56 7.08 -55.55
C VAL E 177 -6.28 6.19 -56.74
N ALA E 178 -5.91 4.93 -56.47
CA ALA E 178 -5.55 4.02 -57.54
C ALA E 178 -4.50 4.65 -58.44
N MET E 179 -4.09 3.89 -59.46
CA MET E 179 -3.02 4.30 -60.36
C MET E 179 -3.46 4.22 -61.82
N ALA F 14 35.69 20.10 -71.00
CA ALA F 14 35.93 20.74 -69.71
C ALA F 14 34.69 21.48 -69.23
N ALA F 15 33.60 20.73 -69.04
CA ALA F 15 32.41 21.29 -68.40
C ALA F 15 32.74 21.47 -66.94
N ARG F 16 33.77 22.27 -66.68
CA ARG F 16 34.33 22.43 -65.34
C ARG F 16 35.21 23.68 -65.27
N GLN F 17 34.58 24.86 -65.33
CA GLN F 17 35.30 26.12 -65.19
C GLN F 17 34.72 26.95 -64.05
N LEU F 18 35.37 26.90 -62.90
CA LEU F 18 34.99 27.74 -61.78
C LEU F 18 35.58 29.13 -61.98
N LEU F 19 34.85 30.15 -61.58
CA LEU F 19 35.29 31.53 -61.78
C LEU F 19 36.65 31.80 -61.11
N ASP F 20 37.56 32.47 -61.83
CA ASP F 20 38.94 32.64 -61.37
C ASP F 20 39.36 34.12 -61.27
N PHE F 21 40.67 34.35 -61.44
CA PHE F 21 41.25 35.69 -61.28
C PHE F 21 41.60 36.34 -62.61
N SER F 22 40.62 36.53 -63.48
CA SER F 22 40.90 37.08 -64.80
C SER F 22 39.75 37.86 -65.40
N GLN F 23 38.61 37.21 -65.57
CA GLN F 23 37.47 37.84 -66.23
C GLN F 23 36.18 37.12 -65.90
N LYS F 24 35.05 37.72 -66.29
CA LYS F 24 33.75 37.12 -66.05
C LYS F 24 32.99 36.87 -67.35
N LEU F 25 33.00 35.63 -67.81
CA LEU F 25 32.10 35.23 -68.88
C LEU F 25 30.70 35.21 -68.28
N ASP F 26 30.13 36.39 -68.08
CA ASP F 26 28.87 36.51 -67.39
C ASP F 26 27.81 35.65 -68.08
N ILE F 27 27.99 35.43 -69.38
CA ILE F 27 27.09 34.60 -70.16
C ILE F 27 27.19 33.13 -69.75
N ASN F 28 28.40 32.70 -69.42
CA ASN F 28 28.62 31.34 -68.93
C ASN F 28 27.86 31.09 -67.63
N LEU F 29 28.17 31.90 -66.63
CA LEU F 29 27.46 31.88 -65.35
C LEU F 29 25.97 31.89 -65.61
N LEU F 30 25.55 32.77 -66.51
CA LEU F 30 24.15 32.93 -66.85
C LEU F 30 23.59 31.62 -67.38
N ASP F 31 24.47 30.78 -67.92
CA ASP F 31 24.04 29.53 -68.53
C ASP F 31 23.87 28.41 -67.52
N ASN F 32 24.83 28.27 -66.61
CA ASN F 32 24.74 27.28 -65.56
C ASN F 32 23.53 27.55 -64.70
N VAL F 33 23.33 28.82 -64.38
CA VAL F 33 22.19 29.25 -63.57
C VAL F 33 20.87 28.79 -64.18
N VAL F 34 20.81 28.76 -65.52
CA VAL F 34 19.60 28.31 -66.18
C VAL F 34 19.44 26.80 -66.05
N ASN F 35 20.55 26.08 -66.03
CA ASN F 35 20.47 24.63 -65.89
C ASN F 35 20.08 24.26 -64.47
N CYS F 36 20.60 25.00 -63.51
CA CYS F 36 20.31 24.76 -62.10
C CYS F 36 18.82 24.76 -61.85
N LEU F 37 18.06 25.36 -62.77
CA LEU F 37 16.63 25.48 -62.59
C LEU F 37 15.79 24.70 -63.61
N TYR F 38 16.42 23.88 -64.44
CA TYR F 38 15.66 23.20 -65.50
C TYR F 38 16.04 21.76 -65.89
N HIS F 39 17.33 21.40 -65.82
CA HIS F 39 17.71 20.04 -66.23
C HIS F 39 17.83 19.02 -65.09
N GLY F 40 18.40 17.85 -65.40
CA GLY F 40 18.38 16.72 -64.49
C GLY F 40 19.63 16.43 -63.69
N GLU F 41 20.50 15.57 -64.21
CA GLU F 41 21.77 15.25 -63.56
C GLU F 41 22.77 16.40 -63.72
N GLY F 42 22.98 16.84 -64.96
CA GLY F 42 23.83 17.99 -65.23
C GLY F 42 23.40 19.22 -64.44
N ALA F 43 22.15 19.20 -63.97
CA ALA F 43 21.61 20.30 -63.17
C ALA F 43 22.09 20.23 -61.73
N GLN F 44 22.57 19.06 -61.33
CA GLN F 44 23.19 18.87 -60.01
C GLN F 44 24.62 19.41 -60.07
N GLN F 45 25.17 19.45 -61.29
CA GLN F 45 26.51 19.96 -61.51
C GLN F 45 26.50 21.47 -61.47
N ARG F 46 25.39 22.06 -61.93
CA ARG F 46 25.22 23.50 -61.89
C ARG F 46 25.25 24.00 -60.47
N MET F 47 24.35 23.47 -59.64
CA MET F 47 24.36 23.77 -58.22
C MET F 47 25.77 23.56 -57.71
N ALA F 48 26.28 22.35 -57.92
CA ALA F 48 27.62 21.99 -57.50
C ALA F 48 28.57 23.12 -57.88
N GLN F 49 28.44 23.60 -59.10
CA GLN F 49 29.30 24.65 -59.63
C GLN F 49 29.11 25.99 -58.91
N GLU F 50 27.85 26.37 -58.68
CA GLU F 50 27.54 27.69 -58.11
C GLU F 50 27.78 27.78 -56.60
N VAL F 51 27.53 26.69 -55.90
CA VAL F 51 27.82 26.62 -54.48
C VAL F 51 29.32 26.43 -54.28
N LEU F 52 29.94 25.74 -55.22
CA LEU F 52 31.38 25.44 -55.19
C LEU F 52 32.17 26.71 -55.40
N THR F 53 31.64 27.59 -56.24
CA THR F 53 32.33 28.81 -56.63
C THR F 53 32.54 29.79 -55.48
N HIS F 54 31.66 29.73 -54.49
CA HIS F 54 31.64 30.72 -53.42
C HIS F 54 32.91 30.75 -52.55
N LEU F 55 33.91 29.94 -52.87
CA LEU F 55 35.11 29.85 -52.05
C LEU F 55 35.91 31.14 -51.95
N LYS F 56 36.71 31.44 -52.98
CA LYS F 56 37.62 32.58 -52.93
C LYS F 56 36.95 33.83 -52.36
N GLU F 57 36.20 34.54 -53.20
CA GLU F 57 35.48 35.75 -52.79
C GLU F 57 34.60 36.29 -53.91
N HIS F 58 34.32 37.60 -53.87
CA HIS F 58 33.48 38.22 -54.88
C HIS F 58 34.12 39.46 -55.49
N PRO F 59 34.82 39.29 -56.62
CA PRO F 59 35.19 40.44 -57.42
C PRO F 59 34.26 40.52 -58.62
N ASP F 60 33.11 39.86 -58.50
CA ASP F 60 32.21 39.67 -59.63
C ASP F 60 30.83 40.25 -59.37
N ALA F 61 30.50 40.46 -58.09
CA ALA F 61 29.18 40.95 -57.73
C ALA F 61 28.72 42.04 -58.67
N TRP F 62 29.49 43.13 -58.73
CA TRP F 62 29.18 44.25 -59.60
C TRP F 62 29.02 43.76 -61.04
N THR F 63 30.04 43.06 -61.53
CA THR F 63 30.03 42.54 -62.90
C THR F 63 28.67 41.95 -63.29
N ARG F 64 28.21 40.99 -62.50
CA ARG F 64 26.95 40.30 -62.75
C ARG F 64 25.75 41.24 -62.71
N VAL F 65 25.35 41.63 -61.51
CA VAL F 65 24.18 42.49 -61.34
C VAL F 65 24.17 43.59 -62.40
N ASP F 66 25.29 44.29 -62.53
CA ASP F 66 25.41 45.34 -63.52
C ASP F 66 24.97 44.86 -64.90
N THR F 67 25.64 43.84 -65.42
CA THR F 67 25.26 43.29 -66.71
C THR F 67 24.87 41.81 -66.60
N ILE F 68 23.57 41.55 -66.59
CA ILE F 68 23.06 40.17 -66.60
C ILE F 68 21.78 40.08 -67.42
N SER F 72 14.92 32.74 -70.07
CA SER F 72 14.90 34.09 -69.52
C SER F 72 15.45 34.10 -68.11
N GLN F 73 16.77 34.04 -67.98
CA GLN F 73 17.38 34.02 -66.66
C GLN F 73 18.47 35.06 -66.44
N ASN F 74 18.01 36.24 -66.03
CA ASN F 74 18.89 37.34 -65.66
C ASN F 74 18.69 37.64 -64.19
N MET F 75 17.44 37.90 -63.81
CA MET F 75 17.11 38.14 -62.41
C MET F 75 17.64 37.00 -61.57
N ASN F 76 17.44 35.78 -62.04
CA ASN F 76 17.91 34.59 -61.35
C ASN F 76 19.40 34.70 -61.08
N THR F 77 20.11 35.37 -61.98
CA THR F 77 21.55 35.50 -61.87
C THR F 77 21.93 36.68 -61.01
N LYS F 78 21.21 37.79 -61.17
CA LYS F 78 21.43 38.95 -60.35
C LYS F 78 21.06 38.60 -58.90
N TYR F 79 19.97 37.87 -58.72
CA TYR F 79 19.63 37.30 -57.41
C TYR F 79 20.83 36.56 -56.80
N TYR F 80 21.36 35.60 -57.53
CA TYR F 80 22.57 34.89 -57.12
C TYR F 80 23.67 35.88 -56.73
N GLY F 81 23.89 36.89 -57.56
CA GLY F 81 24.89 37.90 -57.28
C GLY F 81 24.58 38.63 -55.99
N LEU F 82 23.29 38.93 -55.79
CA LEU F 82 22.83 39.57 -54.56
C LEU F 82 23.14 38.67 -53.38
N GLN F 83 23.05 37.37 -53.62
CA GLN F 83 23.37 36.39 -52.60
C GLN F 83 24.84 36.48 -52.19
N ILE F 84 25.72 36.56 -53.19
CA ILE F 84 27.15 36.64 -52.91
C ILE F 84 27.42 37.85 -52.03
N LEU F 85 26.74 38.95 -52.35
CA LEU F 85 26.93 40.22 -51.67
C LEU F 85 26.44 40.20 -50.21
N GLU F 86 25.37 39.46 -49.96
CA GLU F 86 24.79 39.43 -48.63
C GLU F 86 25.74 38.77 -47.64
N ASN F 87 26.37 37.69 -48.09
CA ASN F 87 27.40 37.04 -47.28
C ASN F 87 28.46 38.05 -46.87
N VAL F 88 28.92 38.87 -47.83
CA VAL F 88 29.93 39.88 -47.58
C VAL F 88 29.51 40.84 -46.45
N ILE F 89 28.37 41.48 -46.64
CA ILE F 89 27.86 42.44 -45.69
C ILE F 89 27.67 41.88 -44.28
N LYS F 90 27.25 40.62 -44.19
CA LYS F 90 26.93 40.02 -42.90
C LYS F 90 28.15 39.43 -42.19
N THR F 91 29.27 39.32 -42.90
CA THR F 91 30.46 38.70 -42.32
C THR F 91 31.70 39.59 -42.35
N ARG F 92 31.84 40.39 -43.40
CA ARG F 92 33.07 41.18 -43.61
C ARG F 92 32.87 42.66 -43.36
N TRP F 93 31.62 43.08 -43.21
CA TRP F 93 31.28 44.50 -43.19
C TRP F 93 32.22 45.34 -42.32
N LYS F 94 32.48 44.90 -41.10
CA LYS F 94 33.24 45.70 -40.14
C LYS F 94 34.70 45.88 -40.54
N ILE F 95 35.27 44.89 -41.22
CA ILE F 95 36.67 44.97 -41.64
C ILE F 95 36.80 45.40 -43.10
N LEU F 96 35.69 45.77 -43.70
CA LEU F 96 35.71 46.34 -45.04
C LEU F 96 36.06 47.81 -44.96
N PRO F 97 36.94 48.28 -45.86
CA PRO F 97 37.33 49.69 -45.93
C PRO F 97 36.11 50.61 -45.98
N ARG F 98 36.14 51.69 -45.20
CA ARG F 98 35.00 52.62 -45.12
C ARG F 98 34.47 52.99 -46.50
N ASN F 99 35.36 53.51 -47.33
CA ASN F 99 35.00 53.87 -48.70
C ASN F 99 34.32 52.76 -49.49
N GLN F 100 34.56 51.51 -49.12
CA GLN F 100 33.90 50.39 -49.78
C GLN F 100 32.49 50.20 -49.21
N CYS F 101 32.35 50.41 -47.90
CA CYS F 101 31.06 50.35 -47.25
C CYS F 101 30.11 51.38 -47.86
N GLU F 102 30.51 52.66 -47.76
CA GLU F 102 29.77 53.74 -48.38
C GLU F 102 29.40 53.42 -49.83
N GLY F 103 30.38 53.01 -50.62
CA GLY F 103 30.16 52.68 -52.01
C GLY F 103 29.06 51.64 -52.20
N ILE F 104 29.16 50.54 -51.47
CA ILE F 104 28.14 49.50 -51.50
C ILE F 104 26.83 50.07 -50.99
N LYS F 105 26.94 50.84 -49.91
CA LYS F 105 25.80 51.49 -49.26
C LYS F 105 25.00 52.31 -50.26
N LYS F 106 25.71 53.07 -51.08
CA LYS F 106 25.06 53.94 -52.05
C LYS F 106 24.72 53.18 -53.32
N TYR F 107 25.50 52.16 -53.63
CA TYR F 107 25.22 51.29 -54.77
C TYR F 107 23.90 50.54 -54.58
N VAL F 108 23.65 50.07 -53.35
CA VAL F 108 22.40 49.37 -53.05
C VAL F 108 21.19 50.29 -53.13
N VAL F 109 21.27 51.47 -52.50
CA VAL F 109 20.15 52.41 -52.56
C VAL F 109 19.84 52.80 -53.99
N GLY F 110 20.87 53.02 -54.79
CA GLY F 110 20.68 53.33 -56.19
C GLY F 110 19.96 52.20 -56.91
N LEU F 111 20.45 50.98 -56.72
CA LEU F 111 19.84 49.82 -57.35
C LEU F 111 18.34 49.76 -57.06
N ILE F 112 17.96 50.03 -55.82
CA ILE F 112 16.56 49.97 -55.44
C ILE F 112 15.76 51.05 -56.14
N ILE F 113 16.24 52.29 -56.05
CA ILE F 113 15.65 53.44 -56.72
C ILE F 113 15.16 53.10 -58.13
N LYS F 114 16.08 52.76 -59.02
CA LYS F 114 15.75 52.55 -60.43
C LYS F 114 14.88 51.31 -60.67
N THR F 115 15.16 50.24 -59.93
CA THR F 115 14.44 48.99 -60.13
C THR F 115 12.96 49.13 -59.77
N SER F 116 12.66 49.87 -58.69
CA SER F 116 11.28 50.07 -58.26
C SER F 116 10.59 51.20 -59.02
N SER F 117 11.40 52.08 -59.62
CA SER F 117 10.87 53.17 -60.43
C SER F 117 10.53 52.69 -61.83
N ASP F 118 10.17 51.43 -61.94
CA ASP F 118 9.88 50.81 -63.22
C ASP F 118 8.53 50.11 -63.16
N PRO F 119 7.57 50.56 -63.97
CA PRO F 119 6.22 49.97 -63.99
C PRO F 119 6.25 48.49 -64.37
N THR F 120 7.31 48.05 -65.02
CA THR F 120 7.46 46.64 -65.40
C THR F 120 8.20 45.85 -64.31
N CYS F 121 8.40 46.49 -63.16
CA CYS F 121 8.99 45.84 -62.00
C CYS F 121 8.02 44.83 -61.41
N VAL F 122 6.77 44.87 -61.86
CA VAL F 122 5.74 43.95 -61.38
C VAL F 122 5.95 42.55 -61.94
N GLU F 123 6.36 42.50 -63.20
CA GLU F 123 6.59 41.25 -63.90
C GLU F 123 7.99 40.77 -63.57
N LYS F 124 8.93 41.72 -63.49
CA LYS F 124 10.16 41.43 -62.77
C LYS F 124 9.69 41.04 -61.39
N GLU F 125 10.27 40.00 -60.83
CA GLU F 125 9.74 39.48 -59.58
C GLU F 125 10.16 40.30 -58.37
N LYS F 126 9.23 40.43 -57.42
CA LYS F 126 9.54 41.00 -56.12
C LYS F 126 10.74 40.24 -55.57
N VAL F 127 10.91 39.02 -56.05
CA VAL F 127 12.06 38.20 -55.69
C VAL F 127 13.34 39.03 -55.72
N TYR F 128 13.54 39.76 -56.81
CA TYR F 128 14.73 40.58 -56.96
C TYR F 128 14.68 41.81 -56.05
N ILE F 129 13.53 42.47 -56.06
CA ILE F 129 13.32 43.68 -55.30
C ILE F 129 13.38 43.43 -53.80
N GLY F 130 12.69 42.38 -53.37
CA GLY F 130 12.65 42.00 -51.97
C GLY F 130 14.04 41.65 -51.48
N LYS F 131 14.75 40.85 -52.27
CA LYS F 131 16.12 40.46 -51.94
C LYS F 131 16.96 41.71 -51.81
N LEU F 132 16.85 42.60 -52.79
CA LEU F 132 17.54 43.87 -52.76
C LEU F 132 17.25 44.56 -51.43
N ASN F 133 15.96 44.64 -51.06
CA ASN F 133 15.56 45.26 -49.80
C ASN F 133 16.21 44.61 -48.58
N MET F 134 16.16 43.27 -48.54
CA MET F 134 16.80 42.54 -47.46
C MET F 134 18.28 42.85 -47.36
N ILE F 135 18.90 43.18 -48.48
CA ILE F 135 20.31 43.54 -48.50
C ILE F 135 20.53 44.88 -47.79
N LEU F 136 19.67 45.85 -48.09
CA LEU F 136 19.72 47.14 -47.40
C LEU F 136 19.52 46.92 -45.91
N VAL F 137 18.56 46.07 -45.56
CA VAL F 137 18.29 45.77 -44.16
C VAL F 137 19.54 45.18 -43.51
N GLN F 138 20.24 44.33 -44.25
CA GLN F 138 21.50 43.78 -43.77
C GLN F 138 22.48 44.89 -43.46
N ILE F 139 22.64 45.82 -44.39
CA ILE F 139 23.52 46.96 -44.16
C ILE F 139 23.03 47.76 -42.96
N LEU F 140 21.74 48.14 -42.97
CA LEU F 140 21.13 48.84 -41.86
C LEU F 140 21.47 48.15 -40.54
N LYS F 141 21.42 46.83 -40.55
CA LYS F 141 21.65 46.07 -39.33
C LYS F 141 23.07 46.27 -38.82
N GLN F 142 24.00 46.52 -39.73
CA GLN F 142 25.40 46.63 -39.36
C GLN F 142 25.81 48.07 -39.08
N GLU F 143 24.95 49.03 -39.40
CA GLU F 143 25.34 50.43 -39.27
C GLU F 143 24.21 51.45 -39.09
N TRP F 144 22.98 50.99 -38.80
CA TRP F 144 21.82 51.88 -38.91
C TRP F 144 21.90 53.19 -38.12
N PRO F 145 22.13 53.10 -36.81
CA PRO F 145 22.18 54.37 -36.09
C PRO F 145 23.53 55.07 -36.27
N LYS F 146 24.62 54.40 -35.92
CA LYS F 146 25.95 55.00 -35.88
C LYS F 146 26.39 55.79 -37.13
N HIS F 147 26.38 55.15 -38.29
N HIS F 147 26.40 55.15 -38.29
CA HIS F 147 26.87 55.79 -39.52
CA HIS F 147 26.86 55.83 -39.49
C HIS F 147 25.77 56.13 -40.51
C HIS F 147 25.76 55.97 -40.54
N TRP F 148 24.52 56.00 -40.08
CA TRP F 148 23.38 56.16 -40.98
C TRP F 148 22.32 56.98 -40.25
N PRO F 149 22.74 58.09 -39.61
CA PRO F 149 21.88 58.83 -38.67
C PRO F 149 20.62 59.41 -39.29
N THR F 150 20.71 59.81 -40.55
CA THR F 150 19.58 60.45 -41.22
C THR F 150 18.61 59.47 -41.85
N PHE F 151 19.01 58.21 -41.96
CA PHE F 151 18.24 57.23 -42.71
C PHE F 151 16.74 57.36 -42.52
N ILE F 152 16.29 57.24 -41.29
CA ILE F 152 14.87 57.15 -40.97
C ILE F 152 14.10 58.43 -41.31
N SER F 153 14.69 59.58 -41.00
CA SER F 153 14.12 60.85 -41.45
C SER F 153 13.99 60.82 -42.97
N ASP F 154 15.10 60.51 -43.64
CA ASP F 154 15.18 60.50 -45.10
C ASP F 154 14.05 59.74 -45.78
N ILE F 155 13.87 58.48 -45.40
CA ILE F 155 12.93 57.64 -46.11
C ILE F 155 11.50 58.13 -45.96
N VAL F 156 11.12 58.56 -44.75
CA VAL F 156 9.80 59.12 -44.52
C VAL F 156 9.61 60.29 -45.46
N GLY F 157 10.66 61.08 -45.61
CA GLY F 157 10.64 62.20 -46.53
C GLY F 157 10.42 61.70 -47.96
N ALA F 158 11.26 60.77 -48.39
CA ALA F 158 11.15 60.21 -49.73
C ALA F 158 9.74 59.64 -49.97
N SER F 159 9.18 59.01 -48.95
CA SER F 159 7.85 58.42 -49.05
C SER F 159 6.79 59.48 -49.33
N ARG F 160 7.03 60.70 -48.85
CA ARG F 160 6.05 61.77 -49.05
C ARG F 160 6.16 62.43 -50.42
N THR F 161 7.24 62.12 -51.15
CA THR F 161 7.45 62.69 -52.48
C THR F 161 6.96 61.75 -53.57
N SER F 162 7.45 60.51 -53.53
CA SER F 162 7.07 59.50 -54.52
C SER F 162 6.28 58.36 -53.92
N GLU F 163 5.11 58.12 -54.48
CA GLU F 163 4.23 57.04 -54.06
C GLU F 163 4.98 55.74 -54.20
N SER F 164 5.68 55.61 -55.31
CA SER F 164 6.46 54.41 -55.61
C SER F 164 7.54 54.18 -54.56
N LEU F 165 8.21 55.26 -54.16
CA LEU F 165 9.24 55.18 -53.15
C LEU F 165 8.62 54.89 -51.79
N CYS F 166 7.41 55.42 -51.57
CA CYS F 166 6.70 55.18 -50.33
C CYS F 166 6.32 53.71 -50.22
N GLN F 167 5.83 53.17 -51.33
CA GLN F 167 5.44 51.77 -51.43
C GLN F 167 6.56 50.85 -50.93
N ASN F 168 7.71 50.91 -51.59
CA ASN F 168 8.84 50.05 -51.24
C ASN F 168 9.38 50.28 -49.84
N ASN F 169 9.36 51.53 -49.37
CA ASN F 169 9.82 51.84 -48.02
C ASN F 169 8.99 51.17 -46.94
N MET F 170 7.67 51.16 -47.11
CA MET F 170 6.79 50.48 -46.17
C MET F 170 7.19 49.02 -46.10
N VAL F 171 7.69 48.52 -47.23
CA VAL F 171 8.18 47.15 -47.30
C VAL F 171 9.49 47.01 -46.51
N ILE F 172 10.40 47.97 -46.69
CA ILE F 172 11.68 47.95 -45.98
C ILE F 172 11.51 48.06 -44.47
N LEU F 173 10.62 48.96 -44.03
CA LEU F 173 10.36 49.14 -42.60
C LEU F 173 9.78 47.89 -41.95
N LYS F 174 9.09 47.08 -42.75
CA LYS F 174 8.50 45.84 -42.26
C LYS F 174 9.57 44.78 -42.09
N LEU F 175 10.51 44.74 -43.04
CA LEU F 175 11.65 43.84 -42.96
C LEU F 175 12.52 44.19 -41.74
N LEU F 176 12.84 45.48 -41.59
CA LEU F 176 13.61 45.92 -40.43
C LEU F 176 12.95 45.44 -39.14
N SER F 177 11.65 45.70 -39.02
N SER F 177 11.66 45.70 -39.00
CA SER F 177 10.88 45.32 -37.84
CA SER F 177 10.90 45.29 -37.81
C SER F 177 10.89 43.81 -37.56
C SER F 177 11.02 43.79 -37.54
N GLU F 178 11.01 43.00 -38.60
CA GLU F 178 11.13 41.55 -38.47
C GLU F 178 12.52 41.11 -38.00
N GLU F 179 13.57 41.71 -38.56
CA GLU F 179 14.94 41.32 -38.24
C GLU F 179 15.33 41.79 -36.86
N VAL F 180 14.73 42.90 -36.44
CA VAL F 180 15.07 43.52 -35.18
C VAL F 180 14.23 43.00 -34.01
N PHE F 181 12.98 42.63 -34.29
CA PHE F 181 12.13 42.08 -33.25
C PHE F 181 11.83 40.59 -33.44
N ASP F 182 11.09 40.27 -34.49
CA ASP F 182 10.65 38.89 -34.73
C ASP F 182 11.78 37.87 -34.84
N PHE F 183 12.87 38.22 -35.52
CA PHE F 183 13.93 37.23 -35.79
C PHE F 183 15.32 37.56 -35.24
N SER F 184 15.44 38.64 -34.47
CA SER F 184 16.74 39.01 -33.91
C SER F 184 17.42 37.88 -33.13
N SER F 185 16.64 37.15 -32.34
CA SER F 185 17.16 36.05 -31.54
C SER F 185 17.78 34.98 -32.43
N GLY F 186 19.07 34.74 -32.25
CA GLY F 186 19.78 33.75 -33.05
C GLY F 186 20.69 34.41 -34.06
N GLN F 187 20.21 35.46 -34.72
CA GLN F 187 21.01 36.12 -35.76
C GLN F 187 21.74 37.34 -35.22
N ILE F 188 21.36 37.78 -34.02
CA ILE F 188 21.90 39.00 -33.43
C ILE F 188 22.27 38.81 -31.96
N THR F 189 23.39 39.40 -31.55
CA THR F 189 23.80 39.34 -30.15
C THR F 189 22.80 40.11 -29.28
N GLN F 190 22.64 39.70 -28.04
CA GLN F 190 21.62 40.27 -27.17
C GLN F 190 21.71 41.78 -27.06
N VAL F 191 22.94 42.28 -26.94
CA VAL F 191 23.18 43.70 -26.77
C VAL F 191 23.00 44.51 -28.05
N LYS F 192 23.26 43.90 -29.20
CA LYS F 192 23.04 44.61 -30.47
C LYS F 192 21.56 44.75 -30.75
N ALA F 193 20.82 43.67 -30.53
CA ALA F 193 19.37 43.72 -30.63
C ALA F 193 18.78 44.79 -29.72
N LYS F 194 19.15 44.75 -28.43
CA LYS F 194 18.65 45.73 -27.47
C LYS F 194 18.81 47.14 -28.04
N HIS F 195 19.98 47.40 -28.63
CA HIS F 195 20.28 48.72 -29.19
C HIS F 195 19.46 49.05 -30.45
N LEU F 196 19.34 48.08 -31.35
CA LEU F 196 18.50 48.25 -32.53
C LEU F 196 17.03 48.33 -32.12
N LYS F 197 16.69 47.61 -31.05
CA LYS F 197 15.33 47.58 -30.54
C LYS F 197 14.92 48.98 -30.14
N ASP F 198 15.56 49.51 -29.11
CA ASP F 198 15.20 50.84 -28.60
C ASP F 198 15.68 51.98 -29.49
N SER F 199 16.37 51.64 -30.58
CA SER F 199 16.71 52.64 -31.58
C SER F 199 15.49 52.89 -32.45
N MET F 200 14.88 51.82 -32.92
CA MET F 200 13.74 51.92 -33.81
C MET F 200 12.53 52.43 -33.05
N CYS F 201 12.53 52.21 -31.74
CA CYS F 201 11.48 52.74 -30.87
C CYS F 201 11.64 54.25 -30.73
N ASN F 202 12.89 54.71 -30.68
CA ASN F 202 13.22 56.09 -30.39
C ASN F 202 12.75 57.05 -31.47
N GLU F 203 12.55 56.54 -32.68
CA GLU F 203 12.09 57.37 -33.79
C GLU F 203 10.97 56.73 -34.59
N PHE F 204 10.12 55.95 -33.92
CA PHE F 204 9.01 55.30 -34.59
C PHE F 204 7.84 56.25 -34.87
N SER F 205 7.59 57.16 -33.93
CA SER F 205 6.55 58.16 -34.09
C SER F 205 6.54 58.69 -35.52
N GLN F 206 7.72 59.04 -36.00
CA GLN F 206 7.90 59.59 -37.34
C GLN F 206 7.25 58.73 -38.42
N ILE F 207 7.33 57.41 -38.29
CA ILE F 207 6.81 56.50 -39.31
C ILE F 207 5.35 56.13 -39.07
N PHE F 208 4.92 56.22 -37.82
CA PHE F 208 3.51 55.99 -37.49
C PHE F 208 2.68 57.07 -38.16
N GLN F 209 3.26 58.26 -38.29
CA GLN F 209 2.61 59.38 -38.94
C GLN F 209 2.52 59.12 -40.45
N LEU F 210 3.62 58.69 -41.04
CA LEU F 210 3.62 58.31 -42.45
C LEU F 210 2.52 57.29 -42.70
N CYS F 211 2.44 56.28 -41.84
CA CYS F 211 1.38 55.28 -41.94
C CYS F 211 0.02 55.93 -41.86
N GLN F 212 -0.20 56.69 -40.80
CA GLN F 212 -1.48 57.35 -40.59
C GLN F 212 -1.83 58.22 -41.80
N PHE F 213 -0.87 59.05 -42.22
CA PHE F 213 -1.06 59.87 -43.40
C PHE F 213 -1.44 59.04 -44.61
N VAL F 214 -0.72 57.95 -44.84
CA VAL F 214 -1.07 57.08 -45.96
C VAL F 214 -2.49 56.57 -45.75
N MET F 215 -2.72 55.91 -44.63
CA MET F 215 -4.02 55.34 -44.33
C MET F 215 -5.19 56.29 -44.61
N GLU F 216 -5.10 57.53 -44.15
CA GLU F 216 -6.21 58.45 -44.27
C GLU F 216 -6.37 59.07 -45.66
N ASN F 217 -5.28 59.62 -46.20
CA ASN F 217 -5.31 60.26 -47.50
C ASN F 217 -5.15 59.28 -48.65
N SER F 218 -4.95 58.02 -48.30
CA SER F 218 -4.75 56.93 -49.25
C SER F 218 -5.59 56.98 -50.52
N GLN F 219 -5.08 56.32 -51.56
CA GLN F 219 -5.86 56.00 -52.75
C GLN F 219 -5.12 55.01 -53.63
N ASN F 220 -3.82 54.85 -53.37
CA ASN F 220 -3.04 53.79 -53.99
C ASN F 220 -3.31 52.47 -53.27
N ALA F 221 -4.17 51.64 -53.83
CA ALA F 221 -4.57 50.40 -53.15
C ALA F 221 -3.38 49.49 -52.82
N PRO F 222 -2.46 49.30 -53.78
CA PRO F 222 -1.25 48.55 -53.49
C PRO F 222 -0.46 49.14 -52.33
N LEU F 223 -0.22 50.45 -52.35
CA LEU F 223 0.47 51.10 -51.25
C LEU F 223 -0.25 50.96 -49.92
N VAL F 224 -1.58 51.08 -49.94
CA VAL F 224 -2.38 50.99 -48.72
C VAL F 224 -2.26 49.61 -48.07
N HIS F 225 -2.32 48.57 -48.90
CA HIS F 225 -2.23 47.22 -48.41
C HIS F 225 -0.85 46.93 -47.84
N ALA F 226 0.17 47.53 -48.44
CA ALA F 226 1.54 47.38 -47.96
C ALA F 226 1.72 48.07 -46.60
N THR F 227 1.30 49.32 -46.52
CA THR F 227 1.29 50.06 -45.25
C THR F 227 0.50 49.25 -44.24
N LEU F 228 -0.57 48.64 -44.70
CA LEU F 228 -1.39 47.80 -43.85
C LEU F 228 -0.60 46.57 -43.41
N GLU F 229 0.18 46.02 -44.33
CA GLU F 229 0.95 44.81 -44.04
C GLU F 229 2.19 45.12 -43.24
N THR F 230 2.67 46.36 -43.35
CA THR F 230 3.79 46.79 -42.54
C THR F 230 3.28 47.08 -41.12
N LEU F 231 2.00 47.43 -41.03
CA LEU F 231 1.37 47.73 -39.77
C LEU F 231 1.19 46.45 -38.94
N LEU F 232 0.90 45.35 -39.62
CA LEU F 232 0.72 44.07 -38.95
C LEU F 232 1.98 43.64 -38.20
N ARG F 233 3.14 44.06 -38.69
CA ARG F 233 4.40 43.67 -38.07
C ARG F 233 4.82 44.63 -36.96
N PHE F 234 4.35 45.87 -37.04
CA PHE F 234 4.64 46.84 -35.99
C PHE F 234 3.84 46.50 -34.75
N LEU F 235 2.58 46.12 -34.93
CA LEU F 235 1.72 45.74 -33.80
C LEU F 235 2.37 44.73 -32.84
N ASN F 236 3.41 44.05 -33.31
CA ASN F 236 4.15 43.10 -32.48
C ASN F 236 4.89 43.73 -31.32
N TRP F 237 5.22 45.02 -31.42
CA TRP F 237 6.11 45.66 -30.45
C TRP F 237 5.90 47.15 -30.16
N ILE F 238 5.31 47.90 -31.09
CA ILE F 238 5.21 49.36 -30.92
C ILE F 238 4.40 49.75 -29.68
N PRO F 239 4.94 50.69 -28.89
CA PRO F 239 4.27 51.10 -27.65
C PRO F 239 2.76 51.21 -27.85
N LEU F 240 2.01 50.77 -26.84
CA LEU F 240 0.55 50.65 -26.93
C LEU F 240 -0.19 51.98 -26.97
N GLY F 241 0.52 53.07 -26.69
CA GLY F 241 -0.02 54.39 -26.90
C GLY F 241 -0.38 54.60 -28.36
N TYR F 242 0.50 54.17 -29.26
CA TYR F 242 0.25 54.27 -30.69
C TYR F 242 -1.01 53.51 -31.11
N ILE F 243 -1.36 52.50 -30.32
CA ILE F 243 -2.46 51.60 -30.66
C ILE F 243 -3.80 52.04 -30.09
N PHE F 244 -3.84 52.32 -28.79
CA PHE F 244 -5.09 52.64 -28.11
C PHE F 244 -5.31 54.12 -27.88
N GLU F 245 -4.42 54.96 -28.39
CA GLU F 245 -4.58 56.39 -28.15
C GLU F 245 -4.49 57.19 -29.45
N THR F 246 -4.84 56.52 -30.54
CA THR F 246 -4.82 57.12 -31.87
C THR F 246 -6.12 56.78 -32.61
N LYS F 247 -6.23 57.20 -33.86
CA LYS F 247 -7.40 56.91 -34.66
C LYS F 247 -7.26 55.54 -35.34
N LEU F 248 -6.24 54.80 -34.92
CA LEU F 248 -5.86 53.54 -35.56
C LEU F 248 -6.97 52.50 -35.55
N ILE F 249 -7.46 52.16 -34.37
CA ILE F 249 -8.51 51.16 -34.22
C ILE F 249 -9.74 51.57 -35.04
N SER F 250 -9.98 52.87 -35.11
CA SER F 250 -11.12 53.42 -35.86
C SER F 250 -10.90 53.33 -37.36
N THR F 251 -9.76 53.85 -37.81
CA THR F 251 -9.39 53.78 -39.22
C THR F 251 -9.48 52.37 -39.77
N LEU F 252 -9.04 51.40 -38.98
CA LEU F 252 -9.11 50.01 -39.36
C LEU F 252 -10.56 49.59 -39.58
N ILE F 253 -11.36 49.66 -38.53
CA ILE F 253 -12.75 49.17 -38.57
C ILE F 253 -13.63 49.91 -39.58
N TYR F 254 -13.44 51.23 -39.69
CA TYR F 254 -14.28 52.04 -40.58
C TYR F 254 -13.77 52.10 -42.03
N LYS F 255 -12.45 52.23 -42.19
CA LYS F 255 -11.87 52.46 -43.50
C LYS F 255 -11.61 51.19 -44.32
N PHE F 256 -11.02 50.18 -43.69
CA PHE F 256 -10.48 49.05 -44.45
C PHE F 256 -11.14 47.69 -44.20
N LEU F 257 -11.88 47.56 -43.10
CA LEU F 257 -12.50 46.27 -42.75
C LEU F 257 -13.68 45.91 -43.65
N ASN F 258 -14.41 46.93 -44.12
CA ASN F 258 -15.61 46.70 -44.92
C ASN F 258 -15.31 46.54 -46.40
N VAL F 259 -14.08 46.85 -46.81
CA VAL F 259 -13.70 46.67 -48.21
C VAL F 259 -13.03 45.31 -48.40
N PRO F 260 -13.46 44.57 -49.43
CA PRO F 260 -12.92 43.25 -49.77
C PRO F 260 -11.39 43.16 -49.76
N MET F 261 -10.70 43.97 -50.55
CA MET F 261 -9.26 43.80 -50.73
C MET F 261 -8.40 44.19 -49.51
N PHE F 262 -9.04 44.68 -48.45
CA PHE F 262 -8.33 45.01 -47.22
C PHE F 262 -8.94 44.24 -46.05
N ARG F 263 -10.04 43.57 -46.33
CA ARG F 263 -10.79 42.81 -45.31
C ARG F 263 -9.90 41.90 -44.45
N ASN F 264 -8.96 41.21 -45.07
CA ASN F 264 -8.14 40.24 -44.35
C ASN F 264 -7.02 40.84 -43.48
N VAL F 265 -6.15 41.62 -44.09
CA VAL F 265 -5.07 42.26 -43.34
C VAL F 265 -5.66 43.03 -42.16
N SER F 266 -6.80 43.68 -42.42
CA SER F 266 -7.48 44.50 -41.42
C SER F 266 -7.83 43.68 -40.19
N LEU F 267 -8.60 42.62 -40.39
CA LEU F 267 -9.01 41.73 -39.31
C LEU F 267 -7.80 41.18 -38.54
N LYS F 268 -6.76 40.81 -39.28
CA LYS F 268 -5.56 40.25 -38.64
C LYS F 268 -4.95 41.24 -37.68
N CYS F 269 -4.98 42.52 -38.04
CA CYS F 269 -4.53 43.59 -37.14
C CYS F 269 -5.42 43.67 -35.91
N LEU F 270 -6.72 43.74 -36.13
CA LEU F 270 -7.66 43.76 -35.02
C LEU F 270 -7.40 42.59 -34.09
N THR F 271 -7.00 41.45 -34.65
CA THR F 271 -6.73 40.28 -33.83
C THR F 271 -5.47 40.43 -32.98
N GLU F 272 -4.46 41.11 -33.52
CA GLU F 272 -3.23 41.36 -32.75
C GLU F 272 -3.52 42.32 -31.61
N ILE F 273 -4.23 43.40 -31.92
CA ILE F 273 -4.66 44.34 -30.89
C ILE F 273 -5.56 43.64 -29.87
N ALA F 274 -6.41 42.75 -30.37
CA ALA F 274 -7.34 42.01 -29.51
C ALA F 274 -6.60 41.08 -28.55
N GLY F 275 -5.42 40.65 -28.95
CA GLY F 275 -4.62 39.75 -28.13
C GLY F 275 -3.98 40.38 -26.91
N VAL F 276 -3.87 41.71 -26.92
CA VAL F 276 -3.30 42.44 -25.78
C VAL F 276 -4.16 42.29 -24.52
N SER F 277 -3.60 42.62 -23.36
CA SER F 277 -4.32 42.52 -22.09
C SER F 277 -5.10 43.78 -21.71
N VAL F 278 -6.40 43.61 -21.45
CA VAL F 278 -7.36 44.72 -21.31
C VAL F 278 -7.04 45.76 -20.23
N SER F 279 -6.16 45.42 -19.29
CA SER F 279 -5.89 46.26 -18.11
C SER F 279 -6.11 47.77 -18.31
N GLN F 280 -5.19 48.41 -19.03
CA GLN F 280 -5.18 49.86 -19.11
C GLN F 280 -6.11 50.46 -20.17
N TYR F 281 -6.77 49.62 -20.96
CA TYR F 281 -7.57 50.15 -22.07
C TYR F 281 -8.95 49.50 -22.19
N GLU F 282 -9.63 49.36 -21.05
CA GLU F 282 -10.98 48.83 -21.03
C GLU F 282 -11.83 49.52 -22.08
N GLU F 283 -11.76 50.84 -22.08
CA GLU F 283 -12.52 51.65 -23.03
C GLU F 283 -12.33 51.11 -24.44
N GLN F 284 -11.14 51.36 -24.99
CA GLN F 284 -10.79 50.99 -26.36
C GLN F 284 -11.27 49.59 -26.72
N PHE F 285 -10.84 48.59 -25.96
CA PHE F 285 -11.22 47.22 -26.25
C PHE F 285 -12.73 47.08 -26.44
N GLU F 286 -13.49 47.63 -25.51
CA GLU F 286 -14.94 47.56 -25.59
C GLU F 286 -15.41 48.19 -26.89
N THR F 287 -14.81 49.34 -27.23
CA THR F 287 -15.11 50.06 -28.46
C THR F 287 -14.71 49.24 -29.69
N LEU F 288 -13.47 48.74 -29.65
CA LEU F 288 -12.99 47.84 -30.69
C LEU F 288 -14.03 46.77 -30.96
N PHE F 289 -14.49 46.14 -29.88
CA PHE F 289 -15.49 45.07 -29.97
C PHE F 289 -16.82 45.55 -30.54
N THR F 290 -17.30 46.69 -30.03
CA THR F 290 -18.58 47.24 -30.49
C THR F 290 -18.55 47.48 -31.99
N LEU F 291 -17.59 48.27 -32.44
CA LEU F 291 -17.48 48.62 -33.86
C LEU F 291 -17.31 47.39 -34.74
N THR F 292 -16.44 46.47 -34.33
CA THR F 292 -16.16 45.30 -35.14
C THR F 292 -17.45 44.56 -35.43
N MET F 293 -18.22 44.28 -34.38
CA MET F 293 -19.48 43.56 -34.53
C MET F 293 -20.42 44.21 -35.54
N MET F 294 -20.61 45.51 -35.43
CA MET F 294 -21.46 46.24 -36.37
C MET F 294 -21.01 46.03 -37.81
N GLN F 295 -19.75 46.38 -38.07
CA GLN F 295 -19.18 46.24 -39.40
C GLN F 295 -19.25 44.79 -39.87
N LEU F 296 -19.18 43.87 -38.91
CA LEU F 296 -19.22 42.45 -39.21
C LEU F 296 -20.64 42.04 -39.60
N LYS F 297 -21.62 42.46 -38.80
CA LYS F 297 -23.02 42.13 -39.08
C LYS F 297 -23.46 42.54 -40.49
N GLN F 298 -22.71 43.47 -41.08
CA GLN F 298 -23.00 43.91 -42.44
C GLN F 298 -22.24 43.07 -43.46
N MET F 299 -21.04 42.66 -43.09
CA MET F 299 -20.21 41.83 -43.97
C MET F 299 -20.78 40.41 -44.08
N LEU F 300 -21.17 39.85 -42.94
CA LEU F 300 -21.75 38.51 -42.90
C LEU F 300 -23.10 38.52 -42.21
N PRO F 301 -24.19 38.39 -42.99
CA PRO F 301 -25.52 38.28 -42.40
C PRO F 301 -25.57 37.13 -41.40
N LEU F 302 -26.14 37.38 -40.22
CA LEU F 302 -26.18 36.38 -39.16
C LEU F 302 -27.04 35.16 -39.52
N ASN F 303 -27.52 35.12 -40.77
CA ASN F 303 -28.27 33.97 -41.24
C ASN F 303 -27.50 33.18 -42.28
N THR F 304 -26.44 33.77 -42.81
CA THR F 304 -25.63 33.12 -43.83
C THR F 304 -25.04 31.80 -43.34
N ASN F 305 -25.14 30.76 -44.16
CA ASN F 305 -24.55 29.48 -43.86
C ASN F 305 -23.06 29.52 -44.15
N ILE F 306 -22.26 29.76 -43.12
CA ILE F 306 -20.81 29.87 -43.28
C ILE F 306 -20.21 28.58 -43.83
N ARG F 307 -20.63 27.45 -43.26
CA ARG F 307 -20.20 26.15 -43.76
C ARG F 307 -20.29 26.11 -45.28
N LEU F 308 -21.40 26.59 -45.80
CA LEU F 308 -21.61 26.60 -47.24
C LEU F 308 -20.71 27.64 -47.90
N ALA F 309 -20.75 28.86 -47.37
CA ALA F 309 -19.93 29.93 -47.89
C ALA F 309 -18.49 29.46 -48.00
N TYR F 310 -18.01 28.82 -46.95
CA TYR F 310 -16.65 28.30 -46.93
C TYR F 310 -16.49 27.20 -47.96
N SER F 311 -17.39 26.22 -47.92
CA SER F 311 -17.33 25.08 -48.81
C SER F 311 -17.23 25.50 -50.28
N ASN F 312 -18.07 26.47 -50.67
CA ASN F 312 -18.07 26.95 -52.04
C ASN F 312 -17.31 28.26 -52.19
N GLY F 313 -16.56 28.61 -51.14
CA GLY F 313 -15.80 29.85 -51.13
C GLY F 313 -14.54 29.73 -51.97
N LYS F 314 -13.81 30.83 -52.08
CA LYS F 314 -12.56 30.79 -52.81
C LYS F 314 -11.37 31.01 -51.87
N ASP F 315 -10.25 31.44 -52.45
CA ASP F 315 -8.99 31.57 -51.72
C ASP F 315 -8.85 32.94 -51.05
N ASP F 316 -9.98 33.59 -50.79
CA ASP F 316 -9.95 34.86 -50.08
C ASP F 316 -11.03 34.95 -49.01
N GLU F 317 -12.17 34.31 -49.26
CA GLU F 317 -13.28 34.28 -48.31
C GLU F 317 -13.06 33.16 -47.30
N GLN F 318 -12.27 32.17 -47.69
CA GLN F 318 -11.92 31.08 -46.78
C GLN F 318 -10.94 31.56 -45.73
N ASN F 319 -9.98 32.37 -46.16
CA ASN F 319 -9.03 32.94 -45.22
C ASN F 319 -9.69 33.98 -44.33
N PHE F 320 -10.74 34.60 -44.84
CA PHE F 320 -11.46 35.58 -44.04
C PHE F 320 -12.22 34.88 -42.93
N ILE F 321 -12.91 33.82 -43.29
CA ILE F 321 -13.65 33.02 -42.33
C ILE F 321 -12.73 32.55 -41.21
N GLN F 322 -11.64 31.89 -41.58
CA GLN F 322 -10.66 31.41 -40.61
C GLN F 322 -10.21 32.56 -39.71
N ASN F 323 -9.75 33.64 -40.32
CA ASN F 323 -9.31 34.81 -39.60
C ASN F 323 -10.39 35.35 -38.67
N LEU F 324 -11.62 35.29 -39.13
CA LEU F 324 -12.75 35.69 -38.32
C LEU F 324 -12.81 34.84 -37.06
N SER F 325 -12.55 33.55 -37.25
CA SER F 325 -12.61 32.59 -36.16
C SER F 325 -11.47 32.84 -35.18
N LEU F 326 -10.38 33.41 -35.69
CA LEU F 326 -9.21 33.72 -34.87
C LEU F 326 -9.41 35.03 -34.12
N PHE F 327 -10.08 35.98 -34.75
CA PHE F 327 -10.41 37.22 -34.07
C PHE F 327 -11.39 36.96 -32.91
N LEU F 328 -12.52 36.33 -33.23
CA LEU F 328 -13.53 36.02 -32.24
C LEU F 328 -12.99 35.25 -31.02
N CYS F 329 -12.29 34.14 -31.28
CA CYS F 329 -11.75 33.31 -30.21
C CYS F 329 -10.77 34.07 -29.31
N THR F 330 -9.85 34.79 -29.93
CA THR F 330 -8.81 35.51 -29.19
C THR F 330 -9.42 36.58 -28.30
N PHE F 331 -10.46 37.24 -28.79
CA PHE F 331 -11.02 38.36 -28.06
C PHE F 331 -11.88 37.84 -26.93
N LEU F 332 -12.72 36.86 -27.23
CA LEU F 332 -13.56 36.26 -26.19
C LEU F 332 -12.68 35.62 -25.11
N LYS F 333 -11.50 35.17 -25.50
CA LYS F 333 -10.59 34.56 -24.57
C LYS F 333 -10.01 35.64 -23.64
N GLU F 334 -9.47 36.70 -24.22
CA GLU F 334 -8.74 37.66 -23.41
C GLU F 334 -9.65 38.67 -22.70
N HIS F 335 -10.69 39.13 -23.37
CA HIS F 335 -11.56 40.17 -22.82
C HIS F 335 -12.96 39.67 -22.51
N GLY F 336 -13.10 38.35 -22.40
CA GLY F 336 -14.40 37.72 -22.23
C GLY F 336 -15.25 38.28 -21.12
N GLN F 337 -14.73 38.27 -19.90
CA GLN F 337 -15.49 38.69 -18.74
C GLN F 337 -15.76 40.20 -18.75
N LEU F 338 -15.03 40.92 -19.58
CA LEU F 338 -15.26 42.36 -19.78
C LEU F 338 -16.54 42.59 -20.58
N LEU F 339 -16.89 41.64 -21.44
CA LEU F 339 -18.13 41.73 -22.20
C LEU F 339 -19.29 41.28 -21.34
N GLU F 340 -18.99 40.44 -20.34
CA GLU F 340 -19.99 39.92 -19.41
C GLU F 340 -20.42 40.98 -18.40
N LYS F 341 -19.42 41.60 -17.76
CA LYS F 341 -19.67 42.49 -16.64
C LYS F 341 -20.41 43.76 -17.05
N ARG F 342 -20.31 44.14 -18.32
CA ARG F 342 -21.02 45.31 -18.83
C ARG F 342 -22.33 44.86 -19.48
N LEU F 343 -23.44 45.51 -19.13
CA LEU F 343 -24.75 45.07 -19.61
C LEU F 343 -25.07 45.62 -20.99
N ASN F 344 -24.46 46.75 -21.34
CA ASN F 344 -24.69 47.39 -22.63
C ASN F 344 -23.98 46.69 -23.80
N LEU F 345 -23.21 45.66 -23.47
CA LEU F 345 -22.38 44.95 -24.44
C LEU F 345 -22.82 43.50 -24.61
N ARG F 346 -23.82 43.09 -23.84
CA ARG F 346 -24.24 41.68 -23.82
C ARG F 346 -24.93 41.25 -25.11
N GLU F 347 -25.46 42.20 -25.87
CA GLU F 347 -26.09 41.86 -27.13
C GLU F 347 -25.03 41.43 -28.14
N ALA F 348 -24.02 42.27 -28.32
CA ALA F 348 -22.92 41.98 -29.23
C ALA F 348 -22.16 40.71 -28.82
N LEU F 349 -22.25 40.35 -27.54
CA LEU F 349 -21.62 39.13 -27.05
C LEU F 349 -22.38 37.91 -27.56
N MET F 350 -23.70 38.01 -27.55
CA MET F 350 -24.56 36.97 -28.07
C MET F 350 -24.44 36.84 -29.58
N GLU F 351 -24.23 37.96 -30.26
CA GLU F 351 -23.99 37.95 -31.70
C GLU F 351 -22.69 37.25 -32.05
N ALA F 352 -21.64 37.55 -31.27
CA ALA F 352 -20.30 36.98 -31.47
C ALA F 352 -20.29 35.48 -31.22
N LEU F 353 -21.01 35.09 -30.17
CA LEU F 353 -21.15 33.67 -29.82
C LEU F 353 -21.94 32.92 -30.89
N HIS F 354 -22.85 33.63 -31.54
CA HIS F 354 -23.61 33.09 -32.67
C HIS F 354 -22.69 32.86 -33.87
N TYR F 355 -21.84 33.83 -34.16
CA TYR F 355 -20.84 33.64 -35.21
C TYR F 355 -20.00 32.42 -34.90
N MET F 356 -19.48 32.35 -33.67
CA MET F 356 -18.70 31.20 -33.25
C MET F 356 -19.41 29.88 -33.59
N LEU F 357 -20.74 29.86 -33.46
CA LEU F 357 -21.56 28.68 -33.69
C LEU F 357 -21.74 28.35 -35.18
N LEU F 358 -21.92 29.37 -36.00
CA LEU F 358 -21.97 29.18 -37.45
C LEU F 358 -20.60 28.70 -37.94
N VAL F 359 -19.56 29.46 -37.60
CA VAL F 359 -18.22 29.15 -38.08
C VAL F 359 -17.77 27.78 -37.58
N SER F 360 -18.39 27.32 -36.48
CA SER F 360 -18.09 26.03 -35.91
C SER F 360 -18.69 24.88 -36.72
N GLU F 361 -19.51 25.23 -37.71
CA GLU F 361 -20.12 24.23 -38.59
C GLU F 361 -19.29 24.03 -39.85
N VAL F 362 -18.33 24.92 -40.09
CA VAL F 362 -17.41 24.76 -41.20
C VAL F 362 -16.77 23.38 -41.12
N GLU F 363 -16.78 22.66 -42.24
CA GLU F 363 -16.21 21.32 -42.27
C GLU F 363 -14.74 21.37 -42.65
N GLU F 364 -13.95 22.11 -41.87
CA GLU F 364 -12.52 22.25 -42.07
C GLU F 364 -11.81 22.16 -40.74
N THR F 365 -10.99 21.14 -40.56
CA THR F 365 -10.42 20.80 -39.27
C THR F 365 -9.71 21.93 -38.52
N GLU F 366 -8.91 22.73 -39.23
CA GLU F 366 -8.12 23.75 -38.53
C GLU F 366 -8.97 24.90 -38.03
N ILE F 367 -10.09 25.16 -38.70
CA ILE F 367 -11.02 26.19 -38.25
C ILE F 367 -11.77 25.68 -37.03
N PHE F 368 -12.13 24.41 -37.07
CA PHE F 368 -12.86 23.79 -35.98
C PHE F 368 -12.02 23.74 -34.71
N LYS F 369 -10.72 23.47 -34.86
CA LYS F 369 -9.84 23.42 -33.68
C LYS F 369 -9.71 24.79 -33.02
N ILE F 370 -9.83 25.84 -33.81
CA ILE F 370 -9.80 27.19 -33.27
C ILE F 370 -11.04 27.47 -32.43
N CYS F 371 -12.22 27.18 -33.00
CA CYS F 371 -13.48 27.36 -32.28
C CYS F 371 -13.50 26.47 -31.03
N LEU F 372 -13.08 25.21 -31.22
CA LEU F 372 -13.04 24.24 -30.14
C LEU F 372 -12.19 24.74 -28.98
N GLU F 373 -11.15 25.47 -29.29
CA GLU F 373 -10.29 26.01 -28.25
C GLU F 373 -11.06 26.96 -27.34
N TYR F 374 -11.93 27.78 -27.94
CA TYR F 374 -12.76 28.68 -27.15
C TYR F 374 -13.83 27.95 -26.36
N TRP F 375 -14.56 27.05 -27.02
CA TRP F 375 -15.66 26.35 -26.33
C TRP F 375 -15.13 25.61 -25.10
N ASN F 376 -13.97 24.97 -25.25
CA ASN F 376 -13.32 24.26 -24.16
C ASN F 376 -12.98 25.25 -23.05
N HIS F 377 -12.58 26.45 -23.47
CA HIS F 377 -12.23 27.52 -22.54
C HIS F 377 -13.45 28.01 -21.74
N LEU F 378 -14.52 28.35 -22.45
CA LEU F 378 -15.77 28.78 -21.80
C LEU F 378 -16.23 27.74 -20.80
N ALA F 379 -16.37 26.51 -21.28
CA ALA F 379 -16.84 25.41 -20.44
C ALA F 379 -15.94 25.20 -19.21
N ALA F 380 -14.62 25.19 -19.42
CA ALA F 380 -13.69 25.04 -18.30
C ALA F 380 -13.88 26.19 -17.30
N GLU F 381 -14.14 27.39 -17.81
CA GLU F 381 -14.32 28.58 -16.99
C GLU F 381 -15.60 28.51 -16.17
N LEU F 382 -16.66 28.04 -16.78
CA LEU F 382 -17.96 27.94 -16.14
C LEU F 382 -17.98 26.75 -15.19
N TYR F 383 -17.14 25.76 -15.47
CA TYR F 383 -17.02 24.61 -14.59
C TYR F 383 -16.22 25.00 -13.35
N ARG F 384 -15.26 25.91 -13.52
CA ARG F 384 -14.48 26.36 -12.36
C ARG F 384 -15.32 27.25 -11.48
N GLU F 385 -16.26 27.97 -12.09
CA GLU F 385 -17.23 28.79 -11.36
C GLU F 385 -18.12 27.90 -10.52
N SER F 386 -18.57 26.81 -11.13
CA SER F 386 -19.40 25.82 -10.44
C SER F 386 -19.51 24.56 -11.28
N PRO F 387 -19.12 23.42 -10.71
CA PRO F 387 -19.17 22.14 -11.44
C PRO F 387 -20.42 21.32 -11.15
N PHE F 388 -21.50 21.95 -10.71
CA PHE F 388 -22.72 21.21 -10.37
C PHE F 388 -23.92 21.56 -11.24
N SER F 389 -24.90 20.66 -11.27
CA SER F 389 -26.15 20.91 -11.98
C SER F 389 -27.07 21.73 -11.09
N THR F 390 -27.88 22.59 -11.69
CA THR F 390 -28.80 23.41 -10.91
C THR F 390 -29.96 22.55 -10.36
N SER F 391 -30.80 23.14 -9.53
CA SER F 391 -31.90 22.41 -8.88
C SER F 391 -32.75 21.63 -9.89
N ALA F 392 -33.16 20.43 -9.51
CA ALA F 392 -33.81 19.52 -10.44
C ALA F 392 -35.24 19.97 -10.72
N SER F 393 -35.91 20.42 -9.66
CA SER F 393 -37.25 20.92 -9.77
C SER F 393 -37.30 22.35 -9.26
N PRO F 394 -38.45 23.04 -9.42
CA PRO F 394 -38.59 24.39 -8.91
C PRO F 394 -38.63 24.41 -7.38
N LEU F 395 -38.53 25.59 -6.78
CA LEU F 395 -38.63 25.69 -5.34
C LEU F 395 -40.04 26.12 -4.96
N LEU F 396 -40.32 26.19 -3.66
CA LEU F 396 -41.67 26.43 -3.18
C LEU F 396 -42.32 27.66 -3.81
N SER F 397 -41.52 28.44 -4.54
CA SER F 397 -41.98 29.56 -5.34
C SER F 397 -41.29 29.49 -6.71
N GLY F 398 -41.46 30.53 -7.53
CA GLY F 398 -40.83 30.58 -8.84
C GLY F 398 -39.62 31.49 -8.86
N SER F 399 -38.86 31.48 -7.77
CA SER F 399 -37.73 32.38 -7.59
C SER F 399 -36.62 32.17 -8.62
N GLN F 400 -36.85 31.26 -9.56
CA GLN F 400 -35.88 30.99 -10.61
C GLN F 400 -34.64 30.31 -10.06
N HIS F 401 -34.78 29.66 -8.91
CA HIS F 401 -33.66 29.01 -8.21
C HIS F 401 -32.43 29.91 -8.15
N PHE F 402 -32.10 30.41 -6.96
CA PHE F 402 -30.87 31.18 -6.82
C PHE F 402 -29.68 30.28 -7.15
N ASP F 403 -29.97 29.04 -7.53
CA ASP F 403 -28.94 28.07 -7.84
C ASP F 403 -27.96 28.53 -8.90
N ILE F 404 -28.46 29.23 -9.92
CA ILE F 404 -27.65 29.48 -11.10
C ILE F 404 -26.52 30.49 -10.91
N PRO F 405 -25.27 30.01 -11.03
CA PRO F 405 -24.10 30.91 -10.94
C PRO F 405 -24.22 32.04 -11.95
N PRO F 406 -23.76 33.23 -11.57
CA PRO F 406 -23.99 34.49 -12.30
C PRO F 406 -23.52 34.47 -13.77
N ARG F 407 -22.34 33.92 -14.01
CA ARG F 407 -21.76 33.92 -15.35
C ARG F 407 -22.43 32.92 -16.25
N ARG F 408 -22.74 31.77 -15.69
CA ARG F 408 -23.37 30.68 -16.40
C ARG F 408 -24.77 31.04 -16.90
N GLN F 409 -25.45 31.93 -16.19
CA GLN F 409 -26.80 32.34 -16.56
C GLN F 409 -26.81 32.89 -17.98
N LEU F 410 -25.84 33.76 -18.25
CA LEU F 410 -25.73 34.44 -19.54
C LEU F 410 -25.47 33.48 -20.71
N TYR F 411 -25.02 32.26 -20.41
CA TYR F 411 -24.68 31.31 -21.46
C TYR F 411 -25.64 30.13 -21.61
N LEU F 412 -26.62 30.02 -20.70
CA LEU F 412 -27.53 28.87 -20.68
C LEU F 412 -27.79 28.25 -22.06
N THR F 413 -28.25 29.07 -22.99
CA THR F 413 -28.77 28.58 -24.25
C THR F 413 -27.68 28.32 -25.29
N VAL F 414 -26.58 29.05 -25.16
CA VAL F 414 -25.41 28.76 -25.99
C VAL F 414 -24.74 27.46 -25.55
N LEU F 415 -24.67 27.24 -24.24
CA LEU F 415 -24.10 26.01 -23.73
C LEU F 415 -24.82 24.81 -24.34
N SER F 416 -26.13 24.94 -24.50
CA SER F 416 -26.95 23.89 -25.08
C SER F 416 -26.63 23.61 -26.55
N LYS F 417 -26.36 24.68 -27.31
CA LYS F 417 -26.01 24.55 -28.71
C LYS F 417 -24.59 23.99 -28.86
N VAL F 418 -23.72 24.34 -27.92
CA VAL F 418 -22.37 23.77 -27.89
C VAL F 418 -22.40 22.26 -27.61
N ARG F 419 -23.20 21.84 -26.62
CA ARG F 419 -23.43 20.42 -26.38
C ARG F 419 -23.86 19.72 -27.66
N LEU F 420 -24.79 20.33 -28.37
CA LEU F 420 -25.31 19.79 -29.61
C LEU F 420 -24.20 19.72 -30.64
N LEU F 421 -23.26 20.65 -30.57
CA LEU F 421 -22.10 20.64 -31.45
C LEU F 421 -21.16 19.48 -31.12
N MET F 422 -20.89 19.28 -29.84
CA MET F 422 -19.98 18.24 -29.39
C MET F 422 -20.48 16.85 -29.76
N VAL F 423 -21.79 16.68 -29.62
CA VAL F 423 -22.45 15.41 -29.92
C VAL F 423 -22.46 15.17 -31.43
N SER F 424 -22.78 16.23 -32.16
CA SER F 424 -22.98 16.18 -33.61
C SER F 424 -21.70 15.96 -34.43
N ARG F 425 -20.57 16.41 -33.92
CA ARG F 425 -19.33 16.29 -34.68
C ARG F 425 -18.26 15.54 -33.90
N MET F 426 -18.66 14.80 -32.88
CA MET F 426 -17.67 14.14 -32.02
C MET F 426 -16.60 13.45 -32.87
N ALA F 427 -15.35 13.63 -32.48
CA ALA F 427 -14.25 13.03 -33.21
C ALA F 427 -14.11 11.55 -32.91
N LYS F 428 -13.40 10.86 -33.78
CA LYS F 428 -13.04 9.46 -33.58
C LYS F 428 -12.13 9.31 -32.36
N PRO F 429 -12.58 8.52 -31.38
CA PRO F 429 -11.84 8.25 -30.14
C PRO F 429 -10.55 7.43 -30.35
N GLU F 430 -10.42 6.76 -31.49
CA GLU F 430 -9.30 5.84 -31.66
C GLU F 430 -8.71 5.95 -33.06
N GLU F 431 -7.38 5.91 -33.11
CA GLU F 431 -6.65 6.06 -34.35
C GLU F 431 -5.93 4.76 -34.69
N VAL F 432 -6.62 3.89 -35.40
CA VAL F 432 -6.03 2.62 -35.77
C VAL F 432 -5.51 2.66 -37.20
N LEU F 433 -4.34 2.07 -37.41
CA LEU F 433 -3.67 2.14 -38.70
C LEU F 433 -3.07 0.80 -39.02
N VAL F 434 -3.35 0.29 -40.21
CA VAL F 434 -2.70 -0.93 -40.66
C VAL F 434 -1.23 -0.63 -40.99
N VAL F 435 -0.31 -1.37 -40.40
CA VAL F 435 1.11 -1.08 -40.60
C VAL F 435 1.98 -2.31 -40.86
N GLU F 436 2.70 -2.29 -41.98
CA GLU F 436 3.76 -3.25 -42.27
C GLU F 436 5.02 -2.89 -41.47
N ASN F 437 5.57 -3.83 -40.72
CA ASN F 437 6.76 -3.54 -39.92
C ASN F 437 8.06 -3.79 -40.69
N ASP F 438 9.17 -3.97 -39.97
CA ASP F 438 10.44 -4.27 -40.62
C ASP F 438 10.47 -5.65 -41.24
N GLN F 439 9.29 -6.25 -41.36
CA GLN F 439 9.12 -7.57 -41.97
C GLN F 439 7.74 -7.69 -42.58
N GLY F 440 7.50 -8.79 -43.28
CA GLY F 440 6.20 -9.04 -43.86
C GLY F 440 5.01 -8.62 -43.00
N GLU F 441 5.22 -8.54 -41.69
CA GLU F 441 4.13 -8.34 -40.74
C GLU F 441 3.29 -7.08 -40.99
N VAL F 442 1.98 -7.28 -41.11
CA VAL F 442 1.02 -6.20 -41.39
C VAL F 442 -0.03 -6.00 -40.29
N VAL F 443 0.43 -5.98 -39.04
CA VAL F 443 -0.46 -5.85 -37.90
C VAL F 443 -1.25 -4.54 -37.88
N ARG F 444 -2.14 -4.42 -36.92
CA ARG F 444 -2.78 -3.14 -36.67
C ARG F 444 -1.98 -2.41 -35.63
N GLU F 445 -1.77 -1.13 -35.88
CA GLU F 445 -1.05 -0.26 -34.97
C GLU F 445 -1.98 0.85 -34.48
N PHE F 446 -1.93 1.08 -33.17
CA PHE F 446 -2.73 2.10 -32.53
C PHE F 446 -1.88 3.34 -32.33
N MET F 447 -2.44 4.50 -32.66
CA MET F 447 -1.74 5.76 -32.48
C MET F 447 -2.05 6.29 -31.08
N LYS F 448 -1.10 7.01 -30.49
CA LYS F 448 -1.25 7.43 -29.12
C LYS F 448 -1.58 8.92 -28.99
N ASP F 449 -0.84 9.75 -29.72
CA ASP F 449 -0.84 11.20 -29.49
C ASP F 449 -1.02 12.04 -30.75
N THR F 450 -1.89 11.60 -31.66
CA THR F 450 -1.99 12.30 -32.94
C THR F 450 -2.87 13.52 -32.83
N ASP F 451 -2.70 14.47 -33.75
CA ASP F 451 -3.53 15.66 -33.76
C ASP F 451 -4.99 15.22 -33.73
N SER F 452 -5.30 14.14 -34.45
CA SER F 452 -6.66 13.62 -34.50
C SER F 452 -7.15 13.16 -33.13
N ILE F 453 -6.31 12.42 -32.40
CA ILE F 453 -6.67 11.93 -31.08
C ILE F 453 -6.86 13.10 -30.12
N ASN F 454 -6.05 14.14 -30.32
CA ASN F 454 -6.13 15.35 -29.50
C ASN F 454 -7.44 16.10 -29.71
N LEU F 455 -7.89 16.15 -30.96
CA LEU F 455 -9.17 16.74 -31.26
C LEU F 455 -10.21 16.02 -30.44
N TYR F 456 -10.11 14.69 -30.42
CA TYR F 456 -11.07 13.88 -29.69
C TYR F 456 -11.08 14.14 -28.19
N LYS F 457 -9.90 14.13 -27.58
CA LYS F 457 -9.79 14.42 -26.15
C LYS F 457 -10.43 15.75 -25.80
N ASN F 458 -10.15 16.74 -26.64
CA ASN F 458 -10.61 18.12 -26.44
C ASN F 458 -12.11 18.29 -26.61
N MET F 459 -12.70 17.50 -27.49
CA MET F 459 -14.13 17.55 -27.68
C MET F 459 -14.79 16.86 -26.51
N ARG F 460 -14.23 15.71 -26.14
CA ARG F 460 -14.69 14.97 -24.99
C ARG F 460 -14.67 15.87 -23.77
N GLU F 461 -13.53 16.52 -23.54
CA GLU F 461 -13.38 17.35 -22.34
C GLU F 461 -14.41 18.48 -22.33
N THR F 462 -14.58 19.15 -23.47
CA THR F 462 -15.63 20.14 -23.58
C THR F 462 -16.99 19.55 -23.18
N LEU F 463 -17.35 18.45 -23.82
CA LEU F 463 -18.64 17.81 -23.60
C LEU F 463 -18.79 17.37 -22.16
N VAL F 464 -17.67 16.93 -21.58
CA VAL F 464 -17.64 16.42 -20.21
C VAL F 464 -17.91 17.54 -19.20
N TYR F 465 -17.25 18.68 -19.36
CA TYR F 465 -17.57 19.84 -18.52
C TYR F 465 -19.07 20.16 -18.60
N LEU F 466 -19.57 20.30 -19.82
CA LEU F 466 -20.95 20.74 -20.04
C LEU F 466 -21.95 19.74 -19.50
N THR F 467 -21.49 18.52 -19.26
CA THR F 467 -22.40 17.48 -18.77
C THR F 467 -22.49 17.55 -17.25
N HIS F 468 -21.45 18.11 -16.66
CA HIS F 468 -21.41 18.35 -15.25
C HIS F 468 -22.34 19.53 -14.90
N LEU F 469 -22.40 20.51 -15.81
CA LEU F 469 -23.21 21.72 -15.61
C LEU F 469 -24.67 21.50 -15.95
N ASP F 470 -24.94 20.52 -16.81
CA ASP F 470 -26.33 20.13 -17.13
C ASP F 470 -26.39 18.80 -17.86
N TYR F 471 -26.29 17.72 -17.09
CA TYR F 471 -26.29 16.40 -17.68
C TYR F 471 -27.64 16.07 -18.30
N VAL F 472 -28.71 16.62 -17.73
CA VAL F 472 -30.06 16.37 -18.25
C VAL F 472 -30.21 16.85 -19.71
N ASP F 473 -29.56 17.97 -20.03
CA ASP F 473 -29.55 18.54 -21.38
C ASP F 473 -28.71 17.66 -22.32
N THR F 474 -27.64 17.09 -21.77
CA THR F 474 -26.77 16.19 -22.53
C THR F 474 -27.51 14.89 -22.88
N GLU F 475 -28.29 14.41 -21.93
CA GLU F 475 -29.02 13.17 -22.11
C GLU F 475 -30.23 13.36 -23.02
N ILE F 476 -30.77 14.58 -23.04
CA ILE F 476 -31.93 14.86 -23.89
C ILE F 476 -31.50 15.07 -25.31
N ILE F 477 -30.36 15.75 -25.48
CA ILE F 477 -29.75 15.86 -26.79
C ILE F 477 -29.33 14.49 -27.34
N MET F 478 -28.71 13.66 -26.51
CA MET F 478 -28.25 12.35 -26.96
C MET F 478 -29.41 11.40 -27.26
N THR F 479 -30.50 11.57 -26.53
CA THR F 479 -31.69 10.75 -26.67
C THR F 479 -32.44 11.08 -27.95
N LYS F 480 -32.58 12.37 -28.22
CA LYS F 480 -33.22 12.83 -29.45
C LYS F 480 -32.46 12.31 -30.66
N LYS F 481 -31.15 12.46 -30.62
CA LYS F 481 -30.35 12.02 -31.73
C LYS F 481 -30.46 10.51 -31.94
N LEU F 482 -30.54 9.77 -30.84
CA LEU F 482 -30.74 8.34 -30.92
C LEU F 482 -32.03 8.01 -31.64
N GLN F 483 -33.13 8.67 -31.24
CA GLN F 483 -34.45 8.45 -31.86
C GLN F 483 -34.48 8.78 -33.34
N ASN F 484 -33.77 9.84 -33.72
CA ASN F 484 -33.60 10.23 -35.10
C ASN F 484 -32.84 9.19 -35.91
N GLN F 485 -32.21 8.25 -35.20
CA GLN F 485 -31.60 7.09 -35.84
C GLN F 485 -32.64 5.99 -35.98
N VAL F 486 -33.30 5.70 -34.87
CA VAL F 486 -34.26 4.61 -34.78
C VAL F 486 -35.45 4.77 -35.73
N ASN F 487 -36.00 5.98 -35.79
CA ASN F 487 -37.13 6.21 -36.66
C ASN F 487 -36.98 7.52 -37.43
N GLY F 488 -36.62 8.59 -36.72
CA GLY F 488 -36.48 9.91 -37.31
C GLY F 488 -35.57 9.93 -38.51
N THR F 489 -35.15 8.75 -38.94
CA THR F 489 -34.24 8.59 -40.07
C THR F 489 -33.43 9.85 -40.32
N GLU F 490 -32.57 10.13 -39.36
CA GLU F 490 -31.38 10.93 -39.54
C GLU F 490 -30.30 9.85 -39.72
N TRP F 491 -30.77 8.66 -40.09
CA TRP F 491 -29.97 7.45 -40.13
C TRP F 491 -28.77 7.50 -41.08
N SER F 492 -27.73 6.76 -40.72
CA SER F 492 -26.51 6.62 -41.51
C SER F 492 -25.44 6.11 -40.56
N TRP F 493 -24.38 5.54 -41.11
CA TRP F 493 -23.34 4.95 -40.28
C TRP F 493 -22.47 6.06 -39.71
N LYS F 494 -22.20 7.07 -40.53
CA LYS F 494 -21.37 8.17 -40.10
C LYS F 494 -21.99 8.85 -38.90
N ASN F 495 -23.32 8.99 -38.92
CA ASN F 495 -24.04 9.69 -37.85
C ASN F 495 -24.25 8.83 -36.62
N LEU F 496 -24.45 7.53 -36.82
CA LEU F 496 -24.65 6.65 -35.69
C LEU F 496 -23.33 6.44 -34.98
N ASN F 497 -22.24 6.44 -35.73
CA ASN F 497 -20.91 6.34 -35.16
C ASN F 497 -20.65 7.55 -34.28
N THR F 498 -20.92 8.71 -34.84
CA THR F 498 -20.67 9.96 -34.13
C THR F 498 -21.49 10.08 -32.86
N LEU F 499 -22.74 9.61 -32.89
CA LEU F 499 -23.59 9.59 -31.71
C LEU F 499 -23.04 8.71 -30.59
N CYS F 500 -22.50 7.57 -30.98
CA CYS F 500 -22.03 6.56 -30.04
C CYS F 500 -20.65 6.89 -29.50
N TRP F 501 -19.87 7.63 -30.28
CA TRP F 501 -18.58 8.12 -29.80
C TRP F 501 -18.82 9.17 -28.72
N ALA F 502 -19.74 10.09 -28.99
CA ALA F 502 -20.18 11.07 -27.99
C ALA F 502 -20.69 10.35 -26.76
N ILE F 503 -21.61 9.40 -26.98
CA ILE F 503 -22.23 8.71 -25.85
C ILE F 503 -21.17 8.05 -24.98
N GLY F 504 -20.10 7.59 -25.62
CA GLY F 504 -19.04 6.88 -24.91
C GLY F 504 -18.04 7.83 -24.28
N SER F 505 -18.02 9.06 -24.77
CA SER F 505 -17.02 10.04 -24.34
C SER F 505 -17.30 10.55 -22.95
N ILE F 506 -18.57 10.50 -22.52
CA ILE F 506 -18.92 11.14 -21.25
C ILE F 506 -18.98 10.15 -20.10
N SER F 507 -18.51 8.94 -20.34
CA SER F 507 -18.39 7.93 -19.27
C SER F 507 -17.75 8.48 -17.99
N GLY F 508 -18.49 8.44 -16.89
CA GLY F 508 -17.99 8.96 -15.63
C GLY F 508 -18.34 10.41 -15.33
N ALA F 509 -19.06 11.05 -16.24
CA ALA F 509 -19.49 12.42 -16.02
C ALA F 509 -20.90 12.49 -15.41
N MET F 510 -21.57 11.34 -15.31
CA MET F 510 -22.85 11.23 -14.61
C MET F 510 -22.73 10.39 -13.34
N HIS F 511 -23.64 10.60 -12.41
CA HIS F 511 -23.77 9.75 -11.24
C HIS F 511 -24.15 8.34 -11.70
N GLU F 512 -23.62 7.33 -10.99
CA GLU F 512 -23.77 5.96 -11.38
C GLU F 512 -25.23 5.60 -11.62
N GLU F 513 -26.10 6.18 -10.81
CA GLU F 513 -27.55 5.89 -10.88
C GLU F 513 -28.21 6.46 -12.14
N ASP F 514 -27.87 7.70 -12.49
CA ASP F 514 -28.27 8.27 -13.77
C ASP F 514 -27.66 7.49 -14.93
N GLU F 515 -26.42 7.06 -14.74
CA GLU F 515 -25.71 6.31 -15.75
C GLU F 515 -26.50 5.04 -16.10
N LYS F 516 -26.97 4.34 -15.07
CA LYS F 516 -27.71 3.11 -15.29
C LYS F 516 -28.93 3.32 -16.16
N ARG F 517 -29.79 4.24 -15.74
CA ARG F 517 -31.04 4.54 -16.43
C ARG F 517 -30.80 4.95 -17.87
N PHE F 518 -29.69 5.65 -18.06
CA PHE F 518 -29.35 6.22 -19.36
C PHE F 518 -28.85 5.13 -20.31
N LEU F 519 -27.98 4.28 -19.79
CA LEU F 519 -27.44 3.18 -20.57
C LEU F 519 -28.49 2.12 -20.89
N VAL F 520 -29.48 1.96 -20.00
CA VAL F 520 -30.51 0.97 -20.27
C VAL F 520 -31.36 1.45 -21.42
N THR F 521 -31.51 2.75 -21.52
CA THR F 521 -32.28 3.37 -22.60
C THR F 521 -31.52 3.39 -23.91
N VAL F 522 -30.21 3.59 -23.83
CA VAL F 522 -29.41 3.72 -25.04
C VAL F 522 -29.29 2.40 -25.77
N ILE F 523 -29.04 1.34 -25.02
CA ILE F 523 -28.75 0.06 -25.65
C ILE F 523 -29.97 -0.82 -25.90
N LYS F 524 -31.02 -0.61 -25.11
CA LYS F 524 -32.30 -1.29 -25.34
C LYS F 524 -32.79 -0.91 -26.71
N ASP F 525 -32.55 0.35 -27.09
CA ASP F 525 -33.02 0.82 -28.38
C ASP F 525 -32.02 0.66 -29.55
N LEU F 526 -30.73 0.55 -29.25
CA LEU F 526 -29.76 0.14 -30.26
C LEU F 526 -30.00 -1.33 -30.63
N LEU F 527 -30.24 -2.15 -29.61
CA LEU F 527 -30.59 -3.54 -29.80
C LEU F 527 -31.83 -3.61 -30.69
N GLY F 528 -32.80 -2.76 -30.37
CA GLY F 528 -34.05 -2.78 -31.10
C GLY F 528 -33.86 -2.34 -32.53
N LEU F 529 -33.00 -1.33 -32.72
CA LEU F 529 -32.63 -0.85 -34.05
C LEU F 529 -31.89 -1.94 -34.86
N CYS F 530 -31.06 -2.71 -34.16
CA CYS F 530 -30.23 -3.70 -34.81
C CYS F 530 -31.11 -4.74 -35.49
N GLU F 531 -32.09 -5.24 -34.77
CA GLU F 531 -33.07 -6.16 -35.30
C GLU F 531 -33.88 -5.53 -36.44
N GLN F 532 -34.06 -4.21 -36.38
CA GLN F 532 -34.88 -3.49 -37.36
C GLN F 532 -34.21 -3.36 -38.73
N LYS F 533 -33.00 -2.83 -38.73
CA LYS F 533 -32.24 -2.64 -39.96
C LYS F 533 -31.86 -3.97 -40.59
N ARG F 534 -32.01 -4.04 -41.91
CA ARG F 534 -31.64 -5.24 -42.64
C ARG F 534 -30.25 -5.09 -43.23
N GLY F 535 -29.63 -6.20 -43.56
CA GLY F 535 -28.30 -6.20 -44.12
C GLY F 535 -27.18 -6.22 -43.10
N LYS F 536 -26.35 -7.25 -43.17
CA LYS F 536 -25.19 -7.38 -42.29
C LYS F 536 -24.35 -6.09 -42.20
N ASP F 537 -24.23 -5.36 -43.29
CA ASP F 537 -23.56 -4.06 -43.26
C ASP F 537 -24.11 -3.18 -42.15
N ASN F 538 -25.42 -3.00 -42.12
CA ASN F 538 -26.09 -2.24 -41.06
C ASN F 538 -25.96 -2.88 -39.69
N LYS F 539 -26.21 -4.17 -39.60
CA LYS F 539 -26.19 -4.86 -38.32
C LYS F 539 -24.77 -4.86 -37.73
N ALA F 540 -23.78 -4.88 -38.60
CA ALA F 540 -22.38 -4.88 -38.18
C ALA F 540 -22.00 -3.53 -37.59
N ILE F 541 -22.40 -2.46 -38.26
CA ILE F 541 -22.21 -1.11 -37.74
C ILE F 541 -22.93 -0.96 -36.39
N ILE F 542 -24.22 -1.22 -36.36
CA ILE F 542 -25.00 -1.10 -35.14
C ILE F 542 -24.37 -1.94 -34.03
N ALA F 543 -24.06 -3.20 -34.34
CA ALA F 543 -23.45 -4.11 -33.37
C ALA F 543 -22.11 -3.62 -32.78
N SER F 544 -21.25 -3.06 -33.62
CA SER F 544 -19.95 -2.60 -33.16
C SER F 544 -20.14 -1.48 -32.15
N ASN F 545 -21.11 -0.61 -32.43
CA ASN F 545 -21.40 0.57 -31.61
C ASN F 545 -21.90 0.25 -30.19
N ILE F 546 -22.89 -0.63 -30.13
CA ILE F 546 -23.31 -1.19 -28.84
C ILE F 546 -22.09 -1.71 -28.10
N MET F 547 -21.24 -2.43 -28.82
CA MET F 547 -20.02 -2.97 -28.20
C MET F 547 -19.08 -1.88 -27.73
N TYR F 548 -18.89 -0.85 -28.56
CA TYR F 548 -18.02 0.24 -28.14
C TYR F 548 -18.57 0.87 -26.85
N ILE F 549 -19.87 1.17 -26.84
CA ILE F 549 -20.53 1.76 -25.69
C ILE F 549 -20.34 0.93 -24.42
N VAL F 550 -20.78 -0.32 -24.46
CA VAL F 550 -20.56 -1.19 -23.31
C VAL F 550 -19.12 -1.14 -22.81
N GLY F 551 -18.16 -1.18 -23.74
CA GLY F 551 -16.75 -1.18 -23.40
C GLY F 551 -16.37 0.03 -22.59
N GLN F 552 -17.07 1.14 -22.80
CA GLN F 552 -16.74 2.41 -22.19
C GLN F 552 -17.36 2.56 -20.79
N TYR F 553 -18.23 1.63 -20.43
CA TYR F 553 -18.92 1.70 -19.17
C TYR F 553 -18.68 0.51 -18.23
N PRO F 554 -17.42 0.27 -17.85
CA PRO F 554 -17.15 -0.85 -16.96
C PRO F 554 -17.91 -0.75 -15.64
N ARG F 555 -18.03 0.44 -15.07
CA ARG F 555 -18.64 0.61 -13.76
C ARG F 555 -20.05 -0.02 -13.75
N PHE F 556 -20.81 0.29 -14.80
CA PHE F 556 -22.06 -0.37 -15.11
C PHE F 556 -21.94 -1.90 -15.14
N LEU F 557 -21.05 -2.41 -15.98
CA LEU F 557 -20.82 -3.86 -16.11
C LEU F 557 -20.47 -4.45 -14.77
N ARG F 558 -19.56 -3.80 -14.07
CA ARG F 558 -19.07 -4.26 -12.78
C ARG F 558 -20.18 -4.47 -11.74
N ALA F 559 -21.20 -3.63 -11.78
CA ALA F 559 -22.30 -3.74 -10.84
C ALA F 559 -23.38 -4.71 -11.27
N HIS F 560 -23.33 -5.16 -12.52
CA HIS F 560 -24.36 -6.07 -13.04
C HIS F 560 -23.83 -7.35 -13.69
N TRP F 561 -23.40 -8.32 -12.89
CA TRP F 561 -22.77 -9.55 -13.42
C TRP F 561 -23.53 -10.27 -14.54
N LYS F 562 -24.82 -10.52 -14.34
CA LYS F 562 -25.63 -11.20 -15.33
C LYS F 562 -25.58 -10.48 -16.68
N PHE F 563 -25.47 -9.17 -16.65
CA PHE F 563 -25.36 -8.44 -17.91
C PHE F 563 -23.93 -8.55 -18.47
N LEU F 564 -22.93 -8.39 -17.60
CA LEU F 564 -21.54 -8.58 -17.96
C LEU F 564 -21.35 -9.91 -18.67
N LYS F 565 -21.66 -10.99 -17.97
CA LYS F 565 -21.55 -12.34 -18.52
C LYS F 565 -22.18 -12.49 -19.90
N THR F 566 -23.34 -11.87 -20.09
CA THR F 566 -24.11 -11.94 -21.32
C THR F 566 -23.40 -11.21 -22.46
N VAL F 567 -22.80 -10.08 -22.13
CA VAL F 567 -21.99 -9.33 -23.10
C VAL F 567 -20.72 -10.10 -23.52
N VAL F 568 -20.09 -10.76 -22.56
CA VAL F 568 -18.87 -11.48 -22.83
C VAL F 568 -19.15 -12.71 -23.69
N ASN F 569 -20.11 -13.52 -23.27
CA ASN F 569 -20.57 -14.62 -24.09
C ASN F 569 -20.95 -14.14 -25.49
N LYS F 570 -21.56 -12.96 -25.57
CA LYS F 570 -22.00 -12.44 -26.86
C LYS F 570 -20.77 -12.01 -27.66
N LEU F 571 -19.75 -11.54 -26.96
CA LEU F 571 -18.50 -11.16 -27.59
C LEU F 571 -17.82 -12.40 -28.16
N PHE F 572 -17.93 -13.51 -27.43
CA PHE F 572 -17.37 -14.79 -27.89
C PHE F 572 -18.08 -15.25 -29.16
N GLU F 573 -19.39 -15.05 -29.23
CA GLU F 573 -20.14 -15.39 -30.41
C GLU F 573 -19.57 -14.63 -31.61
N PHE F 574 -19.48 -13.31 -31.51
CA PHE F 574 -19.02 -12.52 -32.63
C PHE F 574 -17.57 -12.80 -33.06
N MET F 575 -16.85 -13.63 -32.32
CA MET F 575 -15.46 -13.93 -32.70
C MET F 575 -15.48 -14.96 -33.84
N HIS F 576 -16.68 -15.45 -34.11
CA HIS F 576 -16.91 -16.33 -35.22
C HIS F 576 -17.65 -15.64 -36.36
N GLU F 577 -18.01 -14.37 -36.14
CA GLU F 577 -18.66 -13.55 -37.16
C GLU F 577 -17.72 -13.28 -38.31
N THR F 578 -18.20 -13.53 -39.52
CA THR F 578 -17.33 -13.37 -40.70
C THR F 578 -17.38 -11.95 -41.29
N HIS F 579 -18.42 -11.19 -40.97
CA HIS F 579 -18.53 -9.86 -41.56
C HIS F 579 -17.36 -8.93 -41.20
N ASP F 580 -16.79 -8.34 -42.23
CA ASP F 580 -15.58 -7.54 -42.09
C ASP F 580 -15.59 -6.60 -40.88
N GLY F 581 -14.57 -6.69 -40.04
CA GLY F 581 -14.40 -5.79 -38.90
C GLY F 581 -14.95 -6.26 -37.56
N VAL F 582 -16.04 -7.00 -37.59
CA VAL F 582 -16.69 -7.47 -36.38
C VAL F 582 -15.76 -8.22 -35.43
N GLN F 583 -14.96 -9.12 -35.98
CA GLN F 583 -14.04 -9.91 -35.17
C GLN F 583 -13.03 -9.01 -34.43
N ASP F 584 -12.54 -8.00 -35.12
CA ASP F 584 -11.65 -7.03 -34.51
C ASP F 584 -12.38 -6.26 -33.42
N MET F 585 -13.64 -5.91 -33.68
CA MET F 585 -14.44 -5.23 -32.67
C MET F 585 -14.61 -6.13 -31.46
N ALA F 586 -15.02 -7.37 -31.69
CA ALA F 586 -15.28 -8.30 -30.60
C ALA F 586 -14.07 -8.48 -29.71
N CYS F 587 -12.88 -8.62 -30.31
CA CYS F 587 -11.67 -8.79 -29.52
C CYS F 587 -11.25 -7.53 -28.76
N ASP F 588 -11.32 -6.39 -29.44
CA ASP F 588 -10.94 -5.10 -28.87
C ASP F 588 -11.77 -4.76 -27.64
N THR F 589 -13.09 -4.95 -27.75
CA THR F 589 -14.00 -4.79 -26.63
C THR F 589 -13.67 -5.78 -25.52
N PHE F 590 -13.34 -7.00 -25.91
CA PHE F 590 -13.04 -8.03 -24.92
C PHE F 590 -11.86 -7.66 -24.05
N ILE F 591 -10.89 -6.95 -24.61
CA ILE F 591 -9.71 -6.70 -23.83
C ILE F 591 -9.97 -5.52 -22.88
N LYS F 592 -10.72 -4.52 -23.35
CA LYS F 592 -11.16 -3.45 -22.47
C LYS F 592 -11.85 -4.05 -21.24
N ILE F 593 -12.85 -4.88 -21.50
CA ILE F 593 -13.63 -5.53 -20.44
C ILE F 593 -12.80 -6.40 -19.50
N ALA F 594 -11.92 -7.21 -20.03
CA ALA F 594 -11.09 -8.06 -19.17
C ALA F 594 -10.17 -7.23 -18.26
N GLN F 595 -9.61 -6.15 -18.79
CA GLN F 595 -8.82 -5.24 -17.96
C GLN F 595 -9.69 -4.65 -16.85
N LYS F 596 -10.61 -3.76 -17.24
CA LYS F 596 -11.53 -3.08 -16.32
C LYS F 596 -12.36 -3.97 -15.38
N CYS F 597 -12.66 -5.21 -15.75
CA CYS F 597 -13.49 -6.05 -14.88
C CYS F 597 -12.81 -7.34 -14.45
N ARG F 598 -11.48 -7.35 -14.48
CA ARG F 598 -10.68 -8.53 -14.18
C ARG F 598 -11.13 -9.37 -12.97
N ARG F 599 -11.53 -8.73 -11.88
CA ARG F 599 -11.82 -9.48 -10.65
C ARG F 599 -13.09 -10.32 -10.77
N HIS F 600 -14.06 -9.79 -11.52
CA HIS F 600 -15.35 -10.44 -11.70
C HIS F 600 -15.28 -11.78 -12.45
N PHE F 601 -14.08 -12.13 -12.92
CA PHE F 601 -13.91 -13.34 -13.73
C PHE F 601 -13.23 -14.42 -12.91
N VAL F 602 -12.63 -13.99 -11.80
CA VAL F 602 -11.84 -14.86 -10.95
C VAL F 602 -12.59 -15.20 -9.65
N GLN F 603 -13.48 -14.31 -9.24
CA GLN F 603 -14.32 -14.59 -8.08
C GLN F 603 -15.71 -15.10 -8.47
N VAL F 604 -16.20 -16.12 -7.75
CA VAL F 604 -17.50 -16.67 -7.98
C VAL F 604 -18.54 -15.58 -7.77
N GLN F 605 -19.33 -15.32 -8.82
CA GLN F 605 -20.34 -14.28 -8.79
C GLN F 605 -21.70 -14.85 -8.35
N VAL F 606 -22.65 -13.99 -8.05
CA VAL F 606 -23.92 -14.47 -7.49
C VAL F 606 -24.79 -15.15 -8.53
N GLY F 607 -25.23 -16.36 -8.19
CA GLY F 607 -26.03 -17.18 -9.08
C GLY F 607 -25.13 -18.10 -9.86
N GLU F 608 -23.88 -18.18 -9.42
CA GLU F 608 -22.87 -18.96 -10.11
C GLU F 608 -22.18 -19.88 -9.11
N VAL F 609 -21.67 -21.01 -9.58
CA VAL F 609 -20.99 -21.96 -8.71
C VAL F 609 -19.48 -21.95 -8.93
N MET F 610 -19.05 -21.53 -10.12
CA MET F 610 -17.65 -21.59 -10.47
C MET F 610 -17.18 -20.31 -11.14
N PRO F 611 -15.93 -19.91 -10.87
CA PRO F 611 -15.37 -18.69 -11.47
C PRO F 611 -15.47 -18.74 -13.01
N PHE F 612 -15.98 -17.67 -13.61
CA PHE F 612 -16.21 -17.62 -15.06
C PHE F 612 -14.93 -17.93 -15.85
N ILE F 613 -13.77 -17.57 -15.30
CA ILE F 613 -12.50 -17.84 -15.97
C ILE F 613 -12.40 -19.31 -16.40
N ASP F 614 -12.78 -20.21 -15.49
CA ASP F 614 -12.80 -21.67 -15.71
C ASP F 614 -13.54 -22.06 -16.98
N GLU F 615 -14.76 -21.55 -17.15
CA GLU F 615 -15.52 -21.85 -18.36
C GLU F 615 -14.77 -21.39 -19.60
N ILE F 616 -14.09 -20.26 -19.49
CA ILE F 616 -13.33 -19.74 -20.60
C ILE F 616 -12.16 -20.65 -20.95
N LEU F 617 -11.40 -21.09 -19.94
CA LEU F 617 -10.22 -21.94 -20.19
C LEU F 617 -10.58 -23.33 -20.75
N ASN F 618 -11.75 -23.81 -20.43
CA ASN F 618 -12.17 -25.11 -20.90
C ASN F 618 -12.67 -25.09 -22.35
N ASN F 619 -12.61 -23.92 -22.97
CA ASN F 619 -13.15 -23.73 -24.30
C ASN F 619 -12.32 -22.78 -25.14
N ILE F 620 -11.06 -22.55 -24.76
CA ILE F 620 -10.26 -21.59 -25.51
C ILE F 620 -10.35 -21.92 -27.00
N ASN F 621 -10.21 -23.20 -27.34
CA ASN F 621 -10.19 -23.57 -28.73
C ASN F 621 -11.48 -23.27 -29.48
N THR F 622 -12.58 -23.72 -28.92
CA THR F 622 -13.88 -23.49 -29.52
C THR F 622 -14.10 -22.01 -29.75
N ILE F 623 -13.51 -21.17 -28.90
CA ILE F 623 -13.71 -19.73 -28.99
C ILE F 623 -12.85 -19.04 -30.02
N ILE F 624 -11.57 -19.40 -30.10
CA ILE F 624 -10.67 -18.67 -30.97
C ILE F 624 -10.60 -19.28 -32.37
N CYS F 625 -11.25 -20.43 -32.52
CA CYS F 625 -11.35 -21.15 -33.79
C CYS F 625 -11.00 -20.36 -35.04
N ASP F 626 -11.75 -19.28 -35.24
CA ASP F 626 -11.86 -18.61 -36.51
C ASP F 626 -11.01 -17.37 -36.53
N LEU F 627 -10.47 -17.01 -35.36
CA LEU F 627 -9.71 -15.77 -35.20
C LEU F 627 -8.35 -15.83 -35.93
N GLN F 628 -7.91 -14.68 -36.45
CA GLN F 628 -6.58 -14.56 -37.07
C GLN F 628 -5.52 -14.50 -35.96
N PRO F 629 -4.25 -14.74 -36.30
CA PRO F 629 -3.17 -14.75 -35.31
C PRO F 629 -3.12 -13.54 -34.39
N GLN F 630 -3.31 -12.35 -34.92
CA GLN F 630 -3.20 -11.16 -34.10
C GLN F 630 -4.37 -11.09 -33.10
N GLN F 631 -5.57 -11.45 -33.54
CA GLN F 631 -6.74 -11.45 -32.67
C GLN F 631 -6.58 -12.49 -31.56
N VAL F 632 -5.98 -13.62 -31.90
CA VAL F 632 -5.70 -14.65 -30.90
C VAL F 632 -4.79 -14.10 -29.80
N HIS F 633 -3.78 -13.30 -30.17
CA HIS F 633 -2.87 -12.73 -29.20
C HIS F 633 -3.57 -11.79 -28.20
N THR F 634 -4.32 -10.83 -28.76
CA THR F 634 -5.20 -9.97 -28.01
C THR F 634 -6.11 -10.78 -27.07
N PHE F 635 -6.70 -11.85 -27.57
CA PHE F 635 -7.53 -12.70 -26.73
C PHE F 635 -6.75 -13.27 -25.56
N TYR F 636 -5.53 -13.73 -25.82
CA TYR F 636 -4.70 -14.28 -24.74
C TYR F 636 -4.32 -13.25 -23.70
N GLU F 637 -4.03 -12.03 -24.15
CA GLU F 637 -3.70 -10.93 -23.27
C GLU F 637 -4.91 -10.62 -22.37
N ALA F 638 -6.08 -10.56 -23.00
CA ALA F 638 -7.33 -10.33 -22.30
C ALA F 638 -7.50 -11.30 -21.12
N VAL F 639 -7.38 -12.60 -21.39
CA VAL F 639 -7.57 -13.59 -20.35
C VAL F 639 -6.53 -13.46 -19.23
N GLY F 640 -5.36 -12.90 -19.59
CA GLY F 640 -4.28 -12.69 -18.66
C GLY F 640 -4.56 -11.62 -17.62
N TYR F 641 -5.26 -10.57 -18.04
CA TYR F 641 -5.68 -9.58 -17.05
C TYR F 641 -6.55 -10.22 -15.99
N MET F 642 -7.36 -11.21 -16.42
CA MET F 642 -8.17 -11.97 -15.48
C MET F 642 -7.29 -12.77 -14.51
N ILE F 643 -6.45 -13.63 -15.07
CA ILE F 643 -5.61 -14.56 -14.32
C ILE F 643 -4.67 -13.86 -13.33
N GLY F 644 -4.24 -12.64 -13.68
CA GLY F 644 -3.43 -11.84 -12.78
C GLY F 644 -4.16 -11.19 -11.60
N ALA F 645 -5.48 -11.38 -11.54
CA ALA F 645 -6.32 -10.86 -10.45
C ALA F 645 -6.58 -11.95 -9.40
N GLN F 646 -6.17 -13.17 -9.69
CA GLN F 646 -6.35 -14.26 -8.77
C GLN F 646 -5.07 -14.30 -7.95
N THR F 647 -5.19 -13.82 -6.71
CA THR F 647 -4.02 -13.49 -5.90
C THR F 647 -3.61 -14.66 -5.02
N ASP F 648 -4.46 -15.69 -4.97
CA ASP F 648 -4.12 -16.93 -4.30
C ASP F 648 -3.15 -17.71 -5.16
N GLN F 649 -1.87 -17.78 -4.75
CA GLN F 649 -0.82 -18.31 -5.61
C GLN F 649 -1.04 -19.74 -6.11
N THR F 650 -1.59 -20.60 -5.26
CA THR F 650 -1.86 -21.96 -5.68
C THR F 650 -2.85 -21.97 -6.86
N VAL F 651 -4.04 -21.40 -6.65
CA VAL F 651 -5.05 -21.32 -7.72
C VAL F 651 -4.54 -20.63 -8.98
N GLN F 652 -3.78 -19.55 -8.81
CA GLN F 652 -3.26 -18.78 -9.93
C GLN F 652 -2.31 -19.63 -10.77
N GLU F 653 -1.50 -20.43 -10.11
CA GLU F 653 -0.50 -21.21 -10.80
C GLU F 653 -1.20 -22.25 -11.63
N HIS F 654 -2.24 -22.87 -11.05
N HIS F 654 -2.23 -22.88 -11.04
CA HIS F 654 -3.02 -23.84 -11.83
CA HIS F 654 -3.09 -23.83 -11.75
C HIS F 654 -3.72 -23.16 -13.00
C HIS F 654 -3.71 -23.16 -12.97
N LEU F 655 -4.18 -21.93 -12.79
CA LEU F 655 -4.77 -21.17 -13.88
C LEU F 655 -3.78 -20.97 -15.02
N ILE F 656 -2.54 -20.66 -14.67
CA ILE F 656 -1.55 -20.32 -15.66
C ILE F 656 -1.10 -21.53 -16.49
N GLU F 657 -1.08 -22.71 -15.88
CA GLU F 657 -0.75 -23.93 -16.58
C GLU F 657 -1.81 -24.23 -17.64
N LYS F 658 -3.08 -24.15 -17.27
CA LYS F 658 -4.17 -24.40 -18.22
C LYS F 658 -4.13 -23.38 -19.36
N TYR F 659 -3.90 -22.13 -18.98
CA TYR F 659 -3.90 -20.97 -19.86
C TYR F 659 -2.88 -21.08 -21.00
N MET F 660 -1.75 -21.72 -20.72
CA MET F 660 -0.64 -21.80 -21.65
C MET F 660 -0.50 -23.21 -22.23
N LEU F 661 -1.54 -24.00 -22.05
CA LEU F 661 -1.53 -25.40 -22.38
C LEU F 661 -1.51 -25.61 -23.90
N LEU F 662 -2.25 -24.78 -24.63
CA LEU F 662 -2.23 -24.84 -26.08
C LEU F 662 -0.88 -24.45 -26.66
N PRO F 663 -0.42 -23.20 -26.39
CA PRO F 663 0.90 -22.83 -26.92
C PRO F 663 1.97 -23.83 -26.49
N ASN F 664 1.98 -24.19 -25.22
CA ASN F 664 2.96 -25.16 -24.72
C ASN F 664 2.99 -26.47 -25.50
N GLN F 665 1.80 -26.92 -25.92
CA GLN F 665 1.65 -28.18 -26.63
C GLN F 665 2.44 -28.17 -27.92
N VAL F 666 2.22 -27.15 -28.74
CA VAL F 666 2.99 -26.97 -29.95
C VAL F 666 4.49 -26.85 -29.60
N TRP F 667 4.82 -25.89 -28.74
CA TRP F 667 6.20 -25.64 -28.32
C TRP F 667 6.90 -26.91 -27.86
N ASP F 668 6.21 -27.76 -27.11
CA ASP F 668 6.80 -29.00 -26.66
C ASP F 668 7.03 -29.93 -27.85
N SER F 669 6.08 -29.95 -28.77
CA SER F 669 6.19 -30.81 -29.90
C SER F 669 7.41 -30.41 -30.73
N ILE F 670 7.57 -29.10 -30.93
CA ILE F 670 8.70 -28.59 -31.69
C ILE F 670 10.02 -28.86 -31.00
N ILE F 671 10.05 -28.70 -29.67
CA ILE F 671 11.26 -28.96 -28.89
C ILE F 671 11.71 -30.43 -28.97
N GLN F 672 10.75 -31.34 -28.99
CA GLN F 672 11.09 -32.77 -29.08
C GLN F 672 11.76 -33.05 -30.42
N GLN F 673 11.18 -32.51 -31.48
N GLN F 673 11.18 -32.51 -31.48
CA GLN F 673 11.70 -32.71 -32.82
CA GLN F 673 11.71 -32.73 -32.82
C GLN F 673 13.09 -32.08 -32.97
C GLN F 673 13.08 -32.05 -33.01
N ALA F 674 13.33 -31.01 -32.25
CA ALA F 674 14.62 -30.30 -32.35
C ALA F 674 15.71 -31.03 -31.57
N THR F 675 15.27 -31.86 -30.63
CA THR F 675 16.16 -32.67 -29.84
C THR F 675 16.82 -33.71 -30.73
N LYS F 676 16.07 -34.24 -31.69
CA LYS F 676 16.59 -35.28 -32.59
C LYS F 676 17.15 -34.75 -33.91
N ASN F 677 17.00 -33.46 -34.16
CA ASN F 677 17.31 -32.90 -35.48
C ASN F 677 17.18 -31.38 -35.52
N VAL F 678 18.29 -30.68 -35.32
CA VAL F 678 18.24 -29.22 -35.25
C VAL F 678 17.80 -28.57 -36.56
N ASP F 679 17.60 -29.37 -37.60
CA ASP F 679 17.19 -28.83 -38.90
C ASP F 679 15.75 -28.28 -38.91
N ILE F 680 14.84 -28.86 -38.12
CA ILE F 680 13.47 -28.32 -38.14
C ILE F 680 13.44 -26.88 -37.69
N LEU F 681 14.40 -26.49 -36.86
CA LEU F 681 14.56 -25.10 -36.45
C LEU F 681 14.94 -24.25 -37.65
N LYS F 682 14.79 -24.84 -38.82
CA LYS F 682 15.19 -24.22 -40.07
C LYS F 682 14.00 -24.37 -41.00
N ASP F 683 13.06 -25.19 -40.59
CA ASP F 683 11.80 -25.35 -41.29
C ASP F 683 10.97 -24.06 -41.18
N PRO F 684 10.57 -23.50 -42.33
CA PRO F 684 9.82 -22.24 -42.40
C PRO F 684 8.55 -22.26 -41.56
N GLU F 685 7.77 -23.34 -41.69
CA GLU F 685 6.51 -23.41 -40.95
C GLU F 685 6.75 -23.43 -39.44
N THR F 686 7.75 -24.21 -39.01
CA THR F 686 7.97 -24.32 -37.58
C THR F 686 8.49 -23.02 -37.01
N VAL F 687 9.36 -22.30 -37.71
CA VAL F 687 9.80 -21.03 -37.14
C VAL F 687 8.66 -20.03 -37.17
N LYS F 688 7.81 -20.12 -38.20
CA LYS F 688 6.58 -19.34 -38.25
C LYS F 688 5.78 -19.60 -36.99
N GLN F 689 5.62 -20.88 -36.63
CA GLN F 689 4.92 -21.26 -35.41
C GLN F 689 5.61 -20.76 -34.14
N LEU F 690 6.92 -20.97 -34.07
CA LEU F 690 7.70 -20.54 -32.93
C LEU F 690 7.47 -19.06 -32.61
N GLY F 691 7.25 -18.24 -33.64
CA GLY F 691 7.16 -16.83 -33.44
C GLY F 691 5.80 -16.48 -32.85
N SER F 692 4.77 -17.19 -33.32
CA SER F 692 3.41 -17.00 -32.84
C SER F 692 3.26 -17.53 -31.43
N ILE F 693 3.98 -18.59 -31.12
CA ILE F 693 3.97 -19.10 -29.75
C ILE F 693 4.60 -18.03 -28.86
N LEU F 694 5.68 -17.43 -29.32
CA LEU F 694 6.36 -16.47 -28.48
C LEU F 694 5.59 -15.15 -28.37
N LYS F 695 4.85 -14.81 -29.42
CA LYS F 695 4.02 -13.63 -29.39
C LYS F 695 2.89 -13.79 -28.36
N THR F 696 2.35 -14.99 -28.31
CA THR F 696 1.39 -15.37 -27.28
C THR F 696 1.97 -15.19 -25.87
N ASN F 697 3.20 -15.64 -25.68
CA ASN F 697 3.85 -15.59 -24.36
C ASN F 697 4.08 -14.15 -23.90
N VAL F 698 4.50 -13.30 -24.82
CA VAL F 698 4.71 -11.88 -24.53
C VAL F 698 3.42 -11.19 -24.05
N ARG F 699 2.30 -11.44 -24.73
CA ARG F 699 1.00 -10.94 -24.33
C ARG F 699 0.62 -11.43 -22.94
N ALA F 700 0.69 -12.74 -22.77
CA ALA F 700 0.38 -13.35 -21.51
C ALA F 700 1.22 -12.68 -20.43
N CYS F 701 2.48 -12.45 -20.75
CA CYS F 701 3.44 -11.98 -19.79
C CYS F 701 3.10 -10.54 -19.42
N LYS F 702 2.82 -9.76 -20.43
CA LYS F 702 2.48 -8.36 -20.23
C LYS F 702 1.26 -8.23 -19.31
N ALA F 703 0.34 -9.18 -19.41
CA ALA F 703 -0.93 -9.13 -18.69
C ALA F 703 -0.83 -9.67 -17.25
N VAL F 704 -0.14 -10.78 -17.09
CA VAL F 704 -0.05 -11.46 -15.81
C VAL F 704 0.93 -10.83 -14.80
N GLY F 705 2.08 -10.35 -15.28
CA GLY F 705 3.12 -9.82 -14.41
C GLY F 705 4.05 -10.89 -13.84
N HIS F 706 4.76 -10.55 -12.77
CA HIS F 706 5.74 -11.44 -12.15
C HIS F 706 5.34 -12.93 -12.08
N PRO F 707 4.09 -13.24 -11.69
CA PRO F 707 3.64 -14.64 -11.56
C PRO F 707 3.81 -15.46 -12.85
N PHE F 708 4.04 -14.79 -13.96
CA PHE F 708 4.30 -15.50 -15.20
C PHE F 708 5.58 -16.33 -15.10
N VAL F 709 6.42 -15.98 -14.14
CA VAL F 709 7.70 -16.69 -13.92
C VAL F 709 7.56 -18.22 -14.01
N ILE F 710 6.39 -18.71 -13.57
N ILE F 710 6.43 -18.77 -13.58
CA ILE F 710 6.05 -20.13 -13.60
CA ILE F 710 6.27 -20.22 -13.65
C ILE F 710 6.19 -20.71 -15.01
C ILE F 710 6.31 -20.72 -15.09
N GLN F 711 5.64 -20.00 -15.99
CA GLN F 711 5.65 -20.39 -17.40
C GLN F 711 6.99 -20.13 -18.11
N LEU F 712 7.53 -18.92 -18.03
CA LEU F 712 8.82 -18.61 -18.64
C LEU F 712 9.94 -19.48 -18.08
N GLY F 713 9.98 -19.69 -16.77
CA GLY F 713 10.97 -20.58 -16.19
C GLY F 713 10.91 -22.01 -16.73
N ARG F 714 9.78 -22.33 -17.34
CA ARG F 714 9.51 -23.63 -17.90
C ARG F 714 10.11 -23.76 -19.29
N ILE F 715 10.11 -22.67 -20.03
CA ILE F 715 10.63 -22.66 -21.38
C ILE F 715 11.95 -21.91 -21.52
N TYR F 716 12.44 -21.32 -20.43
CA TYR F 716 13.55 -20.38 -20.51
C TYR F 716 14.76 -20.94 -21.26
N LEU F 717 15.33 -22.01 -20.73
CA LEU F 717 16.57 -22.56 -21.26
C LEU F 717 16.41 -23.08 -22.71
N ASP F 718 15.33 -23.79 -23.00
CA ASP F 718 15.07 -24.27 -24.37
C ASP F 718 14.86 -23.11 -25.34
N MET F 719 14.10 -22.11 -24.91
CA MET F 719 13.88 -20.91 -25.70
C MET F 719 15.21 -20.28 -26.11
N LEU F 720 16.14 -20.18 -25.15
CA LEU F 720 17.47 -19.65 -25.43
C LEU F 720 18.32 -20.54 -26.36
N ASN F 721 18.20 -21.84 -26.19
CA ASN F 721 18.86 -22.78 -27.10
C ASN F 721 18.42 -22.54 -28.54
N VAL F 722 17.11 -22.34 -28.72
CA VAL F 722 16.58 -22.09 -30.06
C VAL F 722 16.95 -20.72 -30.57
N TYR F 723 16.91 -19.75 -29.67
CA TYR F 723 17.41 -18.41 -29.95
C TYR F 723 18.80 -18.43 -30.58
N LYS F 724 19.71 -19.19 -29.96
CA LYS F 724 21.07 -19.27 -30.42
C LYS F 724 21.23 -20.10 -31.69
N CYS F 725 20.36 -21.10 -31.86
CA CYS F 725 20.36 -21.86 -33.11
C CYS F 725 19.97 -20.92 -34.22
N LEU F 726 18.89 -20.18 -34.01
CA LEU F 726 18.40 -19.25 -35.02
C LEU F 726 19.42 -18.16 -35.36
N SER F 727 20.07 -17.61 -34.33
CA SER F 727 21.05 -16.56 -34.51
C SER F 727 22.27 -17.01 -35.32
N GLU F 728 22.67 -18.26 -35.15
CA GLU F 728 23.79 -18.78 -35.91
C GLU F 728 23.38 -18.98 -37.36
N ASN F 729 22.15 -19.45 -37.56
CA ASN F 729 21.63 -19.59 -38.91
C ASN F 729 21.72 -18.28 -39.66
N ILE F 730 21.10 -17.26 -39.10
CA ILE F 730 21.07 -15.93 -39.70
C ILE F 730 22.47 -15.46 -40.08
N SER F 731 23.39 -15.48 -39.11
CA SER F 731 24.78 -15.08 -39.31
C SER F 731 25.49 -15.89 -40.40
N ALA F 732 25.45 -17.22 -40.30
CA ALA F 732 26.05 -18.05 -41.36
C ALA F 732 25.50 -17.64 -42.72
N ALA F 733 24.19 -17.43 -42.80
CA ALA F 733 23.55 -17.08 -44.07
C ALA F 733 24.05 -15.74 -44.59
N ILE F 734 24.25 -14.79 -43.68
CA ILE F 734 24.74 -13.46 -44.05
C ILE F 734 26.19 -13.51 -44.49
N GLN F 735 26.98 -14.26 -43.74
CA GLN F 735 28.39 -14.46 -44.04
C GLN F 735 28.54 -15.12 -45.40
N ALA F 736 27.65 -16.05 -45.72
CA ALA F 736 27.72 -16.75 -47.00
C ALA F 736 27.39 -15.82 -48.16
N ASN F 737 26.35 -15.00 -48.02
CA ASN F 737 25.81 -14.27 -49.17
C ASN F 737 25.49 -12.79 -48.95
N GLY F 738 26.01 -12.20 -47.88
CA GLY F 738 25.84 -10.78 -47.64
C GLY F 738 24.46 -10.38 -47.15
N GLU F 739 24.38 -9.20 -46.55
N GLU F 739 24.41 -9.20 -46.54
CA GLU F 739 23.14 -8.70 -45.95
CA GLU F 739 23.20 -8.59 -46.02
C GLU F 739 21.88 -8.98 -46.77
C GLU F 739 21.91 -8.95 -46.77
N MET F 740 21.99 -8.97 -48.10
CA MET F 740 20.83 -9.22 -48.97
C MET F 740 19.97 -10.44 -48.57
N VAL F 741 20.59 -11.45 -47.97
CA VAL F 741 19.88 -12.66 -47.55
C VAL F 741 18.76 -12.28 -46.57
N THR F 742 18.82 -11.04 -46.11
CA THR F 742 17.97 -10.54 -45.06
C THR F 742 16.60 -10.18 -45.61
N LYS F 743 16.55 -9.79 -46.87
CA LYS F 743 15.29 -9.48 -47.50
C LYS F 743 14.71 -10.74 -48.11
N GLN F 744 14.16 -11.59 -47.24
CA GLN F 744 13.51 -12.81 -47.66
C GLN F 744 12.94 -13.56 -46.47
N PRO F 745 11.79 -14.22 -46.68
CA PRO F 745 10.91 -14.84 -45.69
C PRO F 745 11.61 -15.49 -44.50
N LEU F 746 12.18 -16.67 -44.72
CA LEU F 746 12.78 -17.49 -43.65
C LEU F 746 13.67 -16.71 -42.68
N ILE F 747 14.61 -15.93 -43.22
CA ILE F 747 15.47 -15.12 -42.39
C ILE F 747 14.64 -14.12 -41.59
N ARG F 748 13.81 -13.34 -42.30
CA ARG F 748 12.93 -12.38 -41.64
C ARG F 748 12.17 -13.05 -40.51
N SER F 749 11.65 -14.24 -40.77
CA SER F 749 10.86 -14.93 -39.76
C SER F 749 11.75 -15.41 -38.61
N MET F 750 13.01 -15.68 -38.92
CA MET F 750 13.98 -15.99 -37.87
C MET F 750 14.30 -14.76 -37.00
N ARG F 751 14.50 -13.61 -37.61
CA ARG F 751 14.64 -12.36 -36.88
C ARG F 751 13.50 -12.19 -35.84
N THR F 752 12.30 -12.61 -36.22
CA THR F 752 11.08 -12.47 -35.43
C THR F 752 11.09 -13.30 -34.16
N VAL F 753 11.49 -14.56 -34.26
CA VAL F 753 11.67 -15.42 -33.09
C VAL F 753 12.68 -14.81 -32.15
N LYS F 754 13.74 -14.25 -32.72
CA LYS F 754 14.77 -13.62 -31.89
C LYS F 754 14.21 -12.38 -31.20
N ARG F 755 13.62 -11.49 -31.98
CA ARG F 755 13.05 -10.26 -31.47
C ARG F 755 11.98 -10.50 -30.39
N GLU F 756 11.19 -11.55 -30.54
CA GLU F 756 10.12 -11.89 -29.60
C GLU F 756 10.67 -12.56 -28.36
N THR F 757 11.75 -13.29 -28.50
CA THR F 757 12.46 -13.86 -27.35
C THR F 757 13.00 -12.76 -26.41
N LEU F 758 13.58 -11.72 -27.02
CA LEU F 758 14.16 -10.63 -26.26
C LEU F 758 13.05 -9.78 -25.60
N LYS F 759 11.92 -9.62 -26.29
CA LYS F 759 10.77 -8.89 -25.78
C LYS F 759 10.14 -9.63 -24.60
N LEU F 760 10.08 -10.95 -24.69
CA LEU F 760 9.54 -11.75 -23.61
C LEU F 760 10.43 -11.57 -22.40
N ILE F 761 11.73 -11.77 -22.60
CA ILE F 761 12.75 -11.55 -21.56
C ILE F 761 12.68 -10.17 -20.87
N SER F 762 12.96 -9.10 -21.60
CA SER F 762 12.89 -7.77 -21.02
C SER F 762 11.48 -7.48 -20.51
N GLY F 763 10.47 -8.00 -21.21
CA GLY F 763 9.09 -7.82 -20.84
C GLY F 763 8.78 -8.34 -19.45
N TRP F 764 9.35 -9.49 -19.10
CA TRP F 764 9.10 -10.06 -17.78
C TRP F 764 9.93 -9.41 -16.66
N VAL F 765 11.23 -9.24 -16.88
CA VAL F 765 12.12 -8.64 -15.91
C VAL F 765 11.59 -7.25 -15.51
N SER F 766 11.32 -6.43 -16.53
CA SER F 766 10.61 -5.15 -16.38
C SER F 766 9.57 -5.18 -15.26
N ARG F 767 8.84 -6.29 -15.17
CA ARG F 767 7.69 -6.38 -14.29
C ARG F 767 7.92 -7.33 -13.11
N SER F 768 9.11 -7.89 -13.00
CA SER F 768 9.40 -8.81 -11.89
C SER F 768 9.53 -8.02 -10.59
N ASN F 769 9.53 -8.72 -9.46
CA ASN F 769 9.76 -8.07 -8.18
C ASN F 769 10.51 -8.99 -7.24
N ASP F 770 11.59 -9.54 -7.74
CA ASP F 770 12.53 -10.29 -6.93
C ASP F 770 13.88 -10.22 -7.63
N PRO F 771 14.58 -9.08 -7.43
CA PRO F 771 15.81 -8.79 -8.16
C PRO F 771 16.87 -9.87 -7.97
N GLN F 772 17.18 -10.20 -6.72
CA GLN F 772 18.20 -11.20 -6.45
C GLN F 772 17.83 -12.50 -7.14
N MET F 773 16.54 -12.76 -7.27
CA MET F 773 16.11 -14.02 -7.88
C MET F 773 16.33 -13.93 -9.39
N VAL F 774 16.14 -12.75 -9.95
CA VAL F 774 16.32 -12.50 -11.38
C VAL F 774 17.81 -12.54 -11.75
N ALA F 775 18.63 -11.97 -10.89
CA ALA F 775 20.08 -11.94 -11.10
C ALA F 775 20.73 -13.31 -10.99
N GLU F 776 20.15 -14.20 -10.21
CA GLU F 776 20.80 -15.47 -9.95
C GLU F 776 20.31 -16.58 -10.87
N ASN F 777 19.13 -16.38 -11.46
CA ASN F 777 18.46 -17.42 -12.23
C ASN F 777 18.28 -17.07 -13.71
N PHE F 778 17.88 -15.83 -13.98
CA PHE F 778 17.51 -15.45 -15.34
C PHE F 778 18.59 -14.69 -16.10
N VAL F 779 19.52 -14.09 -15.39
CA VAL F 779 20.54 -13.28 -16.03
C VAL F 779 21.74 -14.09 -16.55
N PRO F 780 22.29 -15.01 -15.74
CA PRO F 780 23.46 -15.74 -16.22
C PRO F 780 23.25 -16.46 -17.56
N PRO F 781 22.13 -17.19 -17.71
CA PRO F 781 21.95 -17.85 -19.00
C PRO F 781 21.96 -16.89 -20.19
N LEU F 782 21.58 -15.63 -19.97
CA LEU F 782 21.61 -14.63 -21.03
C LEU F 782 22.99 -14.47 -21.65
N LEU F 783 24.00 -14.44 -20.78
CA LEU F 783 25.39 -14.23 -21.16
C LEU F 783 25.82 -15.11 -22.32
N ASP F 784 25.72 -16.43 -22.14
CA ASP F 784 26.07 -17.36 -23.21
C ASP F 784 25.17 -17.19 -24.43
N ALA F 785 23.88 -17.39 -24.24
CA ALA F 785 22.95 -17.52 -25.37
C ALA F 785 22.71 -16.21 -26.12
N VAL F 786 22.84 -15.09 -25.44
CA VAL F 786 22.43 -13.86 -26.09
C VAL F 786 23.55 -12.88 -26.33
N LEU F 787 24.35 -12.59 -25.29
CA LEU F 787 25.42 -11.60 -25.39
C LEU F 787 26.66 -12.14 -26.15
N ILE F 788 27.07 -13.38 -25.86
CA ILE F 788 28.19 -13.98 -26.58
C ILE F 788 27.84 -14.37 -28.02
N ASP F 789 26.57 -14.71 -28.23
CA ASP F 789 26.03 -14.85 -29.57
C ASP F 789 26.10 -13.51 -30.37
N TYR F 790 25.64 -12.42 -29.78
CA TYR F 790 25.79 -11.10 -30.39
C TYR F 790 27.24 -10.81 -30.78
N GLN F 791 28.17 -11.09 -29.87
CA GLN F 791 29.58 -10.85 -30.10
C GLN F 791 30.10 -11.73 -31.25
N ARG F 792 29.59 -12.95 -31.32
CA ARG F 792 30.04 -13.88 -32.33
C ARG F 792 29.37 -13.75 -33.70
N ASN F 793 28.17 -13.15 -33.77
CA ASN F 793 27.55 -12.92 -35.06
C ASN F 793 28.46 -11.97 -35.84
N VAL F 794 28.45 -12.11 -37.16
CA VAL F 794 29.05 -11.10 -38.03
C VAL F 794 28.26 -9.79 -37.84
N PRO F 795 28.91 -8.62 -38.00
CA PRO F 795 28.24 -7.34 -37.75
C PRO F 795 26.82 -7.21 -38.29
N ALA F 796 26.65 -7.44 -39.60
CA ALA F 796 25.34 -7.31 -40.25
C ALA F 796 24.27 -8.24 -39.70
N ALA F 797 24.61 -9.02 -38.68
CA ALA F 797 23.69 -10.03 -38.15
C ALA F 797 23.37 -9.78 -36.68
N ARG F 798 24.13 -8.88 -36.05
CA ARG F 798 23.93 -8.55 -34.65
C ARG F 798 22.62 -7.80 -34.43
N GLU F 799 21.78 -8.38 -33.59
CA GLU F 799 20.46 -7.84 -33.29
C GLU F 799 20.61 -6.64 -32.34
N PRO F 800 20.27 -5.44 -32.83
CA PRO F 800 20.44 -4.22 -32.03
C PRO F 800 19.55 -4.24 -30.79
N GLU F 801 18.45 -4.98 -30.84
N GLU F 801 18.45 -4.97 -30.85
CA GLU F 801 17.53 -5.05 -29.72
CA GLU F 801 17.53 -5.02 -29.73
C GLU F 801 18.08 -5.91 -28.59
C GLU F 801 18.05 -5.94 -28.62
N VAL F 802 19.29 -6.41 -28.77
CA VAL F 802 19.96 -7.09 -27.69
C VAL F 802 20.43 -6.04 -26.68
N LEU F 803 20.89 -4.91 -27.20
CA LEU F 803 21.43 -3.82 -26.39
C LEU F 803 20.33 -3.14 -25.58
N SER F 804 19.19 -2.89 -26.23
CA SER F 804 18.05 -2.30 -25.56
C SER F 804 17.42 -3.27 -24.54
N THR F 805 17.42 -4.55 -24.88
CA THR F 805 16.99 -5.55 -23.90
C THR F 805 17.86 -5.49 -22.64
N MET F 806 19.17 -5.38 -22.80
CA MET F 806 20.04 -5.32 -21.65
C MET F 806 19.86 -4.01 -20.89
N ALA F 807 19.71 -2.92 -21.63
CA ALA F 807 19.46 -1.62 -21.05
C ALA F 807 18.27 -1.68 -20.10
N ILE F 808 17.19 -2.30 -20.55
CA ILE F 808 15.97 -2.42 -19.78
C ILE F 808 16.22 -3.20 -18.51
N ILE F 809 16.94 -4.31 -18.64
CA ILE F 809 17.26 -5.17 -17.50
C ILE F 809 18.08 -4.45 -16.46
N VAL F 810 19.00 -3.63 -16.93
CA VAL F 810 19.85 -2.84 -16.05
C VAL F 810 19.08 -1.70 -15.35
N ASN F 811 18.16 -1.06 -16.06
CA ASN F 811 17.34 -0.01 -15.45
C ASN F 811 16.49 -0.57 -14.32
N LYS F 812 16.31 -1.88 -14.35
CA LYS F 812 15.39 -2.55 -13.45
C LYS F 812 16.10 -3.25 -12.28
N LEU F 813 17.29 -3.81 -12.51
CA LEU F 813 17.97 -4.61 -11.49
C LEU F 813 19.07 -3.82 -10.76
N GLY F 814 19.51 -2.72 -11.35
CA GLY F 814 20.49 -1.85 -10.74
C GLY F 814 21.64 -2.58 -10.07
N GLY F 815 21.87 -2.26 -8.81
CA GLY F 815 22.95 -2.85 -8.05
C GLY F 815 23.05 -4.38 -8.12
N HIS F 816 21.94 -5.02 -8.43
CA HIS F 816 21.89 -6.47 -8.47
C HIS F 816 22.59 -7.05 -9.70
N ILE F 817 22.91 -6.20 -10.67
CA ILE F 817 23.57 -6.67 -11.89
C ILE F 817 24.94 -5.97 -12.11
N THR F 818 25.25 -5.04 -11.22
CA THR F 818 26.53 -4.33 -11.23
C THR F 818 27.74 -5.28 -11.33
N ALA F 819 27.71 -6.36 -10.57
CA ALA F 819 28.77 -7.36 -10.63
C ALA F 819 28.95 -7.99 -12.03
N GLU F 820 27.87 -8.10 -12.80
CA GLU F 820 28.01 -8.72 -14.13
C GLU F 820 28.27 -7.73 -15.28
N ILE F 821 28.29 -6.44 -14.98
CA ILE F 821 28.52 -5.43 -16.01
C ILE F 821 29.82 -5.66 -16.80
N PRO F 822 30.90 -6.07 -16.12
CA PRO F 822 32.15 -6.40 -16.81
C PRO F 822 32.01 -7.54 -17.82
N GLN F 823 31.37 -8.64 -17.45
CA GLN F 823 31.25 -9.75 -18.38
C GLN F 823 30.47 -9.31 -19.61
N ILE F 824 29.40 -8.57 -19.36
CA ILE F 824 28.50 -8.05 -20.38
C ILE F 824 29.20 -7.11 -21.35
N PHE F 825 29.85 -6.09 -20.81
CA PHE F 825 30.63 -5.14 -21.58
C PHE F 825 31.71 -5.84 -22.38
N ASP F 826 32.19 -6.96 -21.86
CA ASP F 826 33.18 -7.73 -22.56
C ASP F 826 32.57 -8.36 -23.80
N ALA F 827 31.27 -8.67 -23.75
CA ALA F 827 30.65 -9.32 -24.89
C ALA F 827 30.43 -8.32 -26.00
N VAL F 828 29.82 -7.19 -25.66
CA VAL F 828 29.22 -6.34 -26.69
C VAL F 828 29.84 -4.97 -26.81
N PHE F 829 30.66 -4.57 -25.86
CA PHE F 829 31.12 -3.18 -25.86
C PHE F 829 31.96 -2.84 -27.06
N GLU F 830 33.20 -3.32 -27.05
CA GLU F 830 34.15 -3.02 -28.10
C GLU F 830 33.67 -3.45 -29.50
N CYS F 831 33.04 -4.62 -29.62
CA CYS F 831 32.53 -5.03 -30.92
C CYS F 831 31.44 -4.08 -31.46
N THR F 832 30.51 -3.66 -30.60
CA THR F 832 29.51 -2.70 -31.00
C THR F 832 30.16 -1.38 -31.35
N LEU F 833 31.05 -0.92 -30.47
CA LEU F 833 31.77 0.32 -30.72
C LEU F 833 32.44 0.32 -32.10
N ASN F 834 33.04 -0.80 -32.49
CA ASN F 834 33.74 -0.87 -33.79
C ASN F 834 32.81 -0.80 -34.99
N MET F 835 31.54 -1.12 -34.78
CA MET F 835 30.56 -1.01 -35.84
C MET F 835 30.14 0.44 -36.03
N ILE F 836 30.36 1.26 -35.02
CA ILE F 836 29.80 2.62 -35.09
C ILE F 836 30.82 3.77 -35.01
N ASN F 837 32.11 3.45 -35.11
CA ASN F 837 33.13 4.49 -34.91
C ASN F 837 33.88 4.96 -36.14
N LYS F 838 33.46 4.56 -37.35
CA LYS F 838 34.16 5.01 -38.57
C LYS F 838 33.43 6.14 -39.27
N ASP F 839 32.29 6.54 -38.72
CA ASP F 839 31.41 7.52 -39.35
C ASP F 839 30.16 7.62 -38.47
N PHE F 840 29.32 8.62 -38.75
CA PHE F 840 28.14 8.90 -37.92
C PHE F 840 26.83 8.34 -38.49
N GLU F 841 26.91 7.57 -39.57
CA GLU F 841 25.74 7.19 -40.35
C GLU F 841 25.33 5.71 -40.23
N GLU F 842 26.30 4.82 -40.24
CA GLU F 842 26.02 3.38 -40.33
C GLU F 842 25.56 2.76 -39.00
N TYR F 843 24.74 1.71 -39.12
CA TYR F 843 24.21 0.97 -37.98
C TYR F 843 23.45 1.84 -36.96
N PRO F 844 22.42 2.56 -37.44
CA PRO F 844 21.69 3.57 -36.65
C PRO F 844 21.14 2.99 -35.35
N GLU F 845 20.42 1.88 -35.45
CA GLU F 845 19.81 1.26 -34.29
C GLU F 845 20.84 0.81 -33.26
N HIS F 846 22.04 0.50 -33.72
CA HIS F 846 23.09 0.09 -32.80
C HIS F 846 23.59 1.31 -32.03
N ARG F 847 23.56 2.47 -32.69
CA ARG F 847 24.07 3.69 -32.09
C ARG F 847 23.13 4.14 -30.98
N THR F 848 21.88 4.34 -31.35
CA THR F 848 20.82 4.65 -30.40
C THR F 848 20.84 3.70 -29.18
N ASN F 849 20.75 2.41 -29.46
CA ASN F 849 20.65 1.37 -28.45
C ASN F 849 21.92 1.16 -27.60
N PHE F 850 23.08 1.18 -28.22
CA PHE F 850 24.34 1.09 -27.48
C PHE F 850 24.41 2.19 -26.42
N PHE F 851 23.96 3.38 -26.76
CA PHE F 851 24.00 4.49 -25.82
C PHE F 851 22.88 4.50 -24.78
N LEU F 852 21.77 3.83 -25.08
CA LEU F 852 20.72 3.68 -24.09
C LEU F 852 21.26 2.79 -22.98
N LEU F 853 22.02 1.76 -23.35
CA LEU F 853 22.59 0.82 -22.40
C LEU F 853 23.69 1.49 -21.55
N LEU F 854 24.53 2.28 -22.19
CA LEU F 854 25.60 3.00 -21.48
C LEU F 854 24.98 3.99 -20.49
N GLN F 855 23.82 4.54 -20.84
CA GLN F 855 23.10 5.41 -19.93
C GLN F 855 22.58 4.62 -18.73
N ALA F 856 22.11 3.41 -18.98
CA ALA F 856 21.57 2.57 -17.92
C ALA F 856 22.66 2.15 -16.96
N VAL F 857 23.79 1.77 -17.53
CA VAL F 857 24.97 1.40 -16.77
C VAL F 857 25.43 2.59 -15.93
N ASN F 858 25.79 3.68 -16.61
CA ASN F 858 26.11 4.93 -15.93
C ASN F 858 25.11 5.29 -14.82
N SER F 859 23.82 5.16 -15.11
CA SER F 859 22.77 5.60 -14.18
C SER F 859 22.66 4.72 -12.94
N HIS F 860 22.52 3.42 -13.16
CA HIS F 860 22.15 2.50 -12.08
C HIS F 860 23.27 1.58 -11.64
N CYS F 861 24.41 1.59 -12.35
CA CYS F 861 25.51 0.68 -12.04
C CYS F 861 26.89 1.34 -12.03
N PHE F 862 26.94 2.60 -11.64
CA PHE F 862 28.16 3.41 -11.75
C PHE F 862 29.45 2.82 -11.10
N PRO F 863 29.31 2.06 -10.01
CA PRO F 863 30.53 1.48 -9.43
C PRO F 863 31.26 0.54 -10.37
N ALA F 864 30.61 0.13 -11.46
CA ALA F 864 31.26 -0.76 -12.42
C ALA F 864 32.42 -0.02 -13.06
N PHE F 865 32.20 1.26 -13.39
CA PHE F 865 33.25 2.11 -13.97
C PHE F 865 34.44 2.34 -13.04
N LEU F 866 34.21 2.30 -11.74
CA LEU F 866 35.27 2.44 -10.75
C LEU F 866 35.92 1.09 -10.53
N ALA F 867 35.51 0.10 -11.31
CA ALA F 867 36.01 -1.26 -11.16
C ALA F 867 36.93 -1.69 -12.30
N ILE F 868 36.72 -1.10 -13.46
CA ILE F 868 37.44 -1.51 -14.66
C ILE F 868 38.70 -0.66 -14.88
N PRO F 869 39.67 -1.19 -15.62
CA PRO F 869 40.95 -0.51 -15.85
C PRO F 869 40.78 0.89 -16.44
N PRO F 870 41.65 1.83 -16.04
CA PRO F 870 41.63 3.22 -16.51
C PRO F 870 41.57 3.29 -18.04
N ALA F 871 42.20 2.34 -18.72
CA ALA F 871 42.17 2.32 -20.18
C ALA F 871 40.76 1.95 -20.66
N GLN F 872 40.13 1.02 -19.94
CA GLN F 872 38.75 0.68 -20.24
C GLN F 872 37.86 1.90 -19.99
N PHE F 873 37.99 2.52 -18.82
CA PHE F 873 37.16 3.66 -18.49
C PHE F 873 37.30 4.73 -19.57
N LYS F 874 38.54 4.94 -20.02
CA LYS F 874 38.82 5.97 -21.01
C LYS F 874 38.03 5.69 -22.29
N LEU F 875 37.91 4.42 -22.63
CA LEU F 875 37.20 4.06 -23.83
C LEU F 875 35.72 4.36 -23.64
N VAL F 876 35.22 4.16 -22.43
CA VAL F 876 33.87 4.58 -22.11
C VAL F 876 33.64 6.08 -22.32
N LEU F 877 34.53 6.91 -21.78
CA LEU F 877 34.35 8.36 -21.85
C LEU F 877 34.40 8.86 -23.29
N ASP F 878 35.28 8.26 -24.07
CA ASP F 878 35.40 8.54 -25.52
C ASP F 878 34.12 8.18 -26.31
N SER F 879 33.46 7.09 -25.94
CA SER F 879 32.21 6.76 -26.61
C SER F 879 31.18 7.85 -26.28
N ILE F 880 31.21 8.35 -25.05
CA ILE F 880 30.30 9.41 -24.62
C ILE F 880 30.51 10.66 -25.46
N ILE F 881 31.76 11.05 -25.60
CA ILE F 881 32.11 12.17 -26.46
C ILE F 881 31.63 11.91 -27.89
N TRP F 882 31.88 10.69 -28.35
CA TRP F 882 31.49 10.29 -29.69
C TRP F 882 29.98 10.46 -29.88
N ALA F 883 29.19 9.93 -28.96
CA ALA F 883 27.75 10.14 -29.00
C ALA F 883 27.35 11.62 -29.11
N PHE F 884 27.84 12.47 -28.20
CA PHE F 884 27.37 13.85 -28.24
C PHE F 884 27.90 14.68 -29.42
N LYS F 885 28.81 14.11 -30.20
CA LYS F 885 29.23 14.70 -31.46
C LYS F 885 28.33 14.28 -32.64
N HIS F 886 27.41 13.36 -32.38
CA HIS F 886 26.52 12.81 -33.41
C HIS F 886 25.57 13.81 -34.03
N THR F 887 25.18 13.54 -35.28
CA THR F 887 24.23 14.37 -36.01
C THR F 887 22.77 14.01 -35.71
N MET F 888 22.48 12.71 -35.55
CA MET F 888 21.15 12.27 -35.18
C MET F 888 20.81 12.81 -33.80
N ARG F 889 19.83 13.71 -33.74
CA ARG F 889 19.52 14.42 -32.51
C ARG F 889 19.38 13.51 -31.29
N ASN F 890 18.84 12.31 -31.47
CA ASN F 890 18.61 11.41 -30.36
C ASN F 890 19.89 10.95 -29.67
N VAL F 891 20.85 10.49 -30.46
CA VAL F 891 22.12 9.97 -29.93
C VAL F 891 22.85 11.05 -29.15
N ALA F 892 23.02 12.21 -29.78
CA ALA F 892 23.77 13.31 -29.19
C ALA F 892 23.28 13.73 -27.81
N ASP F 893 21.96 13.87 -27.64
CA ASP F 893 21.44 14.28 -26.36
C ASP F 893 21.46 13.15 -25.34
N THR F 894 21.44 11.91 -25.82
CA THR F 894 21.65 10.77 -24.94
C THR F 894 23.09 10.85 -24.41
N GLY F 895 24.01 11.28 -25.26
CA GLY F 895 25.40 11.44 -24.89
C GLY F 895 25.61 12.59 -23.93
N LEU F 896 24.77 13.62 -24.02
CA LEU F 896 24.90 14.78 -23.14
C LEU F 896 24.37 14.47 -21.74
N GLN F 897 23.30 13.70 -21.69
CA GLN F 897 22.79 13.19 -20.41
C GLN F 897 23.82 12.31 -19.71
N ILE F 898 24.22 11.22 -20.37
CA ILE F 898 25.24 10.36 -19.78
C ILE F 898 26.39 11.16 -19.19
N LEU F 899 26.94 12.11 -19.96
CA LEU F 899 28.04 12.96 -19.45
C LEU F 899 27.61 13.79 -18.26
N PHE F 900 26.36 14.25 -18.26
CA PHE F 900 25.89 15.03 -17.15
C PHE F 900 25.80 14.15 -15.90
N THR F 901 25.12 13.02 -16.05
CA THR F 901 24.98 12.06 -14.97
C THR F 901 26.34 11.51 -14.50
N LEU F 902 27.28 11.34 -15.43
CA LEU F 902 28.58 10.79 -15.05
C LEU F 902 29.37 11.77 -14.22
N LEU F 903 29.36 13.04 -14.62
CA LEU F 903 30.02 14.11 -13.85
C LEU F 903 29.42 14.21 -12.45
N GLN F 904 28.10 14.16 -12.37
CA GLN F 904 27.43 14.16 -11.07
C GLN F 904 27.84 12.93 -10.26
N ASN F 905 27.94 11.78 -10.93
CA ASN F 905 28.34 10.54 -10.27
C ASN F 905 29.75 10.64 -9.74
N VAL F 906 30.62 11.27 -10.52
CA VAL F 906 32.01 11.40 -10.10
C VAL F 906 32.09 12.20 -8.82
N ALA F 907 31.29 13.27 -8.74
CA ALA F 907 31.35 14.17 -7.60
C ALA F 907 31.03 13.44 -6.31
N GLN F 908 30.47 12.23 -6.43
CA GLN F 908 30.14 11.44 -5.24
C GLN F 908 31.33 10.62 -4.80
N GLU F 909 32.26 10.38 -5.72
CA GLU F 909 33.48 9.65 -5.42
C GLU F 909 34.66 10.59 -5.18
N GLU F 910 34.77 11.10 -3.96
CA GLU F 910 35.83 12.04 -3.61
C GLU F 910 37.23 11.55 -4.01
N ALA F 911 37.50 10.28 -3.70
CA ALA F 911 38.80 9.68 -4.00
C ALA F 911 39.15 9.87 -5.47
N ALA F 912 38.42 9.16 -6.32
CA ALA F 912 38.63 9.22 -7.77
C ALA F 912 38.30 10.58 -8.40
N ALA F 913 37.42 11.35 -7.78
CA ALA F 913 37.03 12.61 -8.38
C ALA F 913 38.25 13.45 -8.78
N GLN F 914 39.18 13.65 -7.84
CA GLN F 914 40.33 14.51 -8.12
C GLN F 914 41.17 13.94 -9.25
N SER F 915 41.29 12.62 -9.31
CA SER F 915 42.06 11.99 -10.37
C SER F 915 41.32 12.13 -11.70
N PHE F 916 40.00 12.17 -11.63
CA PHE F 916 39.17 12.33 -12.82
C PHE F 916 39.25 13.76 -13.34
N TYR F 917 39.33 14.73 -12.44
CA TYR F 917 39.46 16.13 -12.84
C TYR F 917 40.86 16.42 -13.38
N GLN F 918 41.89 15.84 -12.76
N GLN F 918 41.87 15.83 -12.75
CA GLN F 918 43.24 16.05 -13.27
CA GLN F 918 43.25 15.97 -13.20
C GLN F 918 43.35 15.50 -14.68
C GLN F 918 43.37 15.47 -14.64
N THR F 919 42.84 14.28 -14.87
CA THR F 919 43.02 13.60 -16.16
C THR F 919 42.10 14.11 -17.27
N TYR F 920 40.87 14.48 -16.92
CA TYR F 920 39.85 14.65 -17.96
C TYR F 920 39.20 16.02 -18.09
N PHE F 921 39.25 16.83 -17.04
CA PHE F 921 38.43 18.05 -16.99
C PHE F 921 38.57 18.93 -18.23
N CYS F 922 39.75 19.48 -18.43
CA CYS F 922 40.04 20.30 -19.59
C CYS F 922 39.67 19.59 -20.90
N ASP F 923 40.09 18.33 -21.01
CA ASP F 923 39.77 17.50 -22.17
C ASP F 923 38.29 17.63 -22.52
N ILE F 924 37.44 17.21 -21.58
CA ILE F 924 35.99 17.31 -21.69
C ILE F 924 35.54 18.70 -22.16
N LEU F 925 36.22 19.73 -21.67
CA LEU F 925 35.93 21.11 -22.08
C LEU F 925 36.15 21.33 -23.56
N GLN F 926 37.34 20.98 -24.05
CA GLN F 926 37.61 21.09 -25.49
C GLN F 926 36.53 20.40 -26.31
N HIS F 927 36.16 19.18 -25.92
CA HIS F 927 35.20 18.43 -26.69
C HIS F 927 33.84 19.09 -26.73
N ILE F 928 33.44 19.67 -25.61
CA ILE F 928 32.16 20.39 -25.55
C ILE F 928 32.15 21.67 -26.39
N PHE F 929 33.24 22.44 -26.30
CA PHE F 929 33.32 23.66 -27.09
C PHE F 929 33.27 23.35 -28.57
N SER F 930 33.96 22.29 -28.97
CA SER F 930 34.00 21.85 -30.37
C SER F 930 32.60 21.64 -30.89
N VAL F 931 31.69 21.33 -29.98
CA VAL F 931 30.31 21.08 -30.33
C VAL F 931 29.46 22.34 -30.19
N VAL F 932 29.76 23.17 -29.19
CA VAL F 932 28.98 24.38 -28.97
C VAL F 932 29.03 25.25 -30.21
N THR F 933 30.25 25.54 -30.64
CA THR F 933 30.53 26.43 -31.77
C THR F 933 30.22 25.77 -33.10
N ASP F 934 29.66 24.58 -33.06
CA ASP F 934 29.31 23.86 -34.27
C ASP F 934 27.82 24.04 -34.55
N THR F 935 27.51 24.73 -35.64
CA THR F 935 26.12 25.07 -35.98
C THR F 935 25.25 23.86 -36.34
N SER F 936 25.81 22.66 -36.18
CA SER F 936 25.08 21.43 -36.44
C SER F 936 24.62 20.81 -35.14
N HIS F 937 24.68 21.58 -34.06
CA HIS F 937 24.37 21.03 -32.75
C HIS F 937 23.54 21.95 -31.86
N THR F 938 22.97 23.00 -32.44
CA THR F 938 22.19 23.98 -31.66
C THR F 938 21.04 23.32 -30.91
N ALA F 939 20.73 22.08 -31.27
CA ALA F 939 19.64 21.35 -30.64
C ALA F 939 20.06 20.79 -29.29
N GLY F 940 21.34 21.01 -28.95
CA GLY F 940 21.89 20.53 -27.70
C GLY F 940 22.33 21.67 -26.80
N LEU F 941 21.93 22.89 -27.18
CA LEU F 941 22.31 24.10 -26.46
C LEU F 941 21.94 24.06 -24.98
N THR F 942 20.71 23.68 -24.69
CA THR F 942 20.26 23.58 -23.30
C THR F 942 21.17 22.71 -22.46
N MET F 943 21.62 21.59 -23.01
CA MET F 943 22.50 20.70 -22.26
C MET F 943 23.96 21.15 -22.28
N HIS F 944 24.41 21.75 -23.38
CA HIS F 944 25.78 22.29 -23.45
C HIS F 944 26.02 23.28 -22.32
N ALA F 945 25.15 24.29 -22.23
CA ALA F 945 25.25 25.33 -21.21
C ALA F 945 25.04 24.75 -19.82
N SER F 946 24.10 23.80 -19.74
CA SER F 946 23.82 23.08 -18.51
C SER F 946 25.03 22.30 -17.98
N ILE F 947 25.82 21.76 -18.90
CA ILE F 947 27.02 21.00 -18.52
C ILE F 947 28.19 21.95 -18.22
N LEU F 948 28.35 22.97 -19.04
CA LEU F 948 29.38 23.99 -18.80
C LEU F 948 29.09 24.79 -17.53
N ALA F 949 27.87 25.27 -17.40
CA ALA F 949 27.50 26.00 -16.19
C ALA F 949 28.00 25.24 -14.97
N TYR F 950 27.65 23.96 -14.92
CA TYR F 950 27.97 23.12 -13.78
C TYR F 950 29.48 22.99 -13.58
N MET F 951 30.21 22.72 -14.67
CA MET F 951 31.65 22.51 -14.56
C MET F 951 32.40 23.77 -14.12
N PHE F 952 31.89 24.94 -14.50
CA PHE F 952 32.52 26.21 -14.12
C PHE F 952 32.18 26.54 -12.68
N ASN F 953 30.91 26.33 -12.32
CA ASN F 953 30.50 26.42 -10.93
C ASN F 953 31.33 25.47 -10.08
N LEU F 954 31.81 24.40 -10.69
CA LEU F 954 32.59 23.41 -9.98
C LEU F 954 34.00 23.94 -9.74
N VAL F 955 34.42 24.88 -10.58
CA VAL F 955 35.76 25.44 -10.48
C VAL F 955 35.92 26.28 -9.21
N GLU F 956 34.79 26.74 -8.69
CA GLU F 956 34.80 27.65 -7.55
C GLU F 956 35.36 27.03 -6.27
N GLU F 957 35.31 25.71 -6.16
CA GLU F 957 35.66 25.05 -4.91
C GLU F 957 35.96 23.55 -5.06
N GLY F 958 35.37 22.93 -6.09
CA GLY F 958 35.40 21.49 -6.27
C GLY F 958 36.75 20.84 -6.47
N LYS F 959 37.59 21.41 -7.32
CA LYS F 959 38.89 20.82 -7.61
C LYS F 959 39.92 21.21 -6.55
N ILE F 960 40.32 20.25 -5.73
CA ILE F 960 41.17 20.53 -4.57
C ILE F 960 42.64 20.75 -4.91
N SER F 961 43.02 20.43 -6.14
CA SER F 961 44.44 20.36 -6.46
C SER F 961 44.87 21.32 -7.56
N THR F 962 46.14 21.20 -7.95
CA THR F 962 46.75 22.05 -8.96
C THR F 962 46.73 21.37 -10.33
N PRO F 963 46.31 22.12 -11.38
CA PRO F 963 46.19 21.60 -12.75
C PRO F 963 47.35 22.04 -13.63
N LEU F 964 47.89 23.23 -13.36
CA LEU F 964 48.91 23.84 -14.20
C LEU F 964 50.32 23.47 -13.76
N ASN F 965 50.45 23.02 -12.52
CA ASN F 965 51.73 22.63 -11.92
C ASN F 965 52.43 23.66 -11.02
N PRO F 966 51.99 24.95 -11.03
CA PRO F 966 52.76 25.89 -10.23
C PRO F 966 52.61 25.63 -8.72
N GLY F 967 53.09 26.56 -7.90
CA GLY F 967 53.08 26.37 -6.46
C GLY F 967 51.85 26.91 -5.75
N ASN F 968 52.06 27.86 -4.85
CA ASN F 968 51.00 28.42 -4.02
C ASN F 968 49.96 29.26 -4.78
N PRO F 969 50.42 30.16 -5.68
CA PRO F 969 49.47 31.01 -6.40
C PRO F 969 48.68 30.27 -7.49
N VAL F 970 48.50 28.97 -7.33
CA VAL F 970 47.70 28.19 -8.27
C VAL F 970 46.22 28.24 -7.92
N ASN F 971 45.50 29.19 -8.51
CA ASN F 971 44.05 29.21 -8.40
C ASN F 971 43.43 28.81 -9.72
N ASN F 972 42.96 27.58 -9.78
CA ASN F 972 42.50 26.99 -11.03
C ASN F 972 41.50 27.85 -11.79
N GLN F 973 40.75 28.69 -11.07
CA GLN F 973 39.83 29.58 -11.76
C GLN F 973 40.60 30.32 -12.85
N MET F 974 41.70 30.96 -12.46
CA MET F 974 42.56 31.64 -13.42
C MET F 974 43.01 30.66 -14.51
N PHE F 975 43.46 29.49 -14.09
CA PHE F 975 43.93 28.47 -15.03
C PHE F 975 42.92 28.20 -16.14
N ILE F 976 41.71 27.82 -15.76
CA ILE F 976 40.67 27.53 -16.74
C ILE F 976 40.31 28.77 -17.53
N GLN F 977 40.16 29.89 -16.83
CA GLN F 977 39.81 31.15 -17.49
C GLN F 977 40.80 31.42 -18.61
N ASP F 978 42.06 31.07 -18.37
CA ASP F 978 43.13 31.28 -19.33
C ASP F 978 43.12 30.17 -20.37
N TYR F 979 43.08 28.93 -19.88
CA TYR F 979 43.02 27.77 -20.75
C TYR F 979 41.91 27.85 -21.79
N VAL F 980 40.76 28.40 -21.39
CA VAL F 980 39.58 28.48 -22.26
C VAL F 980 39.69 29.62 -23.27
N ALA F 981 40.09 30.79 -22.80
CA ALA F 981 40.34 31.92 -23.69
C ALA F 981 41.32 31.50 -24.79
N ASN F 982 42.48 31.02 -24.39
CA ASN F 982 43.48 30.50 -25.32
C ASN F 982 42.89 29.45 -26.25
N LEU F 983 41.93 28.68 -25.71
CA LEU F 983 41.26 27.65 -26.51
C LEU F 983 40.51 28.33 -27.63
N LEU F 984 39.64 29.27 -27.27
CA LEU F 984 38.83 29.98 -28.25
C LEU F 984 39.72 30.81 -29.16
N LYS F 985 40.90 31.17 -28.66
CA LYS F 985 41.81 32.03 -29.40
C LYS F 985 42.31 31.36 -30.67
N SER F 986 43.09 30.30 -30.50
CA SER F 986 43.69 29.63 -31.65
C SER F 986 42.64 29.01 -32.55
N ALA F 987 41.46 28.76 -32.00
CA ALA F 987 40.37 28.16 -32.76
C ALA F 987 39.65 29.21 -33.59
N PHE F 988 39.48 30.40 -33.02
CA PHE F 988 38.83 31.51 -33.71
C PHE F 988 39.67 32.79 -33.61
N PRO F 989 40.76 32.87 -34.41
CA PRO F 989 41.72 33.97 -34.40
C PRO F 989 41.09 35.32 -34.70
N HIS F 990 40.03 35.31 -35.51
CA HIS F 990 39.36 36.53 -35.93
C HIS F 990 38.69 37.32 -34.79
N LEU F 991 38.45 36.65 -33.66
CA LEU F 991 37.89 37.32 -32.49
C LEU F 991 38.94 38.19 -31.83
N GLN F 992 38.60 39.44 -31.52
CA GLN F 992 39.52 40.26 -30.75
C GLN F 992 39.56 39.80 -29.30
N ASP F 993 40.70 40.01 -28.64
CA ASP F 993 40.90 39.54 -27.26
C ASP F 993 39.75 39.93 -26.33
N ALA F 994 39.21 41.13 -26.52
CA ALA F 994 38.12 41.63 -25.68
C ALA F 994 36.86 40.77 -25.78
N GLN F 995 36.49 40.37 -26.99
CA GLN F 995 35.33 39.51 -27.18
C GLN F 995 35.51 38.24 -26.35
N VAL F 996 36.65 37.58 -26.58
CA VAL F 996 37.01 36.33 -25.90
C VAL F 996 37.02 36.49 -24.39
N LYS F 997 37.79 37.47 -23.92
CA LYS F 997 37.93 37.75 -22.49
C LYS F 997 36.58 38.05 -21.85
N LEU F 998 35.70 38.71 -22.60
CA LEU F 998 34.36 39.03 -22.09
C LEU F 998 33.55 37.76 -22.00
N PHE F 999 33.69 36.89 -22.99
CA PHE F 999 32.93 35.66 -23.04
C PHE F 999 33.35 34.65 -21.97
N VAL F 1000 34.65 34.43 -21.85
CA VAL F 1000 35.17 33.45 -20.90
C VAL F 1000 34.89 33.91 -19.48
N THR F 1001 34.93 35.22 -19.28
CA THR F 1001 34.66 35.76 -17.96
C THR F 1001 33.21 35.48 -17.58
N GLY F 1002 32.31 35.66 -18.55
CA GLY F 1002 30.88 35.46 -18.34
C GLY F 1002 30.53 34.01 -18.06
N LEU F 1003 31.34 33.08 -18.57
CA LEU F 1003 31.15 31.68 -18.28
C LEU F 1003 31.13 31.47 -16.77
N PHE F 1004 31.95 32.22 -16.05
CA PHE F 1004 32.00 32.10 -14.60
C PHE F 1004 30.86 32.84 -13.89
N SER F 1005 30.52 34.02 -14.40
CA SER F 1005 29.51 34.85 -13.76
C SER F 1005 28.10 34.27 -13.90
N LEU F 1006 27.80 33.75 -15.08
CA LEU F 1006 26.46 33.27 -15.39
C LEU F 1006 26.33 31.78 -15.07
N ASN F 1007 27.42 31.20 -14.56
CA ASN F 1007 27.47 29.76 -14.30
C ASN F 1007 26.36 29.28 -13.36
N GLN F 1008 25.57 30.21 -12.84
CA GLN F 1008 24.49 29.84 -11.93
C GLN F 1008 23.12 30.24 -12.46
N ASP F 1009 23.07 30.93 -13.60
CA ASP F 1009 21.81 31.21 -14.28
C ASP F 1009 21.78 30.63 -15.69
N ILE F 1010 21.36 29.38 -15.80
CA ILE F 1010 21.42 28.65 -17.07
C ILE F 1010 20.78 29.38 -18.24
N PRO F 1011 19.50 29.78 -18.10
CA PRO F 1011 18.87 30.47 -19.24
C PRO F 1011 19.72 31.64 -19.73
N ALA F 1012 20.43 32.30 -18.81
CA ALA F 1012 21.38 33.32 -19.21
C ALA F 1012 22.57 32.68 -19.91
N PHE F 1013 23.08 31.60 -19.32
CA PHE F 1013 24.22 30.91 -19.87
C PHE F 1013 23.92 30.62 -21.34
N LYS F 1014 22.72 30.12 -21.62
CA LYS F 1014 22.34 29.80 -23.00
C LYS F 1014 22.44 31.01 -23.93
N GLU F 1015 21.78 32.10 -23.57
CA GLU F 1015 21.82 33.28 -24.42
C GLU F 1015 23.28 33.70 -24.62
N HIS F 1016 24.10 33.55 -23.58
CA HIS F 1016 25.50 33.92 -23.66
C HIS F 1016 26.27 33.05 -24.66
N LEU F 1017 25.99 31.75 -24.66
CA LEU F 1017 26.54 30.87 -25.68
C LEU F 1017 26.03 31.30 -27.05
N ARG F 1018 24.75 31.65 -27.13
CA ARG F 1018 24.18 32.06 -28.40
C ARG F 1018 24.91 33.27 -28.93
N ASP F 1019 25.19 34.22 -28.05
CA ASP F 1019 25.91 35.43 -28.41
C ASP F 1019 27.23 35.11 -29.08
N PHE F 1020 27.93 34.12 -28.53
CA PHE F 1020 29.24 33.75 -29.05
C PHE F 1020 29.15 33.17 -30.48
N LEU F 1021 28.11 32.38 -30.75
CA LEU F 1021 27.94 31.76 -32.06
C LEU F 1021 27.64 32.78 -33.15
N VAL F 1022 27.02 33.90 -32.76
CA VAL F 1022 26.79 35.01 -33.70
C VAL F 1022 28.11 35.69 -34.03
N GLN F 1023 28.89 35.98 -32.99
CA GLN F 1023 30.15 36.69 -33.13
C GLN F 1023 31.17 35.95 -33.99
N ILE F 1024 31.26 34.63 -33.82
CA ILE F 1024 32.28 33.86 -34.54
C ILE F 1024 31.99 33.74 -36.03
N LYS F 1025 30.72 33.94 -36.41
CA LYS F 1025 30.35 34.01 -37.81
C LYS F 1025 30.77 35.33 -38.43
N GLU F 1026 31.12 36.31 -37.59
CA GLU F 1026 31.33 37.68 -38.03
C GLU F 1026 32.71 38.20 -37.66
N PHE F 1027 33.53 38.53 -38.66
CA PHE F 1027 34.85 39.06 -38.40
C PHE F 1027 34.78 40.53 -38.03
N ALA F 1028 34.82 40.80 -36.73
CA ALA F 1028 34.67 42.15 -36.21
C ALA F 1028 35.80 43.09 -36.63
N GLY F 1029 37.05 42.65 -36.48
CA GLY F 1029 38.18 43.45 -36.91
C GLY F 1029 38.90 44.14 -35.77
N GLU F 1030 39.10 45.44 -35.88
CA GLU F 1030 39.77 46.19 -34.82
C GLU F 1030 38.96 47.38 -34.35
N ASP F 1031 38.95 48.45 -35.13
CA ASP F 1031 38.39 49.73 -34.71
C ASP F 1031 36.92 49.60 -34.36
N THR F 1032 36.34 48.45 -34.71
CA THR F 1032 34.92 48.24 -34.54
C THR F 1032 34.60 47.65 -33.17
N SER F 1033 34.57 48.52 -32.16
CA SER F 1033 34.33 48.12 -30.78
C SER F 1033 32.90 48.40 -30.32
N ASP F 1034 31.95 47.98 -31.13
CA ASP F 1034 30.53 48.08 -30.80
C ASP F 1034 30.05 46.80 -30.12
N LEU F 1035 30.89 46.25 -29.24
CA LEU F 1035 30.58 45.05 -28.51
C LEU F 1035 29.98 45.37 -27.15
N PHE F 1036 29.95 46.67 -26.82
CA PHE F 1036 29.40 47.12 -25.54
C PHE F 1036 30.05 46.39 -24.38
N LEU F 1037 31.37 46.29 -24.43
CA LEU F 1037 32.13 45.49 -23.48
C LEU F 1037 32.13 46.07 -22.07
N GLU F 1038 31.20 46.98 -21.81
CA GLU F 1038 31.08 47.57 -20.49
C GLU F 1038 29.65 47.41 -19.99
N GLU F 1039 28.71 47.49 -20.93
CA GLU F 1039 27.30 47.34 -20.63
C GLU F 1039 27.00 45.87 -20.30
N ARG F 1040 27.66 44.96 -21.01
CA ARG F 1040 27.52 43.54 -20.72
C ARG F 1040 28.22 43.18 -19.43
N GLU F 1041 29.34 43.85 -19.17
CA GLU F 1041 30.16 43.59 -18.00
C GLU F 1041 29.43 43.91 -16.70
N THR F 1042 28.43 44.79 -16.77
CA THR F 1042 27.65 45.10 -15.59
C THR F 1042 26.58 44.05 -15.37
N ALA F 1043 25.98 43.59 -16.47
CA ALA F 1043 24.99 42.52 -16.42
C ALA F 1043 25.61 41.22 -15.91
N LEU F 1044 26.88 41.01 -16.24
CA LEU F 1044 27.60 39.83 -15.77
C LEU F 1044 27.84 39.90 -14.27
N ARG F 1045 28.26 41.07 -13.79
CA ARG F 1045 28.49 41.26 -12.36
C ARG F 1045 27.17 41.35 -11.59
N GLN F 1046 26.13 41.81 -12.26
CA GLN F 1046 24.80 41.83 -11.66
C GLN F 1046 24.29 40.41 -11.47
N ALA F 1047 24.61 39.52 -12.41
CA ALA F 1047 24.31 38.10 -12.25
C ALA F 1047 25.29 37.43 -11.29
N GLN F 1048 26.44 38.06 -11.06
CA GLN F 1048 27.42 37.53 -10.13
C GLN F 1048 27.07 37.89 -8.69
N GLU F 1049 26.42 39.02 -8.53
CA GLU F 1049 25.97 39.45 -7.21
C GLU F 1049 24.82 38.55 -6.75
N GLU F 1050 23.87 38.29 -7.64
CA GLU F 1050 22.76 37.39 -7.34
C GLU F 1050 23.30 36.05 -6.88
N LYS F 1051 24.50 35.73 -7.33
CA LYS F 1051 25.11 34.43 -7.11
C LYS F 1051 25.08 34.03 -5.63
N HIS F 1052 25.73 34.81 -4.79
CA HIS F 1052 25.78 34.50 -3.37
C HIS F 1052 24.38 34.57 -2.77
N LYS F 1053 23.59 35.56 -3.17
CA LYS F 1053 22.21 35.67 -2.69
C LYS F 1053 21.41 34.40 -3.00
N LEU F 1054 21.90 33.63 -3.97
CA LEU F 1054 21.21 32.40 -4.38
C LEU F 1054 21.77 31.16 -3.67
N GLN F 1055 22.93 31.29 -3.06
CA GLN F 1055 23.62 30.14 -2.47
C GLN F 1055 23.94 30.32 -0.99
N MET F 1056 23.77 31.54 -0.48
CA MET F 1056 24.06 31.82 0.92
C MET F 1056 23.01 31.20 1.83
N SER F 1057 23.44 30.83 3.04
CA SER F 1057 22.56 30.18 4.01
C SER F 1057 23.15 30.26 5.41
NA NA G . 33.35 26.45 33.29
PG GTP H . -6.55 -28.34 31.18
O1G GTP H . -5.16 -28.86 30.90
O2G GTP H . -7.57 -28.74 30.15
O3G GTP H . -7.04 -28.86 32.51
O3B GTP H . -6.48 -26.73 31.18
PB GTP H . -5.11 -25.93 31.48
O1B GTP H . -3.93 -26.85 31.65
O2B GTP H . -5.29 -25.00 32.65
O3A GTP H . -4.98 -25.09 30.13
PA GTP H . -3.53 -24.80 29.51
O1A GTP H . -3.03 -26.02 28.78
O2A GTP H . -2.58 -24.33 30.58
O5' GTP H . -3.84 -23.66 28.42
C5' GTP H . -4.11 -22.37 28.88
C4' GTP H . -4.47 -21.47 27.72
O4' GTP H . -4.55 -20.19 28.28
C3' GTP H . -3.37 -21.42 26.67
O3' GTP H . -3.94 -21.08 25.43
C2' GTP H . -2.52 -20.26 27.12
O2' GTP H . -1.96 -19.63 25.99
C1' GTP H . -3.50 -19.36 27.85
N9 GTP H . -2.84 -18.79 29.02
C8 GTP H . -2.34 -19.46 30.11
N7 GTP H . -1.82 -18.55 30.97
C5 GTP H . -2.00 -17.31 30.45
C6 GTP H . -1.68 -16.03 30.89
O6 GTP H . -1.10 -15.86 31.97
N1 GTP H . -2.01 -14.93 30.12
C2 GTP H . -2.66 -15.12 28.92
N2 GTP H . -2.97 -14.08 28.15
N3 GTP H . -2.98 -16.39 28.48
C4 GTP H . -2.65 -17.46 29.23
MG MG I . -3.67 -29.27 33.06
NA NA J . -26.21 -21.71 -38.16
CL CL K . 15.94 -21.13 -15.43
PG GTP L . 18.73 16.97 -43.80
O1G GTP L . 18.81 16.15 -45.10
O2G GTP L . 20.06 17.06 -43.13
O3G GTP L . 18.28 18.37 -44.08
O3B GTP L . 17.68 16.26 -42.82
PB GTP L . 16.51 15.28 -43.34
O1B GTP L . 16.53 15.07 -44.84
O2B GTP L . 15.17 15.79 -42.89
O3A GTP L . 16.91 13.94 -42.57
PA GTP L . 16.67 12.52 -43.25
O1A GTP L . 17.78 12.20 -44.21
O2A GTP L . 15.33 12.44 -43.91
O5' GTP L . 16.85 11.51 -42.00
C5' GTP L . 15.83 11.45 -41.05
C4' GTP L . 16.19 10.52 -39.90
O4' GTP L . 15.01 10.43 -39.15
C3' GTP L . 16.52 9.13 -40.40
O3' GTP L . 17.40 8.52 -39.49
C2' GTP L . 15.20 8.42 -40.33
O2' GTP L . 15.41 7.06 -40.04
C1' GTP L . 14.46 9.15 -39.22
N9 GTP L . 13.05 9.27 -39.60
C8 GTP L . 12.54 9.96 -40.65
N7 GTP L . 11.18 9.82 -40.62
C5 GTP L . 10.83 9.10 -39.54
C6 GTP L . 9.61 8.67 -39.02
O6 GTP L . 8.54 8.94 -39.55
N1 GTP L . 9.60 7.91 -37.87
C2 GTP L . 10.77 7.59 -37.25
N2 GTP L . 10.75 6.86 -36.14
N3 GTP L . 11.98 8.01 -37.75
C4 GTP L . 12.01 8.76 -38.88
MG MG M . 16.95 16.88 -46.97
#